data_1TVC
#
_entry.id   1TVC
#
loop_
_entity.id
_entity.type
_entity.pdbx_description
1 polymer 'METHANE MONOOXYGENASE COMPONENT C'
2 non-polymer 'DIHYDROFLAVINE-ADENINE DINUCLEOTIDE'
#
_entity_poly.entity_id   1
_entity_poly.type   'polypeptide(L)'
_entity_poly.pdbx_seq_one_letter_code
;CRISFGEVGSFEAEVVGLNWVSSNTVQFLLQKRPDECGNRGVKFEPGQFMDLTIPGTDVSRSYSPANLPNPEGRLEFLIR
VLPEGRFSDYLRNDARVGQVLSVKGPLGVFGLKERGMAPRYFVAGGTGLAPVVSMVRQMQEWTAPNETRIYFGVNTEPEL
FYIDELKSLERSMRNLTVKACVWHPSGDWEGEQGSPIDALREDLESSDANPDIYLCGPPGMIDAACELVRSRGIPGEQVF
FEKFLPSGAA
;
_entity_poly.pdbx_strand_id   A
#
loop_
_chem_comp.id
_chem_comp.type
_chem_comp.name
_chem_comp.formula
FDA non-polymer 'DIHYDROFLAVINE-ADENINE DINUCLEOTIDE' 'C27 H35 N9 O15 P2'
#
# COMPACT_ATOMS: atom_id res chain seq x y z
N CYS A 1 -24.50 -3.36 -28.20
CA CYS A 1 -24.34 -3.19 -26.76
C CYS A 1 -23.23 -4.07 -26.23
N ARG A 2 -22.50 -3.58 -25.23
CA ARG A 2 -21.39 -4.32 -24.64
C ARG A 2 -21.92 -5.44 -23.74
N ILE A 3 -21.00 -6.22 -23.17
CA ILE A 3 -21.36 -7.32 -22.30
C ILE A 3 -21.84 -6.81 -20.94
N SER A 4 -22.94 -7.38 -20.45
CA SER A 4 -23.50 -6.99 -19.16
C SER A 4 -24.42 -8.06 -18.62
N PHE A 5 -24.00 -8.71 -17.54
CA PHE A 5 -24.79 -9.77 -16.92
C PHE A 5 -24.22 -10.14 -15.54
N GLY A 6 -24.37 -9.24 -14.59
CA GLY A 6 -23.88 -9.50 -13.24
C GLY A 6 -22.78 -8.54 -12.84
N GLU A 7 -23.17 -7.32 -12.48
CA GLU A 7 -22.21 -6.30 -12.06
C GLU A 7 -22.71 -5.56 -10.83
N VAL A 8 -22.32 -6.06 -9.65
CA VAL A 8 -22.72 -5.45 -8.39
C VAL A 8 -21.49 -5.06 -7.57
N GLY A 9 -21.18 -3.77 -7.59
CA GLY A 9 -20.04 -3.27 -6.84
C GLY A 9 -18.94 -2.75 -7.74
N SER A 10 -19.33 -2.36 -8.95
CA SER A 10 -18.39 -1.83 -9.92
C SER A 10 -18.61 -0.33 -10.14
N PHE A 11 -17.55 0.37 -10.50
CA PHE A 11 -17.62 1.80 -10.73
C PHE A 11 -16.94 2.17 -12.06
N GLU A 12 -17.24 3.36 -12.58
CA GLU A 12 -16.65 3.80 -13.84
C GLU A 12 -15.67 4.95 -13.62
N ALA A 13 -14.48 4.82 -14.18
CA ALA A 13 -13.47 5.85 -14.03
C ALA A 13 -12.92 6.27 -15.39
N GLU A 14 -12.78 7.58 -15.59
CA GLU A 14 -12.26 8.11 -16.85
C GLU A 14 -10.77 8.33 -16.75
N VAL A 15 -10.02 7.70 -17.65
CA VAL A 15 -8.58 7.83 -17.66
C VAL A 15 -8.16 9.22 -18.13
N VAL A 16 -7.74 10.05 -17.18
CA VAL A 16 -7.31 11.40 -17.49
C VAL A 16 -5.89 11.63 -17.00
N GLY A 17 -5.56 11.00 -15.88
CA GLY A 17 -4.23 11.13 -15.32
C GLY A 17 -3.27 10.11 -15.90
N LEU A 18 -2.56 9.44 -15.01
CA LEU A 18 -1.59 8.43 -15.39
C LEU A 18 -0.23 9.06 -15.64
N ASN A 19 0.38 9.48 -14.55
CA ASN A 19 1.68 10.12 -14.61
C ASN A 19 2.75 9.20 -14.06
N TRP A 20 3.95 9.29 -14.61
CA TRP A 20 5.06 8.51 -14.10
C TRP A 20 5.74 9.31 -13.00
N VAL A 21 5.66 8.81 -11.78
CA VAL A 21 6.25 9.50 -10.64
C VAL A 21 7.64 8.94 -10.37
N SER A 22 7.83 7.70 -10.75
CA SER A 22 9.09 7.02 -10.56
C SER A 22 9.46 6.18 -11.78
N SER A 23 10.68 5.66 -11.77
CA SER A 23 11.18 4.84 -12.87
C SER A 23 10.20 3.74 -13.21
N ASN A 24 9.89 2.91 -12.22
CA ASN A 24 8.95 1.81 -12.42
C ASN A 24 7.73 1.97 -11.53
N THR A 25 7.22 3.19 -11.45
CA THR A 25 6.05 3.48 -10.63
C THR A 25 5.22 4.57 -11.27
N VAL A 26 3.90 4.43 -11.20
CA VAL A 26 3.01 5.41 -11.80
C VAL A 26 1.78 5.67 -10.93
N GLN A 27 1.30 6.91 -10.97
CA GLN A 27 0.11 7.30 -10.23
C GLN A 27 -1.04 7.57 -11.20
N PHE A 28 -1.96 6.62 -11.29
CA PHE A 28 -3.09 6.73 -12.19
C PHE A 28 -4.31 7.31 -11.49
N LEU A 29 -4.86 8.38 -12.04
CA LEU A 29 -6.04 9.02 -11.48
C LEU A 29 -7.23 8.85 -12.42
N LEU A 30 -8.25 8.14 -11.95
CA LEU A 30 -9.44 7.90 -12.76
C LEU A 30 -10.70 8.42 -12.08
N GLN A 31 -11.51 9.15 -12.85
CA GLN A 31 -12.76 9.70 -12.32
C GLN A 31 -13.85 9.73 -13.39
N LYS A 32 -14.87 8.89 -13.26
CA LYS A 32 -15.95 8.85 -14.24
C LYS A 32 -17.30 8.46 -13.65
N ARG A 33 -17.36 8.18 -12.36
CA ARG A 33 -18.63 7.79 -11.73
C ARG A 33 -18.53 7.80 -10.20
N PRO A 34 -19.70 7.70 -9.53
CA PRO A 34 -19.76 7.69 -8.07
C PRO A 34 -19.00 6.52 -7.47
N ASP A 35 -17.85 6.80 -6.86
CA ASP A 35 -17.03 5.76 -6.25
C ASP A 35 -15.58 6.20 -6.18
N GLU A 36 -15.18 6.94 -7.18
CA GLU A 36 -13.84 7.46 -7.28
C GLU A 36 -13.77 8.48 -8.42
N CYS A 37 -14.58 9.53 -8.29
CA CYS A 37 -14.64 10.56 -9.31
C CYS A 37 -15.30 11.83 -8.81
N GLY A 38 -16.59 11.74 -8.49
CA GLY A 38 -17.31 12.90 -8.02
C GLY A 38 -18.51 12.59 -7.13
N ASN A 39 -18.93 11.33 -7.09
CA ASN A 39 -20.08 10.96 -6.28
C ASN A 39 -19.71 9.88 -5.26
N ARG A 40 -18.42 9.67 -5.09
CA ARG A 40 -17.94 8.69 -4.13
C ARG A 40 -17.89 9.34 -2.76
N GLY A 41 -17.56 10.61 -2.77
CA GLY A 41 -17.44 11.37 -1.54
C GLY A 41 -16.45 10.74 -0.60
N VAL A 42 -15.20 11.24 -0.61
CA VAL A 42 -14.16 10.69 0.25
C VAL A 42 -14.02 11.50 1.53
N LYS A 43 -13.40 10.87 2.52
CA LYS A 43 -13.16 11.47 3.81
C LYS A 43 -12.09 10.70 4.57
N PHE A 44 -11.22 10.05 3.82
CA PHE A 44 -10.15 9.25 4.40
C PHE A 44 -10.69 7.92 4.93
N GLU A 45 -10.57 6.88 4.12
CA GLU A 45 -11.06 5.55 4.51
C GLU A 45 -9.88 4.62 4.79
N PRO A 46 -10.14 3.48 5.44
CA PRO A 46 -9.11 2.50 5.78
C PRO A 46 -8.43 1.94 4.53
N GLY A 47 -7.84 2.83 3.74
CA GLY A 47 -7.17 2.43 2.53
C GLY A 47 -8.09 1.70 1.56
N GLN A 48 -9.12 2.40 1.10
CA GLN A 48 -10.07 1.80 0.16
C GLN A 48 -9.36 0.86 -0.80
N PHE A 49 -10.04 -0.21 -1.21
CA PHE A 49 -9.44 -1.19 -2.12
C PHE A 49 -10.50 -1.90 -2.95
N MET A 50 -10.20 -2.12 -4.24
CA MET A 50 -11.14 -2.79 -5.14
C MET A 50 -10.43 -3.77 -6.09
N ASP A 51 -11.12 -4.14 -7.16
CA ASP A 51 -10.57 -5.07 -8.15
C ASP A 51 -10.85 -4.55 -9.55
N LEU A 52 -9.79 -4.36 -10.34
CA LEU A 52 -9.95 -3.84 -11.69
C LEU A 52 -8.86 -4.33 -12.65
N THR A 53 -9.18 -4.28 -13.94
CA THR A 53 -8.27 -4.69 -14.97
C THR A 53 -7.77 -3.46 -15.72
N ILE A 54 -6.55 -3.51 -16.24
CA ILE A 54 -6.00 -2.36 -16.94
C ILE A 54 -7.11 -1.62 -17.72
N PRO A 55 -7.66 -2.18 -18.80
CA PRO A 55 -8.73 -1.58 -19.56
C PRO A 55 -10.08 -2.23 -19.28
N GLY A 56 -10.16 -3.02 -18.20
CA GLY A 56 -11.41 -3.70 -17.87
C GLY A 56 -11.43 -5.15 -18.35
N THR A 57 -10.34 -5.56 -18.96
CA THR A 57 -10.20 -6.92 -19.49
C THR A 57 -10.78 -7.96 -18.54
N ASP A 58 -9.91 -8.66 -17.81
CA ASP A 58 -10.33 -9.67 -16.86
C ASP A 58 -9.18 -10.63 -16.54
N VAL A 59 -7.97 -10.10 -16.47
CA VAL A 59 -6.79 -10.90 -16.17
C VAL A 59 -5.72 -10.05 -15.51
N SER A 60 -6.14 -9.00 -14.82
CA SER A 60 -5.23 -8.11 -14.13
C SER A 60 -5.13 -8.48 -12.65
N ARG A 61 -5.81 -7.72 -11.79
CA ARG A 61 -5.77 -8.00 -10.36
C ARG A 61 -6.43 -6.89 -9.57
N SER A 62 -6.39 -7.02 -8.25
CA SER A 62 -6.98 -6.04 -7.36
C SER A 62 -5.91 -5.10 -6.82
N TYR A 63 -6.26 -3.83 -6.67
CA TYR A 63 -5.33 -2.82 -6.17
C TYR A 63 -6.04 -1.84 -5.26
N SER A 64 -5.46 -1.60 -4.09
CA SER A 64 -6.03 -0.68 -3.12
C SER A 64 -5.71 0.77 -3.52
N PRO A 65 -6.73 1.53 -3.97
CA PRO A 65 -6.55 2.92 -4.37
C PRO A 65 -6.80 3.89 -3.22
N ALA A 66 -6.37 5.13 -3.40
CA ALA A 66 -6.55 6.15 -2.36
C ALA A 66 -6.83 7.52 -2.96
N ASN A 67 -7.81 8.22 -2.38
CA ASN A 67 -8.19 9.55 -2.84
C ASN A 67 -7.68 10.59 -1.86
N LEU A 68 -8.29 10.61 -0.68
CA LEU A 68 -7.96 11.54 0.41
C LEU A 68 -9.24 12.06 1.04
N PRO A 69 -9.15 12.58 2.28
CA PRO A 69 -10.32 13.11 2.97
C PRO A 69 -10.94 14.27 2.20
N ASN A 70 -11.85 13.96 1.28
CA ASN A 70 -12.50 15.00 0.49
C ASN A 70 -13.69 14.43 -0.28
N PRO A 71 -14.89 14.94 0.01
CA PRO A 71 -16.11 14.49 -0.66
C PRO A 71 -16.14 14.89 -2.13
N GLU A 72 -15.61 14.01 -2.99
CA GLU A 72 -15.58 14.29 -4.42
C GLU A 72 -15.44 12.98 -5.18
N GLY A 73 -14.22 12.50 -5.32
CA GLY A 73 -13.99 11.26 -6.03
C GLY A 73 -12.74 11.28 -6.87
N ARG A 74 -11.65 10.75 -6.32
CA ARG A 74 -10.38 10.72 -7.01
C ARG A 74 -9.55 9.53 -6.54
N LEU A 75 -9.43 8.51 -7.39
CA LEU A 75 -8.64 7.35 -7.04
C LEU A 75 -7.26 7.44 -7.65
N GLU A 76 -6.25 7.20 -6.83
CA GLU A 76 -4.86 7.24 -7.28
C GLU A 76 -4.13 5.97 -6.87
N PHE A 77 -3.66 5.20 -7.85
CA PHE A 77 -2.95 3.97 -7.54
C PHE A 77 -1.46 4.08 -7.87
N LEU A 78 -0.65 3.39 -7.08
CA LEU A 78 0.78 3.36 -7.28
C LEU A 78 1.21 1.98 -7.74
N ILE A 79 1.10 1.75 -9.04
CA ILE A 79 1.43 0.45 -9.60
C ILE A 79 2.90 0.42 -10.05
N ARG A 80 3.61 -0.62 -9.62
CA ARG A 80 5.01 -0.77 -9.99
C ARG A 80 5.12 -1.31 -11.40
N VAL A 81 5.30 -0.40 -12.35
CA VAL A 81 5.42 -0.75 -13.76
C VAL A 81 6.88 -0.81 -14.21
N LEU A 82 7.18 -1.77 -15.07
CA LEU A 82 8.54 -1.93 -15.58
C LEU A 82 8.56 -1.82 -17.10
N PRO A 83 9.18 -0.76 -17.62
CA PRO A 83 9.28 -0.54 -19.08
C PRO A 83 9.64 -1.82 -19.83
N GLU A 84 8.77 -2.22 -20.76
CA GLU A 84 9.00 -3.42 -21.55
C GLU A 84 8.50 -4.65 -20.80
N GLY A 85 7.86 -4.43 -19.64
CA GLY A 85 7.34 -5.53 -18.86
C GLY A 85 6.10 -6.13 -19.46
N ARG A 86 5.06 -6.31 -18.65
CA ARG A 86 3.82 -6.90 -19.12
C ARG A 86 2.62 -5.98 -18.81
N PHE A 87 2.76 -5.15 -17.78
CA PHE A 87 1.68 -4.25 -17.40
C PHE A 87 1.99 -2.81 -17.79
N SER A 88 3.27 -2.45 -17.80
CA SER A 88 3.69 -1.10 -18.14
C SER A 88 3.50 -0.82 -19.63
N ASP A 89 3.71 -1.84 -20.46
CA ASP A 89 3.56 -1.69 -21.90
C ASP A 89 2.08 -1.61 -22.25
N TYR A 90 1.31 -2.45 -21.58
CA TYR A 90 -0.12 -2.52 -21.79
C TYR A 90 -0.80 -1.30 -21.18
N LEU A 91 -0.15 -0.71 -20.18
CA LEU A 91 -0.69 0.46 -19.51
C LEU A 91 -0.71 1.66 -20.44
N ARG A 92 0.36 1.82 -21.22
CA ARG A 92 0.46 2.93 -22.16
C ARG A 92 -0.10 2.57 -23.53
N ASN A 93 -0.26 1.28 -23.78
CA ASN A 93 -0.78 0.82 -25.07
C ASN A 93 -2.26 0.44 -24.97
N ASP A 94 -2.79 0.45 -23.75
CA ASP A 94 -4.20 0.09 -23.55
C ASP A 94 -4.78 0.78 -22.31
N ALA A 95 -4.08 1.78 -21.78
CA ALA A 95 -4.56 2.51 -20.61
C ALA A 95 -4.29 4.00 -20.74
N ARG A 96 -4.21 4.47 -21.97
CA ARG A 96 -3.95 5.87 -22.24
C ARG A 96 -5.01 6.76 -21.57
N VAL A 97 -4.96 8.05 -21.89
CA VAL A 97 -5.88 9.02 -21.33
C VAL A 97 -7.17 9.12 -22.15
N GLY A 98 -7.26 8.32 -23.19
CA GLY A 98 -8.43 8.35 -24.05
C GLY A 98 -9.26 7.08 -23.96
N GLN A 99 -9.71 6.74 -22.77
CA GLN A 99 -10.52 5.54 -22.57
C GLN A 99 -11.29 5.59 -21.25
N VAL A 100 -12.03 4.52 -20.97
CA VAL A 100 -12.82 4.43 -19.74
C VAL A 100 -12.53 3.11 -19.03
N LEU A 101 -12.25 3.17 -17.73
CA LEU A 101 -11.96 1.96 -16.96
C LEU A 101 -12.82 1.90 -15.70
N SER A 102 -13.56 0.82 -15.55
CA SER A 102 -14.41 0.65 -14.37
C SER A 102 -13.69 -0.18 -13.31
N VAL A 103 -13.71 0.31 -12.08
CA VAL A 103 -13.09 -0.40 -10.97
C VAL A 103 -14.16 -1.14 -10.20
N LYS A 104 -13.91 -2.40 -9.86
CA LYS A 104 -14.89 -3.18 -9.15
C LYS A 104 -14.29 -3.86 -7.93
N GLY A 105 -14.73 -3.45 -6.76
CA GLY A 105 -14.21 -4.05 -5.54
C GLY A 105 -14.62 -3.31 -4.29
N PRO A 106 -15.91 -3.37 -3.90
CA PRO A 106 -16.40 -2.73 -2.69
C PRO A 106 -15.78 -3.38 -1.45
N LEU A 107 -14.46 -3.31 -1.38
CA LEU A 107 -13.71 -3.91 -0.30
C LEU A 107 -12.65 -2.97 0.27
N GLY A 108 -12.05 -3.38 1.38
CA GLY A 108 -11.02 -2.58 2.02
C GLY A 108 -9.69 -3.28 2.06
N VAL A 109 -8.65 -2.58 2.50
CA VAL A 109 -7.33 -3.16 2.59
C VAL A 109 -6.90 -3.30 4.04
N PHE A 110 -6.79 -4.55 4.46
CA PHE A 110 -6.38 -4.87 5.82
C PHE A 110 -4.89 -5.20 5.88
N GLY A 111 -4.16 -4.45 6.67
CA GLY A 111 -2.74 -4.65 6.81
C GLY A 111 -2.21 -3.99 8.06
N LEU A 112 -2.75 -2.81 8.34
CA LEU A 112 -2.34 -2.06 9.51
C LEU A 112 -3.55 -1.69 10.37
N LYS A 113 -3.56 -2.16 11.61
CA LYS A 113 -4.65 -1.88 12.53
C LYS A 113 -4.13 -1.37 13.87
N GLU A 114 -4.35 -0.09 14.12
CA GLU A 114 -3.91 0.53 15.37
C GLU A 114 -4.87 0.21 16.50
N ARG A 115 -4.31 -0.04 17.68
CA ARG A 115 -5.12 -0.37 18.85
C ARG A 115 -5.53 0.89 19.61
N GLY A 116 -5.34 2.03 18.96
CA GLY A 116 -5.67 3.30 19.57
C GLY A 116 -4.45 4.02 20.05
N MET A 117 -3.91 3.56 21.17
CA MET A 117 -2.70 4.16 21.73
C MET A 117 -1.68 3.08 22.04
N ALA A 118 -0.83 2.78 21.07
CA ALA A 118 0.20 1.77 21.23
C ALA A 118 1.21 1.81 20.09
N PRO A 119 2.49 1.54 20.39
CA PRO A 119 3.55 1.55 19.38
C PRO A 119 3.33 0.48 18.32
N ARG A 120 2.91 0.91 17.13
CA ARG A 120 2.65 -0.02 16.04
C ARG A 120 3.57 0.25 14.85
N TYR A 121 4.00 -0.81 14.17
CA TYR A 121 4.90 -0.66 13.03
C TYR A 121 4.26 -1.20 11.75
N PHE A 122 4.22 -0.38 10.71
CA PHE A 122 3.65 -0.78 9.43
C PHE A 122 4.73 -0.76 8.35
N VAL A 123 5.16 -1.94 7.93
CA VAL A 123 6.20 -2.03 6.92
C VAL A 123 5.62 -2.28 5.55
N ALA A 124 5.72 -1.27 4.70
CA ALA A 124 5.24 -1.38 3.33
C ALA A 124 6.42 -1.57 2.39
N GLY A 125 6.29 -2.53 1.48
CA GLY A 125 7.36 -2.79 0.55
C GLY A 125 7.07 -2.28 -0.83
N GLY A 126 7.67 -1.15 -1.19
CA GLY A 126 7.47 -0.59 -2.50
C GLY A 126 6.84 0.79 -2.46
N THR A 127 6.15 1.16 -3.54
CA THR A 127 5.48 2.45 -3.61
C THR A 127 3.97 2.31 -3.50
N GLY A 128 3.49 1.08 -3.61
CA GLY A 128 2.06 0.83 -3.49
C GLY A 128 1.53 1.11 -2.09
N LEU A 129 2.38 1.72 -1.25
CA LEU A 129 2.00 2.07 0.11
C LEU A 129 1.14 3.32 0.09
N ALA A 130 0.82 3.80 -1.11
CA ALA A 130 0.02 5.01 -1.24
C ALA A 130 -1.19 4.93 -0.31
N PRO A 131 -1.87 3.79 -0.30
CA PRO A 131 -3.02 3.56 0.56
C PRO A 131 -2.58 3.39 2.00
N VAL A 132 -1.37 2.84 2.16
CA VAL A 132 -0.79 2.63 3.47
C VAL A 132 -0.52 3.97 4.14
N VAL A 133 0.14 4.85 3.40
CA VAL A 133 0.46 6.18 3.90
C VAL A 133 -0.81 6.98 4.16
N SER A 134 -1.83 6.73 3.34
CA SER A 134 -3.12 7.42 3.48
C SER A 134 -3.77 7.03 4.81
N MET A 135 -3.85 5.73 5.06
CA MET A 135 -4.44 5.21 6.29
C MET A 135 -3.57 5.57 7.50
N VAL A 136 -2.26 5.63 7.28
CA VAL A 136 -1.32 5.96 8.35
C VAL A 136 -1.62 7.33 8.93
N ARG A 137 -1.69 8.34 8.06
CA ARG A 137 -1.97 9.70 8.49
C ARG A 137 -3.33 9.78 9.17
N GLN A 138 -4.25 8.93 8.74
CA GLN A 138 -5.59 8.90 9.31
C GLN A 138 -5.56 8.54 10.79
N MET A 139 -4.70 7.60 11.14
CA MET A 139 -4.58 7.15 12.53
C MET A 139 -4.02 8.26 13.42
N GLN A 140 -3.00 8.96 12.93
CA GLN A 140 -2.38 10.04 13.68
C GLN A 140 -3.32 11.23 13.83
N GLU A 141 -4.01 11.56 12.75
CA GLU A 141 -4.94 12.67 12.76
C GLU A 141 -6.26 12.27 13.40
N TRP A 142 -6.44 10.97 13.61
CA TRP A 142 -7.65 10.45 14.21
C TRP A 142 -7.62 10.58 15.72
N THR A 143 -6.98 9.61 16.34
CA THR A 143 -6.86 9.57 17.79
C THR A 143 -5.67 8.73 18.18
N ALA A 144 -4.73 8.61 17.25
CA ALA A 144 -3.52 7.82 17.49
C ALA A 144 -2.29 8.71 17.55
N PRO A 145 -2.34 9.79 18.34
CA PRO A 145 -1.21 10.72 18.49
C PRO A 145 -0.04 10.09 19.24
N ASN A 146 -0.25 8.85 19.69
CA ASN A 146 0.78 8.12 20.41
C ASN A 146 1.94 7.73 19.50
N GLU A 147 2.71 6.74 19.93
CA GLU A 147 3.86 6.26 19.18
C GLU A 147 3.43 5.45 17.95
N THR A 148 3.56 6.09 16.79
CA THR A 148 3.21 5.45 15.54
C THR A 148 4.49 5.17 14.75
N ARG A 149 4.76 3.91 14.55
CA ARG A 149 5.97 3.51 13.83
C ARG A 149 5.62 3.02 12.44
N ILE A 150 6.43 3.42 11.47
CA ILE A 150 6.21 3.01 10.10
C ILE A 150 7.52 2.53 9.48
N TYR A 151 7.46 1.42 8.77
CA TYR A 151 8.63 0.85 8.12
C TYR A 151 8.50 1.00 6.61
N PHE A 152 9.49 1.64 5.99
CA PHE A 152 9.47 1.84 4.55
C PHE A 152 10.68 1.20 3.89
N GLY A 153 10.45 0.42 2.83
CA GLY A 153 11.56 -0.23 2.17
C GLY A 153 11.26 -0.63 0.75
N VAL A 154 12.32 -0.81 -0.03
CA VAL A 154 12.18 -1.19 -1.43
C VAL A 154 13.50 -1.72 -2.01
N ASN A 155 14.05 -1.01 -3.01
CA ASN A 155 15.30 -1.41 -3.64
C ASN A 155 16.37 -0.33 -3.49
N THR A 156 17.43 -0.42 -4.29
CA THR A 156 18.54 0.54 -4.24
C THR A 156 18.07 1.89 -3.72
N GLU A 157 16.89 2.31 -4.19
CA GLU A 157 16.28 3.58 -3.77
C GLU A 157 16.31 4.62 -4.88
N PRO A 158 17.43 4.77 -5.61
CA PRO A 158 17.55 5.74 -6.70
C PRO A 158 16.34 5.72 -7.62
N GLU A 159 15.62 4.62 -7.63
CA GLU A 159 14.43 4.48 -8.47
C GLU A 159 13.17 4.73 -7.65
N LEU A 160 13.31 4.76 -6.33
CA LEU A 160 12.19 5.01 -5.44
C LEU A 160 12.32 6.36 -4.75
N PHE A 161 11.54 6.58 -3.71
CA PHE A 161 11.58 7.85 -2.97
C PHE A 161 10.55 7.87 -1.85
N TYR A 162 10.13 9.08 -1.46
CA TYR A 162 9.15 9.24 -0.40
C TYR A 162 9.79 9.05 0.97
N ILE A 163 11.12 9.11 1.01
CA ILE A 163 11.85 8.96 2.27
C ILE A 163 11.64 10.18 3.16
N ASP A 164 11.62 11.35 2.54
CA ASP A 164 11.43 12.60 3.26
C ASP A 164 9.97 12.76 3.71
N GLU A 165 9.06 12.14 2.97
CA GLU A 165 7.64 12.23 3.29
C GLU A 165 7.34 11.55 4.62
N LEU A 166 7.83 10.33 4.80
CA LEU A 166 7.63 9.62 6.05
C LEU A 166 8.57 10.18 7.11
N LYS A 167 9.73 10.65 6.66
CA LYS A 167 10.70 11.23 7.58
C LYS A 167 10.10 12.47 8.23
N SER A 168 9.32 13.21 7.44
CA SER A 168 8.66 14.40 7.96
C SER A 168 7.64 13.99 8.98
N LEU A 169 7.03 12.82 8.78
CA LEU A 169 6.05 12.33 9.72
C LEU A 169 6.75 12.09 11.06
N GLU A 170 7.96 11.53 10.99
CA GLU A 170 8.74 11.28 12.19
C GLU A 170 9.20 12.60 12.81
N ARG A 171 9.51 13.56 11.95
CA ARG A 171 9.95 14.88 12.40
C ARG A 171 8.75 15.69 12.89
N SER A 172 7.57 15.35 12.38
CA SER A 172 6.35 16.05 12.77
C SER A 172 6.09 15.88 14.26
N MET A 173 5.71 14.68 14.67
CA MET A 173 5.42 14.42 16.07
C MET A 173 5.01 12.96 16.31
N ARG A 174 4.22 12.76 17.37
CA ARG A 174 3.73 11.42 17.73
C ARG A 174 4.83 10.38 17.59
N ASN A 175 5.50 10.09 18.72
CA ASN A 175 6.58 9.10 18.81
C ASN A 175 6.64 8.23 17.58
N LEU A 176 7.12 8.82 16.50
CA LEU A 176 7.21 8.11 15.23
C LEU A 176 8.59 7.49 15.03
N THR A 177 8.60 6.36 14.32
CA THR A 177 9.84 5.65 14.02
C THR A 177 9.86 5.18 12.57
N VAL A 178 10.79 5.71 11.79
CA VAL A 178 10.92 5.33 10.39
C VAL A 178 12.06 4.34 10.19
N LYS A 179 11.77 3.22 9.54
CA LYS A 179 12.78 2.19 9.28
C LYS A 179 13.39 2.35 7.89
N ALA A 180 14.71 2.23 7.82
CA ALA A 180 15.42 2.36 6.56
C ALA A 180 15.80 0.98 6.01
N CYS A 181 15.06 0.58 4.99
CA CYS A 181 15.26 -0.71 4.32
C CYS A 181 16.27 -0.60 3.19
N VAL A 182 16.27 -1.55 2.25
CA VAL A 182 17.20 -1.53 1.15
C VAL A 182 18.64 -1.48 1.62
N TRP A 183 19.49 -2.12 0.84
CA TRP A 183 20.91 -2.23 1.12
C TRP A 183 21.69 -1.91 -0.14
N HIS A 184 21.48 -2.76 -1.15
CA HIS A 184 22.11 -2.60 -2.45
C HIS A 184 21.47 -3.55 -3.47
N PRO A 185 20.13 -3.53 -3.59
CA PRO A 185 19.39 -4.39 -4.51
C PRO A 185 19.25 -3.77 -5.91
N SER A 186 18.06 -3.21 -6.21
CA SER A 186 17.81 -2.58 -7.51
C SER A 186 16.33 -2.61 -7.91
N GLY A 187 15.52 -3.32 -7.14
CA GLY A 187 14.10 -3.41 -7.44
C GLY A 187 13.59 -4.83 -7.44
N ASP A 188 14.43 -5.73 -6.94
CA ASP A 188 14.10 -7.13 -6.83
C ASP A 188 14.58 -7.60 -5.48
N TRP A 189 13.99 -7.01 -4.45
CA TRP A 189 14.40 -7.33 -3.11
C TRP A 189 13.24 -7.77 -2.24
N GLU A 190 13.31 -9.00 -1.76
CA GLU A 190 12.28 -9.53 -0.87
C GLU A 190 12.68 -9.28 0.57
N GLY A 191 12.04 -8.28 1.18
CA GLY A 191 12.35 -7.95 2.56
C GLY A 191 12.31 -6.46 2.81
N GLU A 192 13.44 -5.91 3.24
CA GLU A 192 13.54 -4.49 3.52
C GLU A 192 15.01 -4.11 3.67
N GLN A 193 15.55 -4.27 4.86
CA GLN A 193 16.95 -3.96 5.11
C GLN A 193 17.81 -5.16 4.75
N GLY A 194 18.81 -4.92 3.90
CA GLY A 194 19.69 -6.01 3.47
C GLY A 194 19.77 -7.13 4.46
N SER A 195 19.12 -8.24 4.10
CA SER A 195 19.09 -9.45 4.94
C SER A 195 17.76 -10.18 4.79
N PRO A 196 17.70 -11.43 5.26
CA PRO A 196 16.49 -12.25 5.19
C PRO A 196 15.50 -11.93 6.32
N ILE A 197 15.30 -10.65 6.58
CA ILE A 197 14.39 -10.21 7.64
C ILE A 197 14.91 -10.64 9.01
N ASP A 198 16.19 -10.97 9.07
CA ASP A 198 16.84 -11.39 10.31
C ASP A 198 16.73 -10.32 11.38
N ALA A 199 16.82 -9.05 10.97
CA ALA A 199 16.76 -7.94 11.91
C ALA A 199 15.43 -7.92 12.67
N LEU A 200 14.33 -8.14 11.97
CA LEU A 200 13.02 -8.16 12.60
C LEU A 200 12.90 -9.33 13.58
N ARG A 201 13.59 -10.42 13.25
CA ARG A 201 13.58 -11.61 14.10
C ARG A 201 14.09 -11.27 15.48
N GLU A 202 15.14 -10.47 15.53
CA GLU A 202 15.74 -10.05 16.78
C GLU A 202 14.85 -9.04 17.50
N ASP A 203 14.14 -8.21 16.73
CA ASP A 203 13.27 -7.21 17.33
C ASP A 203 12.24 -7.89 18.21
N LEU A 204 11.67 -8.98 17.73
CA LEU A 204 10.70 -9.72 18.52
C LEU A 204 11.39 -10.19 19.79
N GLU A 205 12.58 -10.74 19.62
CA GLU A 205 13.37 -11.22 20.74
C GLU A 205 13.71 -10.06 21.68
N SER A 206 13.72 -8.84 21.15
CA SER A 206 14.03 -7.67 21.94
C SER A 206 12.77 -7.04 22.53
N SER A 207 12.15 -6.15 21.77
CA SER A 207 10.93 -5.47 22.22
C SER A 207 10.66 -4.23 21.37
N ASP A 208 9.70 -4.34 20.46
CA ASP A 208 9.34 -3.24 19.58
C ASP A 208 8.66 -3.75 18.31
N ALA A 209 7.58 -4.49 18.48
CA ALA A 209 6.83 -5.07 17.38
C ALA A 209 6.22 -6.38 17.81
N ASN A 210 4.92 -6.37 18.05
CA ASN A 210 4.22 -7.56 18.49
C ASN A 210 2.75 -7.27 18.75
N PRO A 211 2.46 -6.29 19.62
CA PRO A 211 1.08 -5.92 19.92
C PRO A 211 0.30 -5.64 18.65
N ASP A 212 0.82 -4.71 17.85
CA ASP A 212 0.22 -4.37 16.59
C ASP A 212 1.31 -4.32 15.52
N ILE A 213 1.30 -5.29 14.63
CA ILE A 213 2.27 -5.36 13.57
C ILE A 213 1.56 -5.31 12.24
N TYR A 214 1.95 -4.38 11.40
CA TYR A 214 1.33 -4.23 10.12
C TYR A 214 2.34 -4.48 9.01
N LEU A 215 1.98 -5.38 8.13
CA LEU A 215 2.86 -5.76 7.02
C LEU A 215 2.20 -5.55 5.67
N CYS A 216 2.80 -4.68 4.86
CA CYS A 216 2.30 -4.41 3.51
C CYS A 216 3.37 -4.68 2.48
N GLY A 217 3.02 -5.41 1.42
CA GLY A 217 3.99 -5.72 0.38
C GLY A 217 3.92 -7.16 -0.08
N PRO A 218 5.02 -7.70 -0.60
CA PRO A 218 5.07 -9.08 -1.09
C PRO A 218 4.62 -10.09 -0.04
N PRO A 219 4.26 -11.30 -0.48
CA PRO A 219 3.82 -12.37 0.42
C PRO A 219 4.96 -12.89 1.28
N GLY A 220 6.18 -12.44 0.96
CA GLY A 220 7.34 -12.87 1.71
C GLY A 220 7.33 -12.33 3.13
N MET A 221 7.09 -11.04 3.28
CA MET A 221 7.06 -10.47 4.61
C MET A 221 6.03 -11.23 5.44
N ILE A 222 5.07 -11.81 4.73
CA ILE A 222 4.03 -12.60 5.35
C ILE A 222 4.57 -13.98 5.73
N ASP A 223 5.35 -14.58 4.84
CA ASP A 223 5.92 -15.90 5.08
C ASP A 223 7.06 -15.89 6.09
N ALA A 224 8.01 -14.97 5.91
CA ALA A 224 9.17 -14.87 6.79
C ALA A 224 8.82 -14.24 8.13
N ALA A 225 8.13 -13.10 8.10
CA ALA A 225 7.76 -12.41 9.33
C ALA A 225 6.89 -13.31 10.20
N CYS A 226 6.02 -14.07 9.57
CA CYS A 226 5.15 -14.99 10.29
C CYS A 226 5.97 -16.14 10.86
N GLU A 227 7.04 -16.50 10.16
CA GLU A 227 7.92 -17.59 10.59
C GLU A 227 8.73 -17.20 11.82
N LEU A 228 9.30 -16.00 11.82
CA LEU A 228 10.11 -15.55 12.94
C LEU A 228 9.27 -15.51 14.21
N VAL A 229 8.03 -15.11 14.06
CA VAL A 229 7.12 -14.99 15.19
C VAL A 229 6.83 -16.36 15.81
N ARG A 230 6.55 -17.34 14.97
CA ARG A 230 6.26 -18.69 15.43
C ARG A 230 7.53 -19.40 15.89
N SER A 231 8.65 -19.04 15.27
CA SER A 231 9.94 -19.65 15.60
C SER A 231 10.48 -19.12 16.93
N ARG A 232 10.39 -17.81 17.12
CA ARG A 232 10.88 -17.18 18.34
C ARG A 232 9.87 -17.34 19.48
N GLY A 233 8.75 -16.64 19.37
CA GLY A 233 7.73 -16.70 20.39
C GLY A 233 6.87 -15.45 20.41
N ILE A 234 7.50 -14.32 20.06
CA ILE A 234 6.83 -13.04 20.02
C ILE A 234 5.32 -13.16 19.77
N PRO A 235 4.55 -13.37 20.84
CA PRO A 235 3.10 -13.52 20.78
C PRO A 235 2.40 -12.19 20.59
N GLY A 236 1.75 -12.01 19.44
CA GLY A 236 1.05 -10.77 19.17
C GLY A 236 -0.46 -10.91 19.26
N GLU A 237 -1.14 -9.78 19.41
CA GLU A 237 -2.60 -9.77 19.51
C GLU A 237 -3.22 -9.00 18.35
N GLN A 238 -2.67 -7.82 18.06
CA GLN A 238 -3.17 -6.98 16.98
C GLN A 238 -2.21 -7.03 15.80
N VAL A 239 -1.69 -8.22 15.53
CA VAL A 239 -0.76 -8.40 14.43
C VAL A 239 -1.49 -8.80 13.16
N PHE A 240 -1.11 -8.14 12.06
CA PHE A 240 -1.75 -8.38 10.77
C PHE A 240 -0.76 -8.24 9.61
N PHE A 241 -0.96 -9.06 8.58
CA PHE A 241 -0.10 -9.03 7.39
C PHE A 241 -0.91 -8.99 6.09
N GLU A 242 -0.39 -8.27 5.10
CA GLU A 242 -1.06 -8.14 3.79
C GLU A 242 -0.06 -8.37 2.65
N LYS A 243 -0.55 -8.92 1.53
CA LYS A 243 0.31 -9.19 0.37
C LYS A 243 -0.02 -8.28 -0.81
N PHE A 244 0.86 -7.31 -1.07
CA PHE A 244 0.69 -6.36 -2.18
C PHE A 244 2.01 -6.13 -2.93
N LEU A 245 1.91 -5.93 -4.25
CA LEU A 245 3.07 -5.68 -5.13
C LEU A 245 4.19 -6.72 -4.97
N PRO A 246 5.19 -6.65 -5.87
CA PRO A 246 6.36 -7.57 -5.87
C PRO A 246 7.18 -7.49 -4.58
N SER A 247 8.51 -7.50 -4.71
CA SER A 247 9.39 -7.46 -3.55
C SER A 247 9.41 -6.08 -2.89
N GLY A 248 9.85 -6.03 -1.64
CA GLY A 248 9.93 -4.76 -0.92
C GLY A 248 9.57 -4.91 0.55
N ALA A 249 8.88 -5.99 0.87
CA ALA A 249 8.45 -6.27 2.24
C ALA A 249 9.28 -7.40 2.87
N ALA A 250 9.37 -7.36 4.19
CA ALA A 250 10.12 -8.34 4.97
C ALA A 250 10.11 -9.73 4.33
PA FDA B . 3.97 -4.98 -13.67
O1A FDA B . 3.88 -5.76 -14.93
O2A FDA B . 4.02 -3.64 -13.81
O5B FDA B . 5.22 -5.64 -13.14
C5B FDA B . 6.27 -4.84 -12.49
C4B FDA B . 7.69 -5.47 -12.68
O4B FDA B . 8.60 -4.32 -12.54
C3B FDA B . 8.23 -6.46 -11.64
O3B FDA B . 7.81 -7.77 -11.77
C2B FDA B . 9.73 -6.25 -11.73
O2B FDA B . 10.33 -7.12 -12.62
C1B FDA B . 9.92 -4.80 -12.16
N9A FDA B . 10.32 -3.87 -11.13
C8A FDA B . 9.66 -3.62 -9.95
N7A FDA B . 10.26 -2.72 -9.20
C5A FDA B . 11.35 -2.34 -9.89
C6A FDA B . 12.42 -1.36 -9.60
N6A FDA B . 12.48 -0.65 -8.50
N1A FDA B . 13.40 -1.25 -10.57
C2A FDA B . 13.39 -1.97 -11.73
N3A FDA B . 12.45 -2.88 -12.08
C4A FDA B . 11.45 -3.04 -11.13
N1 FDA B . 0.20 -3.53 -6.24
C2 FDA B . 0.97 -2.45 -6.24
O2 FDA B . 1.87 -2.30 -7.02
N3 FDA B . 0.77 -1.39 -5.30
C4 FDA B . -0.22 -1.45 -4.34
O4 FDA B . -0.34 -0.52 -3.56
C4X FDA B . -1.05 -2.64 -4.30
N5 FDA B . -2.02 -2.76 -3.36
C5X FDA B . -2.80 -3.91 -3.34
C6 FDA B . -3.77 -4.02 -2.31
C7 FDA B . -4.60 -5.13 -2.20
C7M FDA B . -5.61 -5.18 -1.09
C8 FDA B . -4.48 -6.25 -3.17
C8M FDA B . -5.35 -7.48 -3.10
C9 FDA B . -3.50 -6.17 -4.21
C9A FDA B . -2.66 -5.01 -4.29
N10 FDA B . -1.62 -4.82 -5.30
C10 FDA B . -0.81 -3.68 -5.32
C1' FDA B . -1.45 -5.91 -6.29
C2' FDA B . -2.12 -5.42 -7.56
O2' FDA B . -2.55 -6.57 -8.30
C3' FDA B . -1.20 -4.60 -8.40
O3' FDA B . -1.92 -3.87 -9.37
C4' FDA B . -0.23 -5.50 -9.11
O4' FDA B . 0.49 -6.37 -8.21
C5' FDA B . 0.71 -4.64 -9.85
O5' FDA B . 1.53 -5.52 -10.86
P FDA B . 1.48 -5.09 -12.26
O1P FDA B . 0.23 -5.84 -12.76
O2P FDA B . 1.42 -3.70 -12.36
O3P FDA B . 2.76 -5.52 -12.81
H51A FDA B . 6.05 -4.80 -11.41
H52A FDA B . 6.25 -3.80 -12.88
H4B FDA B . 7.64 -6.04 -13.61
H3B FDA B . 7.82 -6.27 -10.64
HO3A FDA B . 7.11 -7.83 -12.46
H2B FDA B . 10.22 -6.46 -10.76
HO2A FDA B . 10.04 -8.06 -12.41
H1B FDA B . 10.71 -4.84 -12.93
H8A FDA B . 8.73 -4.14 -9.66
H61A FDA B . 11.77 -0.74 -7.81
H62A FDA B . 13.24 0.00 -8.37
H2A FDA B . 14.21 -1.80 -12.45
HN1 FDA B . 0.35 -4.25 -6.93
HN3 FDA B . 1.37 -0.60 -5.34
HN5 FDA B . -2.17 -2.04 -2.69
H6 FDA B . -3.88 -3.20 -1.58
HM71 FDA B . -6.05 -6.19 -1.04
HM72 FDA B . -6.40 -4.46 -1.30
HM73 FDA B . -5.12 -4.94 -0.14
HM81 FDA B . -6.15 -7.40 -3.84
HM82 FDA B . -5.79 -7.55 -2.09
HM83 FDA B . -4.74 -8.37 -3.31
H9 FDA B . -3.40 -6.99 -4.93
H1'1 FDA B . -1.96 -6.82 -5.92
H1'2 FDA B . -0.39 -6.16 -6.45
H2' FDA B . -2.97 -4.79 -7.29
HO2' FDA B . -3.38 -6.94 -7.89
H3' FDA B . -0.70 -3.88 -7.76
HO3' FDA B . -2.82 -4.29 -9.50
H4' FDA B . -0.77 -6.16 -9.78
HO4' FDA B . 0.52 -7.29 -8.59
H5'1 FDA B . 1.41 -4.18 -9.12
H5'2 FDA B . 0.17 -3.82 -10.37
N CYS A 1 -34.39 -3.82 -2.70
CA CYS A 1 -33.09 -3.25 -3.03
C CYS A 1 -31.95 -4.13 -2.50
N ARG A 2 -32.21 -5.42 -2.41
CA ARG A 2 -31.22 -6.38 -1.92
C ARG A 2 -30.85 -7.38 -3.01
N ILE A 3 -31.79 -8.26 -3.34
CA ILE A 3 -31.56 -9.27 -4.37
C ILE A 3 -32.49 -9.06 -5.55
N SER A 4 -32.10 -8.15 -6.45
CA SER A 4 -32.89 -7.85 -7.63
C SER A 4 -32.44 -8.68 -8.83
N PHE A 5 -31.99 -9.90 -8.56
CA PHE A 5 -31.52 -10.79 -9.62
C PHE A 5 -30.19 -10.31 -10.18
N GLY A 6 -29.27 -9.96 -9.29
CA GLY A 6 -27.97 -9.49 -9.74
C GLY A 6 -27.47 -8.32 -8.91
N GLU A 7 -26.16 -8.10 -8.93
CA GLU A 7 -25.55 -7.01 -8.18
C GLU A 7 -24.48 -6.30 -9.02
N VAL A 8 -24.22 -5.04 -8.69
CA VAL A 8 -23.23 -4.27 -9.42
C VAL A 8 -22.14 -3.76 -8.47
N GLY A 9 -21.01 -4.44 -8.47
CA GLY A 9 -19.91 -4.05 -7.62
C GLY A 9 -18.78 -3.39 -8.38
N SER A 10 -19.11 -2.88 -9.56
CA SER A 10 -18.13 -2.21 -10.40
C SER A 10 -18.45 -0.72 -10.52
N PHE A 11 -17.41 0.08 -10.72
CA PHE A 11 -17.58 1.53 -10.83
C PHE A 11 -16.83 2.08 -12.05
N GLU A 12 -17.15 3.32 -12.43
CA GLU A 12 -16.49 3.95 -13.57
C GLU A 12 -15.64 5.14 -13.12
N ALA A 13 -14.39 5.17 -13.58
CA ALA A 13 -13.48 6.26 -13.21
C ALA A 13 -12.90 6.91 -14.46
N GLU A 14 -12.58 8.19 -14.37
CA GLU A 14 -12.00 8.92 -15.48
C GLU A 14 -10.49 9.07 -15.30
N VAL A 15 -9.73 8.40 -16.14
CA VAL A 15 -8.27 8.47 -16.07
C VAL A 15 -7.77 9.84 -16.52
N VAL A 16 -7.35 10.64 -15.55
CA VAL A 16 -6.85 11.97 -15.84
C VAL A 16 -5.42 12.10 -15.35
N GLY A 17 -4.78 10.96 -15.14
CA GLY A 17 -3.42 10.93 -14.66
C GLY A 17 -2.55 9.99 -15.46
N LEU A 18 -1.92 9.07 -14.74
CA LEU A 18 -1.02 8.10 -15.34
C LEU A 18 0.28 8.77 -15.70
N ASN A 19 1.22 8.66 -14.79
CA ASN A 19 2.53 9.24 -14.95
C ASN A 19 3.58 8.31 -14.38
N TRP A 20 4.69 8.17 -15.06
CA TRP A 20 5.76 7.35 -14.53
C TRP A 20 6.64 8.23 -13.67
N VAL A 21 6.64 7.95 -12.37
CA VAL A 21 7.42 8.74 -11.44
C VAL A 21 8.82 8.18 -11.36
N SER A 22 8.89 6.87 -11.51
CA SER A 22 10.14 6.16 -11.47
C SER A 22 10.30 5.24 -12.67
N SER A 23 11.37 4.46 -12.66
CA SER A 23 11.64 3.51 -13.73
C SER A 23 10.51 2.51 -13.86
N ASN A 24 10.00 2.07 -12.72
CA ASN A 24 8.91 1.11 -12.69
C ASN A 24 7.85 1.55 -11.69
N THR A 25 7.57 2.86 -11.67
CA THR A 25 6.59 3.41 -10.75
C THR A 25 5.64 4.38 -11.45
N VAL A 26 4.34 4.10 -11.37
CA VAL A 26 3.35 4.95 -12.02
C VAL A 26 2.15 5.20 -11.10
N GLN A 27 1.74 6.46 -11.00
CA GLN A 27 0.61 6.85 -10.17
C GLN A 27 -0.48 7.51 -11.03
N PHE A 28 -1.71 7.11 -10.81
CA PHE A 28 -2.84 7.68 -11.56
C PHE A 28 -3.96 8.11 -10.63
N LEU A 29 -4.61 9.22 -10.98
CA LEU A 29 -5.71 9.74 -10.19
C LEU A 29 -7.03 9.65 -10.97
N LEU A 30 -7.98 8.85 -10.46
CA LEU A 30 -9.26 8.68 -11.14
C LEU A 30 -10.39 9.51 -10.52
N GLN A 31 -11.27 10.02 -11.38
CA GLN A 31 -12.42 10.81 -10.96
C GLN A 31 -13.60 10.57 -11.92
N LYS A 32 -14.81 10.34 -11.41
CA LYS A 32 -15.93 10.11 -12.31
C LYS A 32 -17.28 9.90 -11.61
N ARG A 33 -17.43 8.77 -10.94
CA ARG A 33 -18.70 8.43 -10.29
C ARG A 33 -18.52 7.77 -8.91
N PRO A 34 -19.58 7.11 -8.36
CA PRO A 34 -19.51 6.47 -7.05
C PRO A 34 -18.21 5.74 -6.78
N ASP A 35 -17.42 6.34 -5.90
CA ASP A 35 -16.12 5.81 -5.50
C ASP A 35 -15.18 6.97 -5.25
N GLU A 36 -13.94 6.67 -4.89
CA GLU A 36 -12.97 7.75 -4.65
C GLU A 36 -12.61 8.37 -5.99
N CYS A 37 -13.63 8.92 -6.64
CA CYS A 37 -13.49 9.53 -7.94
C CYS A 37 -14.64 10.51 -8.21
N GLY A 38 -15.86 10.00 -8.09
CA GLY A 38 -17.03 10.82 -8.30
C GLY A 38 -17.47 11.57 -7.05
N ASN A 39 -16.52 11.82 -6.16
CA ASN A 39 -16.80 12.53 -4.92
C ASN A 39 -18.12 12.09 -4.29
N ARG A 40 -18.31 10.78 -4.16
CA ARG A 40 -19.53 10.28 -3.55
C ARG A 40 -19.39 10.22 -2.03
N GLY A 41 -18.23 9.78 -1.55
CA GLY A 41 -18.01 9.75 -0.11
C GLY A 41 -16.97 8.74 0.38
N VAL A 42 -15.83 9.26 0.85
CA VAL A 42 -14.75 8.45 1.42
C VAL A 42 -14.75 8.57 2.94
N LYS A 43 -13.99 7.70 3.57
CA LYS A 43 -13.87 7.67 5.02
C LYS A 43 -12.47 7.25 5.42
N PHE A 44 -12.38 6.46 6.48
CA PHE A 44 -11.08 5.99 6.96
C PHE A 44 -11.10 4.47 7.15
N GLU A 45 -10.91 3.73 6.07
CA GLU A 45 -10.89 2.27 6.13
C GLU A 45 -9.50 1.75 5.80
N PRO A 46 -9.23 0.48 6.11
CA PRO A 46 -7.93 -0.14 5.83
C PRO A 46 -7.58 -0.05 4.35
N GLY A 47 -7.25 1.15 3.88
CA GLY A 47 -6.92 1.34 2.50
C GLY A 47 -7.84 0.58 1.57
N GLN A 48 -9.07 1.07 1.42
CA GLN A 48 -10.06 0.42 0.54
C GLN A 48 -9.38 -0.33 -0.60
N PHE A 49 -9.96 -1.45 -1.01
CA PHE A 49 -9.36 -2.25 -2.08
C PHE A 49 -10.43 -2.88 -2.97
N MET A 50 -10.16 -2.94 -4.28
CA MET A 50 -11.11 -3.50 -5.25
C MET A 50 -10.42 -4.32 -6.34
N ASP A 51 -11.07 -4.44 -7.50
CA ASP A 51 -10.53 -5.19 -8.62
C ASP A 51 -10.74 -4.41 -9.92
N LEU A 52 -9.65 -4.06 -10.60
CA LEU A 52 -9.75 -3.27 -11.81
C LEU A 52 -8.61 -3.52 -12.81
N THR A 53 -8.89 -3.22 -14.08
CA THR A 53 -7.93 -3.38 -15.15
C THR A 53 -7.22 -2.07 -15.41
N ILE A 54 -6.01 -2.15 -15.95
CA ILE A 54 -5.23 -0.95 -16.22
C ILE A 54 -6.16 0.24 -16.57
N PRO A 55 -6.88 0.19 -17.69
CA PRO A 55 -7.80 1.25 -18.11
C PRO A 55 -9.25 0.78 -18.06
N GLY A 56 -9.48 -0.41 -17.50
CA GLY A 56 -10.81 -0.97 -17.46
C GLY A 56 -11.02 -2.02 -18.55
N THR A 57 -10.03 -2.14 -19.42
CA THR A 57 -10.04 -3.11 -20.53
C THR A 57 -11.01 -4.25 -20.27
N ASP A 58 -10.50 -5.29 -19.62
CA ASP A 58 -11.32 -6.47 -19.32
C ASP A 58 -10.84 -7.19 -18.06
N VAL A 59 -10.52 -6.42 -17.03
CA VAL A 59 -10.07 -6.96 -15.75
C VAL A 59 -8.58 -7.34 -15.79
N SER A 60 -7.83 -6.79 -14.84
CA SER A 60 -6.39 -7.06 -14.75
C SER A 60 -6.09 -7.89 -13.52
N ARG A 61 -6.48 -7.33 -12.39
CA ARG A 61 -6.27 -7.99 -11.11
C ARG A 61 -6.82 -7.12 -9.99
N SER A 62 -6.66 -7.59 -8.76
CA SER A 62 -7.14 -6.84 -7.60
C SER A 62 -6.05 -5.88 -7.12
N TYR A 63 -6.42 -4.61 -6.94
CA TYR A 63 -5.48 -3.61 -6.48
C TYR A 63 -6.13 -2.66 -5.49
N SER A 64 -5.53 -2.53 -4.32
CA SER A 64 -6.03 -1.67 -3.27
C SER A 64 -5.78 -0.19 -3.58
N PRO A 65 -6.83 0.56 -3.97
CA PRO A 65 -6.72 1.98 -4.28
C PRO A 65 -6.99 2.83 -3.03
N ALA A 66 -6.45 4.05 -3.00
CA ALA A 66 -6.66 4.90 -1.82
C ALA A 66 -6.79 6.39 -2.17
N ASN A 67 -7.85 7.01 -1.66
CA ASN A 67 -8.09 8.43 -1.86
C ASN A 67 -7.86 9.18 -0.55
N LEU A 68 -8.74 8.93 0.43
CA LEU A 68 -8.66 9.56 1.76
C LEU A 68 -10.07 9.88 2.26
N PRO A 69 -10.29 9.89 3.59
CA PRO A 69 -11.60 10.22 4.15
C PRO A 69 -12.07 11.57 3.64
N ASN A 70 -13.06 11.57 2.75
CA ASN A 70 -13.56 12.81 2.17
C ASN A 70 -14.67 12.53 1.14
N PRO A 71 -15.09 13.52 0.33
CA PRO A 71 -16.15 13.31 -0.66
C PRO A 71 -15.90 12.12 -1.59
N GLU A 72 -14.65 11.70 -1.71
CA GLU A 72 -14.30 10.53 -2.53
C GLU A 72 -14.25 10.85 -4.01
N GLY A 73 -13.24 11.61 -4.40
CA GLY A 73 -13.07 11.95 -5.78
C GLY A 73 -11.62 11.95 -6.20
N ARG A 74 -10.79 11.14 -5.52
CA ARG A 74 -9.39 11.11 -5.85
C ARG A 74 -8.76 9.76 -5.51
N LEU A 75 -8.70 8.86 -6.48
CA LEU A 75 -8.11 7.56 -6.25
C LEU A 75 -6.64 7.60 -6.60
N GLU A 76 -5.85 6.89 -5.84
CA GLU A 76 -4.41 6.86 -6.06
C GLU A 76 -3.91 5.42 -6.15
N PHE A 77 -3.49 5.04 -7.35
CA PHE A 77 -2.97 3.71 -7.57
C PHE A 77 -1.46 3.76 -7.78
N LEU A 78 -0.76 2.77 -7.26
CA LEU A 78 0.70 2.73 -7.38
C LEU A 78 1.12 1.39 -7.97
N ILE A 79 1.01 1.29 -9.28
CA ILE A 79 1.36 0.06 -9.97
C ILE A 79 2.82 0.07 -10.42
N ARG A 80 3.57 -0.91 -9.95
CA ARG A 80 4.97 -1.02 -10.34
C ARG A 80 5.07 -1.65 -11.73
N VAL A 81 5.18 -0.80 -12.74
CA VAL A 81 5.26 -1.26 -14.11
C VAL A 81 6.70 -1.49 -14.56
N LEU A 82 6.90 -2.55 -15.34
CA LEU A 82 8.23 -2.88 -15.85
C LEU A 82 8.50 -2.14 -17.15
N PRO A 83 9.76 -2.14 -17.61
CA PRO A 83 10.16 -1.46 -18.85
C PRO A 83 9.50 -2.09 -20.07
N GLU A 84 8.23 -1.75 -20.28
CA GLU A 84 7.49 -2.28 -21.42
C GLU A 84 7.57 -3.79 -21.47
N GLY A 85 7.07 -4.44 -20.43
CA GLY A 85 7.11 -5.89 -20.38
C GLY A 85 5.73 -6.51 -20.53
N ARG A 86 4.73 -5.90 -19.90
CA ARG A 86 3.36 -6.41 -19.98
C ARG A 86 2.36 -5.38 -19.46
N PHE A 87 2.47 -5.03 -18.18
CA PHE A 87 1.56 -4.06 -17.58
C PHE A 87 1.86 -2.65 -18.09
N SER A 88 3.13 -2.33 -18.23
CA SER A 88 3.55 -1.02 -18.72
C SER A 88 3.18 -0.83 -20.18
N ASP A 89 3.04 -1.94 -20.90
CA ASP A 89 2.68 -1.90 -22.31
C ASP A 89 1.19 -1.59 -22.43
N TYR A 90 0.44 -2.17 -21.51
CA TYR A 90 -1.00 -1.99 -21.45
C TYR A 90 -1.35 -0.60 -20.95
N LEU A 91 -0.47 -0.04 -20.13
CA LEU A 91 -0.68 1.29 -19.56
C LEU A 91 -0.60 2.37 -20.64
N ARG A 92 0.39 2.25 -21.52
CA ARG A 92 0.58 3.22 -22.58
C ARG A 92 -0.19 2.85 -23.84
N ASN A 93 -0.47 1.56 -24.00
CA ASN A 93 -1.19 1.09 -25.18
C ASN A 93 -2.70 1.16 -24.98
N ASP A 94 -3.13 1.33 -23.73
CA ASP A 94 -4.56 1.41 -23.42
C ASP A 94 -4.89 2.64 -22.58
N ALA A 95 -3.90 3.17 -21.86
CA ALA A 95 -4.12 4.35 -21.03
C ALA A 95 -3.25 5.51 -21.50
N ARG A 96 -3.09 5.62 -22.80
CA ARG A 96 -2.28 6.68 -23.39
C ARG A 96 -2.95 8.05 -23.25
N VAL A 97 -4.26 8.09 -23.46
CA VAL A 97 -5.01 9.33 -23.38
C VAL A 97 -6.13 9.24 -22.34
N GLY A 98 -5.76 9.62 -21.13
CA GLY A 98 -6.68 9.64 -19.99
C GLY A 98 -8.02 9.00 -20.27
N GLN A 99 -8.01 7.74 -20.69
CA GLN A 99 -9.23 7.02 -20.99
C GLN A 99 -10.03 6.74 -19.71
N VAL A 100 -11.16 6.07 -19.86
CA VAL A 100 -12.01 5.74 -18.71
C VAL A 100 -11.66 4.35 -18.16
N LEU A 101 -11.53 4.25 -16.85
CA LEU A 101 -11.20 2.99 -16.22
C LEU A 101 -12.16 2.70 -15.07
N SER A 102 -12.86 1.58 -15.17
CA SER A 102 -13.82 1.18 -14.14
C SER A 102 -13.15 0.34 -13.06
N VAL A 103 -13.47 0.64 -11.81
CA VAL A 103 -12.94 -0.11 -10.68
C VAL A 103 -14.04 -0.92 -10.03
N LYS A 104 -13.80 -2.21 -9.88
CA LYS A 104 -14.80 -3.10 -9.29
C LYS A 104 -14.21 -3.94 -8.17
N GLY A 105 -14.73 -3.74 -6.98
CA GLY A 105 -14.25 -4.51 -5.84
C GLY A 105 -14.67 -3.95 -4.50
N PRO A 106 -15.96 -4.06 -4.14
CA PRO A 106 -16.45 -3.58 -2.85
C PRO A 106 -15.88 -4.44 -1.72
N LEU A 107 -14.56 -4.47 -1.65
CA LEU A 107 -13.85 -5.28 -0.66
C LEU A 107 -12.81 -4.46 0.10
N GLY A 108 -12.27 -5.06 1.15
CA GLY A 108 -11.26 -4.42 1.96
C GLY A 108 -9.94 -5.16 1.89
N VAL A 109 -8.90 -4.58 2.48
CA VAL A 109 -7.59 -5.22 2.49
C VAL A 109 -7.11 -5.44 3.91
N PHE A 110 -7.04 -6.71 4.28
CA PHE A 110 -6.59 -7.10 5.61
C PHE A 110 -5.08 -7.10 5.68
N GLY A 111 -4.55 -6.20 6.48
CA GLY A 111 -3.12 -6.08 6.64
C GLY A 111 -2.76 -5.00 7.63
N LEU A 112 -3.37 -3.83 7.46
CA LEU A 112 -3.13 -2.71 8.35
C LEU A 112 -4.43 -2.20 8.95
N LYS A 113 -4.53 -2.28 10.27
CA LYS A 113 -5.71 -1.83 10.98
C LYS A 113 -5.33 -1.11 12.27
N GLU A 114 -5.62 0.18 12.32
CA GLU A 114 -5.32 0.99 13.50
C GLU A 114 -6.49 0.97 14.48
N ARG A 115 -6.18 0.85 15.76
CA ARG A 115 -7.21 0.81 16.79
C ARG A 115 -7.50 2.22 17.32
N GLY A 116 -7.03 3.22 16.59
CA GLY A 116 -7.23 4.59 16.98
C GLY A 116 -6.01 5.17 17.65
N MET A 117 -5.78 4.75 18.89
CA MET A 117 -4.63 5.20 19.64
C MET A 117 -3.88 4.01 20.24
N ALA A 118 -2.93 3.47 19.47
CA ALA A 118 -2.13 2.34 19.93
C ALA A 118 -0.89 2.16 19.08
N PRO A 119 0.15 1.52 19.65
CA PRO A 119 1.41 1.27 18.96
C PRO A 119 1.26 0.21 17.88
N ARG A 120 1.30 0.63 16.62
CA ARG A 120 1.15 -0.31 15.51
C ARG A 120 2.16 -0.01 14.39
N TYR A 121 2.76 -1.07 13.83
CA TYR A 121 3.73 -0.88 12.76
C TYR A 121 3.17 -1.31 11.42
N PHE A 122 3.24 -0.42 10.43
CA PHE A 122 2.74 -0.74 9.11
C PHE A 122 3.91 -0.98 8.17
N VAL A 123 4.16 -2.24 7.85
CA VAL A 123 5.24 -2.61 6.98
C VAL A 123 4.76 -2.85 5.57
N ALA A 124 5.15 -1.97 4.66
CA ALA A 124 4.76 -2.10 3.28
C ALA A 124 5.98 -2.45 2.43
N GLY A 125 5.80 -3.43 1.56
CA GLY A 125 6.90 -3.84 0.70
C GLY A 125 6.66 -3.44 -0.74
N GLY A 126 7.31 -2.38 -1.16
CA GLY A 126 7.14 -1.92 -2.53
C GLY A 126 6.66 -0.48 -2.60
N THR A 127 5.96 -0.14 -3.68
CA THR A 127 5.43 1.22 -3.85
C THR A 127 3.91 1.21 -3.76
N GLY A 128 3.32 0.03 -3.87
CA GLY A 128 1.87 -0.10 -3.78
C GLY A 128 1.34 0.24 -2.39
N LEU A 129 2.20 0.81 -1.55
CA LEU A 129 1.83 1.20 -0.21
C LEU A 129 0.97 2.46 -0.24
N ALA A 130 0.64 2.93 -1.44
CA ALA A 130 -0.15 4.13 -1.58
C ALA A 130 -1.32 4.10 -0.62
N PRO A 131 -1.98 2.94 -0.47
CA PRO A 131 -3.09 2.79 0.46
C PRO A 131 -2.58 2.77 1.88
N VAL A 132 -1.36 2.25 2.04
CA VAL A 132 -0.71 2.19 3.33
C VAL A 132 -0.41 3.60 3.81
N VAL A 133 0.11 4.41 2.90
CA VAL A 133 0.44 5.80 3.20
C VAL A 133 -0.82 6.63 3.41
N SER A 134 -1.89 6.25 2.71
CA SER A 134 -3.15 6.97 2.84
C SER A 134 -3.69 6.82 4.26
N MET A 135 -3.76 5.59 4.73
CA MET A 135 -4.24 5.32 6.09
C MET A 135 -3.29 5.93 7.11
N VAL A 136 -1.99 5.73 6.88
CA VAL A 136 -0.97 6.28 7.78
C VAL A 136 -1.04 7.80 7.79
N ARG A 137 -1.46 8.36 6.65
CA ARG A 137 -1.58 9.80 6.52
C ARG A 137 -2.61 10.35 7.51
N GLN A 138 -3.68 9.60 7.72
CA GLN A 138 -4.73 10.00 8.64
C GLN A 138 -4.19 10.06 10.07
N MET A 139 -3.37 9.06 10.42
CA MET A 139 -2.78 9.01 11.76
C MET A 139 -1.74 10.12 11.93
N GLN A 140 -1.05 10.44 10.85
CA GLN A 140 -0.03 11.48 10.88
C GLN A 140 -0.63 12.88 10.84
N GLU A 141 -1.79 13.05 10.20
CA GLU A 141 -2.42 14.35 10.06
C GLU A 141 -2.98 14.85 11.39
N TRP A 142 -3.64 13.98 12.13
CA TRP A 142 -4.20 14.36 13.41
C TRP A 142 -3.10 14.36 14.46
N THR A 143 -2.04 13.63 14.16
CA THR A 143 -0.89 13.55 15.04
C THR A 143 -1.27 13.12 16.45
N ALA A 144 -2.37 12.39 16.57
CA ALA A 144 -2.82 11.92 17.87
C ALA A 144 -1.63 11.53 18.74
N PRO A 145 -1.83 11.45 20.07
CA PRO A 145 -0.76 11.09 21.00
C PRO A 145 -0.38 9.61 20.93
N ASN A 146 -0.96 8.90 19.98
CA ASN A 146 -0.68 7.48 19.82
C ASN A 146 0.56 7.23 18.94
N GLU A 147 1.40 6.29 19.37
CA GLU A 147 2.61 5.94 18.66
C GLU A 147 2.29 5.13 17.41
N THR A 148 2.58 5.73 16.27
CA THR A 148 2.34 5.10 14.99
C THR A 148 3.67 4.70 14.36
N ARG A 149 3.89 3.42 14.22
CA ARG A 149 5.14 2.96 13.63
C ARG A 149 4.91 2.53 12.19
N ILE A 150 5.87 2.84 11.33
CA ILE A 150 5.74 2.49 9.93
C ILE A 150 7.03 1.87 9.41
N TYR A 151 6.91 0.78 8.69
CA TYR A 151 8.03 0.09 8.10
C TYR A 151 7.94 0.17 6.57
N PHE A 152 8.84 0.93 5.95
CA PHE A 152 8.81 1.08 4.49
C PHE A 152 10.07 0.51 3.86
N GLY A 153 9.91 -0.28 2.79
CA GLY A 153 11.08 -0.85 2.15
C GLY A 153 10.84 -1.27 0.72
N VAL A 154 11.91 -1.38 -0.04
CA VAL A 154 11.82 -1.77 -1.43
C VAL A 154 13.19 -2.11 -2.04
N ASN A 155 13.70 -1.23 -2.92
CA ASN A 155 14.98 -1.45 -3.57
C ASN A 155 15.95 -0.31 -3.30
N THR A 156 17.08 -0.31 -4.02
CA THR A 156 18.11 0.73 -3.88
C THR A 156 17.51 2.06 -3.45
N GLU A 157 16.66 2.61 -4.31
CA GLU A 157 16.01 3.88 -4.03
C GLU A 157 15.65 4.62 -5.32
N PRO A 158 16.63 4.81 -6.20
CA PRO A 158 16.43 5.49 -7.48
C PRO A 158 15.08 5.16 -8.12
N GLU A 159 14.55 3.98 -7.81
CA GLU A 159 13.27 3.55 -8.37
C GLU A 159 12.11 4.05 -7.50
N LEU A 160 12.36 4.18 -6.21
CA LEU A 160 11.35 4.67 -5.28
C LEU A 160 11.69 6.08 -4.81
N PHE A 161 10.90 6.60 -3.87
CA PHE A 161 11.15 7.94 -3.34
C PHE A 161 10.26 8.23 -2.14
N TYR A 162 10.20 9.49 -1.74
CA TYR A 162 9.39 9.92 -0.60
C TYR A 162 10.17 9.76 0.69
N ILE A 163 11.47 9.54 0.57
CA ILE A 163 12.34 9.36 1.71
C ILE A 163 12.45 10.61 2.58
N ASP A 164 12.71 11.72 1.94
CA ASP A 164 12.84 13.01 2.63
C ASP A 164 11.49 13.45 3.16
N GLU A 165 10.44 13.11 2.41
CA GLU A 165 9.08 13.46 2.81
C GLU A 165 8.68 12.59 3.98
N LEU A 166 9.15 11.35 3.94
CA LEU A 166 8.87 10.39 4.99
C LEU A 166 9.43 10.92 6.30
N LYS A 167 10.54 11.66 6.19
CA LYS A 167 11.16 12.24 7.37
C LYS A 167 10.20 13.22 8.00
N SER A 168 9.65 14.10 7.18
CA SER A 168 8.66 15.06 7.65
C SER A 168 7.47 14.30 8.17
N LEU A 169 7.20 13.14 7.59
CA LEU A 169 6.10 12.32 8.03
C LEU A 169 6.37 11.89 9.46
N GLU A 170 7.65 11.67 9.76
CA GLU A 170 8.08 11.27 11.09
C GLU A 170 7.76 12.37 12.09
N ARG A 171 8.02 13.61 11.70
CA ARG A 171 7.76 14.76 12.57
C ARG A 171 6.27 15.09 12.56
N SER A 172 5.63 14.89 11.42
CA SER A 172 4.21 15.18 11.28
C SER A 172 3.38 14.56 12.41
N MET A 173 3.65 13.29 12.70
CA MET A 173 2.92 12.59 13.75
C MET A 173 3.39 12.99 15.14
N ARG A 174 3.05 12.18 16.13
CA ARG A 174 3.43 12.44 17.51
C ARG A 174 4.54 11.52 17.96
N ASN A 175 4.27 10.22 17.96
CA ASN A 175 5.26 9.25 18.38
C ASN A 175 5.39 8.14 17.35
N LEU A 176 5.84 8.50 16.15
CA LEU A 176 5.99 7.54 15.07
C LEU A 176 7.45 7.18 14.84
N THR A 177 7.67 5.98 14.30
CA THR A 177 9.01 5.50 13.99
C THR A 177 9.04 4.82 12.63
N VAL A 178 9.83 5.39 11.71
CA VAL A 178 9.94 4.84 10.35
C VAL A 178 11.16 3.92 10.22
N LYS A 179 10.94 2.77 9.57
CA LYS A 179 12.00 1.80 9.36
C LYS A 179 12.61 1.94 7.97
N ALA A 180 13.94 1.89 7.90
CA ALA A 180 14.66 2.03 6.63
C ALA A 180 15.12 0.67 6.10
N CYS A 181 14.42 0.21 5.08
CA CYS A 181 14.72 -1.06 4.42
C CYS A 181 15.75 -0.86 3.31
N VAL A 182 15.82 -1.81 2.35
CA VAL A 182 16.77 -1.69 1.26
C VAL A 182 18.19 -1.55 1.77
N TRP A 183 19.11 -2.08 0.98
CA TRP A 183 20.53 -2.09 1.31
C TRP A 183 21.33 -1.71 0.07
N HIS A 184 21.21 -2.55 -0.95
CA HIS A 184 21.89 -2.34 -2.23
C HIS A 184 21.32 -3.27 -3.30
N PRO A 185 19.98 -3.30 -3.47
CA PRO A 185 19.32 -4.13 -4.46
C PRO A 185 19.17 -3.45 -5.82
N SER A 186 17.99 -2.88 -6.10
CA SER A 186 17.73 -2.18 -7.37
C SER A 186 16.31 -2.39 -7.89
N GLY A 187 15.50 -3.12 -7.13
CA GLY A 187 14.14 -3.36 -7.54
C GLY A 187 13.81 -4.84 -7.62
N ASP A 188 14.71 -5.63 -7.07
CA ASP A 188 14.53 -7.07 -7.02
C ASP A 188 14.95 -7.53 -5.65
N TRP A 189 14.23 -7.06 -4.65
CA TRP A 189 14.55 -7.39 -3.29
C TRP A 189 13.33 -7.87 -2.50
N GLU A 190 13.43 -9.09 -1.99
CA GLU A 190 12.36 -9.67 -1.19
C GLU A 190 12.70 -9.52 0.29
N GLY A 191 12.06 -8.57 0.96
CA GLY A 191 12.32 -8.34 2.37
C GLY A 191 12.22 -6.88 2.75
N GLU A 192 13.33 -6.31 3.20
CA GLU A 192 13.37 -4.92 3.61
C GLU A 192 14.82 -4.44 3.72
N GLN A 193 15.36 -4.43 4.93
CA GLN A 193 16.73 -4.00 5.15
C GLN A 193 17.69 -5.18 4.98
N GLY A 194 18.68 -5.00 4.12
CA GLY A 194 19.67 -6.04 3.85
C GLY A 194 19.39 -7.35 4.58
N SER A 195 18.98 -8.37 3.83
CA SER A 195 18.67 -9.68 4.39
C SER A 195 17.17 -9.83 4.64
N PRO A 196 16.68 -11.08 4.68
CA PRO A 196 15.26 -11.39 4.90
C PRO A 196 14.58 -10.44 5.87
N ILE A 197 14.94 -10.52 7.15
CA ILE A 197 14.32 -9.67 8.16
C ILE A 197 14.79 -10.08 9.58
N ASP A 198 16.04 -10.49 9.66
CA ASP A 198 16.64 -10.91 10.93
C ASP A 198 16.58 -9.82 11.98
N ALA A 199 16.75 -8.57 11.56
CA ALA A 199 16.72 -7.44 12.49
C ALA A 199 15.38 -7.35 13.21
N LEU A 200 14.32 -7.74 12.53
CA LEU A 200 12.98 -7.70 13.12
C LEU A 200 12.85 -8.76 14.21
N ARG A 201 13.55 -9.87 14.03
CA ARG A 201 13.53 -10.96 15.01
C ARG A 201 14.02 -10.47 16.36
N GLU A 202 15.19 -9.85 16.37
CA GLU A 202 15.76 -9.35 17.61
C GLU A 202 14.93 -8.20 18.15
N ASP A 203 14.47 -7.33 17.27
CA ASP A 203 13.64 -6.21 17.68
C ASP A 203 12.39 -6.76 18.33
N LEU A 204 12.00 -7.95 17.89
CA LEU A 204 10.83 -8.62 18.44
C LEU A 204 11.05 -8.88 19.93
N GLU A 205 12.23 -9.42 20.25
CA GLU A 205 12.57 -9.71 21.64
C GLU A 205 12.99 -8.43 22.38
N SER A 206 13.25 -7.37 21.62
CA SER A 206 13.67 -6.11 22.23
C SER A 206 12.48 -5.19 22.50
N SER A 207 11.96 -4.57 21.44
CA SER A 207 10.82 -3.67 21.57
C SER A 207 10.60 -2.89 20.27
N ASP A 208 9.62 -3.33 19.49
CA ASP A 208 9.28 -2.69 18.22
C ASP A 208 8.63 -3.72 17.30
N ALA A 209 7.31 -3.85 17.42
CA ALA A 209 6.53 -4.80 16.64
C ALA A 209 6.22 -6.01 17.49
N ASN A 210 4.96 -6.14 17.85
CA ASN A 210 4.53 -7.24 18.70
C ASN A 210 3.02 -7.25 18.88
N PRO A 211 2.45 -6.16 19.40
CA PRO A 211 1.02 -6.05 19.61
C PRO A 211 0.27 -6.25 18.30
N ASP A 212 0.16 -5.20 17.53
CA ASP A 212 -0.50 -5.25 16.23
C ASP A 212 0.53 -4.99 15.14
N ILE A 213 0.84 -6.01 14.35
CA ILE A 213 1.80 -5.85 13.28
C ILE A 213 1.08 -5.90 11.96
N TYR A 214 1.30 -4.89 11.17
CA TYR A 214 0.66 -4.80 9.90
C TYR A 214 1.66 -4.85 8.78
N LEU A 215 1.34 -5.64 7.78
CA LEU A 215 2.21 -5.79 6.63
C LEU A 215 1.38 -5.72 5.35
N CYS A 216 1.62 -4.71 4.53
CA CYS A 216 0.89 -4.55 3.29
C CYS A 216 1.85 -4.48 2.11
N GLY A 217 1.89 -5.54 1.32
CA GLY A 217 2.79 -5.56 0.19
C GLY A 217 3.88 -6.59 0.32
N PRO A 218 4.42 -6.80 1.52
CA PRO A 218 5.49 -7.76 1.77
C PRO A 218 5.01 -9.15 2.17
N PRO A 219 4.58 -9.98 1.20
CA PRO A 219 4.13 -11.34 1.47
C PRO A 219 5.16 -12.11 2.29
N GLY A 220 6.32 -12.37 1.69
CA GLY A 220 7.38 -13.08 2.39
C GLY A 220 7.73 -12.42 3.69
N MET A 221 7.95 -11.10 3.70
CA MET A 221 8.26 -10.42 4.94
C MET A 221 7.17 -10.73 5.94
N ILE A 222 6.00 -11.05 5.41
CA ILE A 222 4.85 -11.42 6.23
C ILE A 222 5.06 -12.82 6.78
N ASP A 223 5.65 -13.68 5.94
CA ASP A 223 5.92 -15.06 6.34
C ASP A 223 7.07 -15.09 7.35
N ALA A 224 8.12 -14.35 7.05
CA ALA A 224 9.28 -14.26 7.94
C ALA A 224 8.90 -13.54 9.23
N ALA A 225 7.99 -12.57 9.11
CA ALA A 225 7.53 -11.81 10.25
C ALA A 225 6.89 -12.73 11.28
N CYS A 226 6.15 -13.71 10.78
CA CYS A 226 5.49 -14.69 11.64
C CYS A 226 6.54 -15.62 12.25
N GLU A 227 7.61 -15.85 11.50
CA GLU A 227 8.70 -16.71 11.95
C GLU A 227 9.39 -16.11 13.16
N LEU A 228 9.65 -14.81 13.10
CA LEU A 228 10.30 -14.12 14.20
C LEU A 228 9.49 -14.23 15.47
N VAL A 229 8.17 -14.17 15.32
CA VAL A 229 7.27 -14.26 16.47
C VAL A 229 7.41 -15.61 17.18
N ARG A 230 7.42 -16.67 16.41
CA ARG A 230 7.54 -18.02 16.95
C ARG A 230 8.97 -18.29 17.40
N SER A 231 9.92 -17.65 16.73
CA SER A 231 11.33 -17.83 17.07
C SER A 231 11.70 -17.10 18.35
N ARG A 232 11.18 -15.89 18.50
CA ARG A 232 11.46 -15.09 19.69
C ARG A 232 10.51 -15.43 20.82
N GLY A 233 9.26 -14.97 20.71
CA GLY A 233 8.29 -15.25 21.74
C GLY A 233 7.12 -14.28 21.73
N ILE A 234 7.41 -12.99 21.85
CA ILE A 234 6.37 -11.97 21.86
C ILE A 234 5.26 -12.31 20.87
N PRO A 235 4.17 -12.89 21.38
CA PRO A 235 3.01 -13.28 20.57
C PRO A 235 2.22 -12.08 20.05
N GLY A 236 1.36 -12.33 19.06
CA GLY A 236 0.55 -11.25 18.50
C GLY A 236 1.34 -10.35 17.57
N GLU A 237 2.57 -10.75 17.26
CA GLU A 237 3.43 -9.96 16.38
C GLU A 237 2.93 -10.01 14.94
N GLN A 238 1.83 -10.72 14.71
CA GLN A 238 1.25 -10.82 13.39
C GLN A 238 0.05 -9.89 13.28
N VAL A 239 -1.06 -10.32 13.85
CA VAL A 239 -2.27 -9.55 13.86
C VAL A 239 -2.83 -9.38 12.46
N PHE A 240 -2.31 -8.40 11.76
CA PHE A 240 -2.78 -8.11 10.39
C PHE A 240 -1.69 -8.34 9.34
N PHE A 241 -2.03 -9.13 8.31
CA PHE A 241 -1.10 -9.42 7.22
C PHE A 241 -1.73 -9.25 5.83
N GLU A 242 -1.01 -8.56 4.95
CA GLU A 242 -1.47 -8.32 3.58
C GLU A 242 -0.34 -8.63 2.58
N LYS A 243 -0.69 -9.08 1.37
CA LYS A 243 0.32 -9.42 0.35
C LYS A 243 0.06 -8.72 -0.98
N PHE A 244 0.88 -7.70 -1.29
CA PHE A 244 0.76 -6.95 -2.54
C PHE A 244 2.16 -6.65 -3.14
N LEU A 245 2.26 -6.64 -4.47
CA LEU A 245 3.54 -6.35 -5.13
C LEU A 245 4.59 -7.43 -4.85
N PRO A 246 5.70 -7.41 -5.60
CA PRO A 246 6.80 -8.36 -5.45
C PRO A 246 7.84 -7.90 -4.42
N SER A 247 9.01 -7.48 -4.89
CA SER A 247 10.08 -7.02 -4.01
C SER A 247 9.50 -6.27 -2.83
N GLY A 248 10.03 -6.56 -1.64
CA GLY A 248 9.55 -5.92 -0.44
C GLY A 248 9.16 -6.96 0.59
N ALA A 249 9.01 -8.20 0.11
CA ALA A 249 8.64 -9.33 0.95
C ALA A 249 9.82 -10.26 1.19
N ALA A 250 10.20 -10.42 2.45
CA ALA A 250 11.31 -11.29 2.80
C ALA A 250 11.17 -12.66 2.16
PA FDA B . 3.81 -5.43 -13.99
O1A FDA B . 3.77 -6.11 -15.30
O2A FDA B . 3.78 -4.09 -14.02
O5B FDA B . 5.10 -6.06 -13.49
C5B FDA B . 6.02 -5.30 -12.62
C4B FDA B . 7.51 -5.63 -12.90
O4B FDA B . 8.21 -4.38 -12.59
C3B FDA B . 8.25 -6.65 -12.01
O3B FDA B . 8.08 -7.99 -12.34
C2B FDA B . 9.69 -6.16 -12.06
O2B FDA B . 10.45 -6.84 -13.02
C1B FDA B . 9.62 -4.68 -12.37
N9A FDA B . 9.99 -3.78 -11.29
C8A FDA B . 9.22 -3.44 -10.21
N7A FDA B . 9.82 -2.60 -9.37
C5A FDA B . 11.03 -2.37 -9.92
C6A FDA B . 12.17 -1.52 -9.50
N6A FDA B . 12.18 -0.80 -8.39
N1A FDA B . 13.27 -1.54 -10.33
C2A FDA B . 13.32 -2.28 -11.48
N3A FDA B . 12.33 -3.08 -11.94
C4A FDA B . 11.20 -3.09 -11.14
N1 FDA B . -0.09 -4.31 -6.72
C2 FDA B . 0.67 -3.21 -6.70
O2 FDA B . 1.50 -3.01 -7.51
N3 FDA B . 0.52 -2.23 -5.68
C4 FDA B . -0.43 -2.35 -4.67
O4 FDA B . -0.52 -1.48 -3.83
C4X FDA B . -1.26 -3.55 -4.67
N5 FDA B . -2.18 -3.73 -3.70
C5X FDA B . -2.95 -4.89 -3.71
C6 FDA B . -3.89 -5.07 -2.65
C7 FDA B . -4.71 -6.19 -2.58
C7M FDA B . -5.67 -6.33 -1.44
C8 FDA B . -4.60 -7.25 -3.61
C8M FDA B . -5.45 -8.50 -3.59
C9 FDA B . -3.67 -7.11 -4.66
C9A FDA B . -2.84 -5.93 -4.72
N10 FDA B . -1.85 -5.68 -5.76
C10 FDA B . -1.05 -4.53 -5.76
C1' FDA B . -1.70 -6.70 -6.81
C2' FDA B . -2.42 -6.17 -8.05
O2' FDA B . -2.89 -7.28 -8.80
C3' FDA B . -1.53 -5.34 -8.91
O3' FDA B . -2.27 -4.58 -9.82
C4' FDA B . -0.57 -6.21 -9.66
O4' FDA B . 0.14 -7.15 -8.84
C5' FDA B . 0.36 -5.33 -10.37
O5' FDA B . 1.27 -6.21 -11.31
P FDA B . 1.27 -5.83 -12.73
O1P FDA B . 0.17 -6.77 -13.28
O2P FDA B . 1.03 -4.48 -12.90
O3P FDA B . 2.63 -6.12 -13.18
H51A FDA B . 5.80 -5.59 -11.57
H52A FDA B . 5.84 -4.22 -12.72
H4B FDA B . 7.55 -6.07 -13.90
H3B FDA B . 7.84 -6.69 -11.00
HO3A FDA B . 8.65 -8.22 -13.13
H2B FDA B . 10.21 -6.36 -11.11
HO2A FDA B . 11.38 -6.96 -12.69
H1B FDA B . 10.33 -4.54 -13.19
H8A FDA B . 8.20 -3.84 -10.05
H61A FDA B . 11.37 -0.80 -7.79
H62A FDA B . 12.99 -0.25 -8.16
H2A FDA B . 14.24 -2.22 -12.07
HN1 FDA B . 0.03 -4.98 -7.45
HN3 FDA B . 1.10 -1.42 -5.69
HN5 FDA B . -2.30 -3.05 -2.98
H6 FDA B . -3.97 -4.29 -1.87
HM71 FDA B . -5.13 -6.68 -0.55
HM72 FDA B . -6.44 -7.06 -1.70
HM73 FDA B . -6.14 -5.35 -1.24
HM81 FDA B . -4.81 -9.37 -3.37
HM82 FDA B . -5.92 -8.62 -4.57
HM83 FDA B . -6.23 -8.40 -2.81
H9 FDA B . -3.57 -7.88 -5.44
H1'1 FDA B . -2.20 -7.64 -6.48
H1'2 FDA B . -0.64 -6.94 -7.02
H2' FDA B . -3.25 -5.54 -7.71
HO2' FDA B . -3.77 -7.58 -8.43
H3' FDA B . -0.99 -4.63 -8.26
HO3' FDA B . -3.23 -4.83 -9.76
H4' FDA B . -1.16 -6.83 -10.37
HO4' FDA B . 0.53 -7.87 -9.41
H5'1 FDA B . 1.00 -4.83 -9.62
H5'2 FDA B . -0.18 -4.56 -10.95
N CYS A 1 -35.37 5.96 -18.85
CA CYS A 1 -34.22 5.08 -18.60
C CYS A 1 -34.68 3.63 -18.46
N ARG A 2 -34.01 2.74 -19.17
CA ARG A 2 -34.34 1.32 -19.13
C ARG A 2 -33.18 0.50 -18.56
N ILE A 3 -32.09 1.18 -18.21
CA ILE A 3 -30.93 0.51 -17.66
C ILE A 3 -31.13 0.16 -16.18
N SER A 4 -31.37 -1.11 -15.91
CA SER A 4 -31.58 -1.57 -14.54
C SER A 4 -30.34 -1.32 -13.68
N PHE A 5 -30.54 -1.23 -12.38
CA PHE A 5 -29.44 -0.99 -11.45
C PHE A 5 -28.49 -2.18 -11.41
N GLY A 6 -27.20 -1.89 -11.39
CA GLY A 6 -26.20 -2.95 -11.35
C GLY A 6 -24.91 -2.52 -10.70
N GLU A 7 -25.02 -1.67 -9.68
CA GLU A 7 -23.85 -1.18 -8.96
C GLU A 7 -23.64 -1.96 -7.67
N VAL A 8 -22.65 -2.85 -7.68
CA VAL A 8 -22.35 -3.67 -6.52
C VAL A 8 -20.90 -3.47 -6.07
N GLY A 9 -20.74 -2.66 -5.04
CA GLY A 9 -19.40 -2.39 -4.51
C GLY A 9 -18.44 -1.92 -5.58
N SER A 10 -19.01 -1.42 -6.67
CA SER A 10 -18.21 -0.92 -7.79
C SER A 10 -18.48 0.56 -8.02
N PHE A 11 -17.50 1.26 -8.58
CA PHE A 11 -17.62 2.68 -8.85
C PHE A 11 -17.16 3.01 -10.27
N GLU A 12 -17.52 4.20 -10.74
CA GLU A 12 -17.14 4.64 -12.08
C GLU A 12 -16.01 5.67 -12.02
N ALA A 13 -14.91 5.38 -12.71
CA ALA A 13 -13.77 6.27 -12.72
C ALA A 13 -13.43 6.72 -14.14
N GLU A 14 -12.81 7.88 -14.26
CA GLU A 14 -12.42 8.39 -15.56
C GLU A 14 -10.91 8.56 -15.63
N VAL A 15 -10.27 7.81 -16.52
CA VAL A 15 -8.83 7.86 -16.65
C VAL A 15 -8.38 9.17 -17.28
N VAL A 16 -7.47 9.86 -16.60
CA VAL A 16 -6.95 11.14 -17.08
C VAL A 16 -5.48 11.28 -16.70
N GLY A 17 -4.87 10.16 -16.35
CA GLY A 17 -3.47 10.17 -15.96
C GLY A 17 -2.71 8.97 -16.48
N LEU A 18 -1.91 8.39 -15.60
CA LEU A 18 -1.10 7.22 -15.94
C LEU A 18 0.28 7.64 -16.41
N ASN A 19 1.07 8.14 -15.49
CA ASN A 19 2.41 8.60 -15.78
C ASN A 19 3.44 7.69 -15.15
N TRP A 20 4.58 7.54 -15.80
CA TRP A 20 5.65 6.75 -15.24
C TRP A 20 6.53 7.65 -14.38
N VAL A 21 6.55 7.39 -13.07
CA VAL A 21 7.33 8.20 -12.16
C VAL A 21 8.72 7.62 -12.03
N SER A 22 8.80 6.32 -12.21
CA SER A 22 10.06 5.62 -12.11
C SER A 22 10.21 4.58 -13.23
N SER A 23 11.37 3.92 -13.25
CA SER A 23 11.65 2.91 -14.27
C SER A 23 10.53 1.89 -14.35
N ASN A 24 10.27 1.23 -13.23
CA ASN A 24 9.22 0.22 -13.16
C ASN A 24 8.14 0.64 -12.17
N THR A 25 7.75 1.91 -12.25
CA THR A 25 6.72 2.44 -11.36
C THR A 25 5.87 3.48 -12.07
N VAL A 26 4.57 3.41 -11.85
CA VAL A 26 3.65 4.34 -12.49
C VAL A 26 2.55 4.77 -11.53
N GLN A 27 2.14 6.03 -11.65
CA GLN A 27 1.08 6.58 -10.81
C GLN A 27 -0.13 6.96 -11.66
N PHE A 28 -1.16 6.12 -11.63
CA PHE A 28 -2.36 6.36 -12.42
C PHE A 28 -3.38 7.15 -11.59
N LEU A 29 -3.76 8.32 -12.10
CA LEU A 29 -4.73 9.15 -11.42
C LEU A 29 -6.10 9.02 -12.08
N LEU A 30 -7.06 8.50 -11.32
CA LEU A 30 -8.42 8.33 -11.84
C LEU A 30 -9.38 9.26 -11.13
N GLN A 31 -10.22 9.92 -11.92
CA GLN A 31 -11.21 10.85 -11.38
C GLN A 31 -12.51 10.76 -12.16
N LYS A 32 -13.62 10.61 -11.45
CA LYS A 32 -14.93 10.51 -12.08
C LYS A 32 -16.00 11.02 -11.12
N ARG A 33 -16.66 10.09 -10.43
CA ARG A 33 -17.70 10.47 -9.46
C ARG A 33 -17.28 11.75 -8.74
N PRO A 34 -17.79 12.89 -9.21
CA PRO A 34 -17.45 14.21 -8.65
C PRO A 34 -18.02 14.50 -7.26
N ASP A 35 -17.25 14.15 -6.22
CA ASP A 35 -17.66 14.44 -4.85
C ASP A 35 -16.79 15.55 -4.31
N GLU A 36 -15.54 15.49 -4.74
CA GLU A 36 -14.51 16.46 -4.39
C GLU A 36 -13.26 16.12 -5.21
N CYS A 37 -13.00 14.82 -5.35
CA CYS A 37 -11.86 14.35 -6.11
C CYS A 37 -12.34 13.53 -7.31
N GLY A 38 -13.18 12.52 -7.04
CA GLY A 38 -13.70 11.69 -8.11
C GLY A 38 -14.12 10.30 -7.68
N ASN A 39 -14.96 10.20 -6.65
CA ASN A 39 -15.42 8.90 -6.16
C ASN A 39 -16.86 8.93 -5.68
N ARG A 40 -17.51 10.05 -5.87
CA ARG A 40 -18.88 10.22 -5.43
C ARG A 40 -18.91 10.50 -3.94
N GLY A 41 -17.75 10.42 -3.30
CA GLY A 41 -17.67 10.68 -1.89
C GLY A 41 -17.22 9.46 -1.10
N VAL A 42 -15.95 9.46 -0.71
CA VAL A 42 -15.38 8.36 0.04
C VAL A 42 -15.44 8.64 1.55
N LYS A 43 -15.26 7.58 2.35
CA LYS A 43 -15.28 7.70 3.81
C LYS A 43 -14.73 6.44 4.50
N PHE A 44 -13.92 5.68 3.77
CA PHE A 44 -13.32 4.46 4.31
C PHE A 44 -11.84 4.70 4.64
N GLU A 45 -11.11 3.63 4.94
CA GLU A 45 -9.70 3.76 5.27
C GLU A 45 -8.83 3.24 4.13
N PRO A 46 -7.84 4.04 3.71
CA PRO A 46 -6.92 3.66 2.63
C PRO A 46 -6.50 2.20 2.72
N GLY A 47 -6.58 1.63 3.92
CA GLY A 47 -6.21 0.25 4.11
C GLY A 47 -6.90 -0.66 3.12
N GLN A 48 -8.15 -0.32 2.77
CA GLN A 48 -8.92 -1.11 1.83
C GLN A 48 -8.33 -1.02 0.42
N PHE A 49 -8.66 -2.00 -0.41
CA PHE A 49 -8.16 -2.04 -1.78
C PHE A 49 -9.33 -2.17 -2.76
N MET A 50 -9.06 -1.88 -4.04
CA MET A 50 -10.10 -1.96 -5.06
C MET A 50 -9.82 -3.05 -6.08
N ASP A 51 -10.89 -3.71 -6.52
CA ASP A 51 -10.79 -4.77 -7.52
C ASP A 51 -11.13 -4.20 -8.89
N LEU A 52 -10.11 -4.05 -9.73
CA LEU A 52 -10.30 -3.48 -11.05
C LEU A 52 -9.32 -4.07 -12.05
N THR A 53 -9.67 -4.00 -13.33
CA THR A 53 -8.82 -4.51 -14.37
C THR A 53 -7.94 -3.39 -14.91
N ILE A 54 -6.76 -3.74 -15.40
CA ILE A 54 -5.83 -2.73 -15.92
C ILE A 54 -6.60 -1.56 -16.53
N PRO A 55 -7.34 -1.76 -17.65
CA PRO A 55 -8.12 -0.73 -18.29
C PRO A 55 -9.61 -0.93 -18.05
N GLY A 56 -9.95 -1.93 -17.24
CA GLY A 56 -11.35 -2.23 -16.97
C GLY A 56 -11.81 -3.50 -17.67
N THR A 57 -10.91 -4.09 -18.45
CA THR A 57 -11.19 -5.32 -19.20
C THR A 57 -12.32 -6.12 -18.57
N ASP A 58 -11.94 -6.99 -17.64
CA ASP A 58 -12.91 -7.83 -16.94
C ASP A 58 -12.24 -8.69 -15.89
N VAL A 59 -10.98 -9.02 -16.11
CA VAL A 59 -10.23 -9.85 -15.18
C VAL A 59 -8.74 -9.47 -15.16
N SER A 60 -8.31 -8.86 -14.06
CA SER A 60 -6.91 -8.45 -13.91
C SER A 60 -6.45 -8.64 -12.48
N ARG A 61 -6.85 -7.73 -11.61
CA ARG A 61 -6.46 -7.81 -10.20
C ARG A 61 -6.84 -6.56 -9.43
N SER A 62 -7.01 -6.71 -8.12
CA SER A 62 -7.35 -5.59 -7.25
C SER A 62 -6.10 -4.91 -6.74
N TYR A 63 -6.05 -3.59 -6.83
CA TYR A 63 -4.90 -2.83 -6.38
C TYR A 63 -5.29 -1.82 -5.31
N SER A 64 -4.70 -1.97 -4.13
CA SER A 64 -4.95 -1.06 -3.03
C SER A 64 -4.54 0.36 -3.44
N PRO A 65 -5.52 1.22 -3.77
CA PRO A 65 -5.25 2.58 -4.21
C PRO A 65 -5.51 3.64 -3.15
N ALA A 66 -5.32 4.89 -3.52
CA ALA A 66 -5.56 6.01 -2.63
C ALA A 66 -7.03 6.41 -2.73
N ASN A 67 -7.52 7.24 -1.80
CA ASN A 67 -8.93 7.64 -1.79
C ASN A 67 -9.71 6.64 -0.93
N LEU A 68 -10.30 7.11 0.16
CA LEU A 68 -11.06 6.23 1.02
C LEU A 68 -11.89 7.04 2.02
N PRO A 69 -11.26 7.77 2.95
CA PRO A 69 -11.97 8.55 3.93
C PRO A 69 -12.07 10.03 3.58
N ASN A 70 -12.93 10.36 2.63
CA ASN A 70 -13.12 11.73 2.20
C ASN A 70 -14.14 11.82 1.08
N PRO A 71 -15.18 12.65 1.26
CA PRO A 71 -16.23 12.82 0.26
C PRO A 71 -15.68 13.43 -1.03
N GLU A 72 -14.68 12.77 -1.61
CA GLU A 72 -14.07 13.25 -2.83
C GLU A 72 -13.86 12.11 -3.82
N GLY A 73 -12.79 11.34 -3.65
CA GLY A 73 -12.53 10.23 -4.56
C GLY A 73 -11.15 10.24 -5.17
N ARG A 74 -10.23 11.03 -4.62
CA ARG A 74 -8.88 11.10 -5.15
C ARG A 74 -8.21 9.74 -5.05
N LEU A 75 -8.44 8.90 -6.05
CA LEU A 75 -7.86 7.58 -6.08
C LEU A 75 -6.58 7.55 -6.89
N GLU A 76 -5.54 7.01 -6.28
CA GLU A 76 -4.23 6.91 -6.92
C GLU A 76 -3.65 5.51 -6.74
N PHE A 77 -3.00 5.00 -7.78
CA PHE A 77 -2.38 3.69 -7.69
C PHE A 77 -0.96 3.71 -8.24
N LEU A 78 -0.04 3.12 -7.47
CA LEU A 78 1.35 3.04 -7.87
C LEU A 78 1.67 1.62 -8.27
N ILE A 79 1.40 1.30 -9.53
CA ILE A 79 1.64 -0.04 -10.05
C ILE A 79 3.04 -0.13 -10.63
N ARG A 80 3.87 -0.98 -10.02
CA ARG A 80 5.23 -1.15 -10.50
C ARG A 80 5.25 -2.02 -11.74
N VAL A 81 5.27 -1.37 -12.90
CA VAL A 81 5.25 -2.03 -14.19
C VAL A 81 6.67 -2.33 -14.67
N LEU A 82 6.84 -3.50 -15.29
CA LEU A 82 8.14 -3.90 -15.81
C LEU A 82 8.48 -3.13 -17.08
N PRO A 83 9.74 -3.25 -17.55
CA PRO A 83 10.20 -2.56 -18.76
C PRO A 83 9.41 -3.00 -20.00
N GLU A 84 8.12 -2.70 -20.01
CA GLU A 84 7.26 -3.05 -21.13
C GLU A 84 7.41 -4.53 -21.49
N GLY A 85 6.40 -5.32 -21.16
CA GLY A 85 6.45 -6.74 -21.46
C GLY A 85 5.18 -7.47 -21.05
N ARG A 86 4.59 -7.03 -19.94
CA ARG A 86 3.37 -7.65 -19.43
C ARG A 86 2.32 -6.60 -19.06
N PHE A 87 2.47 -6.02 -17.86
CA PHE A 87 1.54 -5.01 -17.39
C PHE A 87 1.76 -3.68 -18.10
N SER A 88 3.02 -3.29 -18.23
CA SER A 88 3.37 -2.03 -18.88
C SER A 88 3.06 -2.06 -20.37
N ASP A 89 3.01 -3.27 -20.94
CA ASP A 89 2.73 -3.43 -22.36
C ASP A 89 1.25 -3.22 -22.60
N TYR A 90 0.45 -3.84 -21.75
CA TYR A 90 -0.99 -3.74 -21.82
C TYR A 90 -1.46 -2.38 -21.33
N LEU A 91 -0.62 -1.74 -20.52
CA LEU A 91 -0.94 -0.43 -19.97
C LEU A 91 -1.02 0.63 -21.06
N ARG A 92 0.01 0.67 -21.92
CA ARG A 92 0.05 1.64 -23.00
C ARG A 92 -0.52 1.07 -24.30
N ASN A 93 -0.60 -0.26 -24.38
CA ASN A 93 -1.11 -0.90 -25.58
C ASN A 93 -2.61 -1.21 -25.44
N ASP A 94 -3.17 -0.90 -24.28
CA ASP A 94 -4.59 -1.16 -24.05
C ASP A 94 -5.05 -0.63 -22.70
N ALA A 95 -4.42 0.45 -22.22
CA ALA A 95 -4.78 1.04 -20.94
C ALA A 95 -4.51 2.53 -20.92
N ARG A 96 -4.52 3.14 -22.09
CA ARG A 96 -4.27 4.57 -22.22
C ARG A 96 -5.23 5.36 -21.34
N VAL A 97 -5.24 6.68 -21.51
CA VAL A 97 -6.09 7.55 -20.75
C VAL A 97 -7.36 7.89 -21.53
N GLY A 98 -7.76 9.16 -21.48
CA GLY A 98 -8.95 9.60 -22.19
C GLY A 98 -10.02 8.51 -22.29
N GLN A 99 -10.40 7.96 -21.15
CA GLN A 99 -11.40 6.91 -21.11
C GLN A 99 -12.02 6.78 -19.71
N VAL A 100 -12.81 5.73 -19.52
CA VAL A 100 -13.46 5.47 -18.24
C VAL A 100 -13.19 4.03 -17.81
N LEU A 101 -13.01 3.81 -16.51
CA LEU A 101 -12.73 2.48 -16.02
C LEU A 101 -13.67 2.10 -14.88
N SER A 102 -13.88 0.79 -14.71
CA SER A 102 -14.73 0.29 -13.64
C SER A 102 -13.87 -0.18 -12.49
N VAL A 103 -14.06 0.44 -11.32
CA VAL A 103 -13.28 0.09 -10.14
C VAL A 103 -14.18 -0.53 -9.09
N LYS A 104 -13.68 -1.52 -8.37
CA LYS A 104 -14.45 -2.15 -7.34
C LYS A 104 -13.65 -2.18 -6.06
N GLY A 105 -14.31 -2.51 -4.97
CA GLY A 105 -13.62 -2.58 -3.69
C GLY A 105 -14.25 -3.53 -2.71
N PRO A 106 -14.53 -4.77 -3.12
CA PRO A 106 -15.12 -5.78 -2.26
C PRO A 106 -14.04 -6.53 -1.47
N LEU A 107 -12.92 -5.85 -1.23
CA LEU A 107 -11.81 -6.44 -0.52
C LEU A 107 -11.89 -6.27 0.98
N GLY A 108 -10.97 -6.93 1.66
CA GLY A 108 -10.87 -6.88 3.10
C GLY A 108 -9.64 -6.10 3.53
N VAL A 109 -9.47 -5.86 4.81
CA VAL A 109 -8.30 -5.13 5.27
C VAL A 109 -7.35 -6.05 6.01
N PHE A 110 -6.24 -6.34 5.34
CA PHE A 110 -5.20 -7.19 5.88
C PHE A 110 -3.86 -6.46 5.91
N GLY A 111 -3.33 -6.20 7.10
CA GLY A 111 -2.06 -5.50 7.19
C GLY A 111 -2.06 -4.45 8.26
N LEU A 112 -2.57 -3.26 7.94
CA LEU A 112 -2.62 -2.17 8.90
C LEU A 112 -3.96 -2.11 9.60
N LYS A 113 -3.93 -2.28 10.92
CA LYS A 113 -5.15 -2.24 11.72
C LYS A 113 -4.90 -1.48 13.02
N GLU A 114 -5.55 -0.33 13.16
CA GLU A 114 -5.40 0.50 14.35
C GLU A 114 -6.67 0.41 15.21
N ARG A 115 -6.48 0.37 16.53
CA ARG A 115 -7.60 0.30 17.46
C ARG A 115 -7.82 1.63 18.16
N GLY A 116 -7.15 2.66 17.65
CA GLY A 116 -7.27 3.99 18.23
C GLY A 116 -5.91 4.61 18.51
N MET A 117 -5.41 4.38 19.71
CA MET A 117 -4.11 4.90 20.11
C MET A 117 -3.24 3.80 20.71
N ALA A 118 -2.47 3.13 19.88
CA ALA A 118 -1.59 2.06 20.34
C ALA A 118 -0.33 1.96 19.48
N PRO A 119 0.80 1.57 20.09
CA PRO A 119 2.07 1.42 19.39
C PRO A 119 2.03 0.31 18.36
N ARG A 120 2.06 0.69 17.08
CA ARG A 120 2.02 -0.28 15.99
C ARG A 120 3.04 0.07 14.91
N TYR A 121 3.61 -0.94 14.25
CA TYR A 121 4.57 -0.69 13.21
C TYR A 121 4.05 -1.18 11.87
N PHE A 122 3.97 -0.26 10.92
CA PHE A 122 3.47 -0.58 9.59
C PHE A 122 4.63 -0.62 8.60
N VAL A 123 4.97 -1.81 8.16
CA VAL A 123 6.06 -2.00 7.22
C VAL A 123 5.55 -2.14 5.81
N ALA A 124 5.84 -1.13 4.99
CA ALA A 124 5.44 -1.15 3.60
C ALA A 124 6.65 -1.53 2.74
N GLY A 125 6.44 -2.45 1.82
CA GLY A 125 7.52 -2.87 0.95
C GLY A 125 7.25 -2.52 -0.48
N GLY A 126 7.91 -1.47 -0.95
CA GLY A 126 7.69 -1.03 -2.32
C GLY A 126 7.08 0.35 -2.40
N THR A 127 6.40 0.64 -3.50
CA THR A 127 5.74 1.93 -3.67
C THR A 127 4.23 1.79 -3.50
N GLY A 128 3.77 0.55 -3.43
CA GLY A 128 2.36 0.28 -3.25
C GLY A 128 1.80 0.77 -1.92
N LEU A 129 2.61 1.54 -1.19
CA LEU A 129 2.21 2.06 0.10
C LEU A 129 1.33 3.30 -0.08
N ALA A 130 1.00 3.62 -1.33
CA ALA A 130 0.18 4.80 -1.59
C ALA A 130 -1.01 4.85 -0.65
N PRO A 131 -1.71 3.72 -0.48
CA PRO A 131 -2.85 3.63 0.42
C PRO A 131 -2.40 3.44 1.87
N VAL A 132 -1.25 2.81 2.03
CA VAL A 132 -0.67 2.57 3.35
C VAL A 132 -0.34 3.90 4.03
N VAL A 133 0.40 4.74 3.34
CA VAL A 133 0.78 6.04 3.88
C VAL A 133 -0.47 6.89 4.15
N SER A 134 -1.46 6.76 3.28
CA SER A 134 -2.70 7.52 3.44
C SER A 134 -3.40 7.11 4.74
N MET A 135 -3.56 5.81 4.95
CA MET A 135 -4.19 5.30 6.15
C MET A 135 -3.39 5.69 7.40
N VAL A 136 -2.06 5.68 7.26
CA VAL A 136 -1.18 6.03 8.38
C VAL A 136 -1.33 7.49 8.77
N ARG A 137 -1.18 8.38 7.79
CA ARG A 137 -1.29 9.82 8.03
C ARG A 137 -2.70 10.17 8.49
N GLN A 138 -3.68 9.42 8.00
CA GLN A 138 -5.08 9.65 8.35
C GLN A 138 -5.33 9.32 9.83
N MET A 139 -4.68 8.28 10.33
CA MET A 139 -4.84 7.88 11.72
C MET A 139 -4.35 8.97 12.67
N GLN A 140 -3.20 9.55 12.35
CA GLN A 140 -2.62 10.60 13.17
C GLN A 140 -3.39 11.91 13.03
N GLU A 141 -3.90 12.16 11.82
CA GLU A 141 -4.67 13.37 11.56
C GLU A 141 -6.11 13.22 12.06
N TRP A 142 -6.48 11.99 12.39
CA TRP A 142 -7.82 11.71 12.87
C TRP A 142 -7.88 11.76 14.39
N THR A 143 -7.53 10.64 15.01
CA THR A 143 -7.57 10.52 16.45
C THR A 143 -6.59 9.45 16.91
N ALA A 144 -5.63 9.13 16.04
CA ALA A 144 -4.63 8.12 16.35
C ALA A 144 -3.22 8.67 16.18
N PRO A 145 -2.98 9.89 16.70
CA PRO A 145 -1.67 10.53 16.62
C PRO A 145 -0.68 9.92 17.62
N ASN A 146 -1.11 8.87 18.30
CA ASN A 146 -0.27 8.19 19.28
C ASN A 146 1.03 7.70 18.66
N GLU A 147 1.66 6.72 19.32
CA GLU A 147 2.91 6.15 18.83
C GLU A 147 2.68 5.24 17.64
N THR A 148 3.02 5.75 16.46
CA THR A 148 2.88 4.99 15.22
C THR A 148 4.23 4.79 14.57
N ARG A 149 4.65 3.56 14.44
CA ARG A 149 5.93 3.25 13.82
C ARG A 149 5.74 2.80 12.39
N ILE A 150 6.68 3.15 11.54
CA ILE A 150 6.61 2.80 10.13
C ILE A 150 7.93 2.23 9.61
N TYR A 151 7.82 1.14 8.88
CA TYR A 151 8.98 0.49 8.29
C TYR A 151 8.91 0.61 6.76
N PHE A 152 9.80 1.41 6.18
CA PHE A 152 9.80 1.63 4.73
C PHE A 152 11.04 1.04 4.08
N GLY A 153 10.84 0.18 3.05
CA GLY A 153 11.97 -0.42 2.38
C GLY A 153 11.66 -0.84 0.98
N VAL A 154 12.69 -0.86 0.13
CA VAL A 154 12.49 -1.22 -1.26
C VAL A 154 13.80 -1.54 -1.99
N ASN A 155 14.18 -0.67 -2.96
CA ASN A 155 15.38 -0.88 -3.76
C ASN A 155 16.51 0.05 -3.36
N THR A 156 17.54 0.10 -4.21
CA THR A 156 18.70 0.97 -3.98
C THR A 156 18.29 2.26 -3.30
N GLU A 157 17.07 2.70 -3.61
CA GLU A 157 16.49 3.94 -3.05
C GLU A 157 16.48 5.07 -4.07
N PRO A 158 17.62 5.39 -4.70
CA PRO A 158 17.70 6.47 -5.69
C PRO A 158 16.57 6.38 -6.71
N GLU A 159 16.00 5.19 -6.86
CA GLU A 159 14.91 4.96 -7.79
C GLU A 159 13.57 5.27 -7.13
N LEU A 160 13.51 5.06 -5.82
CA LEU A 160 12.29 5.32 -5.05
C LEU A 160 12.27 6.76 -4.56
N PHE A 161 11.46 7.04 -3.54
CA PHE A 161 11.37 8.38 -2.97
C PHE A 161 10.32 8.46 -1.87
N TYR A 162 10.12 9.67 -1.35
CA TYR A 162 9.15 9.89 -0.28
C TYR A 162 9.71 9.49 1.09
N ILE A 163 10.96 9.05 1.10
CA ILE A 163 11.62 8.63 2.34
C ILE A 163 11.92 9.85 3.23
N ASP A 164 12.45 10.90 2.62
CA ASP A 164 12.78 12.12 3.36
C ASP A 164 11.50 12.80 3.85
N GLU A 165 10.46 12.70 3.03
CA GLU A 165 9.16 13.27 3.37
C GLU A 165 8.53 12.44 4.47
N LEU A 166 8.74 11.13 4.36
CA LEU A 166 8.23 10.19 5.34
C LEU A 166 8.82 10.52 6.71
N LYS A 167 10.05 11.02 6.69
CA LYS A 167 10.72 11.39 7.92
C LYS A 167 9.98 12.57 8.54
N SER A 168 9.53 13.48 7.68
CA SER A 168 8.77 14.63 8.15
C SER A 168 7.48 14.15 8.78
N LEU A 169 6.94 13.05 8.28
CA LEU A 169 5.72 12.50 8.83
C LEU A 169 5.97 12.08 10.27
N GLU A 170 7.18 11.55 10.52
CA GLU A 170 7.56 11.12 11.85
C GLU A 170 7.68 12.33 12.77
N ARG A 171 8.20 13.43 12.24
CA ARG A 171 8.37 14.65 13.01
C ARG A 171 7.06 15.41 13.15
N SER A 172 6.22 15.31 12.12
CA SER A 172 4.93 16.00 12.13
C SER A 172 3.92 15.33 13.04
N MET A 173 4.19 14.09 13.44
CA MET A 173 3.28 13.35 14.30
C MET A 173 3.67 13.48 15.77
N ARG A 174 3.04 12.66 16.61
CA ARG A 174 3.31 12.66 18.05
C ARG A 174 4.54 11.86 18.38
N ASN A 175 4.48 10.57 18.12
CA ASN A 175 5.60 9.69 18.40
C ASN A 175 5.75 8.63 17.31
N LEU A 176 6.18 9.08 16.14
CA LEU A 176 6.38 8.18 15.01
C LEU A 176 7.85 7.80 14.87
N THR A 177 8.09 6.61 14.32
CA THR A 177 9.44 6.12 14.12
C THR A 177 9.59 5.48 12.74
N VAL A 178 10.42 6.09 11.90
CA VAL A 178 10.64 5.58 10.55
C VAL A 178 11.84 4.65 10.50
N LYS A 179 11.68 3.51 9.82
CA LYS A 179 12.75 2.53 9.68
C LYS A 179 13.45 2.69 8.33
N ALA A 180 14.78 2.62 8.36
CA ALA A 180 15.57 2.76 7.14
C ALA A 180 15.94 1.40 6.57
N CYS A 181 15.26 1.07 5.49
CA CYS A 181 15.44 -0.20 4.79
C CYS A 181 16.42 -0.04 3.62
N VAL A 182 16.48 -1.06 2.74
CA VAL A 182 17.37 -1.01 1.61
C VAL A 182 18.81 -0.78 2.04
N TRP A 183 19.71 -1.35 1.26
CA TRP A 183 21.14 -1.29 1.51
C TRP A 183 21.86 -1.06 0.19
N HIS A 184 21.47 -1.89 -0.77
CA HIS A 184 21.99 -1.85 -2.12
C HIS A 184 21.36 -2.97 -2.95
N PRO A 185 20.01 -3.01 -3.03
CA PRO A 185 19.27 -4.02 -3.76
C PRO A 185 18.94 -3.59 -5.20
N SER A 186 17.75 -3.01 -5.40
CA SER A 186 17.30 -2.54 -6.73
C SER A 186 15.83 -2.90 -7.01
N GLY A 187 15.05 -3.17 -5.97
CA GLY A 187 13.65 -3.50 -6.15
C GLY A 187 13.40 -5.00 -6.17
N ASP A 188 14.43 -5.73 -5.80
CA ASP A 188 14.36 -7.17 -5.71
C ASP A 188 15.05 -7.58 -4.42
N TRP A 189 14.47 -7.14 -3.32
CA TRP A 189 15.06 -7.39 -2.03
C TRP A 189 14.10 -8.07 -1.06
N GLU A 190 14.50 -9.24 -0.54
CA GLU A 190 13.66 -9.96 0.41
C GLU A 190 13.89 -9.42 1.82
N GLY A 191 12.93 -8.65 2.31
CA GLY A 191 13.04 -8.08 3.63
C GLY A 191 12.71 -6.60 3.64
N GLU A 192 13.72 -5.77 3.87
CA GLU A 192 13.55 -4.33 3.90
C GLU A 192 14.90 -3.65 3.87
N GLN A 193 15.62 -3.76 4.98
CA GLN A 193 16.97 -3.19 5.10
C GLN A 193 18.01 -4.27 4.96
N GLY A 194 19.19 -3.91 4.45
CA GLY A 194 20.25 -4.89 4.28
C GLY A 194 20.27 -5.88 5.43
N SER A 195 19.83 -7.11 5.12
CA SER A 195 19.76 -8.21 6.08
C SER A 195 18.36 -8.82 6.07
N PRO A 196 18.27 -10.15 6.24
CA PRO A 196 16.98 -10.86 6.25
C PRO A 196 16.07 -10.42 7.39
N ILE A 197 15.78 -9.12 7.45
CA ILE A 197 14.91 -8.57 8.48
C ILE A 197 15.12 -9.25 9.84
N ASP A 198 16.31 -9.79 10.04
CA ASP A 198 16.67 -10.43 11.30
C ASP A 198 16.49 -9.47 12.46
N ALA A 199 16.78 -8.20 12.18
CA ALA A 199 16.68 -7.15 13.18
C ALA A 199 15.26 -7.04 13.74
N LEU A 200 14.27 -7.11 12.86
CA LEU A 200 12.88 -7.03 13.29
C LEU A 200 12.46 -8.26 14.07
N ARG A 201 13.06 -9.40 13.74
CA ARG A 201 12.74 -10.67 14.41
C ARG A 201 12.99 -10.55 15.91
N GLU A 202 14.15 -10.04 16.25
CA GLU A 202 14.53 -9.88 17.65
C GLU A 202 13.74 -8.76 18.31
N ASP A 203 13.41 -7.72 17.56
CA ASP A 203 12.64 -6.62 18.10
C ASP A 203 11.31 -7.12 18.61
N LEU A 204 10.70 -8.04 17.88
CA LEU A 204 9.44 -8.60 18.30
C LEU A 204 9.64 -9.30 19.64
N GLU A 205 10.67 -10.13 19.70
CA GLU A 205 10.99 -10.84 20.93
C GLU A 205 11.41 -9.87 22.04
N SER A 206 11.83 -8.67 21.64
CA SER A 206 12.25 -7.66 22.62
C SER A 206 11.08 -6.80 23.07
N SER A 207 10.78 -5.76 22.30
CA SER A 207 9.68 -4.86 22.62
C SER A 207 9.66 -3.68 21.66
N ASP A 208 8.78 -3.75 20.67
CA ASP A 208 8.64 -2.70 19.67
C ASP A 208 8.08 -3.28 18.38
N ALA A 209 7.08 -4.15 18.51
CA ALA A 209 6.46 -4.81 17.38
C ALA A 209 5.95 -6.18 17.80
N ASN A 210 4.66 -6.28 17.99
CA ASN A 210 4.05 -7.52 18.42
C ASN A 210 2.55 -7.37 18.61
N PRO A 211 2.13 -6.43 19.46
CA PRO A 211 0.72 -6.18 19.74
C PRO A 211 -0.04 -5.98 18.43
N ASP A 212 0.42 -5.02 17.65
CA ASP A 212 -0.18 -4.72 16.36
C ASP A 212 0.94 -4.59 15.33
N ILE A 213 1.02 -5.56 14.44
CA ILE A 213 2.03 -5.54 13.41
C ILE A 213 1.35 -5.45 12.06
N TYR A 214 1.76 -4.48 11.28
CA TYR A 214 1.17 -4.29 9.99
C TYR A 214 2.21 -4.46 8.90
N LEU A 215 1.89 -5.33 7.97
CA LEU A 215 2.79 -5.62 6.86
C LEU A 215 2.11 -5.43 5.52
N CYS A 216 2.61 -4.49 4.73
CA CYS A 216 2.05 -4.22 3.41
C CYS A 216 3.15 -4.34 2.35
N GLY A 217 3.11 -5.40 1.56
CA GLY A 217 4.11 -5.57 0.53
C GLY A 217 4.10 -6.94 -0.10
N PRO A 218 5.06 -7.22 -1.00
CA PRO A 218 5.17 -8.49 -1.70
C PRO A 218 4.84 -9.69 -0.81
N PRO A 219 4.68 -10.87 -1.43
CA PRO A 219 4.37 -12.10 -0.70
C PRO A 219 5.59 -12.66 0.03
N GLY A 220 6.78 -12.37 -0.51
CA GLY A 220 8.01 -12.83 0.11
C GLY A 220 8.43 -11.96 1.26
N MET A 221 8.42 -10.64 1.05
CA MET A 221 8.79 -9.73 2.11
C MET A 221 7.90 -9.99 3.31
N ILE A 222 6.66 -10.33 3.01
CA ILE A 222 5.67 -10.66 4.03
C ILE A 222 5.91 -12.07 4.56
N ASP A 223 6.36 -12.95 3.68
CA ASP A 223 6.63 -14.34 4.05
C ASP A 223 7.81 -14.43 5.00
N ALA A 224 8.90 -13.75 4.68
CA ALA A 224 10.09 -13.75 5.52
C ALA A 224 9.78 -13.19 6.91
N ALA A 225 9.09 -12.06 6.93
CA ALA A 225 8.72 -11.41 8.19
C ALA A 225 7.69 -12.26 8.94
N CYS A 226 6.85 -12.96 8.17
CA CYS A 226 5.83 -13.81 8.76
C CYS A 226 6.48 -15.04 9.41
N GLU A 227 7.59 -15.47 8.85
CA GLU A 227 8.32 -16.62 9.37
C GLU A 227 8.89 -16.32 10.74
N LEU A 228 9.48 -15.13 10.90
CA LEU A 228 10.06 -14.75 12.17
C LEU A 228 9.01 -14.72 13.27
N VAL A 229 7.82 -14.23 12.92
CA VAL A 229 6.74 -14.14 13.88
C VAL A 229 6.27 -15.52 14.32
N ARG A 230 6.18 -16.43 13.36
CA ARG A 230 5.76 -17.80 13.63
C ARG A 230 6.86 -18.58 14.36
N SER A 231 8.11 -18.23 14.09
CA SER A 231 9.24 -18.91 14.72
C SER A 231 9.62 -18.30 16.06
N ARG A 232 9.38 -17.00 16.20
CA ARG A 232 9.72 -16.29 17.43
C ARG A 232 8.76 -16.65 18.56
N GLY A 233 7.50 -16.25 18.40
CA GLY A 233 6.50 -16.52 19.42
C GLY A 233 5.86 -15.24 19.93
N ILE A 234 6.15 -14.14 19.24
CA ILE A 234 5.61 -12.84 19.62
C ILE A 234 4.20 -12.58 19.07
N PRO A 235 3.73 -13.31 18.04
CA PRO A 235 2.40 -13.09 17.48
C PRO A 235 1.36 -12.83 18.56
N GLY A 236 0.77 -11.63 18.53
CA GLY A 236 -0.23 -11.27 19.52
C GLY A 236 -1.65 -11.50 19.03
N GLU A 237 -2.41 -10.41 18.91
CA GLU A 237 -3.80 -10.50 18.46
C GLU A 237 -4.07 -9.51 17.34
N GLN A 238 -3.41 -8.36 17.37
CA GLN A 238 -3.61 -7.34 16.35
C GLN A 238 -2.49 -7.39 15.30
N VAL A 239 -1.95 -8.57 15.08
CA VAL A 239 -0.89 -8.75 14.10
C VAL A 239 -1.47 -9.17 12.76
N PHE A 240 -1.04 -8.49 11.71
CA PHE A 240 -1.57 -8.77 10.37
C PHE A 240 -0.52 -8.58 9.26
N PHE A 241 -0.70 -9.32 8.17
CA PHE A 241 0.22 -9.25 7.03
C PHE A 241 -0.56 -9.09 5.72
N GLU A 242 0.06 -8.43 4.73
CA GLU A 242 -0.56 -8.19 3.42
C GLU A 242 0.39 -8.56 2.29
N LYS A 243 -0.17 -9.00 1.16
CA LYS A 243 0.63 -9.38 -0.01
C LYS A 243 0.32 -8.49 -1.22
N PHE A 244 1.26 -7.61 -1.55
CA PHE A 244 1.11 -6.69 -2.68
C PHE A 244 2.42 -6.61 -3.51
N LEU A 245 2.27 -6.40 -4.82
CA LEU A 245 3.39 -6.31 -5.76
C LEU A 245 4.75 -6.11 -5.09
N PRO A 246 5.78 -6.81 -5.61
CA PRO A 246 7.17 -6.74 -5.11
C PRO A 246 7.68 -5.31 -4.96
N SER A 247 9.01 -5.15 -5.14
CA SER A 247 9.67 -3.85 -5.00
C SER A 247 10.27 -3.73 -3.61
N GLY A 248 9.77 -4.56 -2.74
CA GLY A 248 10.22 -4.62 -1.37
C GLY A 248 10.72 -5.99 -1.01
N ALA A 249 10.31 -6.97 -1.82
CA ALA A 249 10.69 -8.38 -1.66
C ALA A 249 11.66 -8.80 -2.77
N ALA A 250 12.52 -9.77 -2.49
CA ALA A 250 13.47 -10.24 -3.48
C ALA A 250 12.91 -11.44 -4.26
PA FDA B . 4.30 -5.96 -13.56
O1A FDA B . 4.11 -6.22 -15.01
O2A FDA B . 3.95 -4.73 -13.13
O5B FDA B . 5.78 -6.28 -13.50
C5B FDA B . 6.70 -5.43 -12.74
C4B FDA B . 7.94 -6.25 -12.19
O4B FDA B . 9.02 -5.25 -12.16
C3B FDA B . 7.91 -6.78 -10.75
O3B FDA B . 7.24 -7.97 -10.54
C2B FDA B . 9.39 -6.80 -10.38
O2B FDA B . 9.98 -8.03 -10.68
C1B FDA B . 10.01 -5.67 -11.17
N9A FDA B . 10.26 -4.44 -10.45
C8A FDA B . 9.33 -3.66 -9.82
N7A FDA B . 9.85 -2.59 -9.24
C5A FDA B . 11.17 -2.66 -9.49
C6A FDA B . 12.31 -1.77 -9.11
N6A FDA B . 12.17 -0.67 -8.40
N1A FDA B . 13.55 -2.18 -9.56
C2A FDA B . 13.74 -3.31 -10.30
N3A FDA B . 12.77 -4.18 -10.68
C4A FDA B . 11.50 -3.81 -10.26
N1 FDA B . 0.70 -3.63 -6.72
C2 FDA B . 1.47 -2.56 -6.60
O2 FDA B . 2.34 -2.31 -7.36
N3 FDA B . 1.27 -1.63 -5.53
C4 FDA B . 0.30 -1.82 -4.56
O4 FDA B . 0.16 -0.99 -3.69
C4X FDA B . -0.53 -3.01 -4.67
N5 FDA B . -1.48 -3.26 -3.74
C5X FDA B . -2.25 -4.41 -3.84
C6 FDA B . -3.20 -4.65 -2.83
C7 FDA B . -4.03 -5.77 -2.86
C7M FDA B . -5.01 -5.98 -1.76
C8 FDA B . -3.91 -6.74 -3.96
C8M FDA B . -4.77 -7.97 -4.04
C9 FDA B . -2.95 -6.53 -4.99
C9A FDA B . -2.12 -5.36 -4.93
N10 FDA B . -1.09 -5.05 -5.92
C10 FDA B . -0.29 -3.91 -5.81
C1' FDA B . -0.94 -5.99 -7.04
C2' FDA B . -1.58 -5.35 -8.26
O2' FDA B . -2.98 -5.26 -8.02
C3' FDA B . -1.37 -6.14 -9.50
O3' FDA B . -1.46 -7.52 -9.27
C4' FDA B . -0.01 -5.81 -10.01
O4' FDA B . 0.20 -4.41 -10.20
C5' FDA B . 0.15 -6.53 -11.28
O5' FDA B . 1.66 -6.42 -11.74
P FDA B . 2.18 -7.56 -12.48
O1P FDA B . 2.07 -8.69 -11.42
O2P FDA B . 1.45 -7.79 -13.65
O3P FDA B . 3.53 -7.16 -12.86
H51A FDA B . 6.16 -5.03 -11.87
H52A FDA B . 7.06 -4.60 -13.36
H4B FDA B . 7.99 -7.15 -12.82
H3B FDA B . 7.30 -6.15 -10.09
HO3A FDA B . 6.76 -8.25 -11.38
H2B FDA B . 9.51 -6.67 -9.30
HO2A FDA B . 10.80 -8.14 -10.12
H1B FDA B . 10.97 -6.08 -11.53
H8A FDA B . 8.26 -3.90 -9.80
H61A FDA B . 11.27 -0.40 -8.08
H62A FDA B . 12.98 -0.12 -8.18
H2A FDA B . 14.77 -3.54 -10.61
HN1 FDA B . 0.83 -4.26 -7.49
HN3 FDA B . 1.86 -0.83 -5.48
HN5 FDA B . -1.62 -2.62 -2.97
H6 FDA B . -3.31 -3.94 -2.00
HM71 FDA B . -4.49 -5.93 -0.78
HM72 FDA B . -5.46 -6.98 -1.87
HM73 FDA B . -5.79 -5.21 -1.80
HM81 FDA B . -4.12 -8.85 -4.16
HM82 FDA B . -5.42 -7.89 -4.92
HM83 FDA B . -5.37 -8.05 -3.13
H9 FDA B . -2.85 -7.25 -5.81
H1'1 FDA B . -1.47 -6.94 -6.80
H1'2 FDA B . 0.12 -6.24 -7.23
H2' FDA B . -1.14 -4.35 -8.40
HO2' FDA B . -3.35 -6.18 -7.89
H3' FDA B . -2.16 -5.88 -10.22
HO3' FDA B . -1.13 -8.02 -10.07
H4' FDA B . 0.74 -6.13 -9.28
HO4' FDA B . -0.30 -3.90 -9.50
H5'1 FDA B . -0.49 -6.04 -12.05
H5'2 FDA B . -0.16 -7.58 -11.20
N CYS A 1 -15.44 -24.23 -14.69
CA CYS A 1 -14.36 -23.27 -14.54
C CYS A 1 -14.07 -22.56 -15.86
N ARG A 2 -15.11 -21.99 -16.46
CA ARG A 2 -14.97 -21.29 -17.74
C ARG A 2 -15.46 -19.84 -17.62
N ILE A 3 -16.70 -19.68 -17.17
CA ILE A 3 -17.27 -18.35 -17.01
C ILE A 3 -17.59 -18.06 -15.54
N SER A 4 -16.92 -17.05 -14.99
CA SER A 4 -17.13 -16.67 -13.60
C SER A 4 -16.78 -15.20 -13.39
N PHE A 5 -17.44 -14.32 -14.14
CA PHE A 5 -17.21 -12.88 -14.02
C PHE A 5 -18.08 -12.11 -15.00
N GLY A 6 -19.27 -11.72 -14.55
CA GLY A 6 -20.18 -10.97 -15.40
C GLY A 6 -20.03 -9.47 -15.24
N GLU A 7 -21.15 -8.76 -15.23
CA GLU A 7 -21.14 -7.32 -15.09
C GLU A 7 -21.94 -6.88 -13.86
N VAL A 8 -21.71 -7.57 -12.74
CA VAL A 8 -22.40 -7.26 -11.50
C VAL A 8 -21.40 -6.93 -10.40
N GLY A 9 -21.23 -5.64 -10.14
CA GLY A 9 -20.32 -5.20 -9.11
C GLY A 9 -19.20 -4.36 -9.67
N SER A 10 -19.46 -3.74 -10.81
CA SER A 10 -18.47 -2.89 -11.47
C SER A 10 -18.89 -1.43 -11.43
N PHE A 11 -17.91 -0.54 -11.58
CA PHE A 11 -18.17 0.90 -11.55
C PHE A 11 -17.56 1.59 -12.78
N GLU A 12 -17.98 2.83 -13.03
CA GLU A 12 -17.48 3.59 -14.16
C GLU A 12 -16.59 4.74 -13.71
N ALA A 13 -15.40 4.85 -14.31
CA ALA A 13 -14.47 5.90 -13.96
C ALA A 13 -13.81 6.49 -15.20
N GLU A 14 -13.37 7.74 -15.09
CA GLU A 14 -12.72 8.42 -16.21
C GLU A 14 -11.22 8.48 -16.01
N VAL A 15 -10.47 7.92 -16.95
CA VAL A 15 -9.02 7.91 -16.89
C VAL A 15 -8.45 9.30 -17.15
N VAL A 16 -7.47 9.69 -16.34
CA VAL A 16 -6.83 10.99 -16.47
C VAL A 16 -5.51 10.99 -15.74
N GLY A 17 -4.95 9.80 -15.58
CA GLY A 17 -3.69 9.65 -14.89
C GLY A 17 -2.95 8.43 -15.35
N LEU A 18 -1.75 8.67 -15.83
CA LEU A 18 -0.88 7.62 -16.32
C LEU A 18 0.49 8.18 -16.60
N ASN A 19 1.31 8.13 -15.58
CA ASN A 19 2.67 8.60 -15.67
C ASN A 19 3.56 7.64 -14.91
N TRP A 20 4.76 7.43 -15.39
CA TRP A 20 5.66 6.55 -14.70
C TRP A 20 6.48 7.36 -13.71
N VAL A 21 6.25 7.13 -12.42
CA VAL A 21 6.96 7.85 -11.38
C VAL A 21 8.40 7.38 -11.35
N SER A 22 8.60 6.21 -11.93
CA SER A 22 9.91 5.60 -11.98
C SER A 22 10.05 4.67 -13.19
N SER A 23 11.18 3.98 -13.28
CA SER A 23 11.43 3.07 -14.39
C SER A 23 10.28 2.08 -14.55
N ASN A 24 10.00 1.34 -13.50
CA ASN A 24 8.92 0.37 -13.51
C ASN A 24 7.88 0.72 -12.47
N THR A 25 7.49 1.98 -12.44
CA THR A 25 6.51 2.46 -11.48
C THR A 25 5.59 3.50 -12.11
N VAL A 26 4.29 3.29 -11.98
CA VAL A 26 3.32 4.22 -12.56
C VAL A 26 2.23 4.63 -11.56
N GLN A 27 1.98 5.93 -11.53
CA GLN A 27 0.95 6.49 -10.67
C GLN A 27 -0.29 6.77 -11.50
N PHE A 28 -1.44 6.32 -11.01
CA PHE A 28 -2.69 6.50 -11.73
C PHE A 28 -3.75 7.19 -10.89
N LEU A 29 -4.33 8.24 -11.44
CA LEU A 29 -5.38 8.98 -10.78
C LEU A 29 -6.63 8.96 -11.64
N LEU A 30 -7.70 8.34 -11.12
CA LEU A 30 -8.94 8.23 -11.87
C LEU A 30 -10.07 8.99 -11.19
N GLN A 31 -10.99 9.51 -12.00
CA GLN A 31 -12.13 10.24 -11.49
C GLN A 31 -13.41 9.60 -12.02
N LYS A 32 -14.13 8.93 -11.13
CA LYS A 32 -15.36 8.25 -11.49
C LYS A 32 -16.58 9.02 -10.99
N ARG A 33 -17.73 8.36 -11.00
CA ARG A 33 -18.97 8.97 -10.55
C ARG A 33 -18.70 10.03 -9.47
N PRO A 34 -18.00 9.65 -8.39
CA PRO A 34 -17.65 10.57 -7.30
C PRO A 34 -16.93 11.82 -7.81
N ASP A 35 -16.11 12.47 -6.99
CA ASP A 35 -15.41 13.67 -7.44
C ASP A 35 -13.92 13.59 -7.14
N GLU A 36 -13.26 14.75 -7.06
CA GLU A 36 -11.83 14.81 -6.80
C GLU A 36 -11.53 14.92 -5.31
N CYS A 37 -11.82 13.88 -4.57
CA CYS A 37 -11.56 13.87 -3.13
C CYS A 37 -11.54 12.46 -2.53
N GLY A 38 -12.67 11.73 -2.57
CA GLY A 38 -12.70 10.40 -1.97
C GLY A 38 -13.89 9.56 -2.41
N ASN A 39 -13.63 8.69 -3.36
CA ASN A 39 -14.62 7.77 -3.95
C ASN A 39 -15.89 7.64 -3.12
N ARG A 40 -17.03 7.63 -3.82
CA ARG A 40 -18.33 7.50 -3.19
C ARG A 40 -18.31 8.16 -1.81
N GLY A 41 -17.58 9.25 -1.69
CA GLY A 41 -17.49 9.95 -0.43
C GLY A 41 -16.88 9.10 0.67
N VAL A 42 -15.55 9.01 0.69
CA VAL A 42 -14.83 8.23 1.70
C VAL A 42 -14.40 9.11 2.88
N LYS A 43 -13.92 8.46 3.94
CA LYS A 43 -13.50 9.14 5.16
C LYS A 43 -12.49 8.31 5.92
N PHE A 44 -11.82 7.43 5.19
CA PHE A 44 -10.79 6.54 5.72
C PHE A 44 -11.33 5.14 5.99
N GLU A 45 -11.19 4.28 4.99
CA GLU A 45 -11.63 2.90 5.08
C GLU A 45 -10.41 1.99 5.00
N PRO A 46 -10.24 1.11 5.99
CA PRO A 46 -9.12 0.18 6.04
C PRO A 46 -8.59 -0.18 4.65
N GLY A 47 -7.72 0.69 4.11
CA GLY A 47 -7.15 0.44 2.80
C GLY A 47 -8.18 -0.09 1.82
N GLN A 48 -9.05 0.80 1.33
CA GLN A 48 -10.09 0.39 0.37
C GLN A 48 -9.47 0.04 -0.98
N PHE A 49 -9.49 -1.25 -1.32
CA PHE A 49 -8.94 -1.73 -2.59
C PHE A 49 -10.06 -2.19 -3.51
N MET A 50 -9.75 -2.33 -4.80
CA MET A 50 -10.76 -2.75 -5.76
C MET A 50 -10.23 -3.82 -6.73
N ASP A 51 -11.04 -4.11 -7.74
CA ASP A 51 -10.72 -5.09 -8.77
C ASP A 51 -10.99 -4.47 -10.13
N LEU A 52 -9.93 -4.06 -10.80
CA LEU A 52 -10.06 -3.40 -12.09
C LEU A 52 -9.06 -3.94 -13.11
N THR A 53 -9.39 -3.74 -14.39
CA THR A 53 -8.55 -4.20 -15.47
C THR A 53 -7.92 -3.01 -16.16
N ILE A 54 -6.74 -3.21 -16.74
CA ILE A 54 -6.02 -2.12 -17.40
C ILE A 54 -7.01 -1.09 -17.99
N PRO A 55 -7.77 -1.43 -19.05
CA PRO A 55 -8.73 -0.54 -19.65
C PRO A 55 -10.16 -0.92 -19.28
N GLY A 56 -10.31 -1.87 -18.36
CA GLY A 56 -11.64 -2.32 -17.96
C GLY A 56 -12.01 -3.66 -18.57
N THR A 57 -10.99 -4.36 -19.03
CA THR A 57 -11.16 -5.66 -19.66
C THR A 57 -11.74 -6.70 -18.68
N ASP A 58 -10.92 -7.67 -18.28
CA ASP A 58 -11.38 -8.69 -17.35
C ASP A 58 -10.32 -9.78 -17.13
N VAL A 59 -9.04 -9.41 -17.27
CA VAL A 59 -7.96 -10.35 -17.07
C VAL A 59 -6.78 -9.69 -16.35
N SER A 60 -7.09 -8.73 -15.47
CA SER A 60 -6.05 -8.03 -14.72
C SER A 60 -6.00 -8.54 -13.28
N ARG A 61 -6.54 -7.78 -12.34
CA ARG A 61 -6.54 -8.19 -10.94
C ARG A 61 -6.93 -7.04 -10.02
N SER A 62 -6.94 -7.32 -8.72
CA SER A 62 -7.29 -6.32 -7.73
C SER A 62 -6.05 -5.57 -7.28
N TYR A 63 -6.21 -4.27 -7.04
CA TYR A 63 -5.09 -3.43 -6.61
C TYR A 63 -5.55 -2.43 -5.56
N SER A 64 -4.80 -2.35 -4.46
CA SER A 64 -5.10 -1.42 -3.39
C SER A 64 -4.67 -0.02 -3.81
N PRO A 65 -5.61 0.87 -4.15
CA PRO A 65 -5.30 2.22 -4.59
C PRO A 65 -5.45 3.26 -3.49
N ALA A 66 -5.38 4.53 -3.89
CA ALA A 66 -5.54 5.64 -2.95
C ALA A 66 -7.02 5.95 -2.81
N ASN A 67 -7.37 6.90 -1.93
CA ASN A 67 -8.75 7.26 -1.64
C ASN A 67 -9.11 6.72 -0.26
N LEU A 68 -9.55 7.58 0.66
CA LEU A 68 -9.87 7.14 2.00
C LEU A 68 -10.57 8.25 2.78
N PRO A 69 -9.84 9.19 3.41
CA PRO A 69 -10.49 10.27 4.16
C PRO A 69 -10.87 11.45 3.27
N ASN A 70 -11.90 11.26 2.45
CA ASN A 70 -12.34 12.32 1.54
C ASN A 70 -13.73 12.00 0.99
N PRO A 71 -14.60 13.02 0.90
CA PRO A 71 -15.98 12.83 0.44
C PRO A 71 -16.21 13.00 -1.07
N GLU A 72 -15.48 12.28 -1.94
CA GLU A 72 -15.71 12.40 -3.38
C GLU A 72 -15.19 11.18 -4.17
N GLY A 73 -14.08 11.37 -4.89
CA GLY A 73 -13.49 10.30 -5.71
C GLY A 73 -12.03 10.52 -6.09
N ARG A 74 -11.10 10.26 -5.18
CA ARG A 74 -9.68 10.41 -5.50
C ARG A 74 -8.91 9.12 -5.24
N LEU A 75 -8.97 8.20 -6.19
CA LEU A 75 -8.26 6.94 -6.06
C LEU A 75 -6.95 7.03 -6.81
N GLU A 76 -5.89 6.62 -6.15
CA GLU A 76 -4.54 6.67 -6.73
C GLU A 76 -3.80 5.34 -6.60
N PHE A 77 -3.57 4.67 -7.73
CA PHE A 77 -2.86 3.40 -7.70
C PHE A 77 -1.43 3.57 -8.20
N LEU A 78 -0.49 2.92 -7.51
CA LEU A 78 0.92 3.00 -7.88
C LEU A 78 1.47 1.60 -8.13
N ILE A 79 1.10 1.04 -9.27
CA ILE A 79 1.53 -0.30 -9.63
C ILE A 79 2.81 -0.26 -10.45
N ARG A 80 3.78 -1.07 -10.04
CA ARG A 80 5.07 -1.12 -10.73
C ARG A 80 4.98 -1.93 -12.02
N VAL A 81 4.92 -1.23 -13.14
CA VAL A 81 4.82 -1.85 -14.44
C VAL A 81 6.17 -1.84 -15.15
N LEU A 82 6.49 -2.95 -15.80
CA LEU A 82 7.75 -3.07 -16.53
C LEU A 82 7.75 -2.17 -17.76
N PRO A 83 8.80 -1.35 -17.92
CA PRO A 83 8.93 -0.44 -19.06
C PRO A 83 8.73 -1.15 -20.39
N GLU A 84 7.62 -0.86 -21.05
CA GLU A 84 7.31 -1.48 -22.33
C GLU A 84 7.52 -2.99 -22.24
N GLY A 85 7.05 -3.59 -21.15
CA GLY A 85 7.20 -5.02 -20.96
C GLY A 85 5.89 -5.77 -21.05
N ARG A 86 5.03 -5.56 -20.06
CA ARG A 86 3.73 -6.24 -20.03
C ARG A 86 2.62 -5.30 -19.62
N PHE A 87 2.63 -4.88 -18.36
CA PHE A 87 1.60 -3.98 -17.85
C PHE A 87 1.81 -2.55 -18.33
N SER A 88 3.06 -2.15 -18.47
CA SER A 88 3.39 -0.80 -18.90
C SER A 88 3.23 -0.65 -20.41
N ASP A 89 3.26 -1.77 -21.13
CA ASP A 89 3.10 -1.73 -22.57
C ASP A 89 1.64 -1.49 -22.91
N TYR A 90 0.80 -2.23 -22.24
CA TYR A 90 -0.64 -2.13 -22.39
C TYR A 90 -1.17 -0.87 -21.72
N LEU A 91 -0.42 -0.40 -20.73
CA LEU A 91 -0.80 0.80 -19.99
C LEU A 91 -0.83 2.02 -20.90
N ARG A 92 0.24 2.21 -21.65
CA ARG A 92 0.35 3.35 -22.56
C ARG A 92 -0.23 3.03 -23.93
N ASN A 93 -0.39 1.75 -24.22
CA ASN A 93 -0.94 1.32 -25.50
C ASN A 93 -2.45 1.09 -25.42
N ASP A 94 -2.98 1.12 -24.21
CA ASP A 94 -4.41 0.92 -24.00
C ASP A 94 -4.98 1.95 -23.02
N ALA A 95 -4.14 2.87 -22.58
CA ALA A 95 -4.58 3.91 -21.64
C ALA A 95 -3.97 5.25 -22.02
N ARG A 96 -3.71 5.43 -23.31
CA ARG A 96 -3.12 6.66 -23.81
C ARG A 96 -4.16 7.78 -23.91
N VAL A 97 -5.29 7.47 -24.53
CA VAL A 97 -6.35 8.44 -24.70
C VAL A 97 -7.11 8.70 -23.41
N GLY A 98 -6.66 8.07 -22.33
CA GLY A 98 -7.31 8.25 -21.05
C GLY A 98 -8.79 7.95 -21.12
N GLN A 99 -9.14 6.95 -21.92
CA GLN A 99 -10.52 6.54 -22.10
C GLN A 99 -11.19 6.28 -20.75
N VAL A 100 -12.30 5.54 -20.79
CA VAL A 100 -13.03 5.21 -19.57
C VAL A 100 -12.56 3.89 -18.99
N LEU A 101 -12.51 3.80 -17.66
CA LEU A 101 -12.08 2.59 -17.00
C LEU A 101 -13.09 2.18 -15.93
N SER A 102 -13.43 0.90 -15.93
CA SER A 102 -14.40 0.38 -14.97
C SER A 102 -13.70 -0.14 -13.72
N VAL A 103 -14.09 0.41 -12.58
CA VAL A 103 -13.53 -0.01 -11.31
C VAL A 103 -14.47 -1.02 -10.68
N LYS A 104 -13.97 -2.18 -10.29
CA LYS A 104 -14.83 -3.19 -9.72
C LYS A 104 -14.33 -3.67 -8.39
N GLY A 105 -15.15 -4.45 -7.72
CA GLY A 105 -14.80 -5.00 -6.44
C GLY A 105 -14.71 -3.97 -5.32
N PRO A 106 -15.85 -3.62 -4.69
CA PRO A 106 -15.87 -2.68 -3.58
C PRO A 106 -15.40 -3.37 -2.31
N LEU A 107 -14.21 -3.97 -2.39
CA LEU A 107 -13.63 -4.70 -1.29
C LEU A 107 -12.63 -3.86 -0.49
N GLY A 108 -12.27 -4.37 0.67
CA GLY A 108 -11.32 -3.69 1.53
C GLY A 108 -10.65 -4.65 2.49
N VAL A 109 -9.33 -4.62 2.54
CA VAL A 109 -8.57 -5.50 3.42
C VAL A 109 -7.18 -4.94 3.68
N PHE A 110 -6.94 -4.56 4.93
CA PHE A 110 -5.66 -4.00 5.32
C PHE A 110 -5.00 -4.86 6.38
N GLY A 111 -3.68 -4.86 6.38
CA GLY A 111 -2.95 -5.61 7.38
C GLY A 111 -2.58 -4.72 8.53
N LEU A 112 -3.14 -3.52 8.53
CA LEU A 112 -2.89 -2.56 9.58
C LEU A 112 -4.15 -2.25 10.36
N LYS A 113 -4.10 -2.55 11.64
CA LYS A 113 -5.24 -2.30 12.52
C LYS A 113 -4.80 -1.71 13.86
N GLU A 114 -5.19 -0.46 14.08
CA GLU A 114 -4.85 0.24 15.31
C GLU A 114 -5.90 -0.03 16.38
N ARG A 115 -5.44 -0.21 17.62
CA ARG A 115 -6.35 -0.47 18.73
C ARG A 115 -6.74 0.81 19.45
N GLY A 116 -6.46 1.93 18.81
CA GLY A 116 -6.77 3.22 19.39
C GLY A 116 -5.53 3.93 19.89
N MET A 117 -5.01 3.47 21.01
CA MET A 117 -3.80 4.05 21.59
C MET A 117 -2.78 2.96 21.90
N ALA A 118 -1.93 2.67 20.92
CA ALA A 118 -0.90 1.65 21.10
C ALA A 118 0.18 1.75 20.03
N PRO A 119 1.43 1.46 20.40
CA PRO A 119 2.56 1.52 19.46
C PRO A 119 2.48 0.43 18.40
N ARG A 120 2.35 0.84 17.15
CA ARG A 120 2.25 -0.12 16.04
C ARG A 120 3.22 0.24 14.92
N TYR A 121 3.56 -0.74 14.08
CA TYR A 121 4.48 -0.49 12.98
C TYR A 121 3.88 -0.93 11.65
N PHE A 122 3.92 -0.05 10.65
CA PHE A 122 3.37 -0.38 9.34
C PHE A 122 4.51 -0.62 8.36
N VAL A 123 4.76 -1.89 8.07
CA VAL A 123 5.81 -2.26 7.15
C VAL A 123 5.25 -2.58 5.78
N ALA A 124 5.54 -1.72 4.83
CA ALA A 124 5.08 -1.91 3.46
C ALA A 124 6.27 -2.14 2.55
N GLY A 125 6.16 -3.16 1.70
CA GLY A 125 7.25 -3.45 0.79
C GLY A 125 6.92 -3.04 -0.62
N GLY A 126 7.48 -1.91 -1.04
CA GLY A 126 7.22 -1.44 -2.39
C GLY A 126 6.67 -0.02 -2.41
N THR A 127 6.10 0.38 -3.54
CA THR A 127 5.52 1.72 -3.67
C THR A 127 3.99 1.64 -3.67
N GLY A 128 3.47 0.43 -3.78
CA GLY A 128 2.04 0.22 -3.76
C GLY A 128 1.42 0.53 -2.41
N LEU A 129 2.21 1.14 -1.54
CA LEU A 129 1.77 1.52 -0.21
C LEU A 129 0.88 2.75 -0.28
N ALA A 130 0.57 3.20 -1.49
CA ALA A 130 -0.25 4.38 -1.64
C ALA A 130 -1.44 4.33 -0.70
N PRO A 131 -2.07 3.16 -0.56
CA PRO A 131 -3.20 2.97 0.37
C PRO A 131 -2.70 2.95 1.80
N VAL A 132 -1.47 2.45 1.97
CA VAL A 132 -0.85 2.39 3.27
C VAL A 132 -0.61 3.79 3.79
N VAL A 133 -0.15 4.66 2.90
CA VAL A 133 0.11 6.04 3.25
C VAL A 133 -1.19 6.79 3.49
N SER A 134 -2.26 6.37 2.81
CA SER A 134 -3.56 7.01 2.97
C SER A 134 -4.08 6.75 4.38
N MET A 135 -4.12 5.48 4.78
CA MET A 135 -4.57 5.13 6.13
C MET A 135 -3.65 5.80 7.16
N VAL A 136 -2.34 5.74 6.86
CA VAL A 136 -1.35 6.36 7.73
C VAL A 136 -1.58 7.86 7.81
N ARG A 137 -2.07 8.43 6.71
CA ARG A 137 -2.34 9.86 6.65
C ARG A 137 -3.33 10.25 7.71
N GLN A 138 -4.25 9.34 8.02
CA GLN A 138 -5.26 9.60 9.05
C GLN A 138 -4.60 9.68 10.42
N MET A 139 -3.67 8.75 10.67
CA MET A 139 -2.95 8.70 11.94
C MET A 139 -1.95 9.87 12.04
N GLN A 140 -1.37 10.22 10.91
CA GLN A 140 -0.40 11.30 10.86
C GLN A 140 -1.07 12.68 10.88
N GLU A 141 -2.28 12.77 10.35
CA GLU A 141 -3.00 14.05 10.27
C GLU A 141 -3.44 14.52 11.64
N TRP A 142 -4.00 13.62 12.44
CA TRP A 142 -4.44 13.97 13.77
C TRP A 142 -3.26 14.02 14.72
N THR A 143 -2.20 13.34 14.31
CA THR A 143 -0.96 13.30 15.07
C THR A 143 -1.20 12.89 16.52
N ALA A 144 -2.25 12.11 16.74
CA ALA A 144 -2.57 11.64 18.08
C ALA A 144 -1.31 11.42 18.91
N PRO A 145 -1.42 11.52 20.24
CA PRO A 145 -0.28 11.33 21.14
C PRO A 145 0.24 9.90 21.15
N ASN A 146 -0.43 9.02 20.43
CA ASN A 146 -0.03 7.61 20.36
C ASN A 146 1.17 7.42 19.45
N GLU A 147 2.04 6.49 19.85
CA GLU A 147 3.26 6.18 19.09
C GLU A 147 2.92 5.40 17.82
N THR A 148 3.12 6.06 16.70
CA THR A 148 2.87 5.47 15.39
C THR A 148 4.19 5.19 14.69
N ARG A 149 4.47 3.92 14.46
CA ARG A 149 5.69 3.53 13.81
C ARG A 149 5.42 3.08 12.39
N ILE A 150 6.31 3.43 11.47
CA ILE A 150 6.14 3.05 10.08
C ILE A 150 7.43 2.50 9.49
N TYR A 151 7.32 1.33 8.87
CA TYR A 151 8.45 0.67 8.24
C TYR A 151 8.29 0.75 6.71
N PHE A 152 9.20 1.45 6.05
CA PHE A 152 9.12 1.60 4.59
C PHE A 152 10.36 1.04 3.90
N GLY A 153 10.15 0.22 2.87
CA GLY A 153 11.29 -0.34 2.17
C GLY A 153 10.99 -0.72 0.75
N VAL A 154 12.04 -0.86 -0.05
CA VAL A 154 11.87 -1.20 -1.45
C VAL A 154 13.20 -1.53 -2.13
N ASN A 155 13.71 -0.61 -2.98
CA ASN A 155 14.95 -0.84 -3.70
C ASN A 155 15.93 0.32 -3.48
N THR A 156 17.02 0.34 -4.25
CA THR A 156 18.03 1.38 -4.14
C THR A 156 17.45 2.69 -3.65
N GLU A 157 16.54 3.24 -4.43
CA GLU A 157 15.89 4.52 -4.08
C GLU A 157 15.42 5.27 -5.32
N PRO A 158 16.34 5.51 -6.28
CA PRO A 158 16.03 6.23 -7.51
C PRO A 158 14.60 6.01 -7.98
N GLU A 159 14.04 4.85 -7.70
CA GLU A 159 12.68 4.53 -8.10
C GLU A 159 11.69 5.04 -7.05
N LEU A 160 11.83 4.55 -5.82
CA LEU A 160 10.95 4.93 -4.73
C LEU A 160 11.17 6.39 -4.34
N PHE A 161 10.49 6.82 -3.28
CA PHE A 161 10.61 8.19 -2.78
C PHE A 161 9.65 8.44 -1.63
N TYR A 162 9.72 9.63 -1.05
CA TYR A 162 8.85 10.00 0.07
C TYR A 162 9.46 9.58 1.41
N ILE A 163 10.70 9.11 1.37
CA ILE A 163 11.38 8.68 2.58
C ILE A 163 11.77 9.88 3.44
N ASP A 164 12.33 10.91 2.79
CA ASP A 164 12.73 12.12 3.50
C ASP A 164 11.51 12.84 4.05
N GLU A 165 10.42 12.78 3.30
CA GLU A 165 9.17 13.40 3.71
C GLU A 165 8.58 12.58 4.84
N LEU A 166 8.76 11.27 4.73
CA LEU A 166 8.27 10.34 5.73
C LEU A 166 8.94 10.65 7.05
N LYS A 167 10.18 11.12 6.97
CA LYS A 167 10.92 11.47 8.17
C LYS A 167 10.21 12.60 8.88
N SER A 168 9.86 13.62 8.12
CA SER A 168 9.12 14.75 8.67
C SER A 168 7.79 14.25 9.19
N LEU A 169 7.27 13.21 8.54
CA LEU A 169 6.01 12.63 8.97
C LEU A 169 6.19 12.05 10.36
N GLU A 170 7.37 11.47 10.60
CA GLU A 170 7.68 10.90 11.90
C GLU A 170 7.82 11.99 12.94
N ARG A 171 8.36 13.13 12.53
CA ARG A 171 8.53 14.26 13.42
C ARG A 171 7.19 14.96 13.65
N SER A 172 6.36 14.98 12.61
CA SER A 172 5.05 15.60 12.67
C SER A 172 4.23 15.07 13.85
N MET A 173 4.16 13.75 13.98
CA MET A 173 3.40 13.12 15.05
C MET A 173 4.05 13.36 16.42
N ARG A 174 3.80 12.45 17.36
CA ARG A 174 4.33 12.56 18.70
C ARG A 174 5.45 11.55 18.95
N ASN A 175 5.15 10.29 18.70
CA ASN A 175 6.14 9.25 18.91
C ASN A 175 6.19 8.31 17.70
N LEU A 176 6.71 8.84 16.60
CA LEU A 176 6.81 8.06 15.37
C LEU A 176 8.21 7.48 15.18
N THR A 177 8.27 6.34 14.52
CA THR A 177 9.53 5.66 14.24
C THR A 177 9.55 5.13 12.80
N VAL A 178 10.45 5.66 11.99
CA VAL A 178 10.56 5.24 10.60
C VAL A 178 11.74 4.28 10.41
N LYS A 179 11.49 3.18 9.68
CA LYS A 179 12.52 2.19 9.42
C LYS A 179 13.10 2.36 8.01
N ALA A 180 14.41 2.30 7.90
CA ALA A 180 15.09 2.47 6.62
C ALA A 180 15.51 1.13 6.02
N CYS A 181 14.77 0.71 5.01
CA CYS A 181 15.02 -0.54 4.31
C CYS A 181 16.00 -0.30 3.15
N VAL A 182 16.07 -1.22 2.19
CA VAL A 182 16.97 -1.09 1.06
C VAL A 182 18.41 -0.87 1.52
N TRP A 183 19.32 -1.37 0.71
CA TRP A 183 20.75 -1.31 0.99
C TRP A 183 21.50 -0.97 -0.30
N HIS A 184 21.35 -1.85 -1.29
CA HIS A 184 21.97 -1.67 -2.59
C HIS A 184 21.33 -2.62 -3.62
N PRO A 185 19.99 -2.62 -3.74
CA PRO A 185 19.27 -3.47 -4.67
C PRO A 185 19.04 -2.79 -6.03
N SER A 186 17.84 -2.23 -6.24
CA SER A 186 17.50 -1.52 -7.49
C SER A 186 16.10 -1.86 -7.98
N GLY A 187 15.34 -2.60 -7.18
CA GLY A 187 13.99 -2.96 -7.57
C GLY A 187 13.80 -4.45 -7.64
N ASP A 188 14.77 -5.17 -7.12
CA ASP A 188 14.73 -6.62 -7.08
C ASP A 188 15.21 -7.04 -5.72
N TRP A 189 14.49 -6.65 -4.70
CA TRP A 189 14.86 -6.96 -3.35
C TRP A 189 13.72 -7.52 -2.53
N GLU A 190 13.90 -8.73 -2.03
CA GLU A 190 12.90 -9.38 -1.20
C GLU A 190 13.23 -9.13 0.29
N GLY A 191 12.47 -8.24 0.91
CA GLY A 191 12.70 -7.93 2.32
C GLY A 191 12.55 -6.45 2.62
N GLU A 192 13.63 -5.82 3.05
CA GLU A 192 13.62 -4.41 3.39
C GLU A 192 15.04 -3.87 3.43
N GLN A 193 15.62 -3.83 4.62
CA GLN A 193 16.99 -3.35 4.76
C GLN A 193 17.95 -4.50 4.54
N GLY A 194 19.05 -4.24 3.84
CA GLY A 194 20.03 -5.28 3.54
C GLY A 194 19.96 -6.45 4.48
N SER A 195 19.44 -7.56 3.96
CA SER A 195 19.27 -8.81 4.73
C SER A 195 17.81 -9.23 4.77
N PRO A 196 17.55 -10.54 4.94
CA PRO A 196 16.20 -11.08 5.01
C PRO A 196 15.27 -10.24 5.88
N ILE A 197 15.43 -10.36 7.19
CA ILE A 197 14.59 -9.62 8.13
C ILE A 197 14.89 -10.02 9.58
N ASP A 198 16.15 -10.38 9.82
CA ASP A 198 16.62 -10.78 11.15
C ASP A 198 16.39 -9.71 12.20
N ALA A 199 16.57 -8.45 11.82
CA ALA A 199 16.40 -7.34 12.75
C ALA A 199 14.99 -7.29 13.33
N LEU A 200 14.00 -7.67 12.53
CA LEU A 200 12.61 -7.66 12.98
C LEU A 200 12.38 -8.75 14.03
N ARG A 201 13.08 -9.86 13.87
CA ARG A 201 12.94 -10.99 14.80
C ARG A 201 13.32 -10.57 16.21
N GLU A 202 14.50 -9.97 16.35
CA GLU A 202 14.98 -9.52 17.65
C GLU A 202 14.08 -8.43 18.21
N ASP A 203 13.68 -7.50 17.35
CA ASP A 203 12.80 -6.43 17.78
C ASP A 203 11.52 -7.02 18.31
N LEU A 204 11.17 -8.18 17.75
CA LEU A 204 9.98 -8.90 18.17
C LEU A 204 10.12 -9.31 19.63
N GLU A 205 11.30 -9.80 19.99
CA GLU A 205 11.57 -10.20 21.36
C GLU A 205 11.83 -8.99 22.23
N SER A 206 12.15 -7.86 21.60
CA SER A 206 12.42 -6.62 22.33
C SER A 206 11.13 -5.99 22.84
N SER A 207 10.43 -5.29 21.95
CA SER A 207 9.17 -4.63 22.32
C SER A 207 8.75 -3.60 21.28
N ASP A 208 9.05 -3.89 20.02
CA ASP A 208 8.71 -3.00 18.92
C ASP A 208 8.17 -3.79 17.73
N ALA A 209 7.17 -4.64 17.99
CA ALA A 209 6.55 -5.46 16.96
C ALA A 209 6.01 -6.74 17.57
N ASN A 210 4.71 -6.76 17.77
CA ASN A 210 4.05 -7.91 18.36
C ASN A 210 2.57 -7.64 18.61
N PRO A 211 2.26 -6.57 19.38
CA PRO A 211 0.89 -6.20 19.68
C PRO A 211 0.10 -5.90 18.42
N ASP A 212 0.60 -4.95 17.65
CA ASP A 212 -0.01 -4.57 16.40
C ASP A 212 1.06 -4.47 15.32
N ILE A 213 1.05 -5.41 14.40
CA ILE A 213 2.00 -5.43 13.33
C ILE A 213 1.26 -5.39 12.01
N TYR A 214 1.61 -4.43 11.18
CA TYR A 214 0.95 -4.27 9.92
C TYR A 214 1.92 -4.39 8.78
N LEU A 215 1.59 -5.27 7.86
CA LEU A 215 2.44 -5.48 6.69
C LEU A 215 1.64 -5.30 5.40
N CYS A 216 1.99 -4.30 4.61
CA CYS A 216 1.29 -4.05 3.36
C CYS A 216 2.25 -4.04 2.18
N GLY A 217 2.21 -5.09 1.35
CA GLY A 217 3.08 -5.14 0.20
C GLY A 217 4.18 -6.20 0.30
N PRO A 218 4.64 -6.56 1.52
CA PRO A 218 5.71 -7.55 1.69
C PRO A 218 5.24 -9.00 1.80
N PRO A 219 4.98 -9.68 0.66
CA PRO A 219 4.57 -11.09 0.65
C PRO A 219 5.54 -11.96 1.45
N GLY A 220 6.73 -12.17 0.90
CA GLY A 220 7.72 -12.97 1.58
C GLY A 220 7.98 -12.45 2.98
N MET A 221 8.20 -11.13 3.12
CA MET A 221 8.42 -10.59 4.45
C MET A 221 7.24 -10.99 5.32
N ILE A 222 6.12 -11.26 4.67
CA ILE A 222 4.92 -11.68 5.36
C ILE A 222 5.12 -13.13 5.84
N ASP A 223 5.80 -13.92 5.01
CA ASP A 223 6.07 -15.30 5.34
C ASP A 223 7.15 -15.38 6.42
N ALA A 224 8.22 -14.63 6.22
CA ALA A 224 9.32 -14.59 7.18
C ALA A 224 8.88 -13.89 8.47
N ALA A 225 8.07 -12.85 8.32
CA ALA A 225 7.57 -12.09 9.46
C ALA A 225 6.79 -13.00 10.41
N CYS A 226 6.03 -13.93 9.82
CA CYS A 226 5.26 -14.88 10.61
C CYS A 226 6.20 -15.86 11.28
N GLU A 227 7.32 -16.13 10.62
CA GLU A 227 8.32 -17.05 11.16
C GLU A 227 8.96 -16.48 12.41
N LEU A 228 9.32 -15.20 12.38
CA LEU A 228 9.94 -14.56 13.52
C LEU A 228 9.02 -14.59 14.72
N VAL A 229 7.72 -14.44 14.47
CA VAL A 229 6.73 -14.43 15.53
C VAL A 229 6.63 -15.80 16.20
N ARG A 230 6.58 -16.85 15.40
CA ARG A 230 6.50 -18.21 15.92
C ARG A 230 7.82 -18.64 16.53
N SER A 231 8.91 -18.09 16.01
CA SER A 231 10.25 -18.43 16.50
C SER A 231 10.55 -17.71 17.81
N ARG A 232 10.19 -16.42 17.86
CA ARG A 232 10.42 -15.62 19.05
C ARG A 232 9.52 -16.06 20.20
N GLY A 233 8.25 -15.71 20.11
CA GLY A 233 7.30 -16.08 21.15
C GLY A 233 6.37 -14.94 21.50
N ILE A 234 6.88 -13.72 21.47
CA ILE A 234 6.08 -12.55 21.78
C ILE A 234 4.65 -12.72 21.26
N PRO A 235 3.74 -13.17 22.14
CA PRO A 235 2.34 -13.38 21.79
C PRO A 235 1.66 -12.10 21.32
N GLY A 236 1.25 -12.07 20.06
CA GLY A 236 0.60 -10.91 19.50
C GLY A 236 -0.91 -11.00 19.59
N GLU A 237 -1.58 -9.90 19.23
CA GLU A 237 -3.04 -9.86 19.27
C GLU A 237 -3.60 -9.05 18.10
N GLN A 238 -2.94 -7.92 17.81
CA GLN A 238 -3.38 -7.06 16.72
C GLN A 238 -2.41 -7.16 15.55
N VAL A 239 -1.92 -8.36 15.29
CA VAL A 239 -0.99 -8.56 14.19
C VAL A 239 -1.73 -8.97 12.93
N PHE A 240 -1.38 -8.31 11.83
CA PHE A 240 -2.02 -8.57 10.54
C PHE A 240 -1.02 -8.43 9.38
N PHE A 241 -1.18 -9.27 8.36
CA PHE A 241 -0.26 -9.26 7.22
C PHE A 241 -0.99 -9.22 5.86
N GLU A 242 -0.41 -8.45 4.93
CA GLU A 242 -0.94 -8.29 3.56
C GLU A 242 0.20 -8.45 2.56
N LYS A 243 -0.08 -8.96 1.36
CA LYS A 243 0.96 -9.16 0.35
C LYS A 243 0.64 -8.52 -1.01
N PHE A 244 1.33 -7.44 -1.33
CA PHE A 244 1.17 -6.73 -2.61
C PHE A 244 2.53 -6.31 -3.18
N LEU A 245 2.69 -6.36 -4.51
CA LEU A 245 3.96 -5.99 -5.16
C LEU A 245 5.06 -7.02 -4.85
N PRO A 246 6.00 -7.22 -5.79
CA PRO A 246 7.11 -8.16 -5.62
C PRO A 246 8.17 -7.64 -4.64
N SER A 247 9.30 -7.18 -5.16
CA SER A 247 10.36 -6.66 -4.31
C SER A 247 9.80 -5.89 -3.13
N GLY A 248 10.33 -6.17 -1.96
CA GLY A 248 9.87 -5.53 -0.75
C GLY A 248 9.53 -6.57 0.29
N ALA A 249 9.40 -7.80 -0.16
CA ALA A 249 9.08 -8.92 0.69
C ALA A 249 10.28 -9.82 0.92
N ALA A 250 10.69 -9.99 2.17
CA ALA A 250 11.83 -10.83 2.51
C ALA A 250 11.82 -12.11 1.68
PA FDA B . 4.13 -5.58 -13.89
O1A FDA B . 4.06 -5.65 -15.37
O2A FDA B . 3.55 -4.50 -13.33
O5B FDA B . 5.63 -5.68 -13.76
C5B FDA B . 6.31 -5.48 -12.46
C4B FDA B . 7.84 -5.78 -12.55
O4B FDA B . 8.47 -4.49 -12.21
C3B FDA B . 8.49 -6.74 -11.55
O3B FDA B . 8.37 -8.09 -11.82
C2B FDA B . 9.93 -6.22 -11.47
O2B FDA B . 10.79 -6.95 -12.27
C1B FDA B . 9.87 -4.77 -11.88
N9A FDA B . 10.16 -3.78 -10.85
C8A FDA B . 9.51 -3.64 -9.66
N7A FDA B . 10.02 -2.66 -8.91
C5A FDA B . 11.03 -2.14 -9.64
C6A FDA B . 11.98 -1.03 -9.36
N6A FDA B . 11.98 -0.32 -8.27
N1A FDA B . 12.89 -0.79 -10.37
C2A FDA B . 12.94 -1.50 -11.55
N3A FDA B . 12.11 -2.53 -11.87
C4A FDA B . 11.17 -2.81 -10.89
N1 FDA B . 0.54 -4.09 -6.90
C2 FDA B . 1.29 -3.00 -6.75
O2 FDA B . 2.19 -2.74 -7.48
N3 FDA B . 1.03 -2.05 -5.70
C4 FDA B . 0.01 -2.24 -4.79
O4 FDA B . -0.17 -1.41 -3.92
C4X FDA B . -0.79 -3.45 -4.91
N5 FDA B . -1.78 -3.69 -4.03
C5X FDA B . -2.54 -4.85 -4.16
C6 FDA B . -3.55 -5.07 -3.19
C7 FDA B . -4.36 -6.18 -3.23
C7M FDA B . -5.41 -6.36 -2.18
C8 FDA B . -4.20 -7.17 -4.31
C8M FDA B . -5.07 -8.40 -4.41
C9 FDA B . -3.19 -6.98 -5.29
C9A FDA B . -2.35 -5.82 -5.22
N10 FDA B . -1.28 -5.51 -6.16
C10 FDA B . -0.49 -4.37 -6.03
C1' FDA B . -1.05 -6.49 -7.24
C2' FDA B . -1.60 -5.87 -8.52
O2' FDA B . -3.00 -5.80 -8.42
C3' FDA B . -1.25 -6.65 -9.73
O3' FDA B . -1.30 -8.04 -9.50
C4' FDA B . 0.13 -6.29 -10.15
O4' FDA B . 0.32 -4.87 -10.30
C5' FDA B . 0.42 -6.98 -11.40
O5' FDA B . 1.81 -6.49 -11.96
P FDA B . 2.74 -7.55 -12.32
O1P FDA B . 3.50 -7.75 -10.98
O2P FDA B . 2.09 -8.67 -12.81
O3P FDA B . 3.53 -6.97 -13.41
H51A FDA B . 5.86 -6.18 -11.74
H52A FDA B . 6.13 -4.46 -12.10
H4B FDA B . 8.00 -6.25 -13.53
H3B FDA B . 7.98 -6.74 -10.58
HO3A FDA B . 8.89 -8.62 -11.14
H2B FDA B . 10.33 -6.34 -10.45
HO2A FDA B . 11.73 -6.80 -11.98
H1B FDA B . 10.62 -4.67 -12.68
H8A FDA B . 8.67 -4.28 -9.35
H61A FDA B . 11.32 -0.51 -7.54
H62A FDA B . 12.66 0.41 -8.15
H2A FDA B . 13.70 -1.21 -12.28
HN1 FDA B . 0.74 -4.72 -7.64
HN3 FDA B . 1.59 -1.24 -5.63
HN5 FDA B . -1.97 -3.04 -3.29
H6 FDA B . -3.68 -4.33 -2.38
HM71 FDA B . -6.37 -6.65 -2.64
HM72 FDA B . -5.55 -5.40 -1.64
HM73 FDA B . -5.10 -7.14 -1.47
HM81 FDA B . -5.67 -8.49 -3.50
HM82 FDA B . -4.41 -9.29 -4.50
HM83 FDA B . -5.72 -8.31 -5.28
H9 FDA B . -3.05 -7.73 -6.09
H1'1 FDA B . -1.62 -7.42 -7.03
H1'2 FDA B . 0.01 -6.76 -7.35
H2' FDA B . -1.15 -4.87 -8.63
HO2' FDA B . -3.42 -6.40 -9.10
H3' FDA B . -1.99 -6.43 -10.51
HO3' FDA B . -1.26 -8.53 -10.36
H4' FDA B . 0.83 -6.59 -9.35
HO4' FDA B . -0.49 -4.47 -10.73
H5'1 FDA B . -0.38 -6.72 -12.13
H5'2 FDA B . 0.40 -8.08 -11.28
N CYS A 1 -34.52 -14.78 -10.92
CA CYS A 1 -35.20 -13.49 -11.09
C CYS A 1 -34.27 -12.47 -11.75
N ARG A 2 -33.00 -12.50 -11.35
CA ARG A 2 -32.01 -11.58 -11.90
C ARG A 2 -30.81 -12.33 -12.46
N ILE A 3 -30.49 -12.07 -13.72
CA ILE A 3 -29.36 -12.72 -14.38
C ILE A 3 -28.39 -11.69 -14.94
N SER A 4 -27.11 -11.91 -14.70
CA SER A 4 -26.08 -10.99 -15.19
C SER A 4 -24.80 -11.75 -15.55
N PHE A 5 -23.70 -11.02 -15.67
CA PHE A 5 -22.41 -11.63 -16.00
C PHE A 5 -21.31 -11.10 -15.10
N GLY A 6 -21.64 -10.87 -13.84
CA GLY A 6 -20.65 -10.36 -12.90
C GLY A 6 -20.75 -8.87 -12.73
N GLU A 7 -21.97 -8.34 -12.71
CA GLU A 7 -22.19 -6.91 -12.55
C GLU A 7 -22.74 -6.59 -11.17
N VAL A 8 -22.17 -7.22 -10.13
CA VAL A 8 -22.61 -7.00 -8.77
C VAL A 8 -21.46 -6.51 -7.90
N GLY A 9 -21.47 -5.23 -7.60
CA GLY A 9 -20.44 -4.64 -6.77
C GLY A 9 -19.35 -3.99 -7.57
N SER A 10 -19.67 -3.64 -8.80
CA SER A 10 -18.71 -2.99 -9.69
C SER A 10 -19.14 -1.57 -10.02
N PHE A 11 -18.17 -0.69 -10.25
CA PHE A 11 -18.47 0.69 -10.60
C PHE A 11 -17.64 1.16 -11.78
N GLU A 12 -18.03 2.28 -12.37
CA GLU A 12 -17.32 2.84 -13.51
C GLU A 12 -16.65 4.16 -13.15
N ALA A 13 -15.40 4.32 -13.57
CA ALA A 13 -14.65 5.54 -13.30
C ALA A 13 -13.93 6.03 -14.55
N GLU A 14 -13.74 7.34 -14.65
CA GLU A 14 -13.06 7.92 -15.80
C GLU A 14 -11.59 8.17 -15.49
N VAL A 15 -10.71 7.48 -16.21
CA VAL A 15 -9.27 7.62 -16.02
C VAL A 15 -8.76 8.93 -16.60
N VAL A 16 -7.91 9.62 -15.84
CA VAL A 16 -7.34 10.88 -16.27
C VAL A 16 -5.96 11.06 -15.68
N GLY A 17 -5.37 9.95 -15.26
CA GLY A 17 -4.05 9.99 -14.65
C GLY A 17 -2.97 9.45 -15.55
N LEU A 18 -2.18 8.55 -15.01
CA LEU A 18 -1.07 7.92 -15.71
C LEU A 18 0.08 8.90 -15.82
N ASN A 19 0.82 8.99 -14.75
CA ASN A 19 1.99 9.85 -14.70
C ASN A 19 3.20 9.02 -14.33
N TRP A 20 4.32 9.28 -14.97
CA TRP A 20 5.51 8.54 -14.64
C TRP A 20 6.26 9.26 -13.53
N VAL A 21 6.31 8.61 -12.38
CA VAL A 21 6.99 9.18 -11.22
C VAL A 21 8.39 8.62 -11.16
N SER A 22 8.55 7.44 -11.71
CA SER A 22 9.82 6.76 -11.71
C SER A 22 10.03 5.99 -13.01
N SER A 23 11.24 5.48 -13.20
CA SER A 23 11.59 4.74 -14.40
C SER A 23 10.61 3.60 -14.64
N ASN A 24 10.43 2.76 -13.63
CA ASN A 24 9.51 1.63 -13.72
C ASN A 24 8.40 1.75 -12.68
N THR A 25 7.83 2.94 -12.56
CA THR A 25 6.77 3.17 -11.61
C THR A 25 5.80 4.22 -12.13
N VAL A 26 4.51 4.00 -11.89
CA VAL A 26 3.49 4.92 -12.37
C VAL A 26 2.37 5.11 -11.35
N GLN A 27 1.90 6.34 -11.24
CA GLN A 27 0.81 6.68 -10.34
C GLN A 27 -0.35 7.28 -11.12
N PHE A 28 -1.45 6.55 -11.22
CA PHE A 28 -2.61 7.04 -11.95
C PHE A 28 -3.82 7.18 -11.05
N LEU A 29 -4.59 8.25 -11.26
CA LEU A 29 -5.78 8.53 -10.47
C LEU A 29 -7.03 8.50 -11.35
N LEU A 30 -8.13 8.00 -10.82
CA LEU A 30 -9.38 7.93 -11.58
C LEU A 30 -10.50 8.68 -10.90
N GLN A 31 -11.47 9.11 -11.70
CA GLN A 31 -12.63 9.80 -11.17
C GLN A 31 -13.88 8.98 -11.43
N LYS A 32 -14.38 8.33 -10.39
CA LYS A 32 -15.57 7.50 -10.49
C LYS A 32 -16.78 8.30 -10.95
N ARG A 33 -17.94 7.67 -10.89
CA ARG A 33 -19.18 8.31 -11.33
C ARG A 33 -19.42 9.64 -10.57
N PRO A 34 -20.12 9.66 -9.41
CA PRO A 34 -20.36 10.91 -8.69
C PRO A 34 -19.10 11.78 -8.59
N ASP A 35 -18.21 11.52 -7.62
CA ASP A 35 -16.99 12.30 -7.50
C ASP A 35 -15.81 11.49 -8.02
N GLU A 36 -14.60 11.92 -7.70
CA GLU A 36 -13.43 11.18 -8.18
C GLU A 36 -13.53 9.72 -7.76
N CYS A 37 -14.25 9.43 -6.68
CA CYS A 37 -14.44 8.03 -6.26
C CYS A 37 -15.89 7.60 -6.47
N GLY A 38 -16.74 8.55 -6.84
CA GLY A 38 -18.14 8.25 -7.09
C GLY A 38 -18.97 8.13 -5.83
N ASN A 39 -19.18 9.24 -5.14
CA ASN A 39 -19.96 9.25 -3.93
C ASN A 39 -19.32 8.37 -2.89
N ARG A 40 -18.08 7.99 -3.14
CA ARG A 40 -17.34 7.18 -2.20
C ARG A 40 -16.93 8.05 -1.02
N GLY A 41 -17.02 9.37 -1.22
CA GLY A 41 -16.68 10.34 -0.18
C GLY A 41 -16.26 9.72 1.14
N VAL A 42 -15.05 9.20 1.18
CA VAL A 42 -14.50 8.58 2.38
C VAL A 42 -13.08 9.03 2.67
N LYS A 43 -12.66 8.77 3.90
CA LYS A 43 -11.32 9.09 4.35
C LYS A 43 -10.40 7.88 4.18
N PHE A 44 -10.55 7.19 3.06
CA PHE A 44 -9.75 6.00 2.76
C PHE A 44 -10.18 4.83 3.64
N GLU A 45 -10.15 3.63 3.07
CA GLU A 45 -10.51 2.42 3.79
C GLU A 45 -9.28 1.54 3.97
N PRO A 46 -9.33 0.60 4.92
CA PRO A 46 -8.21 -0.31 5.19
C PRO A 46 -7.64 -0.92 3.90
N GLY A 47 -6.79 -0.16 3.22
CA GLY A 47 -6.19 -0.63 1.99
C GLY A 47 -7.13 -1.51 1.18
N GLN A 48 -8.40 -1.14 1.10
CA GLN A 48 -9.38 -1.91 0.36
C GLN A 48 -8.90 -2.14 -1.07
N PHE A 49 -9.47 -3.14 -1.75
CA PHE A 49 -9.08 -3.44 -3.13
C PHE A 49 -10.23 -4.08 -3.91
N MET A 50 -10.13 -4.03 -5.24
CA MET A 50 -11.14 -4.60 -6.11
C MET A 50 -10.50 -5.33 -7.31
N ASP A 51 -11.34 -5.76 -8.25
CA ASP A 51 -10.88 -6.45 -9.44
C ASP A 51 -11.12 -5.58 -10.66
N LEU A 52 -10.05 -5.04 -11.23
CA LEU A 52 -10.18 -4.15 -12.37
C LEU A 52 -8.98 -4.21 -13.32
N THR A 53 -9.24 -3.84 -14.58
CA THR A 53 -8.23 -3.81 -15.62
C THR A 53 -7.87 -2.38 -15.93
N ILE A 54 -6.66 -2.17 -16.46
CA ILE A 54 -6.19 -0.83 -16.78
C ILE A 54 -7.37 0.08 -17.16
N PRO A 55 -8.05 -0.14 -18.30
CA PRO A 55 -9.18 0.65 -18.73
C PRO A 55 -10.50 -0.12 -18.60
N GLY A 56 -10.42 -1.34 -18.06
CA GLY A 56 -11.60 -2.17 -17.93
C GLY A 56 -11.60 -3.33 -18.92
N THR A 57 -10.60 -3.33 -19.80
CA THR A 57 -10.44 -4.37 -20.83
C THR A 57 -11.11 -5.68 -20.41
N ASP A 58 -10.37 -6.54 -19.74
CA ASP A 58 -10.90 -7.84 -19.32
C ASP A 58 -10.29 -8.31 -17.99
N VAL A 59 -10.17 -7.39 -17.04
CA VAL A 59 -9.63 -7.71 -15.72
C VAL A 59 -8.10 -7.78 -15.74
N SER A 60 -7.46 -7.00 -14.86
CA SER A 60 -6.01 -6.98 -14.78
C SER A 60 -5.52 -7.81 -13.62
N ARG A 61 -6.05 -7.49 -12.45
CA ARG A 61 -5.68 -8.20 -11.23
C ARG A 61 -6.34 -7.57 -10.01
N SER A 62 -5.71 -7.78 -8.85
CA SER A 62 -6.22 -7.25 -7.58
C SER A 62 -5.36 -6.07 -7.12
N TYR A 63 -5.98 -4.90 -6.98
CA TYR A 63 -5.25 -3.73 -6.53
C TYR A 63 -6.06 -2.86 -5.57
N SER A 64 -5.49 -2.63 -4.40
CA SER A 64 -6.13 -1.83 -3.36
C SER A 64 -5.98 -0.33 -3.61
N PRO A 65 -7.07 0.35 -4.00
CA PRO A 65 -7.06 1.79 -4.25
C PRO A 65 -7.23 2.59 -2.96
N ALA A 66 -6.83 3.86 -2.98
CA ALA A 66 -6.94 4.70 -1.78
C ALA A 66 -7.82 5.93 -2.01
N ASN A 67 -8.79 6.13 -1.10
CA ASN A 67 -9.70 7.25 -1.17
C ASN A 67 -9.05 8.50 -0.57
N LEU A 68 -8.96 8.52 0.76
CA LEU A 68 -8.37 9.65 1.49
C LEU A 68 -9.45 10.55 2.07
N PRO A 69 -9.26 11.07 3.29
CA PRO A 69 -10.23 11.94 3.95
C PRO A 69 -10.92 12.86 2.96
N ASN A 70 -12.00 12.36 2.36
CA ASN A 70 -12.74 13.16 1.40
C ASN A 70 -14.13 12.59 1.17
N PRO A 71 -15.17 13.37 1.48
CA PRO A 71 -16.55 12.94 1.32
C PRO A 71 -17.07 13.20 -0.09
N GLU A 72 -16.20 12.99 -1.07
CA GLU A 72 -16.55 13.17 -2.46
C GLU A 72 -16.15 11.91 -3.22
N GLY A 73 -14.90 11.51 -3.04
CA GLY A 73 -14.39 10.33 -3.70
C GLY A 73 -13.12 10.62 -4.46
N ARG A 74 -12.01 10.12 -3.93
CA ARG A 74 -10.69 10.31 -4.55
C ARG A 74 -9.87 9.03 -4.47
N LEU A 75 -9.94 8.21 -5.51
CA LEU A 75 -9.22 6.95 -5.54
C LEU A 75 -7.89 7.10 -6.26
N GLU A 76 -6.83 6.60 -5.63
CA GLU A 76 -5.49 6.65 -6.18
C GLU A 76 -4.99 5.27 -6.55
N PHE A 77 -4.13 5.20 -7.55
CA PHE A 77 -3.57 3.94 -8.02
C PHE A 77 -2.06 4.07 -8.25
N LEU A 78 -1.30 3.13 -7.69
CA LEU A 78 0.16 3.15 -7.82
C LEU A 78 0.69 1.75 -8.14
N ILE A 79 1.04 1.54 -9.40
CA ILE A 79 1.53 0.24 -9.84
C ILE A 79 2.99 0.32 -10.29
N ARG A 80 3.83 -0.54 -9.74
CA ARG A 80 5.24 -0.55 -10.12
C ARG A 80 5.40 -1.31 -11.44
N VAL A 81 5.42 -0.55 -12.53
CA VAL A 81 5.54 -1.12 -13.87
C VAL A 81 6.98 -1.24 -14.31
N LEU A 82 7.29 -2.31 -15.02
CA LEU A 82 8.64 -2.56 -15.52
C LEU A 82 8.83 -1.92 -16.89
N PRO A 83 10.07 -1.53 -17.22
CA PRO A 83 10.39 -0.90 -18.50
C PRO A 83 10.29 -1.87 -19.67
N GLU A 84 10.10 -3.15 -19.34
CA GLU A 84 9.99 -4.19 -20.37
C GLU A 84 8.67 -4.06 -21.12
N GLY A 85 7.67 -3.48 -20.47
CA GLY A 85 6.37 -3.31 -21.10
C GLY A 85 5.28 -4.10 -20.40
N ARG A 86 5.66 -4.89 -19.41
CA ARG A 86 4.70 -5.70 -18.66
C ARG A 86 3.39 -4.96 -18.49
N PHE A 87 3.38 -3.96 -17.61
CA PHE A 87 2.19 -3.17 -17.35
C PHE A 87 2.41 -1.72 -17.75
N SER A 88 3.67 -1.30 -17.80
CA SER A 88 4.02 0.07 -18.15
C SER A 88 3.65 0.37 -19.60
N ASP A 89 3.80 -0.62 -20.47
CA ASP A 89 3.46 -0.45 -21.88
C ASP A 89 1.96 -0.48 -22.06
N TYR A 90 1.31 -1.28 -21.22
CA TYR A 90 -0.13 -1.42 -21.26
C TYR A 90 -0.81 -0.17 -20.68
N LEU A 91 -0.14 0.47 -19.73
CA LEU A 91 -0.66 1.67 -19.10
C LEU A 91 -0.69 2.84 -20.08
N ARG A 92 0.35 2.95 -20.90
CA ARG A 92 0.44 4.03 -21.87
C ARG A 92 -0.15 3.64 -23.22
N ASN A 93 -0.27 2.32 -23.46
CA ASN A 93 -0.81 1.83 -24.72
C ASN A 93 -2.30 1.49 -24.58
N ASP A 94 -2.79 1.47 -23.35
CA ASP A 94 -4.20 1.15 -23.10
C ASP A 94 -4.89 2.26 -22.31
N ALA A 95 -4.09 3.18 -21.76
CA ALA A 95 -4.65 4.28 -20.98
C ALA A 95 -4.03 5.61 -21.40
N ARG A 96 -3.71 5.71 -22.69
CA ARG A 96 -3.11 6.92 -23.25
C ARG A 96 -3.95 8.15 -22.95
N VAL A 97 -5.23 8.10 -23.30
CA VAL A 97 -6.13 9.21 -23.09
C VAL A 97 -6.79 9.13 -21.71
N GLY A 98 -8.09 9.37 -21.66
CA GLY A 98 -8.81 9.34 -20.41
C GLY A 98 -9.94 8.32 -20.43
N GLN A 99 -9.77 7.29 -21.24
CA GLN A 99 -10.76 6.24 -21.35
C GLN A 99 -11.36 5.91 -19.99
N VAL A 100 -12.51 5.21 -20.00
CA VAL A 100 -13.19 4.84 -18.76
C VAL A 100 -12.75 3.45 -18.31
N LEU A 101 -12.57 3.29 -17.00
CA LEU A 101 -12.16 2.02 -16.44
C LEU A 101 -13.07 1.63 -15.29
N SER A 102 -13.66 0.45 -15.37
CA SER A 102 -14.57 -0.01 -14.34
C SER A 102 -13.83 -0.82 -13.28
N VAL A 103 -14.14 -0.53 -12.02
CA VAL A 103 -13.52 -1.25 -10.91
C VAL A 103 -14.56 -2.08 -10.19
N LYS A 104 -14.28 -3.35 -9.98
CA LYS A 104 -15.22 -4.23 -9.33
C LYS A 104 -14.57 -5.02 -8.20
N GLY A 105 -14.97 -4.74 -6.96
CA GLY A 105 -14.42 -5.48 -5.84
C GLY A 105 -14.39 -4.70 -4.54
N PRO A 106 -15.55 -4.50 -3.90
CA PRO A 106 -15.64 -3.78 -2.63
C PRO A 106 -15.18 -4.66 -1.47
N LEU A 107 -13.97 -5.21 -1.61
CA LEU A 107 -13.40 -6.10 -0.60
C LEU A 107 -12.38 -5.38 0.27
N GLY A 108 -12.02 -6.03 1.37
CA GLY A 108 -11.03 -5.48 2.29
C GLY A 108 -9.73 -6.25 2.22
N VAL A 109 -8.71 -5.76 2.90
CA VAL A 109 -7.42 -6.42 2.90
C VAL A 109 -6.64 -6.13 4.19
N PHE A 110 -6.45 -7.16 4.99
CA PHE A 110 -5.73 -7.05 6.24
C PHE A 110 -4.25 -6.82 5.99
N GLY A 111 -3.77 -5.65 6.37
CA GLY A 111 -2.37 -5.32 6.19
C GLY A 111 -1.89 -4.37 7.26
N LEU A 112 -2.68 -3.34 7.52
CA LEU A 112 -2.35 -2.36 8.54
C LEU A 112 -3.62 -1.84 9.20
N LYS A 113 -3.72 -2.04 10.51
CA LYS A 113 -4.90 -1.60 11.27
C LYS A 113 -4.51 -0.98 12.60
N GLU A 114 -4.74 0.31 12.73
CA GLU A 114 -4.44 1.03 13.96
C GLU A 114 -5.52 0.79 15.00
N ARG A 115 -5.12 0.61 16.25
CA ARG A 115 -6.07 0.36 17.33
C ARG A 115 -6.38 1.64 18.10
N GLY A 116 -5.97 2.76 17.54
CA GLY A 116 -6.22 4.04 18.18
C GLY A 116 -4.95 4.62 18.76
N MET A 117 -4.55 4.11 19.91
CA MET A 117 -3.34 4.57 20.58
C MET A 117 -2.46 3.38 20.96
N ALA A 118 -1.58 2.99 20.06
CA ALA A 118 -0.68 1.87 20.31
C ALA A 118 0.44 1.82 19.28
N PRO A 119 1.60 1.28 19.66
CA PRO A 119 2.76 1.16 18.76
C PRO A 119 2.47 0.22 17.60
N ARG A 120 2.49 0.77 16.39
CA ARG A 120 2.20 -0.04 15.20
C ARG A 120 3.33 0.05 14.17
N TYR A 121 3.80 -1.12 13.72
CA TYR A 121 4.86 -1.19 12.74
C TYR A 121 4.28 -1.62 11.40
N PHE A 122 4.36 -0.75 10.42
CA PHE A 122 3.85 -1.05 9.09
C PHE A 122 4.96 -0.97 8.07
N VAL A 123 5.33 -2.11 7.52
CA VAL A 123 6.38 -2.16 6.52
C VAL A 123 5.82 -2.46 5.15
N ALA A 124 5.87 -1.47 4.28
CA ALA A 124 5.38 -1.62 2.92
C ALA A 124 6.54 -1.77 1.96
N GLY A 125 6.45 -2.74 1.08
CA GLY A 125 7.51 -2.97 0.12
C GLY A 125 7.11 -2.58 -1.28
N GLY A 126 7.58 -1.43 -1.73
CA GLY A 126 7.25 -0.99 -3.07
C GLY A 126 6.61 0.39 -3.09
N THR A 127 5.88 0.70 -4.16
CA THR A 127 5.20 1.99 -4.29
C THR A 127 3.69 1.84 -4.18
N GLY A 128 3.20 0.62 -4.30
CA GLY A 128 1.77 0.38 -4.19
C GLY A 128 1.24 0.64 -2.79
N LEU A 129 2.09 1.22 -1.94
CA LEU A 129 1.72 1.53 -0.57
C LEU A 129 0.88 2.79 -0.54
N ALA A 130 0.56 3.32 -1.72
CA ALA A 130 -0.22 4.54 -1.79
C ALA A 130 -1.41 4.45 -0.84
N PRO A 131 -2.10 3.30 -0.82
CA PRO A 131 -3.23 3.08 0.07
C PRO A 131 -2.72 2.88 1.49
N VAL A 132 -1.57 2.23 1.60
CA VAL A 132 -0.95 1.99 2.88
C VAL A 132 -0.59 3.34 3.52
N VAL A 133 -0.05 4.23 2.71
CA VAL A 133 0.32 5.55 3.15
C VAL A 133 -0.92 6.39 3.44
N SER A 134 -2.01 6.10 2.72
CA SER A 134 -3.25 6.83 2.91
C SER A 134 -3.78 6.58 4.33
N MET A 135 -3.89 5.31 4.70
CA MET A 135 -4.36 4.96 6.05
C MET A 135 -3.40 5.54 7.08
N VAL A 136 -2.10 5.34 6.83
CA VAL A 136 -1.07 5.85 7.71
C VAL A 136 -1.19 7.38 7.80
N ARG A 137 -1.59 7.99 6.71
CA ARG A 137 -1.75 9.43 6.65
C ARG A 137 -2.75 9.89 7.71
N GLN A 138 -3.75 9.07 7.97
CA GLN A 138 -4.76 9.40 8.98
C GLN A 138 -4.09 9.43 10.35
N MET A 139 -3.23 8.46 10.60
CA MET A 139 -2.51 8.37 11.87
C MET A 139 -1.46 9.48 11.98
N GLN A 140 -0.89 9.84 10.85
CA GLN A 140 0.13 10.88 10.79
C GLN A 140 -0.48 12.29 10.87
N GLU A 141 -1.71 12.45 10.38
CA GLU A 141 -2.37 13.75 10.36
C GLU A 141 -2.77 14.20 11.76
N TRP A 142 -3.35 13.28 12.54
CA TRP A 142 -3.76 13.61 13.88
C TRP A 142 -2.57 13.55 14.82
N THR A 143 -1.54 12.84 14.38
CA THR A 143 -0.30 12.71 15.14
C THR A 143 -0.58 12.27 16.57
N ALA A 144 -1.67 11.54 16.77
CA ALA A 144 -2.03 11.05 18.10
C ALA A 144 -0.79 10.79 18.95
N PRO A 145 -0.91 10.93 20.28
CA PRO A 145 0.20 10.72 21.21
C PRO A 145 0.80 9.32 21.12
N ASN A 146 0.14 8.43 20.39
CA ASN A 146 0.61 7.06 20.23
C ASN A 146 1.79 6.96 19.27
N GLU A 147 2.73 6.07 19.59
CA GLU A 147 3.92 5.85 18.79
C GLU A 147 3.57 5.09 17.52
N THR A 148 3.98 5.66 16.40
CA THR A 148 3.74 5.07 15.10
C THR A 148 5.05 4.73 14.41
N ARG A 149 5.24 3.48 14.07
CA ARG A 149 6.46 3.09 13.40
C ARG A 149 6.22 2.93 11.92
N ILE A 150 7.12 3.47 11.12
CA ILE A 150 7.00 3.42 9.68
C ILE A 150 8.12 2.57 9.11
N TYR A 151 7.74 1.66 8.25
CA TYR A 151 8.69 0.76 7.63
C TYR A 151 8.59 0.87 6.11
N PHE A 152 9.61 1.46 5.48
CA PHE A 152 9.58 1.62 4.02
C PHE A 152 10.79 0.96 3.36
N GLY A 153 10.56 0.17 2.31
CA GLY A 153 11.68 -0.48 1.64
C GLY A 153 11.36 -0.95 0.25
N VAL A 154 12.41 -1.05 -0.57
CA VAL A 154 12.24 -1.46 -1.96
C VAL A 154 13.57 -1.80 -2.65
N ASN A 155 14.04 -0.90 -3.53
CA ASN A 155 15.28 -1.10 -4.27
C ASN A 155 16.39 -0.19 -3.79
N THR A 156 17.58 -0.38 -4.33
CA THR A 156 18.75 0.43 -3.97
C THR A 156 18.35 1.87 -3.66
N GLU A 157 17.45 2.42 -4.48
CA GLU A 157 16.98 3.79 -4.28
C GLU A 157 16.50 4.42 -5.59
N PRO A 158 17.23 4.19 -6.70
CA PRO A 158 16.87 4.75 -8.00
C PRO A 158 15.36 4.71 -8.26
N GLU A 159 14.68 3.72 -7.69
CA GLU A 159 13.24 3.58 -7.86
C GLU A 159 12.51 4.04 -6.60
N LEU A 160 13.25 4.20 -5.52
CA LEU A 160 12.68 4.64 -4.24
C LEU A 160 12.81 6.16 -4.08
N PHE A 161 12.18 6.70 -3.04
CA PHE A 161 12.23 8.13 -2.77
C PHE A 161 11.35 8.48 -1.57
N TYR A 162 11.05 9.77 -1.44
CA TYR A 162 10.21 10.25 -0.35
C TYR A 162 10.95 10.21 0.98
N ILE A 163 12.25 9.93 0.93
CA ILE A 163 13.07 9.86 2.14
C ILE A 163 12.98 11.19 2.90
N ASP A 164 13.04 12.28 2.16
CA ASP A 164 12.95 13.61 2.76
C ASP A 164 11.59 13.79 3.42
N GLU A 165 10.59 13.09 2.89
CA GLU A 165 9.24 13.16 3.42
C GLU A 165 9.17 12.45 4.76
N LEU A 166 9.74 11.26 4.80
CA LEU A 166 9.76 10.47 6.03
C LEU A 166 10.57 11.20 7.10
N LYS A 167 11.57 11.96 6.66
CA LYS A 167 12.40 12.71 7.60
C LYS A 167 11.52 13.69 8.35
N SER A 168 10.67 14.40 7.62
CA SER A 168 9.74 15.34 8.23
C SER A 168 8.82 14.58 9.17
N LEU A 169 8.54 13.33 8.83
CA LEU A 169 7.70 12.51 9.66
C LEU A 169 8.38 12.32 11.01
N GLU A 170 9.70 12.16 10.97
CA GLU A 170 10.48 11.99 12.18
C GLU A 170 10.45 13.26 13.02
N ARG A 171 10.45 14.40 12.35
CA ARG A 171 10.42 15.69 13.03
C ARG A 171 9.01 16.03 13.51
N SER A 172 8.01 15.65 12.72
CA SER A 172 6.62 15.94 13.07
C SER A 172 6.02 14.84 13.95
N MET A 173 5.63 13.74 13.30
CA MET A 173 5.02 12.59 13.98
C MET A 173 5.40 12.53 15.46
N ARG A 174 4.38 12.46 16.30
CA ARG A 174 4.55 12.39 17.75
C ARG A 174 5.75 11.51 18.11
N ASN A 175 5.49 10.23 18.32
CA ASN A 175 6.54 9.30 18.68
C ASN A 175 6.67 8.22 17.62
N LEU A 176 6.97 8.65 16.41
CA LEU A 176 7.10 7.73 15.29
C LEU A 176 8.56 7.47 14.94
N THR A 177 8.81 6.34 14.28
CA THR A 177 10.16 5.95 13.88
C THR A 177 10.16 5.40 12.46
N VAL A 178 10.97 6.01 11.60
CA VAL A 178 11.07 5.59 10.20
C VAL A 178 12.14 4.52 10.01
N LYS A 179 11.82 3.49 9.22
CA LYS A 179 12.77 2.41 8.96
C LYS A 179 13.39 2.55 7.59
N ALA A 180 14.72 2.46 7.54
CA ALA A 180 15.45 2.60 6.30
C ALA A 180 15.79 1.23 5.73
N CYS A 181 15.06 0.88 4.69
CA CYS A 181 15.21 -0.39 4.00
C CYS A 181 16.20 -0.27 2.84
N VAL A 182 16.25 -1.29 1.99
CA VAL A 182 17.15 -1.29 0.86
C VAL A 182 18.59 -1.09 1.29
N TRP A 183 19.47 -1.69 0.53
CA TRP A 183 20.91 -1.66 0.78
C TRP A 183 21.60 -1.35 -0.54
N HIS A 184 21.54 -2.34 -1.43
CA HIS A 184 22.12 -2.21 -2.76
C HIS A 184 21.44 -3.15 -3.77
N PRO A 185 20.11 -3.39 -3.64
CA PRO A 185 19.37 -4.28 -4.55
C PRO A 185 19.15 -3.66 -5.93
N SER A 186 17.93 -3.14 -6.17
CA SER A 186 17.57 -2.51 -7.45
C SER A 186 16.17 -2.91 -7.90
N GLY A 187 15.28 -3.17 -6.96
CA GLY A 187 13.92 -3.56 -7.28
C GLY A 187 13.74 -5.06 -7.33
N ASP A 188 14.73 -5.76 -6.81
CA ASP A 188 14.72 -7.20 -6.73
C ASP A 188 15.25 -7.59 -5.38
N TRP A 189 14.52 -7.20 -4.35
CA TRP A 189 14.94 -7.46 -3.00
C TRP A 189 13.84 -8.03 -2.14
N GLU A 190 14.01 -9.29 -1.71
CA GLU A 190 13.03 -9.91 -0.85
C GLU A 190 13.35 -9.52 0.59
N GLY A 191 12.57 -8.59 1.13
CA GLY A 191 12.80 -8.12 2.48
C GLY A 191 12.44 -6.66 2.63
N GLU A 192 13.43 -5.87 3.05
CA GLU A 192 13.25 -4.45 3.24
C GLU A 192 14.62 -3.79 3.21
N GLN A 193 15.33 -3.87 4.33
CA GLN A 193 16.68 -3.35 4.43
C GLN A 193 17.68 -4.49 4.29
N GLY A 194 18.85 -4.21 3.73
CA GLY A 194 19.82 -5.27 3.56
C GLY A 194 19.86 -6.19 4.77
N SER A 195 19.30 -7.38 4.61
CA SER A 195 19.26 -8.38 5.68
C SER A 195 18.01 -9.26 5.57
N PRO A 196 17.92 -10.30 6.40
CA PRO A 196 16.78 -11.22 6.40
C PRO A 196 15.55 -10.62 7.09
N ILE A 197 15.64 -10.47 8.41
CA ILE A 197 14.53 -9.93 9.19
C ILE A 197 14.79 -10.12 10.70
N ASP A 198 16.06 -9.98 11.07
CA ASP A 198 16.51 -10.14 12.45
C ASP A 198 16.08 -8.98 13.36
N ALA A 199 16.03 -7.77 12.81
CA ALA A 199 15.70 -6.58 13.60
C ALA A 199 14.34 -6.67 14.28
N LEU A 200 13.32 -7.11 13.57
CA LEU A 200 11.98 -7.23 14.18
C LEU A 200 11.92 -8.39 15.16
N ARG A 201 12.73 -9.41 14.92
CA ARG A 201 12.75 -10.59 15.78
C ARG A 201 13.08 -10.23 17.23
N GLU A 202 14.18 -9.51 17.43
CA GLU A 202 14.59 -9.13 18.77
C GLU A 202 13.70 -8.04 19.34
N ASP A 203 13.35 -7.05 18.52
CA ASP A 203 12.48 -5.98 18.97
C ASP A 203 11.15 -6.58 19.40
N LEU A 204 10.81 -7.71 18.78
CA LEU A 204 9.59 -8.41 19.11
C LEU A 204 9.68 -8.88 20.55
N GLU A 205 10.80 -9.53 20.87
CA GLU A 205 11.03 -10.02 22.23
C GLU A 205 11.18 -8.86 23.20
N SER A 206 11.64 -7.71 22.71
CA SER A 206 11.82 -6.54 23.55
C SER A 206 10.48 -5.90 23.87
N SER A 207 9.99 -5.08 22.95
CA SER A 207 8.72 -4.40 23.13
C SER A 207 8.55 -3.28 22.10
N ASP A 208 7.97 -3.63 20.97
CA ASP A 208 7.75 -2.66 19.89
C ASP A 208 7.44 -3.37 18.58
N ALA A 209 6.42 -4.24 18.62
CA ALA A 209 6.00 -5.00 17.45
C ALA A 209 5.39 -6.32 17.88
N ASN A 210 4.07 -6.35 17.89
CA ASN A 210 3.34 -7.54 18.31
C ASN A 210 1.85 -7.26 18.40
N PRO A 211 1.46 -6.25 19.22
CA PRO A 211 0.05 -5.89 19.39
C PRO A 211 -0.58 -5.54 18.05
N ASP A 212 0.07 -4.67 17.31
CA ASP A 212 -0.39 -4.26 16.00
C ASP A 212 0.78 -4.32 15.03
N ILE A 213 0.73 -5.30 14.14
CA ILE A 213 1.77 -5.46 13.16
C ILE A 213 1.17 -5.40 11.77
N TYR A 214 1.69 -4.52 10.96
CA TYR A 214 1.19 -4.33 9.63
C TYR A 214 2.26 -4.63 8.61
N LEU A 215 1.93 -5.51 7.68
CA LEU A 215 2.87 -5.92 6.65
C LEU A 215 2.30 -5.71 5.25
N CYS A 216 2.98 -4.88 4.47
CA CYS A 216 2.56 -4.61 3.10
C CYS A 216 3.70 -4.93 2.15
N GLY A 217 3.41 -5.67 1.09
CA GLY A 217 4.45 -6.03 0.14
C GLY A 217 4.27 -7.42 -0.44
N PRO A 218 5.37 -8.06 -0.82
CA PRO A 218 5.33 -9.41 -1.40
C PRO A 218 4.97 -10.47 -0.37
N PRO A 219 4.64 -11.68 -0.84
CA PRO A 219 4.27 -12.80 0.03
C PRO A 219 5.40 -13.18 0.99
N GLY A 220 6.59 -12.61 0.77
CA GLY A 220 7.72 -12.91 1.60
C GLY A 220 7.59 -12.37 3.00
N MET A 221 7.35 -11.08 3.15
CA MET A 221 7.20 -10.51 4.48
C MET A 221 6.11 -11.26 5.21
N ILE A 222 5.20 -11.83 4.44
CA ILE A 222 4.13 -12.63 5.00
C ILE A 222 4.63 -14.00 5.41
N ASP A 223 5.47 -14.61 4.58
CA ASP A 223 6.00 -15.94 4.86
C ASP A 223 7.09 -15.93 5.93
N ALA A 224 8.07 -15.04 5.78
CA ALA A 224 9.18 -14.95 6.72
C ALA A 224 8.80 -14.25 8.02
N ALA A 225 8.15 -13.09 7.90
CA ALA A 225 7.77 -12.33 9.08
C ALA A 225 6.71 -13.06 9.91
N CYS A 226 5.76 -13.70 9.22
CA CYS A 226 4.71 -14.44 9.92
C CYS A 226 5.28 -15.62 10.68
N GLU A 227 6.16 -16.38 10.03
CA GLU A 227 6.79 -17.53 10.68
C GLU A 227 7.69 -17.05 11.80
N LEU A 228 8.34 -15.93 11.58
CA LEU A 228 9.23 -15.31 12.56
C LEU A 228 8.50 -14.98 13.84
N VAL A 229 7.45 -14.19 13.68
CA VAL A 229 6.64 -13.72 14.79
C VAL A 229 5.78 -14.82 15.38
N ARG A 230 5.17 -15.63 14.51
CA ARG A 230 4.34 -16.73 14.96
C ARG A 230 5.16 -17.73 15.77
N SER A 231 6.44 -17.82 15.43
CA SER A 231 7.35 -18.72 16.12
C SER A 231 8.04 -18.04 17.28
N ARG A 232 8.19 -16.72 17.18
CA ARG A 232 8.84 -15.94 18.22
C ARG A 232 8.15 -16.12 19.56
N GLY A 233 6.92 -15.61 19.66
CA GLY A 233 6.17 -15.72 20.90
C GLY A 233 5.27 -14.53 21.15
N ILE A 234 5.84 -13.32 21.13
CA ILE A 234 5.09 -12.11 21.36
C ILE A 234 3.67 -12.23 20.81
N PRO A 235 2.72 -12.60 21.67
CA PRO A 235 1.31 -12.75 21.29
C PRO A 235 0.68 -11.43 20.86
N GLY A 236 0.24 -11.36 19.62
CA GLY A 236 -0.37 -10.15 19.11
C GLY A 236 -1.87 -10.29 18.89
N GLU A 237 -2.59 -9.18 18.95
CA GLU A 237 -4.03 -9.19 18.75
C GLU A 237 -4.42 -8.37 17.53
N GLN A 238 -3.72 -7.27 17.30
CA GLN A 238 -3.99 -6.41 16.16
C GLN A 238 -2.96 -6.64 15.07
N VAL A 239 -2.54 -7.89 14.92
CA VAL A 239 -1.56 -8.25 13.91
C VAL A 239 -2.23 -8.61 12.60
N PHE A 240 -1.77 -7.99 11.53
CA PHE A 240 -2.34 -8.22 10.20
C PHE A 240 -1.28 -8.11 9.10
N PHE A 241 -1.41 -8.96 8.09
CA PHE A 241 -0.45 -8.97 6.98
C PHE A 241 -1.16 -8.97 5.62
N GLU A 242 -0.61 -8.22 4.68
CA GLU A 242 -1.16 -8.13 3.32
C GLU A 242 -0.05 -8.32 2.28
N LYS A 243 -0.39 -8.90 1.13
CA LYS A 243 0.59 -9.13 0.08
C LYS A 243 0.30 -8.34 -1.20
N PHE A 244 1.08 -7.28 -1.43
CA PHE A 244 0.95 -6.45 -2.62
C PHE A 244 2.34 -6.12 -3.19
N LEU A 245 2.44 -6.05 -4.51
CA LEU A 245 3.72 -5.74 -5.19
C LEU A 245 4.78 -6.80 -4.91
N PRO A 246 5.77 -6.92 -5.81
CA PRO A 246 6.88 -7.87 -5.69
C PRO A 246 7.78 -7.59 -4.49
N SER A 247 9.08 -7.77 -4.67
CA SER A 247 10.03 -7.54 -3.59
C SER A 247 9.87 -6.15 -3.01
N GLY A 248 10.23 -6.01 -1.73
CA GLY A 248 10.13 -4.73 -1.06
C GLY A 248 9.93 -4.91 0.44
N ALA A 249 8.95 -5.71 0.78
CA ALA A 249 8.62 -5.98 2.18
C ALA A 249 9.03 -7.40 2.58
N ALA A 250 9.54 -7.54 3.80
CA ALA A 250 9.96 -8.84 4.34
C ALA A 250 11.19 -8.66 5.24
PA FDA B . 3.93 -4.33 -13.32
O1A FDA B . 4.01 -4.10 -14.78
O2A FDA B . 3.53 -3.29 -12.57
O5B FDA B . 5.37 -4.77 -13.12
C5B FDA B . 5.82 -5.34 -11.84
C4B FDA B . 7.32 -5.79 -11.90
O4B FDA B . 8.05 -4.61 -11.41
C3B FDA B . 7.81 -6.91 -10.96
O3B FDA B . 7.64 -8.21 -11.42
C2B FDA B . 9.25 -6.53 -10.68
O2B FDA B . 10.15 -7.26 -11.46
C1B FDA B . 9.37 -5.05 -10.97
N9A FDA B . 9.63 -4.18 -9.84
C8A FDA B . 8.90 -4.11 -8.69
N7A FDA B . 9.36 -3.21 -7.83
C5A FDA B . 10.45 -2.68 -8.44
C6A FDA B . 11.41 -1.63 -8.00
N6A FDA B . 11.36 -1.00 -6.84
N1A FDA B . 12.42 -1.34 -8.91
C2A FDA B . 12.52 -1.96 -10.12
N3A FDA B . 11.69 -2.92 -10.60
C4A FDA B . 10.66 -3.25 -9.71
N1 FDA B . 0.14 -4.08 -6.63
C2 FDA B . 0.75 -2.89 -6.70
O2 FDA B . 1.61 -2.66 -7.47
N3 FDA B . 0.39 -1.82 -5.81
C4 FDA B . -0.60 -1.97 -4.85
O4 FDA B . -0.87 -1.02 -4.14
C4X FDA B . -1.27 -3.26 -4.76
N5 FDA B . -2.23 -3.46 -3.83
C5X FDA B . -2.84 -4.71 -3.76
C6 FDA B . -3.83 -4.89 -2.75
C7 FDA B . -4.50 -6.10 -2.58
C7M FDA B . -5.51 -6.22 -1.49
C8 FDA B . -4.20 -7.24 -3.47
C8M FDA B . -4.89 -8.57 -3.34
C9 FDA B . -3.21 -7.09 -4.49
C9A FDA B . -2.54 -5.83 -4.64
N10 FDA B . -1.49 -5.56 -5.63
C10 FDA B . -0.86 -4.32 -5.71
C1' FDA B . -1.12 -6.71 -6.51
C2' FDA B . -1.44 -6.34 -7.94
O2' FDA B . -2.58 -7.07 -8.35
C3' FDA B . -0.32 -6.67 -8.86
O3' FDA B . 0.88 -6.06 -8.45
C4' FDA B . -0.67 -6.20 -10.23
O4' FDA B . -2.05 -6.40 -10.59
C5' FDA B . 0.21 -6.92 -11.16
O5' FDA B . 1.33 -5.93 -11.66
P FDA B . 2.55 -6.57 -12.17
O1P FDA B . 3.40 -6.68 -10.89
O2P FDA B . 2.26 -7.77 -12.80
O3P FDA B . 3.03 -5.64 -13.18
H51A FDA B . 5.20 -6.23 -11.62
H52A FDA B . 5.67 -4.61 -11.03
H4B FDA B . 7.47 -6.19 -12.91
H3B FDA B . 7.19 -6.98 -10.06
HO3A FDA B . 7.36 -8.80 -10.66
H2B FDA B . 9.53 -6.77 -9.64
HO2A FDA B . 11.09 -7.04 -11.20
H1B FDA B . 10.21 -4.96 -11.68
H8A FDA B . 8.01 -4.73 -8.49
H61A FDA B . 10.63 -1.23 -6.20
H62A FDA B . 12.05 -0.31 -6.62
H2A FDA B . 13.35 -1.65 -10.78
HN1 FDA B . 0.40 -4.80 -7.27
HN3 FDA B . 0.86 -0.95 -5.89
HN5 FDA B . -2.49 -2.72 -3.21
H6 FDA B . -4.06 -4.05 -2.07
HM71 FDA B . -6.25 -5.40 -1.57
HM72 FDA B . -5.00 -6.13 -0.52
HM73 FDA B . -6.02 -7.19 -1.56
HM81 FDA B . -4.17 -9.38 -3.54
HM82 FDA B . -5.70 -8.62 -4.09
HM83 FDA B . -5.30 -8.68 -2.33
H9 FDA B . -2.97 -7.93 -5.15
H1'1 FDA B . -1.72 -7.60 -6.22
H1'2 FDA B . -0.05 -6.97 -6.39
H2' FDA B . -1.61 -5.26 -8.00
HO2' FDA B . -2.66 -7.91 -7.80
H3' FDA B . -0.17 -7.76 -8.82
HO3' FDA B . 1.28 -5.57 -9.23
H4' FDA B . -0.51 -5.11 -10.28
HO4' FDA B . -2.52 -5.51 -10.65
H5'1 FDA B . -0.40 -7.23 -12.04
H5'2 FDA B . 0.63 -7.81 -10.71
N CYS A 1 -33.61 -2.36 -7.26
CA CYS A 1 -32.95 -3.52 -6.70
C CYS A 1 -31.81 -3.11 -5.77
N ARG A 2 -32.15 -2.39 -4.71
CA ARG A 2 -31.17 -1.93 -3.73
C ARG A 2 -31.51 -2.41 -2.33
N ILE A 3 -32.12 -3.59 -2.25
CA ILE A 3 -32.51 -4.16 -0.97
C ILE A 3 -31.55 -5.28 -0.55
N SER A 4 -31.00 -5.15 0.66
CA SER A 4 -30.06 -6.14 1.17
C SER A 4 -28.99 -6.48 0.14
N PHE A 5 -28.26 -5.46 -0.30
CA PHE A 5 -27.20 -5.64 -1.29
C PHE A 5 -27.79 -5.91 -2.67
N GLY A 6 -27.27 -5.21 -3.67
CA GLY A 6 -27.75 -5.39 -5.03
C GLY A 6 -26.62 -5.60 -6.02
N GLU A 7 -25.63 -6.39 -5.63
CA GLU A 7 -24.48 -6.68 -6.49
C GLU A 7 -23.94 -5.40 -7.12
N VAL A 8 -23.76 -4.37 -6.29
CA VAL A 8 -23.23 -3.10 -6.76
C VAL A 8 -21.96 -2.72 -6.02
N GLY A 9 -20.82 -2.92 -6.67
CA GLY A 9 -19.55 -2.60 -6.06
C GLY A 9 -18.56 -2.05 -7.05
N SER A 10 -19.07 -1.55 -8.15
CA SER A 10 -18.23 -0.98 -9.21
C SER A 10 -18.28 0.55 -9.16
N PHE A 11 -17.20 1.18 -9.60
CA PHE A 11 -17.11 2.63 -9.60
C PHE A 11 -16.62 3.15 -10.96
N GLU A 12 -17.00 4.37 -11.31
CA GLU A 12 -16.59 4.95 -12.58
C GLU A 12 -15.62 6.12 -12.35
N ALA A 13 -14.46 6.04 -13.00
CA ALA A 13 -13.46 7.08 -12.84
C ALA A 13 -12.95 7.55 -14.20
N GLU A 14 -12.47 8.79 -14.23
CA GLU A 14 -11.94 9.36 -15.47
C GLU A 14 -10.42 9.26 -15.48
N VAL A 15 -9.88 8.65 -16.53
CA VAL A 15 -8.44 8.50 -16.64
C VAL A 15 -7.78 9.85 -16.91
N VAL A 16 -6.97 10.29 -15.97
CA VAL A 16 -6.27 11.56 -16.09
C VAL A 16 -4.91 11.49 -15.43
N GLY A 17 -4.48 10.25 -15.16
CA GLY A 17 -3.20 10.04 -14.53
C GLY A 17 -2.59 8.72 -14.94
N LEU A 18 -1.46 8.82 -15.58
CA LEU A 18 -0.73 7.65 -16.03
C LEU A 18 0.74 7.99 -16.19
N ASN A 19 1.31 8.54 -15.15
CA ASN A 19 2.71 8.93 -15.16
C ASN A 19 3.54 7.81 -14.55
N TRP A 20 4.78 7.69 -14.99
CA TRP A 20 5.64 6.70 -14.41
C TRP A 20 6.34 7.33 -13.22
N VAL A 21 6.02 6.85 -12.03
CA VAL A 21 6.62 7.38 -10.81
C VAL A 21 8.03 6.85 -10.66
N SER A 22 8.26 5.72 -11.29
CA SER A 22 9.55 5.07 -11.24
C SER A 22 9.82 4.27 -12.51
N SER A 23 10.95 3.56 -12.52
CA SER A 23 11.32 2.76 -13.68
C SER A 23 10.18 1.86 -14.11
N ASN A 24 9.71 1.04 -13.19
CA ASN A 24 8.60 0.13 -13.46
C ASN A 24 7.47 0.41 -12.48
N THR A 25 7.11 1.68 -12.36
CA THR A 25 6.05 2.09 -11.46
C THR A 25 5.31 3.29 -12.01
N VAL A 26 4.00 3.29 -11.83
CA VAL A 26 3.16 4.36 -12.35
C VAL A 26 2.05 4.74 -11.39
N GLN A 27 1.70 6.02 -11.42
CA GLN A 27 0.64 6.56 -10.59
C GLN A 27 -0.57 6.89 -11.46
N PHE A 28 -1.74 6.41 -11.06
CA PHE A 28 -2.96 6.64 -11.82
C PHE A 28 -4.05 7.28 -10.97
N LEU A 29 -4.51 8.45 -11.40
CA LEU A 29 -5.56 9.16 -10.69
C LEU A 29 -6.84 9.18 -11.53
N LEU A 30 -7.88 8.52 -11.03
CA LEU A 30 -9.14 8.45 -11.74
C LEU A 30 -10.28 9.05 -10.93
N GLN A 31 -11.09 9.88 -11.57
CA GLN A 31 -12.22 10.53 -10.89
C GLN A 31 -13.41 10.71 -11.85
N LYS A 32 -14.50 9.96 -11.63
CA LYS A 32 -15.66 10.10 -12.51
C LYS A 32 -16.98 9.66 -11.86
N ARG A 33 -17.00 9.34 -10.58
CA ARG A 33 -18.25 8.93 -9.94
C ARG A 33 -18.16 8.98 -8.42
N PRO A 34 -19.33 8.86 -7.76
CA PRO A 34 -19.43 8.89 -6.30
C PRO A 34 -18.61 7.78 -5.66
N ASP A 35 -17.30 7.99 -5.58
CA ASP A 35 -16.40 7.02 -4.97
C ASP A 35 -15.02 7.62 -4.79
N GLU A 36 -14.37 7.81 -5.92
CA GLU A 36 -13.04 8.39 -5.96
C GLU A 36 -13.00 9.48 -7.03
N CYS A 37 -13.78 10.54 -6.81
CA CYS A 37 -13.84 11.61 -7.79
C CYS A 37 -14.39 12.92 -7.23
N GLY A 38 -15.71 12.96 -7.00
CA GLY A 38 -16.32 14.18 -6.51
C GLY A 38 -16.19 14.36 -5.02
N ASN A 39 -17.06 13.70 -4.29
CA ASN A 39 -17.06 13.79 -2.83
C ASN A 39 -17.68 12.55 -2.22
N ARG A 40 -17.27 11.38 -2.70
CA ARG A 40 -17.79 10.13 -2.16
C ARG A 40 -16.77 9.43 -1.30
N GLY A 41 -15.50 9.65 -1.62
CA GLY A 41 -14.44 9.05 -0.85
C GLY A 41 -14.34 9.64 0.52
N VAL A 42 -15.06 9.04 1.45
CA VAL A 42 -15.10 9.53 2.82
C VAL A 42 -14.68 8.50 3.85
N LYS A 43 -13.97 8.96 4.88
CA LYS A 43 -13.49 8.13 6.00
C LYS A 43 -14.16 6.76 6.04
N PHE A 44 -13.78 5.87 5.12
CA PHE A 44 -14.34 4.53 5.08
C PHE A 44 -13.41 3.52 5.75
N GLU A 45 -12.71 2.74 4.94
CA GLU A 45 -11.78 1.75 5.46
C GLU A 45 -10.34 2.11 5.11
N PRO A 46 -9.37 1.61 5.90
CA PRO A 46 -7.95 1.88 5.67
C PRO A 46 -7.54 1.63 4.22
N GLY A 47 -7.82 2.60 3.35
CA GLY A 47 -7.48 2.47 1.95
C GLY A 47 -7.93 1.14 1.36
N GLN A 48 -9.24 0.93 1.32
CA GLN A 48 -9.80 -0.30 0.77
C GLN A 48 -9.18 -0.61 -0.59
N PHE A 49 -9.62 -1.70 -1.20
CA PHE A 49 -9.11 -2.10 -2.52
C PHE A 49 -10.25 -2.43 -3.48
N MET A 50 -9.95 -2.48 -4.77
CA MET A 50 -10.97 -2.76 -5.77
C MET A 50 -10.51 -3.86 -6.74
N ASP A 51 -11.25 -4.03 -7.83
CA ASP A 51 -10.93 -5.04 -8.84
C ASP A 51 -11.16 -4.44 -10.22
N LEU A 52 -10.08 -3.95 -10.81
CA LEU A 52 -10.15 -3.31 -12.12
C LEU A 52 -9.06 -3.82 -13.06
N THR A 53 -9.30 -3.65 -14.35
CA THR A 53 -8.36 -4.10 -15.36
C THR A 53 -7.66 -2.89 -15.98
N ILE A 54 -6.44 -3.10 -16.44
CA ILE A 54 -12.89 -2.09 -12.41
C ILE A 54 -6.63 -1.04 -17.76
N PRO A 55 -7.17 -1.38 -18.94
CA PRO A 55 -8.12 -0.52 -19.62
C PRO A 55 -9.56 -0.95 -19.31
N GLY A 56 -9.71 -1.92 -18.42
CA GLY A 56 -11.04 -2.42 -18.07
C GLY A 56 -11.32 -3.79 -18.68
N THR A 57 -10.33 -4.33 -19.36
CA THR A 57 -10.48 -5.64 -20.01
C THR A 57 -11.11 -6.67 -19.06
N ASP A 58 -10.30 -7.57 -18.54
CA ASP A 58 -10.79 -8.60 -17.62
C ASP A 58 -9.72 -9.65 -17.30
N VAL A 59 -8.45 -9.24 -17.33
CA VAL A 59 -7.34 -10.15 -17.03
C VAL A 59 -6.29 -9.47 -16.15
N SER A 60 -6.74 -8.59 -15.26
CA SER A 60 -5.84 -7.88 -14.37
C SER A 60 -5.97 -8.40 -12.95
N ARG A 61 -6.62 -7.64 -12.07
CA ARG A 61 -6.80 -8.06 -10.69
C ARG A 61 -7.19 -6.89 -9.79
N SER A 62 -7.24 -7.16 -8.49
CA SER A 62 -7.60 -6.14 -7.52
C SER A 62 -6.39 -5.37 -7.04
N TYR A 63 -6.52 -4.06 -6.97
CA TYR A 63 -5.43 -3.19 -6.53
C TYR A 63 -5.93 -2.16 -5.53
N SER A 64 -5.29 -2.12 -4.37
CA SER A 64 -5.65 -1.17 -3.33
C SER A 64 -5.39 0.26 -3.80
N PRO A 65 -6.44 1.03 -4.11
CA PRO A 65 -6.30 2.41 -4.56
C PRO A 65 -6.36 3.42 -3.41
N ALA A 66 -6.04 4.68 -3.73
CA ALA A 66 -6.06 5.75 -2.72
C ALA A 66 -7.46 6.34 -2.61
N ASN A 67 -7.72 7.01 -1.48
CA ASN A 67 -9.01 7.64 -1.17
C ASN A 67 -10.00 6.59 -0.64
N LEU A 68 -10.75 6.98 0.39
CA LEU A 68 -11.71 6.08 1.02
C LEU A 68 -11.88 6.51 2.46
N PRO A 69 -10.75 6.75 3.14
CA PRO A 69 -10.73 7.18 4.51
C PRO A 69 -10.69 8.70 4.63
N ASN A 70 -11.65 9.39 4.00
CA ASN A 70 -11.66 10.87 4.04
C ASN A 70 -12.45 11.43 2.88
N PRO A 71 -13.64 12.01 3.15
CA PRO A 71 -14.53 12.55 2.11
C PRO A 71 -13.83 13.44 1.10
N GLU A 72 -13.64 12.90 -0.09
CA GLU A 72 -13.01 13.63 -1.18
C GLU A 72 -13.39 13.00 -2.51
N GLY A 73 -12.79 11.86 -2.80
CA GLY A 73 -13.08 11.18 -4.03
C GLY A 73 -11.96 11.32 -5.03
N ARG A 74 -10.87 10.62 -4.78
CA ARG A 74 -9.70 10.65 -5.64
C ARG A 74 -8.96 9.33 -5.51
N LEU A 75 -9.00 8.50 -6.53
CA LEU A 75 -8.35 7.23 -6.46
C LEU A 75 -6.94 7.32 -7.03
N GLU A 76 -5.99 6.86 -6.23
CA GLU A 76 -4.59 6.87 -6.64
C GLU A 76 -3.94 5.51 -6.42
N PHE A 77 -3.52 4.87 -7.50
CA PHE A 77 -2.87 3.57 -7.41
C PHE A 77 -1.48 3.61 -8.03
N LEU A 78 -0.52 3.02 -7.32
CA LEU A 78 0.85 2.98 -7.79
C LEU A 78 1.27 1.55 -8.07
N ILE A 79 0.90 1.06 -9.25
CA ILE A 79 1.21 -0.29 -9.64
C ILE A 79 2.52 -0.35 -10.41
N ARG A 80 3.39 -1.25 -9.97
CA ARG A 80 4.70 -1.41 -10.59
C ARG A 80 4.60 -2.18 -11.90
N VAL A 81 4.83 -1.46 -13.00
CA VAL A 81 4.76 -2.04 -14.32
C VAL A 81 6.16 -2.30 -14.88
N LEU A 82 6.40 -3.53 -15.34
CA LEU A 82 7.69 -3.91 -15.89
C LEU A 82 8.23 -2.80 -16.81
N PRO A 83 9.51 -2.88 -17.16
CA PRO A 83 10.16 -1.89 -18.04
C PRO A 83 9.35 -1.62 -19.31
N GLU A 84 8.96 -2.70 -19.98
CA GLU A 84 8.18 -2.57 -21.22
C GLU A 84 7.96 -3.95 -21.85
N GLY A 85 7.18 -4.78 -21.18
CA GLY A 85 6.90 -6.11 -21.71
C GLY A 85 6.06 -6.94 -20.75
N ARG A 86 4.82 -6.50 -20.51
CA ARG A 86 3.93 -7.21 -19.62
C ARG A 86 2.75 -6.33 -19.20
N PHE A 87 2.88 -5.65 -18.06
CA PHE A 87 1.83 -4.78 -17.56
C PHE A 87 2.06 -3.33 -17.99
N SER A 88 3.32 -2.95 -18.15
CA SER A 88 3.67 -1.59 -18.54
C SER A 88 3.54 -1.38 -20.04
N ASP A 89 3.70 -2.45 -20.82
CA ASP A 89 3.59 -2.36 -22.27
C ASP A 89 2.13 -2.24 -22.67
N TYR A 90 1.32 -3.06 -22.03
CA TYR A 90 -0.11 -3.09 -22.28
C TYR A 90 -0.78 -1.86 -21.70
N LEU A 91 -0.17 -1.28 -20.68
CA LEU A 91 -0.71 -0.09 -20.03
C LEU A 91 -0.66 1.13 -20.96
N ARG A 92 0.49 1.34 -21.59
CA ARG A 92 0.65 2.47 -22.49
C ARG A 92 0.28 2.12 -23.93
N ASN A 93 0.38 0.84 -24.28
CA ASN A 93 0.05 0.40 -25.63
C ASN A 93 -1.37 -0.15 -25.70
N ASP A 94 -2.10 -0.09 -24.58
CA ASP A 94 -3.47 -0.58 -24.56
C ASP A 94 -4.25 -0.06 -23.35
N ALA A 95 -3.77 1.03 -22.75
CA ALA A 95 -4.46 1.60 -21.59
C ALA A 95 -4.33 3.11 -21.56
N ARG A 96 -4.17 3.72 -22.72
CA ARG A 96 -4.05 5.16 -22.81
C ARG A 96 -5.10 5.83 -21.94
N VAL A 97 -5.03 7.15 -21.83
CA VAL A 97 -5.94 7.91 -21.03
C VAL A 97 -7.08 8.45 -21.90
N GLY A 98 -7.54 9.65 -21.56
CA GLY A 98 -8.60 10.28 -22.33
C GLY A 98 -9.99 9.71 -22.05
N GLN A 99 -10.10 8.39 -22.00
CA GLN A 99 -11.39 7.74 -21.79
C GLN A 99 -11.74 7.64 -20.31
N VAL A 100 -12.63 6.70 -19.99
CA VAL A 100 -13.09 6.48 -18.62
C VAL A 100 -12.87 5.03 -18.21
N LEU A 101 -12.53 4.80 -16.95
CA LEU A 101 -12.28 3.46 -16.47
C LEU A 101 -13.07 3.20 -15.19
N SER A 102 -13.70 2.03 -15.10
CA SER A 102 -14.48 1.67 -13.92
C SER A 102 -13.72 0.70 -13.04
N VAL A 103 -13.61 1.06 -11.77
CA VAL A 103 -12.94 0.21 -10.79
C VAL A 103 -14.00 -0.52 -9.98
N LYS A 104 -13.94 -1.84 -9.98
CA LYS A 104 -14.93 -2.63 -9.26
C LYS A 104 -14.28 -3.67 -8.38
N GLY A 105 -14.40 -3.50 -7.07
CA GLY A 105 -13.80 -4.46 -6.15
C GLY A 105 -14.17 -4.22 -4.70
N PRO A 106 -15.32 -4.75 -4.24
CA PRO A 106 -15.74 -4.61 -2.86
C PRO A 106 -14.85 -5.41 -1.93
N LEU A 107 -13.58 -5.02 -1.87
CA LEU A 107 -12.59 -5.71 -1.05
C LEU A 107 -12.54 -5.16 0.37
N GLY A 108 -11.74 -5.84 1.19
CA GLY A 108 -11.56 -5.44 2.58
C GLY A 108 -10.19 -4.86 2.81
N VAL A 109 -9.93 -4.35 4.01
CA VAL A 109 -8.64 -3.78 4.31
C VAL A 109 -7.86 -4.69 5.25
N PHE A 110 -6.84 -5.30 4.68
CA PHE A 110 -5.96 -6.19 5.41
C PHE A 110 -4.53 -5.69 5.36
N GLY A 111 -3.87 -5.67 6.52
CA GLY A 111 -2.50 -5.21 6.57
C GLY A 111 -2.33 -4.09 7.58
N LEU A 112 -2.54 -2.87 7.11
CA LEU A 112 -2.42 -1.71 7.99
C LEU A 112 -3.68 -1.54 8.81
N LYS A 113 -3.55 -1.62 10.12
CA LYS A 113 -4.70 -1.48 11.02
C LYS A 113 -4.37 -0.62 12.22
N GLU A 114 -5.01 0.54 12.31
CA GLU A 114 -4.81 1.44 13.44
C GLU A 114 -6.01 1.40 14.38
N ARG A 115 -5.75 1.20 15.67
CA ARG A 115 -6.82 1.13 16.66
C ARG A 115 -7.05 2.48 17.32
N GLY A 116 -6.49 3.52 16.73
CA GLY A 116 -6.64 4.86 17.27
C GLY A 116 -5.49 5.21 18.19
N MET A 117 -5.39 4.50 19.30
CA MET A 117 -4.32 4.73 20.25
C MET A 117 -3.63 3.42 20.60
N ALA A 118 -2.63 3.07 19.82
CA ALA A 118 -1.88 1.84 20.05
C ALA A 118 -0.59 1.79 19.24
N PRO A 119 0.47 1.23 19.83
CA PRO A 119 1.78 1.12 19.18
C PRO A 119 1.83 -0.03 18.18
N ARG A 120 1.87 0.30 16.90
CA ARG A 120 1.91 -0.72 15.85
C ARG A 120 2.92 -0.34 14.77
N TYR A 121 3.47 -1.34 14.08
CA TYR A 121 4.44 -1.09 13.03
C TYR A 121 3.96 -1.66 11.70
N PHE A 122 3.86 -0.78 10.70
CA PHE A 122 3.42 -1.17 9.37
C PHE A 122 4.59 -1.16 8.41
N VAL A 123 5.00 -2.35 7.96
CA VAL A 123 6.12 -2.45 7.05
C VAL A 123 5.66 -2.59 5.61
N ALA A 124 5.95 -1.56 4.82
CA ALA A 124 5.60 -1.55 3.41
C ALA A 124 6.86 -1.45 2.57
N GLY A 125 6.96 -2.29 1.57
CA GLY A 125 8.11 -2.27 0.70
C GLY A 125 7.72 -2.09 -0.73
N GLY A 126 7.87 -0.87 -1.24
CA GLY A 126 7.51 -0.59 -2.61
C GLY A 126 6.88 0.78 -2.77
N THR A 127 6.03 0.93 -3.77
CA THR A 127 5.34 2.20 -4.00
C THR A 127 3.84 2.03 -3.92
N GLY A 128 3.38 0.79 -3.97
CA GLY A 128 1.96 0.51 -3.88
C GLY A 128 1.39 0.84 -2.51
N LEU A 129 2.18 1.50 -1.68
CA LEU A 129 1.76 1.87 -0.35
C LEU A 129 0.92 3.14 -0.42
N ALA A 130 0.65 3.61 -1.64
CA ALA A 130 -0.13 4.81 -1.82
C ALA A 130 -1.38 4.80 -0.94
N PRO A 131 -2.17 3.72 -1.00
CA PRO A 131 -3.37 3.59 -0.16
C PRO A 131 -2.96 3.48 1.30
N VAL A 132 -1.78 2.88 1.51
CA VAL A 132 -1.23 2.73 2.85
C VAL A 132 -0.88 4.10 3.41
N VAL A 133 -0.22 4.91 2.58
CA VAL A 133 0.17 6.25 2.98
C VAL A 133 -1.05 7.16 3.09
N SER A 134 -2.08 6.89 2.30
CA SER A 134 -3.29 7.71 2.34
C SER A 134 -3.96 7.58 3.71
N MET A 135 -4.19 6.34 4.13
CA MET A 135 -4.80 6.09 5.44
C MET A 135 -3.88 6.63 6.53
N VAL A 136 -2.59 6.35 6.38
CA VAL A 136 -1.59 6.82 7.34
C VAL A 136 -1.57 8.33 7.37
N ARG A 137 -1.89 8.94 6.23
CA ARG A 137 -1.93 10.40 6.12
C ARG A 137 -2.95 10.98 7.07
N GLN A 138 -4.07 10.28 7.25
CA GLN A 138 -5.12 10.75 8.15
C GLN A 138 -4.62 10.73 9.60
N MET A 139 -3.92 9.66 9.95
CA MET A 139 -3.36 9.52 11.30
C MET A 139 -2.20 10.51 11.49
N GLN A 140 -1.49 10.75 10.41
CA GLN A 140 -0.35 11.66 10.42
C GLN A 140 -0.79 13.14 10.41
N GLU A 141 -1.94 13.42 9.81
CA GLU A 141 -2.43 14.80 9.70
C GLU A 141 -2.90 15.33 11.04
N TRP A 142 -3.67 14.53 11.77
CA TRP A 142 -4.15 14.97 13.07
C TRP A 142 -3.04 14.87 14.10
N THR A 143 -2.06 14.03 13.79
CA THR A 143 -0.91 13.83 14.64
C THR A 143 -1.28 13.37 16.03
N ALA A 144 -2.43 12.71 16.16
CA ALA A 144 -2.88 12.21 17.45
C ALA A 144 -1.69 11.71 18.27
N PRO A 145 -1.85 11.61 19.60
CA PRO A 145 -0.79 11.15 20.50
C PRO A 145 -0.55 9.64 20.45
N ASN A 146 -1.09 8.99 19.43
CA ASN A 146 -0.93 7.55 19.28
C ASN A 146 0.40 7.19 18.61
N GLU A 147 1.11 6.23 19.21
CA GLU A 147 2.38 5.79 18.69
C GLU A 147 2.20 4.92 17.45
N THR A 148 2.51 5.52 16.31
CA THR A 148 2.40 4.83 15.03
C THR A 148 3.78 4.63 14.42
N ARG A 149 4.19 3.39 14.28
CA ARG A 149 5.49 3.09 13.71
C ARG A 149 5.32 2.56 12.29
N ILE A 150 6.20 2.99 11.41
CA ILE A 150 6.13 2.59 10.02
C ILE A 150 7.49 2.17 9.46
N TYR A 151 7.52 0.98 8.88
CA TYR A 151 8.73 0.47 8.26
C TYR A 151 8.55 0.61 6.73
N PHE A 152 9.27 1.53 6.12
CA PHE A 152 9.12 1.75 4.68
C PHE A 152 10.45 1.65 3.93
N GLY A 153 10.36 1.34 2.64
CA GLY A 153 11.55 1.25 1.84
C GLY A 153 11.39 0.33 0.64
N VAL A 154 12.49 0.07 -0.06
CA VAL A 154 12.44 -0.78 -1.24
C VAL A 154 13.83 -1.30 -1.63
N ASN A 155 14.25 -1.05 -2.88
CA ASN A 155 15.56 -1.50 -3.35
C ASN A 155 16.52 -0.32 -3.52
N THR A 156 17.82 -0.62 -3.54
CA THR A 156 18.89 0.38 -3.69
C THR A 156 18.34 1.77 -3.94
N GLU A 157 17.68 1.95 -5.07
CA GLU A 157 17.11 3.24 -5.41
C GLU A 157 16.72 3.30 -6.88
N PRO A 158 15.83 2.41 -7.33
CA PRO A 158 15.36 2.42 -8.71
C PRO A 158 14.66 3.75 -9.00
N GLU A 159 14.33 4.43 -7.91
CA GLU A 159 13.65 5.73 -7.98
C GLU A 159 13.28 6.18 -6.56
N LEU A 160 12.48 5.35 -5.89
CA LEU A 160 12.05 5.63 -4.52
C LEU A 160 11.69 7.09 -4.30
N PHE A 161 11.33 7.42 -3.06
CA PHE A 161 10.96 8.78 -2.70
C PHE A 161 10.05 8.78 -1.47
N TYR A 162 9.64 9.96 -1.04
CA TYR A 162 8.75 10.10 0.11
C TYR A 162 9.52 10.07 1.42
N ILE A 163 10.84 9.99 1.34
CA ILE A 163 11.68 9.95 2.54
C ILE A 163 11.40 11.18 3.39
N ASP A 164 11.26 12.32 2.74
CA ASP A 164 10.97 13.57 3.44
C ASP A 164 9.61 13.49 4.10
N GLU A 165 8.73 12.68 3.52
CA GLU A 165 7.39 12.49 4.04
C GLU A 165 7.43 11.69 5.33
N LEU A 166 8.20 10.60 5.30
CA LEU A 166 8.35 9.76 6.48
C LEU A 166 8.94 10.57 7.61
N LYS A 167 9.74 11.57 7.27
CA LYS A 167 10.32 12.43 8.28
C LYS A 167 9.26 13.38 8.77
N SER A 168 8.26 13.62 7.93
CA SER A 168 7.15 14.50 8.28
C SER A 168 6.26 13.81 9.29
N LEU A 169 6.15 12.49 9.19
CA LEU A 169 5.36 11.77 10.16
C LEU A 169 6.03 11.85 11.51
N GLU A 170 7.33 11.59 11.52
CA GLU A 170 8.11 11.65 12.74
C GLU A 170 7.99 13.04 13.36
N ARG A 171 8.00 14.08 12.51
CA ARG A 171 7.90 15.45 12.99
C ARG A 171 6.45 15.82 13.30
N SER A 172 5.51 15.20 12.61
CA SER A 172 4.09 15.49 12.78
C SER A 172 3.50 14.79 14.01
N MET A 173 3.33 13.47 13.93
CA MET A 173 2.76 12.70 15.01
C MET A 173 3.49 12.96 16.32
N ARG A 174 3.27 12.07 17.29
CA ARG A 174 3.87 12.19 18.61
C ARG A 174 4.86 11.07 18.88
N ASN A 175 4.47 9.86 18.50
CA ASN A 175 5.32 8.71 18.72
C ASN A 175 5.44 7.87 17.46
N LEU A 176 6.02 8.44 16.41
CA LEU A 176 6.19 7.74 15.16
C LEU A 176 7.62 7.26 14.98
N THR A 177 7.77 6.18 14.22
CA THR A 177 9.09 5.60 13.95
C THR A 177 9.22 5.22 12.49
N VAL A 178 10.12 5.89 11.78
CA VAL A 178 10.35 5.62 10.37
C VAL A 178 11.57 4.74 10.15
N LYS A 179 11.43 3.74 9.28
CA LYS A 179 12.52 2.82 8.99
C LYS A 179 13.00 2.98 7.55
N ALA A 180 14.33 3.00 7.38
CA ALA A 180 14.93 3.17 6.06
C ALA A 180 15.49 1.84 5.55
N CYS A 181 14.78 1.26 4.58
CA CYS A 181 15.17 -0.01 3.98
C CYS A 181 16.28 0.18 2.95
N VAL A 182 16.48 -0.85 2.11
CA VAL A 182 17.48 -0.78 1.07
C VAL A 182 18.91 -0.76 1.60
N TRP A 183 19.77 -1.33 0.79
CA TRP A 183 21.20 -1.44 1.05
C TRP A 183 21.92 -1.16 -0.27
N HIS A 184 22.03 -2.21 -1.09
CA HIS A 184 22.62 -2.10 -2.41
C HIS A 184 21.86 -2.97 -3.44
N PRO A 185 20.52 -3.21 -3.26
CA PRO A 185 19.74 -4.03 -4.20
C PRO A 185 19.84 -3.57 -5.66
N SER A 186 18.70 -3.58 -6.36
CA SER A 186 18.64 -3.18 -7.77
C SER A 186 17.26 -3.45 -8.34
N GLY A 187 16.23 -3.27 -7.50
CA GLY A 187 14.86 -3.50 -7.92
C GLY A 187 14.45 -4.95 -7.75
N ASP A 188 15.24 -5.67 -6.97
CA ASP A 188 14.97 -7.07 -6.68
C ASP A 188 15.27 -7.33 -5.22
N TRP A 189 14.51 -6.71 -4.35
CA TRP A 189 14.75 -6.85 -2.94
C TRP A 189 13.49 -7.14 -2.15
N GLU A 190 13.53 -8.21 -1.36
CA GLU A 190 12.41 -8.60 -0.51
C GLU A 190 12.79 -8.46 0.95
N GLY A 191 12.27 -7.42 1.60
CA GLY A 191 12.58 -7.19 3.00
C GLY A 191 12.57 -5.72 3.35
N GLU A 192 13.76 -5.17 3.59
CA GLU A 192 13.89 -3.77 3.94
C GLU A 192 15.36 -3.35 3.88
N GLN A 193 16.02 -3.38 5.03
CA GLN A 193 17.43 -3.02 5.10
C GLN A 193 18.30 -4.23 4.81
N GLY A 194 19.30 -4.05 3.95
CA GLY A 194 20.18 -5.14 3.56
C GLY A 194 20.19 -6.27 4.56
N SER A 195 19.55 -7.38 4.18
CA SER A 195 19.45 -8.58 5.01
C SER A 195 18.06 -9.20 4.90
N PRO A 196 17.94 -10.49 5.24
CA PRO A 196 16.65 -11.19 5.17
C PRO A 196 15.57 -10.47 5.97
N ILE A 197 15.69 -10.51 7.29
CA ILE A 197 14.72 -9.86 8.17
C ILE A 197 14.95 -10.25 9.65
N ASP A 198 16.20 -10.55 9.98
CA ASP A 198 16.58 -10.94 11.33
C ASP A 198 16.34 -9.84 12.35
N ALA A 199 16.59 -8.59 11.95
CA ALA A 199 16.43 -7.45 12.84
C ALA A 199 15.00 -7.35 13.37
N LEU A 200 14.03 -7.65 12.53
CA LEU A 200 12.63 -7.58 12.92
C LEU A 200 12.30 -8.69 13.93
N ARG A 201 12.91 -9.85 13.75
CA ARG A 201 12.69 -10.99 14.63
C ARG A 201 13.03 -10.65 16.08
N GLU A 202 14.22 -10.10 16.27
CA GLU A 202 14.68 -9.73 17.60
C GLU A 202 13.89 -8.56 18.18
N ASP A 203 13.42 -7.67 17.33
CA ASP A 203 12.67 -6.51 17.80
C ASP A 203 11.43 -6.97 18.56
N LEU A 204 10.74 -7.97 18.02
CA LEU A 204 9.58 -8.50 18.71
C LEU A 204 10.02 -9.04 20.06
N GLU A 205 11.07 -9.84 20.04
CA GLU A 205 11.61 -10.42 21.26
C GLU A 205 12.09 -9.32 22.21
N SER A 206 12.39 -8.13 21.66
CA SER A 206 12.87 -7.02 22.46
C SER A 206 11.73 -6.09 22.88
N SER A 207 11.40 -5.13 22.01
CA SER A 207 10.35 -4.17 22.29
C SER A 207 10.20 -3.18 21.14
N ASP A 208 9.25 -3.45 20.25
CA ASP A 208 8.99 -2.61 19.10
C ASP A 208 8.40 -3.44 17.97
N ALA A 209 7.09 -3.60 17.98
CA ALA A 209 6.38 -4.41 17.00
C ALA A 209 6.14 -5.78 17.56
N ASN A 210 4.89 -6.03 17.93
CA ASN A 210 4.51 -7.29 18.52
C ASN A 210 3.00 -7.39 18.67
N PRO A 211 2.39 -6.44 19.41
CA PRO A 211 0.95 -6.41 19.62
C PRO A 211 0.22 -6.47 18.28
N ASP A 212 0.40 -5.43 17.48
CA ASP A 212 -0.21 -5.37 16.17
C ASP A 212 0.87 -5.12 15.12
N ILE A 213 1.13 -6.13 14.30
CA ILE A 213 2.14 -6.01 13.28
C ILE A 213 1.46 -5.92 11.93
N TYR A 214 1.78 -4.88 11.19
CA TYR A 214 1.18 -4.68 9.90
C TYR A 214 2.24 -4.77 8.84
N LEU A 215 1.97 -5.57 7.83
CA LEU A 215 2.95 -5.77 6.75
C LEU A 215 2.32 -5.83 5.37
N CYS A 216 2.78 -4.94 4.50
CA CYS A 216 2.28 -4.88 3.13
C CYS A 216 3.43 -5.03 2.13
N GLY A 217 3.48 -6.16 1.43
CA GLY A 217 4.54 -6.39 0.46
C GLY A 217 4.37 -7.70 -0.28
N PRO A 218 5.47 -8.24 -0.83
CA PRO A 218 5.42 -9.51 -1.57
C PRO A 218 5.05 -10.68 -0.66
N PRO A 219 4.89 -11.88 -1.23
CA PRO A 219 4.54 -13.08 -0.46
C PRO A 219 5.61 -13.44 0.56
N GLY A 220 6.76 -12.76 0.47
CA GLY A 220 7.84 -13.03 1.39
C GLY A 220 7.70 -12.32 2.71
N MET A 221 7.25 -11.07 2.68
CA MET A 221 7.08 -10.32 3.92
C MET A 221 6.15 -11.08 4.85
N ILE A 222 5.20 -11.78 4.24
CA ILE A 222 4.25 -12.58 5.00
C ILE A 222 4.89 -13.90 5.44
N ASP A 223 5.74 -14.47 4.57
CA ASP A 223 6.39 -15.75 4.86
C ASP A 223 7.50 -15.63 5.92
N ALA A 224 8.38 -14.64 5.74
CA ALA A 224 9.50 -14.46 6.67
C ALA A 224 9.04 -13.88 8.00
N ALA A 225 8.23 -12.83 7.95
CA ALA A 225 7.73 -12.20 9.17
C ALA A 225 6.91 -13.18 9.99
N CYS A 226 6.20 -14.07 9.30
CA CYS A 226 5.37 -15.07 9.96
C CYS A 226 6.23 -16.12 10.66
N GLU A 227 7.40 -16.40 10.08
CA GLU A 227 8.31 -17.39 10.65
C GLU A 227 8.95 -16.89 11.93
N LEU A 228 9.42 -15.65 11.93
CA LEU A 228 10.07 -15.08 13.10
C LEU A 228 9.09 -14.99 14.26
N VAL A 229 7.89 -14.51 13.96
CA VAL A 229 6.86 -14.35 14.98
C VAL A 229 6.52 -15.68 15.61
N ARG A 230 6.34 -16.70 14.79
CA ARG A 230 6.02 -18.04 15.26
C ARG A 230 7.20 -18.62 16.03
N SER A 231 8.40 -18.20 15.64
CA SER A 231 9.61 -18.68 16.29
C SER A 231 9.80 -18.01 17.65
N ARG A 232 9.34 -16.77 17.76
CA ARG A 232 9.46 -16.02 19.01
C ARG A 232 8.32 -16.36 19.96
N GLY A 233 7.19 -15.69 19.77
CA GLY A 233 6.04 -15.92 20.63
C GLY A 233 5.29 -14.64 20.96
N ILE A 234 5.99 -13.52 20.87
CA ILE A 234 5.41 -12.22 21.15
C ILE A 234 3.93 -12.17 20.79
N PRO A 235 3.07 -12.22 21.80
CA PRO A 235 1.61 -12.19 21.64
C PRO A 235 1.18 -11.35 20.45
N GLY A 236 -0.03 -11.59 19.96
CA GLY A 236 -0.52 -10.85 18.80
C GLY A 236 0.24 -11.21 17.54
N GLU A 237 1.11 -12.21 17.65
CA GLU A 237 1.92 -12.68 16.53
C GLU A 237 2.18 -11.54 15.54
N GLN A 238 1.39 -11.49 14.48
CA GLN A 238 1.54 -10.46 13.46
C GLN A 238 0.24 -9.67 13.30
N VAL A 239 -0.78 -10.07 14.05
CA VAL A 239 -2.06 -9.42 14.00
C VAL A 239 -2.58 -9.30 12.58
N PHE A 240 -2.11 -8.29 11.89
CA PHE A 240 -2.54 -8.06 10.50
C PHE A 240 -1.38 -8.12 9.49
N PHE A 241 -1.55 -8.98 8.48
CA PHE A 241 -0.54 -9.14 7.43
C PHE A 241 -1.17 -9.13 6.03
N GLU A 242 -0.62 -8.31 5.15
CA GLU A 242 -1.09 -8.21 3.77
C GLU A 242 0.10 -8.28 2.81
N LYS A 243 -0.10 -8.83 1.62
CA LYS A 243 0.98 -8.94 0.65
C LYS A 243 0.62 -8.32 -0.70
N PHE A 244 1.22 -7.16 -0.99
CA PHE A 244 0.98 -6.45 -2.25
C PHE A 244 2.30 -5.91 -2.82
N LEU A 245 2.42 -5.92 -4.16
CA LEU A 245 3.61 -5.42 -4.87
C LEU A 245 4.73 -6.45 -4.96
N PRO A 246 5.66 -6.24 -5.91
CA PRO A 246 6.82 -7.12 -6.11
C PRO A 246 7.74 -7.16 -4.89
N SER A 247 9.04 -7.13 -5.10
CA SER A 247 9.98 -7.18 -4.00
C SER A 247 9.99 -5.84 -3.25
N GLY A 248 10.19 -5.94 -1.94
CA GLY A 248 10.23 -4.76 -1.10
C GLY A 248 10.17 -5.14 0.36
N ALA A 249 9.15 -5.92 0.71
CA ALA A 249 8.98 -6.39 2.07
C ALA A 249 9.30 -7.89 2.17
N ALA A 250 9.79 -8.32 3.32
CA ALA A 250 10.12 -9.73 3.52
C ALA A 250 10.29 -10.06 4.99
PA FDA B . 4.12 -5.94 -13.77
O1A FDA B . 4.15 -6.40 -15.18
O2A FDA B . 3.43 -4.80 -13.56
O5B FDA B . 5.62 -5.84 -13.57
C5B FDA B . 6.18 -5.33 -12.30
C4B FDA B . 7.67 -5.76 -12.11
O4B FDA B . 8.37 -4.51 -11.82
C3B FDA B . 8.07 -6.66 -10.91
O3B FDA B . 7.87 -8.01 -11.08
C2B FDA B . 9.50 -6.24 -10.63
O2B FDA B . 10.42 -7.12 -11.20
C1B FDA B . 9.66 -4.85 -11.20
N9A FDA B . 9.84 -3.77 -10.23
C8A FDA B . 8.94 -3.36 -9.30
N7A FDA B . 9.39 -2.36 -8.55
C5A FDA B . 10.63 -2.10 -9.01
C6A FDA B . 11.65 -1.10 -8.60
N6A FDA B . 11.50 -0.23 -7.62
N1A FDA B . 12.83 -1.14 -9.33
C2A FDA B . 13.05 -2.02 -10.35
N3A FDA B . 12.18 -2.95 -10.79
C4A FDA B . 10.97 -2.96 -10.09
N1 FDA B . 0.46 -3.91 -6.63
C2 FDA B . 1.20 -2.81 -6.50
O2 FDA B . 2.14 -2.59 -7.20
N3 FDA B . 0.90 -1.83 -5.51
C4 FDA B . -0.16 -1.97 -4.63
O4 FDA B . -0.37 -1.11 -3.81
C4X FDA B . -0.97 -3.18 -4.74
N5 FDA B . -1.99 -3.39 -3.89
C5X FDA B . -2.75 -4.56 -4.01
C6 FDA B . -3.80 -4.75 -3.07
C7 FDA B . -4.62 -5.88 -3.12
C7M FDA B . -5.71 -6.03 -2.11
C8 FDA B . -4.39 -6.92 -4.15
C8M FDA B . -5.24 -8.15 -4.24
C9 FDA B . -3.33 -6.75 -5.09
C9A FDA B . -2.50 -5.58 -5.02
N10 FDA B . -1.39 -5.31 -5.92
C10 FDA B . -0.62 -4.14 -5.80
C1' FDA B . -1.11 -6.32 -6.97
C2' FDA B . -1.64 -5.76 -8.27
O2' FDA B . -3.05 -5.66 -8.17
C3' FDA B . -1.30 -6.62 -9.44
O3' FDA B . -1.39 -7.99 -9.12
C4' FDA B . 0.09 -6.31 -9.86
O4' FDA B . 0.32 -4.91 -10.07
C5' FDA B . 0.35 -7.08 -11.08
O5' FDA B . 1.86 -6.84 -11.51
P FDA B . 2.38 -7.81 -12.48
O1P FDA B . 2.54 -9.07 -11.60
O2P FDA B . 1.53 -7.96 -13.56
O3P FDA B . 3.62 -7.20 -12.96
H51A FDA B . 5.60 -5.75 -11.47
H52A FDA B . 6.10 -4.24 -12.26
H4B FDA B . 7.93 -6.37 -12.99
H3B FDA B . 7.38 -6.51 -10.06
HO3A FDA B . 8.11 -8.28 -12.00
H2B FDA B . 9.71 -6.28 -9.56
HO2A FDA B . 11.33 -6.92 -10.85
H1B FDA B . 10.54 -4.90 -11.84
H8A FDA B . 7.95 -3.81 -9.17
H61A FDA B . 10.64 -0.22 -7.11
H62A FDA B . 12.23 0.41 -7.40
H2A FDA B . 14.02 -1.95 -10.87
HN1 FDA B . 0.67 -4.58 -7.35
HN3 FDA B . 1.46 -1.02 -5.45
HN5 FDA B . -2.22 -2.71 -3.19
H6 FDA B . -3.98 -4.00 -2.29
HM71 FDA B . -5.77 -5.11 -1.51
HM72 FDA B . -5.46 -6.87 -1.45
HM73 FDA B . -6.66 -6.21 -2.61
HM81 FDA B . -5.64 -8.24 -5.26
HM82 FDA B . -6.07 -8.06 -3.53
HM83 FDA B . -4.63 -9.04 -3.99
H9 FDA B . -3.15 -7.51 -5.86
H1'1 FDA B . -1.66 -7.26 -6.72
H1'2 FDA B . -0.04 -6.56 -7.03
H2' FDA B . -1.18 -4.77 -8.44
HO2' FDA B . -3.38 -4.94 -8.78
H3' FDA B . -2.04 -6.43 -10.23
HO3' FDA B . -2.36 -8.26 -9.06
H4' FDA B . 0.78 -6.60 -9.04
HO4' FDA B . 1.24 -4.77 -10.41
H5'1 FDA B . -0.30 -6.69 -11.89
H5'2 FDA B . 0.13 -8.14 -10.95
N CYS A 1 -38.24 -13.37 -6.10
CA CYS A 1 -37.02 -13.35 -5.31
C CYS A 1 -37.33 -13.57 -3.83
N ARG A 2 -36.28 -13.80 -3.03
CA ARG A 2 -36.45 -14.03 -1.61
C ARG A 2 -35.10 -14.32 -0.94
N ILE A 3 -34.40 -15.33 -1.47
CA ILE A 3 -33.11 -15.72 -0.94
C ILE A 3 -31.99 -15.36 -1.90
N SER A 4 -30.78 -15.19 -1.37
CA SER A 4 -29.62 -14.85 -2.19
C SER A 4 -29.80 -13.47 -2.83
N PHE A 5 -28.86 -12.57 -2.53
CA PHE A 5 -28.91 -11.22 -3.09
C PHE A 5 -27.51 -10.70 -3.38
N GLY A 6 -27.07 -10.84 -4.63
CA GLY A 6 -25.76 -10.37 -5.02
C GLY A 6 -25.78 -8.96 -5.53
N GLU A 7 -25.50 -8.00 -4.65
CA GLU A 7 -25.48 -6.59 -5.02
C GLU A 7 -24.41 -6.31 -6.07
N VAL A 8 -24.38 -5.07 -6.54
CA VAL A 8 -23.40 -4.66 -7.54
C VAL A 8 -22.23 -3.95 -6.91
N GLY A 9 -21.16 -4.70 -6.73
CA GLY A 9 -19.96 -4.15 -6.13
C GLY A 9 -19.00 -3.59 -7.17
N SER A 10 -19.54 -3.26 -8.33
CA SER A 10 -18.75 -2.70 -9.41
C SER A 10 -18.81 -1.18 -9.42
N PHE A 11 -17.74 -0.55 -9.90
CA PHE A 11 -17.66 0.90 -9.96
C PHE A 11 -17.19 1.36 -11.33
N GLU A 12 -17.65 2.53 -11.76
CA GLU A 12 -17.26 3.09 -13.05
C GLU A 12 -16.34 4.29 -12.89
N ALA A 13 -15.13 4.18 -13.43
CA ALA A 13 -14.15 5.26 -13.34
C ALA A 13 -13.76 5.77 -14.73
N GLU A 14 -13.78 7.09 -14.90
CA GLU A 14 -13.42 7.67 -16.17
C GLU A 14 -11.93 8.03 -16.19
N VAL A 15 -11.28 7.73 -17.31
CA VAL A 15 -9.86 8.00 -17.44
C VAL A 15 -9.57 9.49 -17.55
N VAL A 16 -8.72 9.97 -16.66
CA VAL A 16 -8.33 11.38 -16.63
C VAL A 16 -6.96 11.54 -15.99
N GLY A 17 -6.18 10.45 -16.01
CA GLY A 17 -4.86 10.47 -15.43
C GLY A 17 -3.92 9.50 -16.12
N LEU A 18 -3.10 8.83 -15.32
CA LEU A 18 -2.14 7.86 -15.82
C LEU A 18 -0.88 8.57 -16.29
N ASN A 19 -0.22 9.22 -15.36
CA ASN A 19 1.00 9.96 -15.67
C ASN A 19 2.22 9.16 -15.24
N TRP A 20 3.32 9.33 -15.94
CA TRP A 20 4.54 8.67 -15.57
C TRP A 20 5.31 9.54 -14.60
N VAL A 21 5.47 9.08 -13.36
CA VAL A 21 6.16 9.84 -12.35
C VAL A 21 7.61 9.41 -12.29
N SER A 22 7.82 8.16 -12.68
CA SER A 22 9.15 7.58 -12.67
C SER A 22 9.35 6.63 -13.84
N SER A 23 10.57 6.14 -14.01
CA SER A 23 10.90 5.22 -15.09
C SER A 23 9.97 4.02 -15.08
N ASN A 24 9.96 3.30 -13.98
CA ASN A 24 9.12 2.12 -13.84
C ASN A 24 8.02 2.35 -12.81
N THR A 25 7.46 3.56 -12.80
CA THR A 25 6.41 3.91 -11.86
C THR A 25 5.42 4.86 -12.49
N VAL A 26 4.13 4.60 -12.28
CA VAL A 26 3.09 5.44 -12.86
C VAL A 26 1.93 5.66 -11.89
N GLN A 27 1.32 6.85 -11.97
CA GLN A 27 0.19 7.19 -11.12
C GLN A 27 -1.05 7.42 -11.98
N PHE A 28 -2.10 6.66 -11.71
CA PHE A 28 -3.34 6.77 -12.48
C PHE A 28 -4.49 7.30 -11.63
N LEU A 29 -5.07 8.42 -12.05
CA LEU A 29 -6.19 9.02 -11.33
C LEU A 29 -7.47 8.83 -12.14
N LEU A 30 -8.43 8.09 -11.60
CA LEU A 30 -9.68 7.86 -12.30
C LEU A 30 -10.89 8.31 -11.48
N GLN A 31 -11.79 9.04 -12.13
CA GLN A 31 -13.00 9.54 -11.48
C GLN A 31 -14.18 9.55 -12.44
N LYS A 32 -15.32 9.00 -12.00
CA LYS A 32 -16.52 8.98 -12.84
C LYS A 32 -17.77 8.67 -12.03
N ARG A 33 -17.63 7.85 -11.00
CA ARG A 33 -18.74 7.47 -10.16
C ARG A 33 -18.30 7.27 -8.71
N PRO A 34 -19.25 6.96 -7.82
CA PRO A 34 -18.95 6.73 -6.41
C PRO A 34 -17.80 5.76 -6.21
N ASP A 35 -16.64 6.28 -5.81
CA ASP A 35 -15.46 5.43 -5.59
C ASP A 35 -14.18 6.23 -5.70
N GLU A 36 -14.17 7.19 -6.60
CA GLU A 36 -13.01 8.04 -6.81
C GLU A 36 -13.34 9.21 -7.72
N CYS A 37 -14.41 9.92 -7.39
CA CYS A 37 -14.83 11.07 -8.18
C CYS A 37 -15.80 11.98 -7.44
N GLY A 38 -16.94 11.43 -7.00
CA GLY A 38 -17.92 12.24 -6.32
C GLY A 38 -18.53 11.57 -5.11
N ASN A 39 -19.27 10.50 -5.34
CA ASN A 39 -19.92 9.78 -4.25
C ASN A 39 -19.01 8.71 -3.68
N ARG A 40 -17.71 8.85 -3.95
CA ARG A 40 -16.74 7.90 -3.43
C ARG A 40 -16.85 7.84 -1.92
N GLY A 41 -16.93 9.01 -1.32
CA GLY A 41 -17.03 9.08 0.13
C GLY A 41 -15.82 8.45 0.78
N VAL A 42 -14.72 9.19 0.80
CA VAL A 42 -13.48 8.68 1.38
C VAL A 42 -13.33 9.08 2.83
N LYS A 43 -12.42 8.38 3.51
CA LYS A 43 -12.14 8.62 4.91
C LYS A 43 -10.72 8.17 5.24
N PHE A 44 -10.53 7.59 6.41
CA PHE A 44 -9.23 7.12 6.83
C PHE A 44 -9.24 5.62 7.14
N GLU A 45 -9.22 4.80 6.10
CA GLU A 45 -9.22 3.36 6.28
C GLU A 45 -7.89 2.80 5.79
N PRO A 46 -7.59 1.54 6.13
CA PRO A 46 -6.33 0.89 5.72
C PRO A 46 -6.17 0.89 4.20
N GLY A 47 -6.02 2.07 3.63
CA GLY A 47 -5.88 2.20 2.20
C GLY A 47 -6.80 1.26 1.44
N GLN A 48 -8.10 1.43 1.61
CA GLN A 48 -9.09 0.58 0.93
C GLN A 48 -8.54 0.09 -0.41
N PHE A 49 -8.96 -1.11 -0.84
CA PHE A 49 -8.48 -1.67 -2.10
C PHE A 49 -9.59 -1.85 -3.13
N MET A 50 -9.19 -2.02 -4.39
CA MET A 50 -10.15 -2.21 -5.48
C MET A 50 -9.75 -3.41 -6.35
N ASP A 51 -10.70 -3.91 -7.14
CA ASP A 51 -10.47 -5.05 -8.02
C ASP A 51 -10.86 -4.67 -9.45
N LEU A 52 -9.85 -4.39 -10.27
CA LEU A 52 -10.11 -3.98 -11.65
C LEU A 52 -8.98 -4.40 -12.60
N THR A 53 -9.33 -4.50 -13.88
CA THR A 53 -8.37 -4.85 -14.91
C THR A 53 -7.66 -3.60 -15.39
N ILE A 54 -6.45 -3.76 -15.91
CA ILE A 54 -5.68 -2.62 -16.40
C ILE A 54 -6.63 -1.53 -16.90
N PRO A 55 -7.31 -1.72 -18.07
CA PRO A 55 -8.26 -0.75 -18.59
C PRO A 55 -9.70 -1.15 -18.28
N GLY A 56 -9.87 -2.25 -17.52
CA GLY A 56 -11.19 -2.74 -17.20
C GLY A 56 -11.58 -3.92 -18.07
N THR A 57 -10.68 -4.27 -18.99
CA THR A 57 -10.89 -5.40 -19.91
C THR A 57 -11.79 -6.47 -19.31
N ASP A 58 -11.20 -7.41 -18.59
CA ASP A 58 -11.97 -8.50 -18.00
C ASP A 58 -11.36 -9.04 -16.71
N VAL A 59 -10.85 -8.15 -15.87
CA VAL A 59 -10.27 -8.53 -14.58
C VAL A 59 -8.77 -8.82 -14.67
N SER A 60 -7.98 -8.06 -13.90
CA SER A 60 -6.52 -8.23 -13.87
C SER A 60 -6.07 -8.56 -12.46
N ARG A 61 -6.24 -7.59 -11.59
CA ARG A 61 -5.85 -7.73 -10.19
C ARG A 61 -6.38 -6.54 -9.38
N SER A 62 -6.53 -6.74 -8.09
CA SER A 62 -7.02 -5.67 -7.22
C SER A 62 -5.88 -4.81 -6.72
N TYR A 63 -5.93 -3.52 -7.02
CA TYR A 63 -4.88 -2.61 -6.59
C TYR A 63 -5.38 -1.62 -5.55
N SER A 64 -4.74 -1.65 -4.38
CA SER A 64 -5.09 -0.76 -3.28
C SER A 64 -5.05 0.71 -3.71
N PRO A 65 -6.20 1.33 -4.03
CA PRO A 65 -6.27 2.73 -4.43
C PRO A 65 -6.29 3.66 -3.22
N ALA A 66 -5.86 4.90 -3.41
CA ALA A 66 -5.83 5.86 -2.30
C ALA A 66 -6.15 7.28 -2.76
N ASN A 67 -7.08 7.92 -2.05
CA ASN A 67 -7.48 9.29 -2.36
C ASN A 67 -7.11 10.20 -1.19
N LEU A 68 -7.74 9.93 -0.05
CA LEU A 68 -7.52 10.70 1.19
C LEU A 68 -8.83 10.83 1.96
N PRO A 69 -8.76 11.00 3.29
CA PRO A 69 -9.95 11.15 4.12
C PRO A 69 -10.78 12.34 3.69
N ASN A 70 -11.80 12.09 2.89
CA ASN A 70 -12.66 13.17 2.39
C ASN A 70 -13.78 12.64 1.50
N PRO A 71 -14.99 13.17 1.68
CA PRO A 71 -16.14 12.77 0.89
C PRO A 71 -16.19 13.48 -0.46
N GLU A 72 -15.40 12.99 -1.42
CA GLU A 72 -15.35 13.57 -2.74
C GLU A 72 -15.17 12.48 -3.78
N GLY A 73 -13.97 11.92 -3.85
CA GLY A 73 -13.72 10.87 -4.80
C GLY A 73 -12.58 11.17 -5.74
N ARG A 74 -11.40 10.66 -5.41
CA ARG A 74 -10.20 10.87 -6.20
C ARG A 74 -9.13 9.84 -5.85
N LEU A 75 -9.21 8.66 -6.46
CA LEU A 75 -8.25 7.60 -6.18
C LEU A 75 -7.13 7.54 -7.20
N GLU A 76 -5.95 7.18 -6.72
CA GLU A 76 -4.77 7.06 -7.56
C GLU A 76 -4.07 5.73 -7.30
N PHE A 77 -3.54 5.09 -8.34
CA PHE A 77 -2.84 3.83 -8.18
C PHE A 77 -1.38 3.95 -8.56
N LEU A 78 -0.50 3.42 -7.71
CA LEU A 78 0.93 3.47 -7.96
C LEU A 78 1.41 2.12 -8.48
N ILE A 79 1.23 1.92 -9.78
CA ILE A 79 1.60 0.66 -10.41
C ILE A 79 3.03 0.72 -10.93
N ARG A 80 3.89 -0.14 -10.40
CA ARG A 80 5.28 -0.18 -10.84
C ARG A 80 5.37 -0.92 -12.16
N VAL A 81 5.38 -0.16 -13.26
CA VAL A 81 5.44 -0.72 -14.59
C VAL A 81 6.88 -0.80 -15.11
N LEU A 82 7.18 -1.88 -15.82
CA LEU A 82 8.51 -2.08 -16.39
C LEU A 82 8.79 -1.06 -17.50
N PRO A 83 10.03 -1.02 -18.00
CA PRO A 83 10.43 -0.09 -19.06
C PRO A 83 9.77 -0.42 -20.39
N GLU A 84 8.45 -0.44 -20.40
CA GLU A 84 7.68 -0.74 -21.61
C GLU A 84 7.88 -2.20 -22.02
N GLY A 85 7.27 -3.10 -21.27
CA GLY A 85 7.39 -4.52 -21.56
C GLY A 85 6.77 -5.40 -20.50
N ARG A 86 5.45 -5.32 -20.37
CA ARG A 86 4.73 -6.13 -19.38
C ARG A 86 3.33 -5.58 -19.13
N PHE A 87 3.21 -4.67 -18.16
CA PHE A 87 1.92 -4.08 -17.84
C PHE A 87 1.85 -2.61 -18.27
N SER A 88 3.02 -1.97 -18.34
CA SER A 88 3.08 -0.57 -18.75
C SER A 88 2.53 -0.37 -20.16
N ASP A 89 2.72 -1.38 -21.00
CA ASP A 89 2.24 -1.33 -22.37
C ASP A 89 0.74 -1.55 -22.43
N TYR A 90 0.26 -2.35 -21.51
CA TYR A 90 -1.16 -2.70 -21.45
C TYR A 90 -2.04 -1.52 -21.05
N LEU A 91 -1.71 -0.83 -19.96
CA LEU A 91 -2.51 0.31 -19.52
C LEU A 91 -2.36 1.52 -20.43
N ARG A 92 -1.20 1.69 -21.04
CA ARG A 92 -0.97 2.84 -21.91
C ARG A 92 -1.38 2.55 -23.35
N ASN A 93 -1.25 1.29 -23.75
CA ASN A 93 -1.61 0.90 -25.10
C ASN A 93 -3.03 0.33 -25.14
N ASP A 94 -3.59 0.07 -23.96
CA ASP A 94 -4.94 -0.49 -23.87
C ASP A 94 -5.79 0.21 -22.81
N ALA A 95 -5.18 0.98 -21.91
CA ALA A 95 -5.95 1.65 -20.87
C ALA A 95 -5.81 3.16 -20.95
N ARG A 96 -5.57 3.67 -22.15
CA ARG A 96 -5.44 5.10 -22.35
C ARG A 96 -6.69 5.82 -21.84
N VAL A 97 -6.88 7.07 -22.25
CA VAL A 97 -8.03 7.83 -21.83
C VAL A 97 -9.22 7.57 -22.75
N GLY A 98 -10.10 8.54 -22.81
CA GLY A 98 -11.27 8.43 -23.66
C GLY A 98 -12.32 7.48 -23.11
N GLN A 99 -11.90 6.29 -22.69
CA GLN A 99 -12.82 5.28 -22.18
C GLN A 99 -12.90 5.28 -20.65
N VAL A 100 -13.74 4.39 -20.13
CA VAL A 100 -13.94 4.24 -18.68
C VAL A 100 -13.62 2.82 -18.25
N LEU A 101 -13.06 2.66 -17.04
CA LEU A 101 -12.70 1.35 -16.55
C LEU A 101 -13.71 0.83 -15.53
N SER A 102 -14.32 -0.31 -15.83
CA SER A 102 -15.27 -0.92 -14.92
C SER A 102 -14.49 -1.68 -13.85
N VAL A 103 -14.50 -1.16 -12.63
CA VAL A 103 -13.75 -1.78 -11.55
C VAL A 103 -14.65 -2.44 -10.54
N LYS A 104 -14.05 -3.28 -9.70
CA LYS A 104 -14.81 -3.96 -8.65
C LYS A 104 -14.06 -3.82 -7.34
N GLY A 105 -14.61 -3.08 -6.38
CA GLY A 105 -13.90 -2.89 -5.13
C GLY A 105 -14.42 -3.70 -3.96
N PRO A 106 -14.70 -5.00 -4.13
CA PRO A 106 -15.16 -5.85 -3.03
C PRO A 106 -13.99 -6.35 -2.17
N LEU A 107 -13.00 -5.47 -1.95
CA LEU A 107 -11.82 -5.82 -1.18
C LEU A 107 -11.99 -5.59 0.31
N GLY A 108 -10.98 -6.03 1.05
CA GLY A 108 -10.95 -5.87 2.49
C GLY A 108 -9.64 -5.26 2.92
N VAL A 109 -9.50 -4.92 4.19
CA VAL A 109 -8.27 -4.33 4.67
C VAL A 109 -7.50 -5.31 5.54
N PHE A 110 -6.42 -5.83 4.98
CA PHE A 110 -5.55 -6.77 5.67
C PHE A 110 -4.11 -6.25 5.69
N GLY A 111 -3.55 -6.10 6.87
CA GLY A 111 -2.20 -5.62 6.99
C GLY A 111 -2.10 -4.38 7.85
N LEU A 112 -2.33 -3.22 7.25
CA LEU A 112 -2.28 -1.96 7.98
C LEU A 112 -3.52 -1.80 8.84
N LYS A 113 -3.32 -1.74 10.14
CA LYS A 113 -4.43 -1.60 11.08
C LYS A 113 -4.10 -0.61 12.19
N GLU A 114 -4.96 0.37 12.38
CA GLU A 114 -4.77 1.37 13.43
C GLU A 114 -5.84 1.23 14.51
N ARG A 115 -5.42 1.27 15.77
CA ARG A 115 -6.35 1.15 16.89
C ARG A 115 -6.51 2.46 17.63
N GLY A 116 -5.90 3.51 17.09
CA GLY A 116 -5.96 4.82 17.72
C GLY A 116 -4.71 5.13 18.49
N MET A 117 -4.57 4.51 19.65
CA MET A 117 -3.40 4.70 20.48
C MET A 117 -2.82 3.36 20.92
N ALA A 118 -1.92 2.83 20.11
CA ALA A 118 -1.29 1.55 20.41
C ALA A 118 0.03 1.40 19.66
N PRO A 119 1.03 0.77 20.30
CA PRO A 119 2.34 0.55 19.69
C PRO A 119 2.27 -0.47 18.56
N ARG A 120 2.14 0.03 17.34
CA ARG A 120 2.04 -0.85 16.17
C ARG A 120 3.04 -0.46 15.10
N TYR A 121 3.50 -1.42 14.31
CA TYR A 121 4.45 -1.12 13.27
C TYR A 121 3.94 -1.58 11.90
N PHE A 122 4.25 -0.81 10.86
CA PHE A 122 3.82 -1.14 9.51
C PHE A 122 5.00 -1.11 8.55
N VAL A 123 5.32 -2.28 7.99
CA VAL A 123 6.43 -2.38 7.05
C VAL A 123 5.94 -2.37 5.61
N ALA A 124 6.25 -1.29 4.91
CA ALA A 124 5.88 -1.15 3.51
C ALA A 124 7.12 -1.20 2.63
N GLY A 125 7.06 -1.99 1.58
CA GLY A 125 8.18 -2.10 0.69
C GLY A 125 7.81 -1.90 -0.76
N GLY A 126 8.14 -0.73 -1.29
CA GLY A 126 7.82 -0.44 -2.67
C GLY A 126 7.23 0.93 -2.87
N THR A 127 6.66 1.15 -4.05
CA THR A 127 6.03 2.43 -4.39
C THR A 127 4.52 2.36 -4.20
N GLY A 128 3.98 1.15 -4.36
CA GLY A 128 2.54 0.95 -4.20
C GLY A 128 2.06 1.20 -2.79
N LEU A 129 2.95 1.72 -1.96
CA LEU A 129 2.63 2.03 -0.58
C LEU A 129 1.87 3.34 -0.51
N ALA A 130 1.56 3.91 -1.69
CA ALA A 130 0.86 5.16 -1.75
C ALA A 130 -0.32 5.14 -0.79
N PRO A 131 -1.09 4.05 -0.79
CA PRO A 131 -2.22 3.89 0.11
C PRO A 131 -1.73 3.72 1.54
N VAL A 132 -0.54 3.12 1.66
CA VAL A 132 0.09 2.92 2.95
C VAL A 132 0.49 4.27 3.54
N VAL A 133 1.24 5.04 2.75
CA VAL A 133 1.68 6.35 3.17
C VAL A 133 0.51 7.30 3.32
N SER A 134 -0.53 7.07 2.51
CA SER A 134 -1.72 7.91 2.55
C SER A 134 -2.38 7.82 3.94
N MET A 135 -2.59 6.60 4.39
CA MET A 135 -3.20 6.37 5.71
C MET A 135 -2.26 6.85 6.83
N VAL A 136 -0.98 6.53 6.69
CA VAL A 136 0.02 6.93 7.68
C VAL A 136 0.07 8.44 7.83
N ARG A 137 -0.08 9.14 6.70
CA ARG A 137 -0.05 10.59 6.69
C ARG A 137 -1.28 11.17 7.37
N GLN A 138 -2.40 10.45 7.28
CA GLN A 138 -3.64 10.91 7.89
C GLN A 138 -3.51 11.01 9.40
N MET A 139 -2.89 10.01 10.02
CA MET A 139 -2.71 10.01 11.47
C MET A 139 -1.68 11.06 11.89
N GLN A 140 -0.54 11.05 11.20
CA GLN A 140 0.53 12.00 11.48
C GLN A 140 0.04 13.43 11.32
N GLU A 141 -0.93 13.62 10.42
CA GLU A 141 -1.49 14.94 10.17
C GLU A 141 -2.56 15.26 11.20
N TRP A 142 -3.31 14.24 11.57
CA TRP A 142 -4.36 14.37 12.57
C TRP A 142 -3.77 14.67 13.94
N THR A 143 -2.46 14.54 14.03
CA THR A 143 -1.73 14.79 15.26
C THR A 143 -1.67 13.53 16.12
N ALA A 144 -2.06 12.42 15.52
CA ALA A 144 -2.03 11.14 16.22
C ALA A 144 -0.79 11.03 17.10
N PRO A 145 -0.95 11.32 18.41
CA PRO A 145 0.16 11.26 19.37
C PRO A 145 0.49 9.84 19.80
N ASN A 146 -0.12 8.87 19.13
CA ASN A 146 0.12 7.46 19.45
C ASN A 146 1.43 6.98 18.85
N GLU A 147 2.06 6.01 19.51
CA GLU A 147 3.34 5.47 19.05
C GLU A 147 3.12 4.57 17.83
N THR A 148 3.49 5.10 16.67
CA THR A 148 3.36 4.35 15.42
C THR A 148 4.70 4.25 14.71
N ARG A 149 5.17 3.03 14.55
CA ARG A 149 6.44 2.80 13.87
C ARG A 149 6.18 2.30 12.45
N ILE A 150 6.99 2.76 11.51
CA ILE A 150 6.81 2.37 10.13
C ILE A 150 8.13 1.98 9.47
N TYR A 151 8.16 0.78 8.89
CA TYR A 151 9.35 0.33 8.19
C TYR A 151 9.11 0.46 6.69
N PHE A 152 9.77 1.43 6.05
CA PHE A 152 9.57 1.65 4.62
C PHE A 152 10.89 1.60 3.84
N GLY A 153 10.80 1.25 2.56
CA GLY A 153 11.99 1.20 1.74
C GLY A 153 11.89 0.17 0.63
N VAL A 154 13.02 -0.12 -0.02
CA VAL A 154 13.03 -1.07 -1.12
C VAL A 154 14.45 -1.57 -1.45
N ASN A 155 14.92 -1.34 -2.70
CA ASN A 155 16.24 -1.75 -3.12
C ASN A 155 17.22 -0.56 -3.19
N THR A 156 18.38 -0.75 -3.83
CA THR A 156 19.39 0.30 -3.93
C THR A 156 18.77 1.68 -3.88
N GLU A 157 17.59 1.80 -4.47
CA GLU A 157 16.85 3.06 -4.50
C GLU A 157 17.13 3.86 -5.77
N PRO A 158 17.22 3.18 -6.92
CA PRO A 158 17.48 3.84 -8.20
C PRO A 158 16.30 4.73 -8.58
N GLU A 159 15.13 4.35 -8.08
CA GLU A 159 13.90 5.09 -8.35
C GLU A 159 13.14 5.39 -7.06
N LEU A 160 13.84 5.36 -5.93
CA LEU A 160 13.23 5.62 -4.63
C LEU A 160 13.28 7.12 -4.31
N PHE A 161 12.49 7.53 -3.32
CA PHE A 161 12.44 8.93 -2.90
C PHE A 161 11.39 9.13 -1.81
N TYR A 162 10.97 10.38 -1.63
CA TYR A 162 9.97 10.71 -0.63
C TYR A 162 10.55 10.64 0.78
N ILE A 163 11.86 10.84 0.88
CA ILE A 163 12.54 10.82 2.17
C ILE A 163 12.14 12.03 3.00
N ASP A 164 11.95 13.16 2.31
CA ASP A 164 11.55 14.39 2.97
C ASP A 164 10.18 14.23 3.63
N GLU A 165 9.37 13.34 3.07
CA GLU A 165 8.04 13.08 3.61
C GLU A 165 8.16 12.30 4.91
N LEU A 166 8.99 11.26 4.87
CA LEU A 166 9.22 10.43 6.05
C LEU A 166 9.91 11.26 7.13
N LYS A 167 10.68 12.24 6.71
CA LYS A 167 11.37 13.10 7.65
C LYS A 167 10.35 14.02 8.29
N SER A 168 9.25 14.26 7.58
CA SER A 168 8.18 15.10 8.10
C SER A 168 7.46 14.37 9.21
N LEU A 169 7.33 13.06 9.09
CA LEU A 169 6.71 12.30 10.14
C LEU A 169 7.62 12.32 11.35
N GLU A 170 8.89 12.03 11.11
CA GLU A 170 9.88 12.05 12.16
C GLU A 170 9.92 13.43 12.81
N ARG A 171 9.64 14.47 12.03
CA ARG A 171 9.66 15.85 12.53
C ARG A 171 8.39 16.20 13.29
N SER A 172 7.23 15.78 12.78
CA SER A 172 5.94 16.11 13.42
C SER A 172 5.46 15.04 14.40
N MET A 173 5.44 13.80 13.95
CA MET A 173 4.98 12.67 14.77
C MET A 173 5.33 12.83 16.24
N ARG A 174 4.72 11.99 17.04
CA ARG A 174 4.94 11.96 18.49
C ARG A 174 5.89 10.84 18.86
N ASN A 175 5.41 9.62 18.77
CA ASN A 175 6.22 8.47 19.10
C ASN A 175 6.26 7.48 17.92
N LEU A 176 6.69 7.98 16.77
CA LEU A 176 6.78 7.16 15.58
C LEU A 176 8.23 7.00 15.15
N THR A 177 8.52 5.91 14.43
CA THR A 177 9.88 5.65 13.98
C THR A 177 9.89 5.17 12.53
N VAL A 178 10.53 5.95 11.66
CA VAL A 178 10.64 5.60 10.25
C VAL A 178 11.88 4.76 9.99
N LYS A 179 11.71 3.69 9.23
CA LYS A 179 12.82 2.79 8.91
C LYS A 179 13.34 2.99 7.49
N ALA A 180 14.66 3.03 7.36
CA ALA A 180 15.30 3.21 6.06
C ALA A 180 15.84 1.88 5.57
N CYS A 181 15.18 1.32 4.57
CA CYS A 181 15.57 0.02 4.02
C CYS A 181 16.73 0.14 3.05
N VAL A 182 16.98 -0.95 2.32
CA VAL A 182 18.04 -0.99 1.33
C VAL A 182 19.42 -0.98 1.95
N TRP A 183 20.33 -1.63 1.25
CA TRP A 183 21.71 -1.79 1.67
C TRP A 183 22.62 -1.61 0.46
N HIS A 184 22.29 -2.39 -0.57
CA HIS A 184 22.99 -2.38 -1.85
C HIS A 184 22.55 -3.60 -2.66
N PRO A 185 21.25 -3.65 -2.99
CA PRO A 185 20.65 -4.77 -3.72
C PRO A 185 20.55 -4.54 -5.23
N SER A 186 19.37 -4.07 -5.69
CA SER A 186 19.11 -3.83 -7.13
C SER A 186 17.73 -4.35 -7.51
N GLY A 187 16.70 -3.58 -7.17
CA GLY A 187 15.33 -3.96 -7.48
C GLY A 187 15.06 -5.43 -7.23
N ASP A 188 15.86 -6.04 -6.37
CA ASP A 188 15.69 -7.43 -6.03
C ASP A 188 15.92 -7.61 -4.55
N TRP A 189 15.09 -6.96 -3.75
CA TRP A 189 15.27 -7.03 -2.31
C TRP A 189 13.96 -7.27 -1.55
N GLU A 190 14.00 -8.26 -0.68
CA GLU A 190 12.86 -8.58 0.15
C GLU A 190 13.21 -8.30 1.62
N GLY A 191 12.69 -7.20 2.15
CA GLY A 191 12.96 -6.85 3.53
C GLY A 191 13.01 -5.35 3.77
N GLU A 192 14.20 -4.87 4.10
CA GLU A 192 14.41 -3.45 4.36
C GLU A 192 15.90 -3.11 4.25
N GLN A 193 16.51 -2.63 5.33
CA GLN A 193 17.94 -2.33 5.33
C GLN A 193 18.70 -3.59 5.70
N GLY A 194 19.52 -4.08 4.78
CA GLY A 194 20.26 -5.32 5.00
C GLY A 194 19.50 -6.29 5.89
N SER A 195 18.94 -7.33 5.25
CA SER A 195 18.15 -8.37 5.95
C SER A 195 17.94 -8.06 7.43
N PRO A 196 17.18 -7.00 7.72
CA PRO A 196 16.91 -6.56 9.08
C PRO A 196 15.59 -7.08 9.65
N ILE A 197 15.05 -8.16 9.10
CA ILE A 197 13.78 -8.67 9.61
C ILE A 197 14.00 -9.64 10.77
N ASP A 198 15.24 -10.01 11.01
CA ASP A 198 15.57 -10.90 12.12
C ASP A 198 15.18 -10.23 13.42
N ALA A 199 15.39 -8.92 13.47
CA ALA A 199 15.08 -8.13 14.65
C ALA A 199 13.59 -8.20 14.98
N LEU A 200 12.77 -8.38 13.97
CA LEU A 200 11.32 -8.48 14.17
C LEU A 200 10.99 -9.71 14.99
N ARG A 201 11.70 -10.80 14.73
CA ARG A 201 11.50 -12.05 15.45
C ARG A 201 11.73 -11.84 16.94
N GLU A 202 12.85 -11.20 17.24
CA GLU A 202 13.21 -10.93 18.63
C GLU A 202 12.31 -9.85 19.22
N ASP A 203 11.86 -8.92 18.39
CA ASP A 203 11.00 -7.85 18.86
C ASP A 203 9.73 -8.43 19.48
N LEU A 204 9.17 -9.44 18.83
CA LEU A 204 8.00 -10.09 19.37
C LEU A 204 8.36 -10.67 20.72
N GLU A 205 9.47 -11.38 20.75
CA GLU A 205 9.95 -11.97 21.99
C GLU A 205 10.23 -10.88 23.02
N SER A 206 10.43 -9.65 22.53
CA SER A 206 10.70 -8.52 23.42
C SER A 206 9.39 -7.89 23.91
N SER A 207 8.89 -6.91 23.16
CA SER A 207 7.66 -6.24 23.53
C SER A 207 7.38 -5.05 22.61
N ASP A 208 7.77 -5.18 21.35
CA ASP A 208 7.55 -4.12 20.37
C ASP A 208 7.26 -4.70 18.99
N ALA A 209 6.21 -5.50 18.91
CA ALA A 209 5.79 -6.14 17.66
C ALA A 209 5.13 -7.48 17.94
N ASN A 210 3.82 -7.49 17.91
CA ASN A 210 3.06 -8.70 18.18
C ASN A 210 1.57 -8.43 18.22
N PRO A 211 1.14 -7.50 19.09
CA PRO A 211 -0.27 -7.14 19.21
C PRO A 211 -0.83 -6.66 17.89
N ASP A 212 -0.17 -5.68 17.29
CA ASP A 212 -0.57 -5.15 16.02
C ASP A 212 0.64 -5.04 15.11
N ILE A 213 0.69 -5.91 14.12
CA ILE A 213 1.78 -5.93 13.18
C ILE A 213 1.23 -5.78 11.78
N TYR A 214 1.82 -4.88 11.02
CA TYR A 214 1.36 -4.63 9.68
C TYR A 214 2.50 -4.71 8.69
N LEU A 215 2.27 -5.44 7.63
CA LEU A 215 3.30 -5.62 6.60
C LEU A 215 2.68 -5.65 5.19
N CYS A 216 3.12 -4.70 4.38
CA CYS A 216 2.64 -4.59 3.01
C CYS A 216 3.80 -4.67 2.01
N GLY A 217 3.90 -5.77 1.28
CA GLY A 217 4.96 -5.94 0.32
C GLY A 217 4.86 -7.25 -0.44
N PRO A 218 6.01 -7.84 -0.82
CA PRO A 218 6.03 -9.11 -1.54
C PRO A 218 5.66 -10.29 -0.64
N PRO A 219 5.54 -11.49 -1.22
CA PRO A 219 5.20 -12.69 -0.47
C PRO A 219 6.25 -13.04 0.58
N GLY A 220 7.37 -12.32 0.55
CA GLY A 220 8.44 -12.58 1.50
C GLY A 220 8.09 -12.09 2.89
N MET A 221 7.72 -10.83 3.04
CA MET A 221 7.37 -10.31 4.36
C MET A 221 6.29 -11.18 4.96
N ILE A 222 5.49 -11.78 4.09
CA ILE A 222 4.43 -12.67 4.52
C ILE A 222 5.01 -14.02 4.92
N ASP A 223 5.97 -14.52 4.13
CA ASP A 223 6.57 -15.83 4.41
C ASP A 223 7.55 -15.81 5.58
N ALA A 224 8.47 -14.85 5.57
CA ALA A 224 9.47 -14.75 6.63
C ALA A 224 8.91 -14.15 7.91
N ALA A 225 8.22 -13.01 7.79
CA ALA A 225 7.64 -12.35 8.95
C ALA A 225 6.61 -13.24 9.62
N CYS A 226 5.87 -13.99 8.82
CA CYS A 226 4.85 -14.90 9.36
C CYS A 226 5.52 -16.06 10.09
N GLU A 227 6.69 -16.46 9.61
CA GLU A 227 7.43 -17.57 10.21
C GLU A 227 7.91 -17.20 11.61
N LEU A 228 8.46 -16.01 11.76
CA LEU A 228 8.95 -15.55 13.06
C LEU A 228 7.83 -15.50 14.09
N VAL A 229 6.66 -15.07 13.64
CA VAL A 229 5.50 -14.95 14.52
C VAL A 229 5.07 -16.31 15.05
N ARG A 230 5.01 -17.28 14.16
CA ARG A 230 4.61 -18.64 14.52
C ARG A 230 5.72 -19.35 15.27
N SER A 231 6.97 -18.98 14.97
CA SER A 231 8.13 -19.59 15.62
C SER A 231 8.30 -19.08 17.04
N ARG A 232 8.18 -17.76 17.20
CA ARG A 232 8.34 -17.13 18.51
C ARG A 232 7.20 -17.53 19.45
N GLY A 233 5.98 -17.48 18.93
CA GLY A 233 4.82 -17.82 19.75
C GLY A 233 3.99 -16.60 20.07
N ILE A 234 4.65 -15.45 20.18
CA ILE A 234 3.97 -14.20 20.49
C ILE A 234 2.59 -14.15 19.87
N PRO A 235 1.55 -14.51 20.64
CA PRO A 235 0.17 -14.50 20.16
C PRO A 235 -0.24 -13.14 19.61
N GLY A 236 -0.46 -13.09 18.30
CA GLY A 236 -0.84 -11.84 17.67
C GLY A 236 -2.35 -11.68 17.56
N GLU A 237 -2.88 -10.66 18.23
CA GLU A 237 -4.31 -10.40 18.19
C GLU A 237 -4.67 -9.49 17.03
N GLN A 238 -3.89 -8.42 16.87
CA GLN A 238 -4.13 -7.46 15.78
C GLN A 238 -3.02 -7.54 14.74
N VAL A 239 -2.54 -8.74 14.48
CA VAL A 239 -1.49 -8.93 13.49
C VAL A 239 -2.09 -9.16 12.12
N PHE A 240 -1.60 -8.40 11.15
CA PHE A 240 -2.12 -8.48 9.78
C PHE A 240 -1.03 -8.24 8.73
N PHE A 241 -1.01 -9.08 7.70
CA PHE A 241 -0.03 -8.96 6.61
C PHE A 241 -0.70 -9.02 5.24
N GLU A 242 -0.21 -8.19 4.32
CA GLU A 242 -0.74 -8.14 2.96
C GLU A 242 0.42 -8.20 1.95
N LYS A 243 0.17 -8.79 0.79
CA LYS A 243 1.20 -8.92 -0.23
C LYS A 243 0.93 -8.05 -1.47
N PHE A 244 1.69 -6.96 -1.60
CA PHE A 244 1.58 -6.06 -2.75
C PHE A 244 2.98 -5.69 -3.27
N LEU A 245 3.11 -5.55 -4.58
CA LEU A 245 4.40 -5.20 -5.20
C LEU A 245 5.46 -6.25 -4.89
N PRO A 246 6.43 -6.42 -5.80
CA PRO A 246 7.54 -7.37 -5.62
C PRO A 246 8.42 -7.02 -4.43
N SER A 247 9.74 -7.22 -4.59
CA SER A 247 10.68 -6.92 -3.52
C SER A 247 10.35 -5.59 -2.83
N GLY A 248 10.67 -5.53 -1.56
CA GLY A 248 10.43 -4.33 -0.77
C GLY A 248 10.34 -4.65 0.70
N ALA A 249 9.31 -5.38 1.07
CA ALA A 249 9.10 -5.80 2.45
C ALA A 249 9.40 -7.29 2.61
N ALA A 250 10.10 -7.64 3.69
CA ALA A 250 10.43 -9.04 3.95
C ALA A 250 11.37 -9.18 5.13
PA FDA B . 4.56 -4.54 -13.87
O1A FDA B . 4.59 -4.92 -15.30
O2A FDA B . 3.95 -3.37 -13.59
O5B FDA B . 6.06 -4.57 -13.64
C5B FDA B . 6.61 -4.60 -12.27
C4B FDA B . 8.08 -5.14 -12.24
O4B FDA B . 8.88 -3.92 -12.10
C3B FDA B . 8.56 -5.99 -11.05
O3B FDA B . 8.26 -7.35 -11.11
C2B FDA B . 10.03 -5.65 -10.95
O2B FDA B . 10.82 -6.65 -11.54
C1B FDA B . 10.22 -4.32 -11.65
N9A FDA B . 10.64 -3.18 -10.83
C8A FDA B . 10.46 -1.86 -11.13
N7A FDA B . 10.97 -1.04 -10.23
C5A FDA B . 11.49 -1.83 -9.28
C6A FDA B . 12.20 -1.53 -8.01
N6A FDA B . 12.45 -0.32 -7.58
N1A FDA B . 12.59 -2.64 -7.28
C2A FDA B . 12.36 -3.92 -7.69
N3A FDA B . 11.73 -4.28 -8.83
C4A FDA B . 11.31 -3.21 -9.59
N1 FDA B . 0.83 -3.42 -6.89
C2 FDA B . 1.53 -2.28 -6.86
O2 FDA B . 2.40 -2.05 -7.62
N3 FDA B . 1.26 -1.27 -5.89
C4 FDA B . 0.26 -1.42 -4.93
O4 FDA B . 0.08 -0.52 -4.13
C4X FDA B . -0.50 -2.66 -4.94
N5 FDA B . -1.47 -2.87 -4.01
C5X FDA B . -2.17 -4.07 -4.04
C6 FDA B . -3.17 -4.27 -3.05
C7 FDA B . -3.93 -5.43 -2.99
C7M FDA B . -4.96 -5.58 -1.92
C8 FDA B . -3.71 -6.51 -3.98
C8M FDA B . -4.50 -7.79 -3.97
C9 FDA B . -2.71 -6.35 -4.98
C9A FDA B . -1.93 -5.13 -5.02
N10 FDA B . -0.90 -4.85 -6.00
C10 FDA B . -0.17 -3.65 -5.97
C1' FDA B . -0.65 -5.89 -7.01
C2' FDA B . -1.31 -5.43 -8.29
O2' FDA B . -2.71 -5.57 -8.14
C3' FDA B . -0.88 -6.22 -9.47
O3' FDA B . -0.73 -7.58 -9.17
C4' FDA B . 0.43 -5.67 -9.94
O4' FDA B . 0.40 -4.25 -10.15
C5' FDA B . 0.77 -6.38 -11.18
O5' FDA B . 2.16 -5.83 -11.70
P FDA B . 2.67 -6.47 -12.91
O1P FDA B . 2.73 -7.94 -12.46
O2P FDA B . 1.85 -6.21 -14.00
O3P FDA B . 3.95 -5.81 -13.15
H51A FDA B . 5.98 -5.28 -11.67
H52A FDA B . 6.56 -3.60 -11.82
H4B FDA B . 8.18 -5.79 -13.10
H3B FDA B . 7.99 -5.77 -10.13
HO3A FDA B . 7.39 -7.53 -10.67
H2B FDA B . 10.37 -5.63 -9.90
HO2A FDA B . 10.80 -6.54 -12.53
H1B FDA B . 10.99 -4.50 -12.41
H8A FDA B . 9.95 -1.52 -12.05
H61A FDA B . 12.15 0.48 -8.11
H62A FDA B . 12.93 -0.19 -6.70
H2A FDA B . 12.72 -4.73 -7.03
HN1 FDA B . 1.04 -4.10 -7.58
HN3 FDA B . 1.79 -0.43 -5.90
HN5 FDA B . -1.67 -2.17 -3.33
H6 FDA B . -3.35 -3.48 -2.30
HM71 FDA B . -5.41 -6.58 -1.98
HM72 FDA B . -5.75 -4.83 -2.08
HM73 FDA B . -4.50 -5.43 -0.94
HM81 FDA B . -4.64 -8.15 -5.00
HM82 FDA B . -5.48 -7.59 -3.52
HM83 FDA B . -3.96 -8.54 -3.38
H9 FDA B . -2.52 -7.14 -5.72
H1'1 FDA B . -1.11 -6.85 -6.68
H1'2 FDA B . 0.43 -6.08 -7.15
H2' FDA B . -1.04 -4.38 -8.46
HO2' FDA B . -2.97 -6.52 -8.34
H3' FDA B . -1.65 -6.14 -10.24
HO3' FDA B . -0.16 -8.01 -9.86
H4' FDA B . 1.18 -5.84 -9.15
HO4' FDA B . 1.32 -3.94 -10.42
H5'1 FDA B . 0.00 -6.16 -11.94
H5'2 FDA B . 0.81 -7.47 -11.02
N CYS A 1 -13.20 -18.99 -10.62
CA CYS A 1 -14.37 -18.20 -10.97
C CYS A 1 -15.64 -18.78 -10.36
N ARG A 2 -15.67 -18.84 -9.03
CA ARG A 2 -16.83 -19.38 -8.32
C ARG A 2 -18.04 -18.46 -8.45
N ILE A 3 -17.96 -17.31 -7.80
CA ILE A 3 -19.05 -16.33 -7.85
C ILE A 3 -20.35 -16.93 -7.30
N SER A 4 -21.31 -16.06 -7.04
CA SER A 4 -22.60 -16.50 -6.51
C SER A 4 -23.46 -15.31 -6.10
N PHE A 5 -24.62 -15.17 -6.74
CA PHE A 5 -25.53 -14.08 -6.44
C PHE A 5 -25.06 -12.78 -7.10
N GLY A 6 -25.94 -12.18 -7.89
CA GLY A 6 -25.59 -10.94 -8.57
C GLY A 6 -25.72 -9.73 -7.67
N GLU A 7 -24.75 -8.81 -7.77
CA GLU A 7 -24.76 -7.61 -6.96
C GLU A 7 -23.91 -6.52 -7.61
N VAL A 8 -23.91 -5.33 -7.01
CA VAL A 8 -23.16 -4.21 -7.51
C VAL A 8 -21.97 -3.90 -6.64
N GLY A 9 -20.81 -4.28 -7.13
CA GLY A 9 -19.57 -4.05 -6.39
C GLY A 9 -18.53 -3.37 -7.24
N SER A 10 -18.97 -2.75 -8.31
CA SER A 10 -18.10 -2.04 -9.23
C SER A 10 -18.55 -0.59 -9.41
N PHE A 11 -17.59 0.29 -9.67
CA PHE A 11 -17.91 1.70 -9.87
C PHE A 11 -17.17 2.24 -11.09
N GLU A 12 -17.57 3.42 -11.55
CA GLU A 12 -16.96 4.03 -12.72
C GLU A 12 -16.02 5.16 -12.32
N ALA A 13 -14.86 5.20 -12.98
CA ALA A 13 -13.85 6.21 -12.71
C ALA A 13 -13.38 6.85 -14.01
N GLU A 14 -13.17 8.17 -13.98
CA GLU A 14 -12.71 8.89 -15.15
C GLU A 14 -11.20 9.00 -15.13
N VAL A 15 -10.55 8.44 -16.15
CA VAL A 15 -9.10 8.48 -16.24
C VAL A 15 -8.61 9.88 -16.57
N VAL A 16 -8.03 10.53 -15.58
CA VAL A 16 -7.50 11.88 -15.75
C VAL A 16 -6.07 11.94 -15.25
N GLY A 17 -5.45 10.77 -15.15
CA GLY A 17 -4.09 10.68 -14.69
C GLY A 17 -3.22 9.82 -15.56
N LEU A 18 -2.54 8.88 -14.92
CA LEU A 18 -1.64 7.97 -15.60
C LEU A 18 -0.37 8.70 -15.97
N ASN A 19 0.60 8.56 -15.11
CA ASN A 19 1.89 9.18 -15.29
C ASN A 19 2.97 8.24 -14.82
N TRP A 20 4.05 8.16 -15.57
CA TRP A 20 5.14 7.32 -15.15
C TRP A 20 6.06 8.15 -14.27
N VAL A 21 6.11 7.80 -13.00
CA VAL A 21 6.92 8.53 -12.04
C VAL A 21 8.30 7.91 -11.98
N SER A 22 8.33 6.62 -12.23
CA SER A 22 9.57 5.87 -12.20
C SER A 22 9.67 4.89 -13.37
N SER A 23 10.82 4.24 -13.48
CA SER A 23 11.06 3.28 -14.55
C SER A 23 9.93 2.26 -14.64
N ASN A 24 9.65 1.63 -13.52
CA ASN A 24 8.59 0.63 -13.46
C ASN A 24 7.58 1.02 -12.39
N THR A 25 7.07 2.24 -12.49
CA THR A 25 6.10 2.75 -11.53
C THR A 25 5.19 3.78 -12.18
N VAL A 26 3.89 3.70 -11.88
CA VAL A 26 2.92 4.62 -12.45
C VAL A 26 1.85 5.01 -11.44
N GLN A 27 1.37 6.24 -11.56
CA GLN A 27 0.32 6.76 -10.67
C GLN A 27 -0.90 7.16 -11.49
N PHE A 28 -2.01 6.45 -11.29
CA PHE A 28 -3.24 6.72 -12.03
C PHE A 28 -4.32 7.27 -11.10
N LEU A 29 -4.80 8.47 -11.41
CA LEU A 29 -5.86 9.10 -10.62
C LEU A 29 -7.20 8.98 -11.33
N LEU A 30 -8.15 8.32 -10.69
CA LEU A 30 -9.48 8.13 -11.28
C LEU A 30 -10.59 8.68 -10.39
N GLN A 31 -11.54 9.36 -11.01
CA GLN A 31 -12.67 9.96 -10.30
C GLN A 31 -13.94 9.90 -11.13
N LYS A 32 -15.05 9.51 -10.50
CA LYS A 32 -16.34 9.43 -11.19
C LYS A 32 -17.37 8.66 -10.39
N ARG A 33 -16.89 7.79 -9.50
CA ARG A 33 -17.77 6.96 -8.68
C ARG A 33 -18.41 7.75 -7.54
N PRO A 34 -19.49 7.21 -6.96
CA PRO A 34 -20.22 7.83 -5.87
C PRO A 34 -19.78 7.31 -4.49
N ASP A 35 -18.64 7.78 -3.98
CA ASP A 35 -18.16 7.33 -2.68
C ASP A 35 -16.74 7.81 -2.40
N GLU A 36 -16.08 7.13 -1.47
CA GLU A 36 -14.71 7.46 -1.09
C GLU A 36 -13.73 6.97 -2.14
N CYS A 37 -13.81 7.53 -3.33
CA CYS A 37 -12.95 7.13 -4.42
C CYS A 37 -13.16 8.02 -5.65
N GLY A 38 -14.38 8.52 -5.84
CA GLY A 38 -14.65 9.34 -6.99
C GLY A 38 -15.85 10.26 -6.84
N ASN A 39 -16.23 10.59 -5.61
CA ASN A 39 -17.38 11.46 -5.40
C ASN A 39 -17.09 12.58 -4.42
N ARG A 40 -15.90 13.15 -4.51
CA ARG A 40 -15.55 14.22 -3.60
C ARG A 40 -15.94 13.84 -2.18
N GLY A 41 -16.07 12.54 -1.95
CA GLY A 41 -16.45 12.09 -0.61
C GLY A 41 -15.66 10.88 -0.15
N VAL A 42 -14.40 11.09 0.21
CA VAL A 42 -13.57 10.00 0.69
C VAL A 42 -13.11 10.26 2.12
N LYS A 43 -12.59 9.23 2.76
CA LYS A 43 -12.15 9.33 4.14
C LYS A 43 -11.08 8.29 4.44
N PHE A 44 -10.41 7.83 3.39
CA PHE A 44 -9.36 6.83 3.53
C PHE A 44 -9.91 5.56 4.19
N GLU A 45 -9.68 4.42 3.56
CA GLU A 45 -10.14 3.15 4.10
C GLU A 45 -8.95 2.29 4.50
N PRO A 46 -9.09 1.51 5.58
CA PRO A 46 -8.01 0.65 6.06
C PRO A 46 -7.32 -0.12 4.94
N GLY A 47 -6.40 0.54 4.26
CA GLY A 47 -5.69 -0.09 3.16
C GLY A 47 -6.61 -0.98 2.32
N GLN A 48 -7.77 -0.46 1.97
CA GLN A 48 -8.73 -1.22 1.17
C GLN A 48 -8.24 -1.37 -0.28
N PHE A 49 -8.63 -2.45 -0.93
CA PHE A 49 -8.22 -2.67 -2.32
C PHE A 49 -9.40 -3.09 -3.18
N MET A 50 -9.23 -2.99 -4.49
CA MET A 50 -10.29 -3.34 -5.44
C MET A 50 -9.77 -4.25 -6.55
N ASP A 51 -10.59 -4.41 -7.57
CA ASP A 51 -10.27 -5.23 -8.74
C ASP A 51 -10.61 -4.46 -10.00
N LEU A 52 -9.59 -4.15 -10.78
CA LEU A 52 -9.80 -3.37 -11.99
C LEU A 52 -8.78 -3.70 -13.09
N THR A 53 -9.17 -3.41 -14.33
CA THR A 53 -8.33 -3.64 -15.48
C THR A 53 -7.84 -2.33 -16.05
N ILE A 54 -6.66 -2.33 -16.66
CA ILE A 54 -6.11 -1.10 -17.24
C ILE A 54 -7.24 -0.20 -17.75
N PRO A 55 -7.84 -0.50 -18.92
CA PRO A 55 -8.95 0.29 -19.45
C PRO A 55 -10.30 -0.32 -19.09
N GLY A 56 -10.28 -1.35 -18.22
CA GLY A 56 -11.52 -2.00 -17.84
C GLY A 56 -11.71 -3.34 -18.54
N THR A 57 -10.72 -3.72 -19.35
CA THR A 57 -10.78 -4.97 -20.09
C THR A 57 -11.22 -6.13 -19.20
N ASP A 58 -10.27 -6.98 -18.81
CA ASP A 58 -10.56 -8.13 -17.96
C ASP A 58 -9.37 -9.09 -17.88
N VAL A 59 -8.15 -8.55 -17.99
CA VAL A 59 -6.96 -9.38 -17.92
C VAL A 59 -5.84 -8.66 -17.15
N SER A 60 -6.23 -7.90 -16.14
CA SER A 60 -5.27 -7.16 -15.33
C SER A 60 -5.16 -7.77 -13.93
N ARG A 61 -5.75 -7.12 -12.94
CA ARG A 61 -5.72 -7.61 -11.57
C ARG A 61 -6.32 -6.60 -10.60
N SER A 62 -6.13 -6.85 -9.31
CA SER A 62 -6.65 -5.97 -8.27
C SER A 62 -5.54 -5.09 -7.71
N TYR A 63 -5.88 -3.86 -7.35
CA TYR A 63 -4.89 -2.94 -6.80
C TYR A 63 -5.48 -2.05 -5.70
N SER A 64 -4.79 -1.98 -4.56
CA SER A 64 -5.22 -1.15 -3.45
C SER A 64 -5.30 0.32 -3.85
N PRO A 65 -6.51 0.87 -4.04
CA PRO A 65 -6.69 2.27 -4.41
C PRO A 65 -6.82 3.16 -3.17
N ALA A 66 -6.08 4.27 -3.13
CA ALA A 66 -6.13 5.16 -1.97
C ALA A 66 -5.99 6.63 -2.36
N ASN A 67 -6.79 7.49 -1.72
CA ASN A 67 -6.74 8.92 -1.97
C ASN A 67 -6.22 9.64 -0.73
N LEU A 68 -7.04 9.60 0.32
CA LEU A 68 -6.72 10.24 1.59
C LEU A 68 -8.02 10.66 2.27
N PRO A 69 -8.03 10.69 3.61
CA PRO A 69 -9.23 11.08 4.34
C PRO A 69 -9.72 12.47 3.93
N ASN A 70 -10.69 12.52 3.01
CA ASN A 70 -11.19 13.82 2.55
C ASN A 70 -12.25 13.66 1.46
N PRO A 71 -12.97 14.76 1.16
CA PRO A 71 -14.01 14.77 0.15
C PRO A 71 -13.48 15.16 -1.23
N GLU A 72 -12.76 14.24 -1.87
CA GLU A 72 -12.19 14.52 -3.19
C GLU A 72 -12.53 13.42 -4.20
N GLY A 73 -12.95 12.26 -3.70
CA GLY A 73 -13.28 11.17 -4.58
C GLY A 73 -12.26 11.03 -5.70
N ARG A 74 -11.13 10.44 -5.36
CA ARG A 74 -10.06 10.27 -6.33
C ARG A 74 -9.17 9.10 -5.93
N LEU A 75 -9.19 8.05 -6.72
CA LEU A 75 -8.38 6.90 -6.42
C LEU A 75 -7.06 6.97 -7.17
N GLU A 76 -5.97 6.77 -6.44
CA GLU A 76 -4.64 6.80 -7.03
C GLU A 76 -3.88 5.53 -6.69
N PHE A 77 -3.39 4.84 -7.70
CA PHE A 77 -2.65 3.61 -7.50
C PHE A 77 -1.22 3.73 -8.01
N LEU A 78 -0.29 3.09 -7.31
CA LEU A 78 1.11 3.10 -7.68
C LEU A 78 1.54 1.70 -8.11
N ILE A 79 1.12 1.31 -9.31
CA ILE A 79 1.44 0.00 -9.83
C ILE A 79 2.72 0.03 -10.65
N ARG A 80 3.64 -0.86 -10.30
CA ARG A 80 4.92 -0.93 -10.98
C ARG A 80 4.80 -1.65 -12.31
N VAL A 81 4.85 -0.89 -13.40
CA VAL A 81 4.73 -1.45 -14.74
C VAL A 81 6.12 -1.69 -15.35
N LEU A 82 6.39 -2.93 -15.73
CA LEU A 82 7.67 -3.28 -16.33
C LEU A 82 8.14 -2.22 -17.31
N PRO A 83 9.41 -2.31 -17.75
CA PRO A 83 9.99 -1.35 -18.69
C PRO A 83 9.16 -1.22 -19.97
N GLU A 84 8.82 -2.36 -20.57
CA GLU A 84 8.04 -2.37 -21.79
C GLU A 84 7.87 -3.79 -22.31
N GLY A 85 7.23 -4.63 -21.52
CA GLY A 85 7.01 -6.01 -21.92
C GLY A 85 6.18 -6.80 -20.93
N ARG A 86 4.97 -6.32 -20.66
CA ARG A 86 4.07 -6.98 -19.73
C ARG A 86 2.86 -6.11 -19.41
N PHE A 87 2.92 -5.36 -18.32
CA PHE A 87 1.82 -4.49 -17.93
C PHE A 87 2.00 -3.07 -18.47
N SER A 88 3.26 -2.69 -18.69
CA SER A 88 3.57 -1.36 -19.20
C SER A 88 3.21 -1.25 -20.68
N ASP A 89 3.11 -2.39 -21.35
CA ASP A 89 2.75 -2.41 -22.76
C ASP A 89 1.28 -2.09 -22.90
N TYR A 90 0.51 -2.65 -21.99
CA TYR A 90 -0.92 -2.43 -21.94
C TYR A 90 -1.22 -1.02 -21.43
N LEU A 91 -0.24 -0.45 -20.73
CA LEU A 91 -0.37 0.89 -20.19
C LEU A 91 -0.47 1.92 -21.31
N ARG A 92 0.43 1.80 -22.29
CA ARG A 92 0.44 2.73 -23.41
C ARG A 92 -0.37 2.19 -24.59
N ASN A 93 -0.64 0.89 -24.58
CA ASN A 93 -1.40 0.27 -25.66
C ASN A 93 -2.87 0.08 -25.28
N ASP A 94 -3.25 0.52 -24.08
CA ASP A 94 -4.63 0.39 -23.64
C ASP A 94 -4.89 1.15 -22.34
N ALA A 95 -4.08 2.16 -22.05
CA ALA A 95 -4.27 2.94 -20.83
C ALA A 95 -4.06 4.42 -21.09
N ARG A 96 -4.32 4.83 -22.33
CA ARG A 96 -4.17 6.23 -22.71
C ARG A 96 -4.91 7.15 -21.75
N VAL A 97 -5.08 8.41 -22.12
CA VAL A 97 -5.76 9.37 -21.29
C VAL A 97 -6.91 10.03 -22.05
N GLY A 98 -8.09 9.49 -21.84
CA GLY A 98 -9.28 10.00 -22.48
C GLY A 98 -10.40 8.97 -22.56
N GLN A 99 -10.50 8.13 -21.54
CA GLN A 99 -11.53 7.10 -21.50
C GLN A 99 -12.02 6.87 -20.07
N VAL A 100 -13.03 6.02 -19.93
CA VAL A 100 -13.59 5.69 -18.62
C VAL A 100 -13.17 4.29 -18.19
N LEU A 101 -12.93 4.11 -16.90
CA LEU A 101 -12.51 2.83 -16.39
C LEU A 101 -13.50 2.29 -15.35
N SER A 102 -13.74 0.99 -15.40
CA SER A 102 -14.64 0.35 -14.46
C SER A 102 -13.84 -0.33 -13.35
N VAL A 103 -13.98 0.15 -12.12
CA VAL A 103 -13.24 -0.43 -11.01
C VAL A 103 -14.17 -1.27 -10.15
N LYS A 104 -13.74 -2.46 -9.79
CA LYS A 104 -14.56 -3.31 -8.96
C LYS A 104 -13.76 -3.84 -7.79
N GLY A 105 -14.07 -3.38 -6.58
CA GLY A 105 -13.31 -3.84 -5.43
C GLY A 105 -14.14 -4.47 -4.32
N PRO A 106 -14.44 -5.76 -4.45
CA PRO A 106 -15.18 -6.50 -3.44
C PRO A 106 -14.23 -7.15 -2.44
N LEU A 107 -13.08 -6.49 -2.24
CA LEU A 107 -12.04 -7.00 -1.34
C LEU A 107 -12.23 -6.54 0.09
N GLY A 108 -11.40 -7.10 0.96
CA GLY A 108 -11.40 -6.77 2.37
C GLY A 108 -10.11 -6.08 2.75
N VAL A 109 -10.00 -5.61 3.99
CA VAL A 109 -8.78 -4.95 4.41
C VAL A 109 -7.98 -5.83 5.36
N PHE A 110 -6.89 -6.35 4.84
CA PHE A 110 -5.98 -7.20 5.60
C PHE A 110 -4.57 -6.61 5.60
N GLY A 111 -4.08 -6.22 6.76
CA GLY A 111 -2.74 -5.66 6.84
C GLY A 111 -2.66 -4.52 7.83
N LEU A 112 -2.92 -3.30 7.37
CA LEU A 112 -2.87 -2.15 8.26
C LEU A 112 -4.16 -2.00 9.03
N LYS A 113 -4.07 -2.13 10.34
CA LYS A 113 -5.23 -2.00 11.20
C LYS A 113 -4.91 -1.22 12.48
N GLU A 114 -5.46 -0.01 12.58
CA GLU A 114 -5.23 0.83 13.75
C GLU A 114 -6.36 0.66 14.76
N ARG A 115 -6.00 0.60 16.03
CA ARG A 115 -7.00 0.44 17.09
C ARG A 115 -7.25 1.76 17.81
N GLY A 116 -6.70 2.83 17.25
CA GLY A 116 -6.87 4.14 17.83
C GLY A 116 -5.59 4.63 18.48
N MET A 117 -5.33 4.13 19.68
CA MET A 117 -4.12 4.49 20.41
C MET A 117 -3.41 3.24 20.90
N ALA A 118 -2.51 2.72 20.08
CA ALA A 118 -1.75 1.53 20.44
C ALA A 118 -0.47 1.42 19.62
N PRO A 119 0.60 0.88 20.22
CA PRO A 119 1.88 0.68 19.54
C PRO A 119 1.77 -0.37 18.44
N ARG A 120 1.70 0.09 17.20
CA ARG A 120 1.56 -0.81 16.06
C ARG A 120 2.68 -0.60 15.05
N TYR A 121 3.10 -1.67 14.39
CA TYR A 121 4.14 -1.59 13.39
C TYR A 121 3.53 -1.82 12.01
N PHE A 122 3.71 -0.85 11.14
CA PHE A 122 3.18 -0.92 9.79
C PHE A 122 4.29 -0.75 8.77
N VAL A 123 4.38 -1.70 7.86
CA VAL A 123 5.39 -1.66 6.81
C VAL A 123 4.78 -1.91 5.45
N ALA A 124 5.35 -1.25 4.46
CA ALA A 124 4.88 -1.39 3.09
C ALA A 124 5.98 -1.99 2.22
N GLY A 125 5.63 -2.98 1.42
CA GLY A 125 6.62 -3.60 0.55
C GLY A 125 6.49 -3.12 -0.88
N GLY A 126 7.40 -2.25 -1.29
CA GLY A 126 7.36 -1.72 -2.64
C GLY A 126 6.86 -0.29 -2.68
N THR A 127 6.43 0.16 -3.85
CA THR A 127 5.90 1.53 -3.99
C THR A 127 4.38 1.53 -3.89
N GLY A 128 3.79 0.35 -3.92
CA GLY A 128 2.35 0.23 -3.80
C GLY A 128 1.84 0.65 -2.42
N LEU A 129 2.73 1.25 -1.63
CA LEU A 129 2.39 1.71 -0.29
C LEU A 129 1.51 2.94 -0.37
N ALA A 130 1.14 3.34 -1.59
CA ALA A 130 0.31 4.52 -1.76
C ALA A 130 -0.85 4.50 -0.77
N PRO A 131 -1.47 3.32 -0.58
CA PRO A 131 -2.56 3.15 0.37
C PRO A 131 -2.02 3.06 1.79
N VAL A 132 -0.82 2.51 1.91
CA VAL A 132 -0.16 2.37 3.20
C VAL A 132 0.15 3.75 3.77
N VAL A 133 0.65 4.63 2.90
CA VAL A 133 0.98 5.99 3.31
C VAL A 133 -0.28 6.79 3.59
N SER A 134 -1.35 6.47 2.88
CA SER A 134 -2.62 7.16 3.07
C SER A 134 -3.14 6.90 4.48
N MET A 135 -3.18 5.63 4.85
CA MET A 135 -3.64 5.24 6.18
C MET A 135 -2.71 5.83 7.24
N VAL A 136 -1.41 5.67 7.03
CA VAL A 136 -0.41 6.19 7.96
C VAL A 136 -0.56 7.71 8.07
N ARG A 137 -1.00 8.33 6.99
CA ARG A 137 -1.20 9.78 6.96
C ARG A 137 -2.26 10.18 7.97
N GLN A 138 -3.29 9.36 8.12
CA GLN A 138 -4.36 9.64 9.06
C GLN A 138 -3.82 9.66 10.49
N MET A 139 -2.96 8.69 10.81
CA MET A 139 -2.36 8.61 12.14
C MET A 139 -1.48 9.83 12.39
N GLN A 140 -0.85 10.30 11.34
CA GLN A 140 0.02 11.46 11.43
C GLN A 140 -0.75 12.78 11.45
N GLU A 141 -1.92 12.81 10.80
CA GLU A 141 -2.72 14.04 10.74
C GLU A 141 -3.26 14.43 12.10
N TRP A 142 -3.77 13.44 12.82
CA TRP A 142 -4.30 13.69 14.15
C TRP A 142 -3.17 13.70 15.16
N THR A 143 -2.06 13.09 14.75
CA THR A 143 -0.86 13.02 15.57
C THR A 143 -1.15 12.49 16.97
N ALA A 144 -2.16 11.64 17.08
CA ALA A 144 -2.51 11.06 18.38
C ALA A 144 -1.24 10.76 19.18
N PRO A 145 -1.38 10.56 20.50
CA PRO A 145 -0.25 10.27 21.38
C PRO A 145 0.20 8.81 21.31
N ASN A 146 -0.28 8.10 20.30
CA ASN A 146 0.06 6.69 20.14
C ASN A 146 1.30 6.50 19.25
N GLU A 147 2.18 5.61 19.68
CA GLU A 147 3.40 5.30 18.96
C GLU A 147 3.10 4.47 17.72
N THR A 148 3.45 5.02 16.57
CA THR A 148 3.22 4.36 15.30
C THR A 148 4.55 4.03 14.61
N ARG A 149 4.76 2.78 14.28
CA ARG A 149 5.99 2.40 13.61
C ARG A 149 5.75 2.24 12.12
N ILE A 150 6.60 2.86 11.32
CA ILE A 150 6.47 2.80 9.88
C ILE A 150 7.78 2.35 9.25
N TYR A 151 7.79 1.13 8.73
CA TYR A 151 8.98 0.60 8.10
C TYR A 151 8.65 0.23 6.65
N PHE A 152 9.21 1.00 5.72
CA PHE A 152 8.95 0.77 4.29
C PHE A 152 10.25 0.53 3.53
N GLY A 153 10.19 -0.30 2.49
CA GLY A 153 11.38 -0.60 1.73
C GLY A 153 11.12 -0.88 0.28
N VAL A 154 12.21 -0.97 -0.49
CA VAL A 154 12.10 -1.24 -1.91
C VAL A 154 13.46 -1.60 -2.53
N ASN A 155 14.01 -0.71 -3.39
CA ASN A 155 15.29 -0.96 -4.04
C ASN A 155 16.28 0.17 -3.78
N THR A 156 17.41 0.13 -4.49
CA THR A 156 18.45 1.14 -4.34
C THR A 156 17.89 2.47 -3.86
N GLU A 157 17.06 3.07 -4.71
CA GLU A 157 16.43 4.36 -4.39
C GLU A 157 16.11 5.15 -5.65
N PRO A 158 17.09 5.29 -6.55
CA PRO A 158 16.91 6.03 -7.80
C PRO A 158 15.54 5.79 -8.43
N GLU A 159 14.96 4.62 -8.14
CA GLU A 159 13.65 4.28 -8.68
C GLU A 159 12.54 4.78 -7.78
N LEU A 160 12.81 4.84 -6.47
CA LEU A 160 11.82 5.31 -5.51
C LEU A 160 12.15 6.72 -5.03
N PHE A 161 11.40 7.19 -4.03
CA PHE A 161 11.61 8.52 -3.48
C PHE A 161 10.58 8.84 -2.39
N TYR A 162 10.33 10.14 -2.18
CA TYR A 162 9.36 10.59 -1.19
C TYR A 162 9.92 10.49 0.23
N ILE A 163 11.22 10.23 0.33
CA ILE A 163 11.86 10.12 1.64
C ILE A 163 11.67 11.41 2.43
N ASP A 164 11.87 12.54 1.76
CA ASP A 164 11.70 13.85 2.39
C ASP A 164 10.27 14.03 2.84
N GLU A 165 9.35 13.36 2.16
CA GLU A 165 7.93 13.44 2.50
C GLU A 165 7.67 12.68 3.78
N LEU A 166 8.20 11.47 3.86
CA LEU A 166 8.05 10.64 5.05
C LEU A 166 8.70 11.32 6.24
N LYS A 167 9.75 12.10 5.98
CA LYS A 167 10.43 12.80 7.05
C LYS A 167 9.47 13.75 7.74
N SER A 168 8.73 14.51 6.94
CA SER A 168 7.74 15.42 7.49
C SER A 168 6.67 14.62 8.19
N LEU A 169 6.42 13.42 7.68
CA LEU A 169 5.45 12.55 8.28
C LEU A 169 5.95 12.16 9.67
N GLU A 170 7.28 12.00 9.79
CA GLU A 170 7.89 11.66 11.06
C GLU A 170 7.65 12.76 12.07
N ARG A 171 7.78 14.01 11.61
CA ARG A 171 7.57 15.16 12.48
C ARG A 171 6.08 15.37 12.73
N SER A 172 5.28 15.14 11.70
CA SER A 172 3.84 15.31 11.79
C SER A 172 3.22 14.31 12.77
N MET A 173 3.98 13.28 13.14
CA MET A 173 3.49 12.27 14.05
C MET A 173 3.89 12.58 15.49
N ARG A 174 3.46 11.72 16.41
CA ARG A 174 3.76 11.87 17.83
C ARG A 174 4.97 11.05 18.22
N ASN A 175 4.79 9.74 18.26
CA ASN A 175 5.86 8.84 18.64
C ASN A 175 6.05 7.75 17.60
N LEU A 176 6.41 8.16 16.38
CA LEU A 176 6.59 7.21 15.29
C LEU A 176 8.06 7.06 14.90
N THR A 177 8.36 5.96 14.22
CA THR A 177 9.72 5.67 13.78
C THR A 177 9.73 5.13 12.35
N VAL A 178 10.44 5.81 11.46
CA VAL A 178 10.54 5.41 10.06
C VAL A 178 11.73 4.47 9.85
N LYS A 179 11.51 3.39 9.08
CA LYS A 179 12.57 2.43 8.82
C LYS A 179 13.03 2.53 7.37
N ALA A 180 14.35 2.62 7.18
CA ALA A 180 14.94 2.72 5.86
C ALA A 180 15.47 1.38 5.39
N CYS A 181 14.71 0.77 4.48
CA CYS A 181 15.04 -0.52 3.90
C CYS A 181 16.09 -0.37 2.78
N VAL A 182 16.15 -1.35 1.87
CA VAL A 182 17.11 -1.28 0.78
C VAL A 182 18.53 -1.16 1.31
N TRP A 183 19.43 -1.81 0.61
CA TRP A 183 20.85 -1.85 0.98
C TRP A 183 21.68 -1.48 -0.23
N HIS A 184 21.52 -2.29 -1.27
CA HIS A 184 22.23 -2.09 -2.53
C HIS A 184 21.64 -2.98 -3.63
N PRO A 185 20.30 -2.94 -3.82
CA PRO A 185 19.61 -3.73 -4.84
C PRO A 185 19.51 -3.03 -6.19
N SER A 186 18.35 -2.41 -6.46
CA SER A 186 18.12 -1.69 -7.73
C SER A 186 16.72 -1.92 -8.29
N GLY A 187 15.90 -2.66 -7.55
CA GLY A 187 14.54 -2.92 -8.00
C GLY A 187 14.24 -4.41 -8.07
N ASP A 188 15.13 -5.19 -7.52
CA ASP A 188 14.98 -6.63 -7.47
C ASP A 188 15.39 -7.09 -6.10
N TRP A 189 14.66 -6.64 -5.11
CA TRP A 189 14.98 -6.97 -3.74
C TRP A 189 13.76 -7.49 -2.98
N GLU A 190 13.83 -8.74 -2.55
CA GLU A 190 12.77 -9.34 -1.77
C GLU A 190 13.07 -9.13 -0.27
N GLY A 191 12.37 -8.18 0.34
CA GLY A 191 12.59 -7.89 1.75
C GLY A 191 12.47 -6.41 2.06
N GLU A 192 13.52 -5.83 2.64
CA GLU A 192 13.51 -4.41 2.97
C GLU A 192 14.94 -3.95 3.23
N GLN A 193 15.37 -3.95 4.48
CA GLN A 193 16.73 -3.54 4.82
C GLN A 193 17.65 -4.75 4.71
N GLY A 194 18.68 -4.67 3.84
CA GLY A 194 19.61 -5.78 3.66
C GLY A 194 19.21 -7.02 4.43
N SER A 195 18.72 -8.03 3.71
CA SER A 195 18.24 -9.29 4.30
C SER A 195 18.08 -9.23 5.81
N PRO A 196 19.21 -9.21 6.56
CA PRO A 196 19.25 -9.18 8.01
C PRO A 196 18.00 -8.60 8.65
N ILE A 197 16.89 -9.33 8.55
CA ILE A 197 15.63 -8.90 9.14
C ILE A 197 15.52 -9.39 10.59
N ASP A 198 16.65 -9.82 11.13
CA ASP A 198 16.74 -10.33 12.50
C ASP A 198 16.31 -9.26 13.51
N ALA A 199 16.64 -8.01 13.24
CA ALA A 199 16.31 -6.91 14.15
C ALA A 199 14.82 -6.82 14.39
N LEU A 200 14.02 -7.18 13.40
CA LEU A 200 12.56 -7.14 13.53
C LEU A 200 12.09 -8.21 14.50
N ARG A 201 12.79 -9.34 14.51
CA ARG A 201 12.47 -10.46 15.38
C ARG A 201 12.56 -10.06 16.84
N GLU A 202 13.63 -9.36 17.20
CA GLU A 202 13.84 -8.93 18.57
C GLU A 202 12.85 -7.84 18.98
N ASP A 203 12.44 -6.99 18.05
CA ASP A 203 11.49 -5.93 18.37
C ASP A 203 10.21 -6.52 18.92
N LEU A 204 9.73 -7.58 18.29
CA LEU A 204 8.53 -8.24 18.77
C LEU A 204 8.80 -8.76 20.18
N GLU A 205 9.96 -9.38 20.35
CA GLU A 205 10.36 -9.89 21.65
C GLU A 205 10.48 -8.76 22.66
N SER A 206 10.75 -7.55 22.16
CA SER A 206 10.89 -6.38 23.03
C SER A 206 9.56 -5.97 23.63
N SER A 207 8.82 -5.13 22.90
CA SER A 207 7.52 -4.66 23.36
C SER A 207 6.89 -3.69 22.37
N ASP A 208 7.19 -3.89 21.09
CA ASP A 208 6.65 -3.03 20.04
C ASP A 208 6.47 -3.82 18.75
N ALA A 209 5.64 -4.85 18.80
CA ALA A 209 5.37 -5.68 17.63
C ALA A 209 4.90 -7.07 18.06
N ASN A 210 3.59 -7.24 18.06
CA ASN A 210 2.99 -8.50 18.46
C ASN A 210 1.47 -8.39 18.49
N PRO A 211 0.94 -7.43 19.27
CA PRO A 211 -0.51 -7.21 19.39
C PRO A 211 -1.11 -6.82 18.05
N ASP A 212 -0.50 -5.82 17.41
CA ASP A 212 -0.94 -5.35 16.13
C ASP A 212 0.26 -5.23 15.21
N ILE A 213 0.34 -6.11 14.22
CA ILE A 213 1.43 -6.10 13.28
C ILE A 213 0.87 -5.97 11.88
N TYR A 214 1.32 -4.97 11.15
CA TYR A 214 0.82 -4.74 9.82
C TYR A 214 1.92 -4.76 8.78
N LEU A 215 1.70 -5.57 7.77
CA LEU A 215 2.63 -5.71 6.65
C LEU A 215 1.83 -5.68 5.35
N CYS A 216 2.04 -4.66 4.53
CA CYS A 216 1.32 -4.54 3.27
C CYS A 216 2.27 -4.41 2.08
N GLY A 217 2.27 -5.42 1.22
CA GLY A 217 3.13 -5.38 0.05
C GLY A 217 4.24 -6.41 0.08
N PRO A 218 4.86 -6.62 1.24
CA PRO A 218 5.97 -7.57 1.37
C PRO A 218 5.52 -8.98 1.77
N PRO A 219 5.11 -9.80 0.79
CA PRO A 219 4.68 -11.18 1.05
C PRO A 219 5.72 -11.95 1.85
N GLY A 220 6.86 -12.25 1.22
CA GLY A 220 7.91 -12.97 1.92
C GLY A 220 8.30 -12.30 3.20
N MET A 221 8.53 -10.99 3.17
CA MET A 221 8.86 -10.29 4.41
C MET A 221 7.77 -10.57 5.41
N ILE A 222 6.58 -10.87 4.89
CA ILE A 222 5.43 -11.19 5.71
C ILE A 222 5.59 -12.62 6.26
N ASP A 223 6.13 -13.50 5.42
CA ASP A 223 6.34 -14.88 5.81
C ASP A 223 7.46 -14.96 6.84
N ALA A 224 8.56 -14.26 6.57
CA ALA A 224 9.69 -14.24 7.48
C ALA A 224 9.33 -13.45 8.74
N ALA A 225 8.75 -12.27 8.54
CA ALA A 225 8.36 -11.41 9.65
C ALA A 225 7.35 -12.12 10.53
N CYS A 226 6.43 -12.85 9.90
CA CYS A 226 5.41 -13.61 10.62
C CYS A 226 6.05 -14.79 11.34
N GLU A 227 7.12 -15.33 10.74
CA GLU A 227 7.82 -16.47 11.31
C GLU A 227 8.54 -16.08 12.60
N LEU A 228 9.20 -14.93 12.58
CA LEU A 228 9.92 -14.45 13.75
C LEU A 228 8.95 -14.23 14.91
N VAL A 229 7.74 -13.79 14.57
CA VAL A 229 6.72 -13.52 15.58
C VAL A 229 6.29 -14.81 16.26
N ARG A 230 6.07 -15.85 15.45
CA ARG A 230 5.65 -17.14 15.98
C ARG A 230 6.81 -17.86 16.67
N SER A 231 8.03 -17.59 16.20
CA SER A 231 9.21 -18.21 16.77
C SER A 231 9.60 -17.54 18.09
N ARG A 232 9.56 -16.22 18.12
CA ARG A 232 9.90 -15.46 19.32
C ARG A 232 9.05 -15.90 20.50
N GLY A 233 7.74 -15.76 20.36
CA GLY A 233 6.83 -16.15 21.43
C GLY A 233 5.72 -15.14 21.63
N ILE A 234 6.09 -13.87 21.75
CA ILE A 234 5.12 -12.80 21.94
C ILE A 234 3.84 -13.08 21.16
N PRO A 235 2.84 -13.67 21.84
CA PRO A 235 1.55 -14.00 21.22
C PRO A 235 0.81 -12.76 20.76
N GLY A 236 0.40 -12.76 19.49
CA GLY A 236 -0.32 -11.62 18.95
C GLY A 236 -1.82 -11.81 19.00
N GLU A 237 -2.55 -10.85 18.43
CA GLU A 237 -4.01 -10.90 18.42
C GLU A 237 -4.56 -10.04 17.29
N GLN A 238 -3.95 -8.88 17.07
CA GLN A 238 -4.38 -7.97 16.02
C GLN A 238 -3.34 -7.90 14.92
N VAL A 239 -2.79 -9.06 14.56
CA VAL A 239 -1.79 -9.12 13.52
C VAL A 239 -2.42 -9.36 12.16
N PHE A 240 -1.91 -8.64 11.17
CA PHE A 240 -2.45 -8.73 9.80
C PHE A 240 -1.34 -8.65 8.76
N PHE A 241 -1.49 -9.46 7.70
CA PHE A 241 -0.50 -9.49 6.62
C PHE A 241 -1.15 -9.39 5.24
N GLU A 242 -0.51 -8.62 4.35
CA GLU A 242 -0.98 -8.43 2.98
C GLU A 242 0.17 -8.63 1.99
N LYS A 243 -0.14 -9.12 0.78
CA LYS A 243 0.90 -9.36 -0.22
C LYS A 243 0.62 -8.63 -1.53
N PHE A 244 1.37 -7.56 -1.78
CA PHE A 244 1.25 -6.76 -3.00
C PHE A 244 2.63 -6.37 -3.54
N LEU A 245 2.78 -6.30 -4.86
CA LEU A 245 4.05 -5.94 -5.49
C LEU A 245 5.10 -7.03 -5.25
N PRO A 246 6.21 -6.99 -6.03
CA PRO A 246 7.30 -7.95 -5.92
C PRO A 246 8.32 -7.54 -4.87
N SER A 247 9.48 -7.03 -5.30
CA SER A 247 10.51 -6.60 -4.38
C SER A 247 9.90 -5.95 -3.15
N GLY A 248 10.43 -6.28 -1.99
CA GLY A 248 9.92 -5.75 -0.74
C GLY A 248 9.55 -6.87 0.20
N ALA A 249 9.45 -8.07 -0.35
CA ALA A 249 9.10 -9.25 0.41
C ALA A 249 10.30 -10.17 0.60
N ALA A 250 10.79 -10.27 1.83
CA ALA A 250 11.94 -11.12 2.13
C ALA A 250 11.49 -12.48 2.66
PA FDA B . 4.09 -5.62 -14.07
O1A FDA B . 4.21 -6.13 -15.44
O2A FDA B . 3.72 -4.33 -13.95
O5B FDA B . 5.49 -5.95 -13.61
C5B FDA B . 6.32 -4.97 -12.89
C4B FDA B . 7.85 -5.32 -12.95
O4B FDA B . 8.52 -4.07 -12.57
C3B FDA B . 8.43 -6.34 -11.96
O3B FDA B . 8.32 -7.68 -12.30
C2B FDA B . 9.87 -5.85 -11.76
O2B FDA B . 10.78 -6.63 -12.48
C1B FDA B . 9.89 -4.41 -12.23
N9A FDA B . 10.25 -3.42 -11.23
C8A FDA B . 9.46 -2.96 -10.22
N7A FDA B . 10.07 -2.05 -9.45
C5A FDA B . 11.30 -1.91 -9.99
C6A FDA B . 12.45 -1.06 -9.61
N6A FDA B . 12.46 -0.23 -8.58
N1A FDA B . 13.57 -1.18 -10.41
C2A FDA B . 13.63 -2.02 -11.49
N3A FDA B . 12.63 -2.83 -11.90
C4A FDA B . 11.48 -2.75 -11.12
N1 FDA B . 0.48 -3.80 -7.16
C2 FDA B . 1.25 -2.73 -6.98
O2 FDA B . 2.11 -2.42 -7.74
N3 FDA B . 1.08 -1.87 -5.85
C4 FDA B . 0.12 -2.12 -4.88
O4 FDA B . 0.02 -1.35 -3.94
C4X FDA B . -0.71 -3.29 -5.04
N5 FDA B . -1.66 -3.60 -4.13
C5X FDA B . -2.45 -4.74 -4.32
C6 FDA B . -3.42 -5.04 -3.31
C7 FDA B . -4.24 -6.16 -3.42
C7M FDA B . -5.24 -6.43 -2.34
C8 FDA B . -4.12 -7.07 -4.58
C8M FDA B . -4.99 -8.28 -4.74
C9 FDA B . -3.15 -6.79 -5.58
C9A FDA B . -2.31 -5.63 -5.46
N10 FDA B . -1.29 -5.26 -6.42
C10 FDA B . -0.49 -4.13 -6.24
C1' FDA B . -1.12 -6.16 -7.58
C2' FDA B . -1.67 -5.44 -8.81
O2' FDA B . -2.68 -6.23 -9.39
C3' FDA B . -0.61 -5.14 -9.82
O3' FDA B . -1.03 -4.18 -10.74
C4' FDA B . -0.27 -6.40 -10.57
O4' FDA B . 0.04 -7.50 -9.70
C5' FDA B . 0.85 -6.10 -11.44
O5' FDA B . 1.54 -7.46 -11.88
P FDA B . 2.99 -7.41 -12.11
O1P FDA B . 3.47 -6.68 -10.83
O2P FDA B . 3.53 -8.67 -12.31
O3P FDA B . 3.12 -6.65 -13.35
H51A FDA B . 6.01 -4.98 -11.82
H52A FDA B . 6.15 -3.96 -13.28
H4B FDA B . 8.01 -5.77 -13.93
H3B FDA B . 7.86 -6.38 -11.02
HO3A FDA B . 9.15 -8.17 -12.05
H2B FDA B . 10.18 -5.95 -10.71
HO2A FDA B . 10.70 -7.59 -12.20
H1B FDA B . 10.64 -4.40 -13.03
H8A FDA B . 8.44 -3.31 -10.04
H61A FDA B . 11.65 -0.15 -8.00
H62A FDA B . 13.29 0.31 -8.38
H2A FDA B . 14.56 -2.04 -12.07
HN1 FDA B . 0.62 -4.37 -7.96
HN3 FDA B . 1.67 -1.07 -5.75
HN5 FDA B . -1.80 -3.01 -3.33
H6 FDA B . -3.52 -4.39 -2.45
HM71 FDA B . -5.43 -7.52 -2.28
HM72 FDA B . -6.18 -5.92 -2.59
HM73 FDA B . -4.85 -6.07 -1.38
HM81 FDA B . -4.75 -9.01 -3.95
HM82 FDA B . -4.78 -8.73 -5.72
HM83 FDA B . -6.04 -7.99 -4.68
H9 FDA B . -3.05 -7.46 -6.45
H1'1 FDA B . -1.70 -7.08 -7.42
H1'2 FDA B . -0.06 -6.45 -7.73
H2' FDA B . -2.08 -4.47 -8.46
HO2' FDA B . -2.31 -7.14 -9.59
H3' FDA B . 0.27 -4.74 -9.29
HO3' FDA B . -2.02 -4.28 -10.90
H4' FDA B . -1.16 -6.71 -11.14
HO4' FDA B . -0.80 -8.01 -9.48
H5'1 FDA B . 1.60 -5.49 -10.89
H5'2 FDA B . 0.53 -5.52 -12.32
N CYS A 1 -22.15 -16.54 -6.66
CA CYS A 1 -22.70 -16.62 -5.32
C CYS A 1 -21.62 -16.39 -4.27
N ARG A 2 -21.95 -16.70 -3.02
CA ARG A 2 -20.99 -16.52 -1.92
C ARG A 2 -20.56 -15.06 -1.80
N ILE A 3 -21.33 -14.17 -2.43
CA ILE A 3 -21.02 -12.75 -2.40
C ILE A 3 -22.30 -11.92 -2.47
N SER A 4 -22.41 -10.92 -1.59
CA SER A 4 -23.58 -10.05 -1.56
C SER A 4 -23.79 -9.39 -2.92
N PHE A 5 -24.84 -8.56 -3.00
CA PHE A 5 -25.15 -7.86 -4.25
C PHE A 5 -25.40 -8.84 -5.38
N GLY A 6 -26.12 -8.38 -6.40
CA GLY A 6 -26.42 -9.22 -7.54
C GLY A 6 -25.32 -9.18 -8.59
N GLU A 7 -25.35 -8.15 -9.43
CA GLU A 7 -24.35 -8.00 -10.48
C GLU A 7 -23.98 -6.54 -10.66
N VAL A 8 -24.12 -5.76 -9.60
CA VAL A 8 -23.80 -4.34 -9.63
C VAL A 8 -22.76 -4.00 -8.57
N GLY A 9 -21.51 -3.89 -9.00
CA GLY A 9 -20.44 -3.56 -8.08
C GLY A 9 -19.24 -2.95 -8.77
N SER A 10 -19.49 -2.43 -9.97
CA SER A 10 -18.42 -1.80 -10.76
C SER A 10 -18.80 -0.37 -11.11
N PHE A 11 -17.78 0.48 -11.26
CA PHE A 11 -18.01 1.88 -11.60
C PHE A 11 -17.08 2.32 -12.73
N GLU A 12 -17.39 3.47 -13.33
CA GLU A 12 -16.58 4.01 -14.41
C GLU A 12 -15.76 5.20 -13.91
N ALA A 13 -14.48 5.22 -14.23
CA ALA A 13 -13.61 6.31 -13.80
C ALA A 13 -12.94 6.99 -14.99
N GLU A 14 -12.76 8.29 -14.91
CA GLU A 14 -12.13 9.04 -15.98
C GLU A 14 -10.63 9.16 -15.71
N VAL A 15 -9.82 8.65 -16.64
CA VAL A 15 -8.38 8.72 -16.48
C VAL A 15 -7.85 10.14 -16.68
N VAL A 16 -7.48 10.76 -15.56
CA VAL A 16 -6.97 12.12 -15.59
C VAL A 16 -5.53 12.14 -15.09
N GLY A 17 -5.24 11.24 -14.16
CA GLY A 17 -3.91 11.14 -13.61
C GLY A 17 -2.98 10.39 -14.53
N LEU A 18 -2.30 9.41 -13.96
CA LEU A 18 -1.35 8.59 -14.71
C LEU A 18 -0.12 9.41 -15.02
N ASN A 19 0.86 9.25 -14.16
CA ASN A 19 2.12 9.93 -14.30
C ASN A 19 3.23 8.99 -13.88
N TRP A 20 4.35 9.05 -14.55
CA TRP A 20 5.45 8.20 -14.18
C TRP A 20 6.30 8.90 -13.14
N VAL A 21 6.30 8.34 -11.93
CA VAL A 21 7.03 8.91 -10.82
C VAL A 21 8.41 8.27 -10.77
N SER A 22 8.46 7.04 -11.23
CA SER A 22 9.69 6.28 -11.25
C SER A 22 9.86 5.52 -12.55
N SER A 23 11.02 4.89 -12.72
CA SER A 23 11.33 4.13 -13.92
C SER A 23 10.25 3.09 -14.20
N ASN A 24 9.96 2.28 -13.20
CA ASN A 24 8.96 1.24 -13.33
C ASN A 24 7.84 1.46 -12.33
N THR A 25 7.35 2.69 -12.25
CA THR A 25 6.29 3.03 -11.31
C THR A 25 5.42 4.15 -11.87
N VAL A 26 4.12 4.05 -11.65
CA VAL A 26 3.18 5.04 -12.14
C VAL A 26 2.07 5.34 -11.14
N GLN A 27 1.61 6.60 -11.16
CA GLN A 27 0.55 7.04 -10.27
C GLN A 27 -0.70 7.40 -11.09
N PHE A 28 -1.69 6.53 -11.05
CA PHE A 28 -2.92 6.73 -11.80
C PHE A 28 -4.04 7.29 -10.92
N LEU A 29 -4.66 8.38 -11.39
CA LEU A 29 -5.76 9.00 -10.66
C LEU A 29 -7.03 8.97 -11.52
N LEU A 30 -8.05 8.26 -11.05
CA LEU A 30 -9.30 8.15 -11.80
C LEU A 30 -10.46 8.84 -11.09
N GLN A 31 -11.23 9.61 -11.85
CA GLN A 31 -12.39 10.32 -11.30
C GLN A 31 -13.52 10.37 -12.34
N LYS A 32 -14.75 10.13 -11.88
CA LYS A 32 -15.90 10.15 -12.79
C LYS A 32 -17.21 10.08 -12.03
N ARG A 33 -17.74 8.86 -11.89
CA ARG A 33 -18.99 8.67 -11.18
C ARG A 33 -18.97 9.40 -9.84
N PRO A 34 -17.88 9.23 -9.09
CA PRO A 34 -17.70 9.87 -7.79
C PRO A 34 -17.22 11.32 -7.95
N ASP A 35 -16.33 11.79 -7.06
CA ASP A 35 -15.84 13.16 -7.16
C ASP A 35 -14.35 13.21 -6.91
N GLU A 36 -13.83 14.39 -6.61
CA GLU A 36 -12.41 14.54 -6.34
C GLU A 36 -12.16 14.55 -4.84
N CYS A 37 -12.44 13.43 -4.18
CA CYS A 37 -12.25 13.35 -2.74
C CYS A 37 -12.38 11.94 -2.14
N GLY A 38 -12.62 10.89 -2.94
CA GLY A 38 -12.74 9.56 -2.33
C GLY A 38 -13.38 8.50 -3.21
N ASN A 39 -12.56 7.78 -3.98
CA ASN A 39 -13.04 6.72 -4.89
C ASN A 39 -14.38 6.12 -4.44
N ARG A 40 -15.41 6.32 -5.27
CA ARG A 40 -16.73 5.78 -4.99
C ARG A 40 -17.16 6.10 -3.57
N GLY A 41 -16.63 7.19 -3.04
CA GLY A 41 -16.96 7.60 -1.70
C GLY A 41 -16.25 6.77 -0.64
N VAL A 42 -15.03 7.17 -0.30
CA VAL A 42 -14.24 6.46 0.70
C VAL A 42 -14.39 7.09 2.08
N LYS A 43 -13.86 6.39 3.08
CA LYS A 43 -13.94 6.83 4.46
C LYS A 43 -12.70 6.36 5.21
N PHE A 44 -12.88 5.95 6.45
CA PHE A 44 -11.76 5.48 7.27
C PHE A 44 -11.64 3.96 7.21
N GLU A 45 -11.49 3.42 6.00
CA GLU A 45 -11.35 1.99 5.83
C GLU A 45 -9.97 1.69 5.28
N PRO A 46 -9.22 0.78 5.94
CA PRO A 46 -7.88 0.40 5.51
C PRO A 46 -7.72 0.47 4.00
N GLY A 47 -7.41 1.67 3.50
CA GLY A 47 -7.25 1.86 2.07
C GLY A 47 -8.16 0.97 1.24
N GLN A 48 -9.46 1.28 1.22
CA GLN A 48 -10.42 0.48 0.45
C GLN A 48 -9.77 -0.09 -0.81
N PHE A 49 -10.30 -1.20 -1.31
CA PHE A 49 -9.74 -1.83 -2.50
C PHE A 49 -10.76 -1.99 -3.64
N MET A 50 -10.25 -2.23 -4.85
CA MET A 50 -11.10 -2.42 -6.04
C MET A 50 -10.64 -3.65 -6.83
N ASP A 51 -11.50 -4.16 -7.71
CA ASP A 51 -11.16 -5.32 -8.53
C ASP A 51 -11.29 -4.98 -10.01
N LEU A 52 -10.15 -4.89 -10.69
CA LEU A 52 -10.16 -4.54 -12.09
C LEU A 52 -8.99 -5.16 -12.85
N THR A 53 -9.15 -5.26 -14.16
CA THR A 53 -8.13 -5.79 -15.02
C THR A 53 -7.46 -4.64 -15.73
N ILE A 54 -6.18 -4.80 -16.09
CA ILE A 54 -5.45 -3.71 -16.75
C ILE A 54 -6.41 -2.90 -17.61
N PRO A 55 -6.95 -3.45 -18.71
CA PRO A 55 -7.91 -2.76 -19.56
C PRO A 55 -9.33 -3.30 -19.32
N GLY A 56 -9.45 -4.24 -18.39
CA GLY A 56 -10.73 -4.85 -18.10
C GLY A 56 -10.80 -6.29 -18.56
N THR A 57 -9.70 -6.78 -19.13
CA THR A 57 -9.60 -8.14 -19.63
C THR A 57 -10.47 -9.10 -18.81
N ASP A 58 -9.83 -9.80 -17.88
CA ASP A 58 -10.52 -10.75 -17.02
C ASP A 58 -9.55 -11.75 -16.38
N VAL A 59 -8.32 -11.32 -16.12
CA VAL A 59 -7.31 -12.18 -15.52
C VAL A 59 -6.21 -11.36 -14.85
N SER A 60 -6.61 -10.27 -14.19
CA SER A 60 -5.66 -9.39 -13.51
C SER A 60 -5.76 -9.56 -12.00
N ARG A 61 -6.41 -8.59 -11.34
CA ARG A 61 -6.56 -8.65 -9.89
C ARG A 61 -7.17 -7.36 -9.36
N SER A 62 -7.25 -7.27 -8.03
CA SER A 62 -7.81 -6.09 -7.39
C SER A 62 -6.71 -5.25 -6.78
N TYR A 63 -6.66 -3.97 -7.16
CA TYR A 63 -5.63 -3.08 -6.63
C TYR A 63 -6.25 -2.08 -5.66
N SER A 64 -5.68 -2.02 -4.46
CA SER A 64 -6.18 -1.11 -3.44
C SER A 64 -6.03 0.35 -3.85
N PRO A 65 -7.12 1.03 -4.23
CA PRO A 65 -7.08 2.45 -4.62
C PRO A 65 -6.90 3.33 -3.40
N ALA A 66 -6.30 4.51 -3.59
CA ALA A 66 -6.07 5.41 -2.46
C ALA A 66 -6.74 6.78 -2.64
N ASN A 67 -7.50 7.17 -1.64
CA ASN A 67 -8.20 8.44 -1.62
C ASN A 67 -8.03 9.10 -0.26
N LEU A 68 -8.85 8.66 0.70
CA LEU A 68 -8.83 9.19 2.06
C LEU A 68 -10.25 9.16 2.63
N PRO A 69 -10.42 9.44 3.92
CA PRO A 69 -11.74 9.44 4.55
C PRO A 69 -12.64 10.53 3.95
N ASN A 70 -13.35 10.18 2.88
CA ASN A 70 -14.25 11.13 2.22
C ASN A 70 -15.12 10.45 1.17
N PRO A 71 -16.41 10.83 1.10
CA PRO A 71 -17.36 10.22 0.17
C PRO A 71 -17.39 10.88 -1.21
N GLU A 72 -16.31 10.75 -1.98
CA GLU A 72 -16.26 11.32 -3.32
C GLU A 72 -15.64 10.32 -4.29
N GLY A 73 -14.49 10.67 -4.88
CA GLY A 73 -13.81 9.79 -5.82
C GLY A 73 -12.35 10.15 -6.18
N ARG A 74 -11.39 9.98 -5.26
CA ARG A 74 -9.99 10.28 -5.58
C ARG A 74 -9.13 9.04 -5.38
N LEU A 75 -9.11 8.16 -6.38
CA LEU A 75 -8.32 6.96 -6.29
C LEU A 75 -6.97 7.11 -6.97
N GLU A 76 -5.92 6.76 -6.24
CA GLU A 76 -4.55 6.82 -6.74
C GLU A 76 -3.85 5.50 -6.47
N PHE A 77 -3.38 4.83 -7.52
CA PHE A 77 -2.69 3.56 -7.34
C PHE A 77 -1.23 3.63 -7.74
N LEU A 78 -0.37 2.97 -6.95
CA LEU A 78 1.04 2.93 -7.24
C LEU A 78 1.36 1.58 -7.85
N ILE A 79 1.16 1.49 -9.16
CA ILE A 79 1.36 0.25 -9.88
C ILE A 79 2.78 0.12 -10.40
N ARG A 80 3.31 -1.07 -10.31
CA ARG A 80 4.66 -1.34 -10.81
C ARG A 80 4.58 -1.48 -12.33
N VAL A 81 5.15 -0.53 -13.03
CA VAL A 81 5.11 -0.53 -14.49
C VAL A 81 6.46 -0.92 -15.09
N LEU A 82 6.41 -1.74 -16.13
CA LEU A 82 7.62 -2.19 -16.80
C LEU A 82 7.85 -1.41 -18.09
N PRO A 83 9.10 -1.38 -18.58
CA PRO A 83 9.45 -0.68 -19.81
C PRO A 83 8.71 -1.24 -21.03
N GLU A 84 7.40 -1.06 -21.05
CA GLU A 84 6.59 -1.55 -22.16
C GLU A 84 6.39 -3.06 -22.05
N GLY A 85 5.91 -3.50 -20.89
CA GLY A 85 5.68 -4.92 -20.67
C GLY A 85 4.27 -5.35 -21.03
N ARG A 86 3.40 -5.44 -20.03
CA ARG A 86 2.02 -5.84 -20.24
C ARG A 86 1.05 -4.80 -19.68
N PHE A 87 1.29 -4.39 -18.43
CA PHE A 87 0.43 -3.40 -17.78
C PHE A 87 0.86 -1.99 -18.15
N SER A 88 2.17 -1.80 -18.33
CA SER A 88 2.72 -0.50 -18.67
C SER A 88 2.34 -0.09 -20.09
N ASP A 89 1.97 -1.07 -20.91
CA ASP A 89 1.58 -0.81 -22.29
C ASP A 89 0.18 -0.24 -22.36
N TYR A 90 -0.66 -0.70 -21.45
CA TYR A 90 -2.05 -0.29 -21.40
C TYR A 90 -2.24 1.14 -20.88
N LEU A 91 -1.65 1.44 -19.74
CA LEU A 91 -1.77 2.77 -19.17
C LEU A 91 -0.99 3.81 -19.96
N ARG A 92 0.10 3.40 -20.60
CA ARG A 92 0.90 4.33 -21.37
C ARG A 92 0.44 4.41 -22.83
N ASN A 93 -0.14 3.33 -23.32
CA ASN A 93 -0.62 3.29 -24.70
C ASN A 93 -2.13 3.46 -24.76
N ASP A 94 -2.76 3.50 -23.60
CA ASP A 94 -4.21 3.65 -23.53
C ASP A 94 -4.63 4.76 -22.56
N ALA A 95 -3.77 5.10 -21.59
CA ALA A 95 -4.12 6.15 -20.63
C ALA A 95 -3.52 7.49 -21.05
N ARG A 96 -3.35 7.66 -22.36
CA ARG A 96 -2.78 8.89 -22.90
C ARG A 96 -3.89 9.83 -23.37
N VAL A 97 -4.85 9.29 -24.12
CA VAL A 97 -5.94 10.07 -24.65
C VAL A 97 -6.94 10.45 -23.56
N GLY A 98 -6.68 10.00 -22.35
CA GLY A 98 -7.57 10.32 -21.23
C GLY A 98 -8.84 9.49 -21.23
N GLN A 99 -8.81 8.36 -21.93
CA GLN A 99 -9.96 7.47 -21.99
C GLN A 99 -10.55 7.22 -20.60
N VAL A 100 -11.63 6.43 -20.54
CA VAL A 100 -12.27 6.11 -19.28
C VAL A 100 -12.04 4.66 -18.90
N LEU A 101 -11.81 4.41 -17.61
CA LEU A 101 -11.56 3.07 -17.11
C LEU A 101 -12.45 2.78 -15.90
N SER A 102 -13.20 1.69 -15.95
CA SER A 102 -14.09 1.33 -14.86
C SER A 102 -13.43 0.35 -13.89
N VAL A 103 -13.69 0.55 -12.60
CA VAL A 103 -13.15 -0.33 -11.56
C VAL A 103 -14.29 -1.04 -10.83
N LYS A 104 -14.09 -2.30 -10.47
CA LYS A 104 -15.13 -3.06 -9.80
C LYS A 104 -14.57 -3.77 -8.58
N GLY A 105 -14.99 -3.39 -7.39
CA GLY A 105 -14.49 -4.06 -6.20
C GLY A 105 -14.68 -3.30 -4.92
N PRO A 106 -15.73 -3.64 -4.16
CA PRO A 106 -16.02 -3.03 -2.86
C PRO A 106 -15.39 -3.85 -1.75
N LEU A 107 -14.27 -4.49 -2.09
CA LEU A 107 -13.54 -5.36 -1.16
C LEU A 107 -12.51 -4.59 -0.34
N GLY A 108 -12.02 -5.26 0.70
CA GLY A 108 -11.02 -4.69 1.58
C GLY A 108 -10.07 -5.74 2.10
N VAL A 109 -9.00 -5.32 2.78
CA VAL A 109 -8.03 -6.25 3.32
C VAL A 109 -7.25 -5.63 4.46
N PHE A 110 -7.32 -6.25 5.62
CA PHE A 110 -6.62 -5.77 6.79
C PHE A 110 -5.13 -5.97 6.63
N GLY A 111 -4.39 -4.94 7.02
CA GLY A 111 -2.94 -4.97 6.94
C GLY A 111 -2.33 -4.17 8.06
N LEU A 112 -2.94 -3.03 8.34
CA LEU A 112 -2.47 -2.18 9.42
C LEU A 112 -3.64 -1.72 10.28
N LYS A 113 -3.59 -2.09 11.55
CA LYS A 113 -4.64 -1.72 12.49
C LYS A 113 -4.07 -1.27 13.83
N GLU A 114 -4.28 0.00 14.16
CA GLU A 114 -3.81 0.57 15.40
C GLU A 114 -4.78 0.28 16.53
N ARG A 115 -4.24 -0.03 17.71
CA ARG A 115 -5.07 -0.32 18.88
C ARG A 115 -5.44 0.96 19.61
N GLY A 116 -5.26 2.09 18.94
CA GLY A 116 -5.56 3.37 19.53
C GLY A 116 -4.31 4.11 19.93
N MET A 117 -3.73 3.71 21.05
CA MET A 117 -2.51 4.32 21.54
C MET A 117 -1.49 3.24 21.88
N ALA A 118 -0.68 2.87 20.89
CA ALA A 118 0.34 1.84 21.09
C ALA A 118 1.35 1.84 19.95
N PRO A 119 2.60 1.42 20.25
CA PRO A 119 3.67 1.37 19.25
C PRO A 119 3.44 0.28 18.22
N ARG A 120 3.03 0.68 17.01
CA ARG A 120 2.76 -0.26 15.93
C ARG A 120 3.66 0.03 14.73
N TYR A 121 4.05 -1.01 13.99
CA TYR A 121 4.91 -0.81 12.84
C TYR A 121 4.18 -1.21 11.55
N PHE A 122 4.40 -0.44 10.50
CA PHE A 122 3.79 -0.71 9.21
C PHE A 122 4.86 -0.88 8.15
N VAL A 123 4.94 -2.06 7.57
CA VAL A 123 5.95 -2.35 6.56
C VAL A 123 5.35 -2.42 5.16
N ALA A 124 5.72 -1.46 4.34
CA ALA A 124 5.25 -1.41 2.97
C ALA A 124 6.34 -1.96 2.05
N GLY A 125 5.96 -2.84 1.13
CA GLY A 125 6.94 -3.41 0.24
C GLY A 125 6.73 -2.98 -1.20
N GLY A 126 7.57 -2.07 -1.64
CA GLY A 126 7.45 -1.59 -3.02
C GLY A 126 6.87 -0.19 -3.11
N THR A 127 6.28 0.13 -4.26
CA THR A 127 5.68 1.45 -4.44
C THR A 127 4.17 1.40 -4.27
N GLY A 128 3.62 0.20 -4.33
CA GLY A 128 2.18 0.03 -4.17
C GLY A 128 1.69 0.44 -2.79
N LEU A 129 2.57 1.07 -2.00
CA LEU A 129 2.23 1.52 -0.66
C LEU A 129 1.40 2.79 -0.73
N ALA A 130 1.08 3.22 -1.95
CA ALA A 130 0.33 4.44 -2.12
C ALA A 130 -0.87 4.45 -1.17
N PRO A 131 -1.57 3.32 -1.06
CA PRO A 131 -2.71 3.17 -0.16
C PRO A 131 -2.23 3.06 1.27
N VAL A 132 -1.04 2.49 1.44
CA VAL A 132 -0.44 2.33 2.76
C VAL A 132 -0.15 3.70 3.36
N VAL A 133 0.46 4.56 2.54
CA VAL A 133 0.78 5.91 2.98
C VAL A 133 -0.50 6.71 3.21
N SER A 134 -1.54 6.38 2.45
CA SER A 134 -2.82 7.06 2.58
C SER A 134 -3.43 6.74 3.94
N MET A 135 -3.50 5.44 4.27
CA MET A 135 -4.04 5.01 5.54
C MET A 135 -3.17 5.53 6.68
N VAL A 136 -1.85 5.50 6.47
CA VAL A 136 -0.91 5.98 7.46
C VAL A 136 -1.12 7.46 7.74
N ARG A 137 -1.29 8.23 6.67
CA ARG A 137 -1.52 9.66 6.78
C ARG A 137 -2.80 9.93 7.57
N GLN A 138 -3.75 9.01 7.45
CA GLN A 138 -5.03 9.14 8.15
C GLN A 138 -4.81 9.11 9.67
N MET A 139 -3.93 8.21 10.11
CA MET A 139 -3.63 8.08 11.52
C MET A 139 -3.12 9.40 12.10
N GLN A 140 -2.11 9.97 11.43
CA GLN A 140 -1.52 11.23 11.86
C GLN A 140 -2.48 12.41 11.67
N GLU A 141 -3.30 12.33 10.62
CA GLU A 141 -4.25 13.40 10.34
C GLU A 141 -5.50 13.26 11.20
N TRP A 142 -5.63 12.12 11.86
CA TRP A 142 -6.78 11.85 12.71
C TRP A 142 -6.54 12.33 14.13
N THR A 143 -5.90 11.46 14.90
CA THR A 143 -5.63 11.76 16.30
C THR A 143 -4.77 10.65 16.92
N ALA A 144 -4.00 9.97 16.09
CA ALA A 144 -3.13 8.90 16.56
C ALA A 144 -1.65 9.28 16.45
N PRO A 145 -1.27 10.43 17.04
CA PRO A 145 0.12 10.90 17.01
C PRO A 145 1.03 10.05 17.88
N ASN A 146 0.46 9.05 18.54
CA ASN A 146 1.22 8.15 19.40
C ASN A 146 2.44 7.61 18.68
N GLU A 147 3.09 6.61 19.29
CA GLU A 147 4.27 6.01 18.71
C GLU A 147 3.90 5.17 17.51
N THR A 148 4.20 5.70 16.33
CA THR A 148 3.90 5.03 15.08
C THR A 148 5.17 4.73 14.31
N ARG A 149 5.44 3.45 14.10
CA ARG A 149 6.63 3.05 13.37
C ARG A 149 6.28 2.67 11.95
N ILE A 150 7.08 3.13 11.00
CA ILE A 150 6.85 2.84 9.60
C ILE A 150 8.14 2.40 8.91
N TYR A 151 8.22 1.12 8.56
CA TYR A 151 9.39 0.62 7.87
C TYR A 151 9.05 0.34 6.40
N PHE A 152 9.59 1.17 5.51
CA PHE A 152 9.31 1.03 4.08
C PHE A 152 10.57 0.59 3.34
N GLY A 153 10.41 -0.24 2.29
CA GLY A 153 11.58 -0.68 1.58
C GLY A 153 11.31 -1.22 0.21
N VAL A 154 12.39 -1.38 -0.55
CA VAL A 154 12.31 -1.89 -1.90
C VAL A 154 13.69 -2.32 -2.41
N ASN A 155 14.17 -1.70 -3.50
CA ASN A 155 15.48 -2.03 -4.06
C ASN A 155 16.45 -0.86 -3.91
N THR A 156 17.62 -0.98 -4.53
CA THR A 156 18.66 0.06 -4.45
C THR A 156 18.02 1.44 -4.32
N GLU A 157 16.88 1.61 -4.96
CA GLU A 157 16.15 2.87 -4.93
C GLU A 157 16.60 3.79 -6.05
N PRO A 158 16.85 3.24 -7.25
CA PRO A 158 17.27 4.02 -8.42
C PRO A 158 16.20 5.03 -8.80
N GLU A 159 14.97 4.68 -8.45
CA GLU A 159 13.82 5.53 -8.75
C GLU A 159 13.08 5.91 -7.47
N LEU A 160 13.16 5.04 -6.45
CA LEU A 160 12.49 5.29 -5.18
C LEU A 160 12.62 6.76 -4.78
N PHE A 161 11.82 7.18 -3.81
CA PHE A 161 11.85 8.56 -3.33
C PHE A 161 10.78 8.80 -2.27
N TYR A 162 10.34 10.06 -2.16
CA TYR A 162 9.32 10.42 -1.18
C TYR A 162 9.88 10.42 0.24
N ILE A 163 11.21 10.25 0.35
CA ILE A 163 11.85 10.24 1.66
C ILE A 163 11.61 11.57 2.38
N ASP A 164 11.70 12.65 1.62
CA ASP A 164 11.48 13.99 2.16
C ASP A 164 10.06 14.11 2.69
N GLU A 165 9.15 13.33 2.09
CA GLU A 165 7.75 13.34 2.50
C GLU A 165 7.60 12.65 3.85
N LEU A 166 8.30 11.54 4.01
CA LEU A 166 8.28 10.79 5.25
C LEU A 166 9.00 11.54 6.34
N LYS A 167 10.03 12.30 5.95
CA LYS A 167 10.78 13.09 6.91
C LYS A 167 9.87 14.08 7.59
N SER A 168 9.06 14.77 6.79
CA SER A 168 8.10 15.72 7.31
C SER A 168 7.11 15.00 8.18
N LEU A 169 6.83 13.74 7.82
CA LEU A 169 5.92 12.95 8.60
C LEU A 169 6.51 12.75 10.00
N GLU A 170 7.83 12.61 10.06
CA GLU A 170 8.53 12.44 11.32
C GLU A 170 8.35 13.68 12.19
N ARG A 171 8.42 14.85 11.56
CA ARG A 171 8.27 16.12 12.28
C ARG A 171 6.80 16.40 12.55
N SER A 172 5.93 16.00 11.61
CA SER A 172 4.50 16.23 11.73
C SER A 172 3.84 15.24 12.71
N MET A 173 4.62 14.27 13.20
CA MET A 173 4.09 13.29 14.13
C MET A 173 4.61 13.53 15.54
N ARG A 174 4.38 12.56 16.42
CA ARG A 174 4.82 12.67 17.81
C ARG A 174 6.06 11.82 18.05
N ASN A 175 5.90 10.52 17.90
CA ASN A 175 7.01 9.61 18.11
C ASN A 175 7.01 8.49 17.08
N LEU A 176 7.25 8.86 15.82
CA LEU A 176 7.29 7.88 14.74
C LEU A 176 8.73 7.66 14.28
N THR A 177 8.99 6.48 13.73
CA THR A 177 10.32 6.15 13.25
C THR A 177 10.27 5.46 11.89
N VAL A 178 10.81 6.12 10.88
CA VAL A 178 10.84 5.57 9.53
C VAL A 178 12.09 4.74 9.31
N LYS A 179 11.94 3.57 8.71
CA LYS A 179 13.06 2.69 8.45
C LYS A 179 13.49 2.74 6.98
N ALA A 180 14.79 2.86 6.75
CA ALA A 180 15.34 2.91 5.41
C ALA A 180 15.86 1.55 4.99
N CYS A 181 15.08 0.90 4.13
CA CYS A 181 15.38 -0.42 3.61
C CYS A 181 16.37 -0.38 2.46
N VAL A 182 16.52 -1.50 1.74
CA VAL A 182 17.42 -1.56 0.62
C VAL A 182 18.87 -1.38 1.05
N TRP A 183 19.74 -2.02 0.31
CA TRP A 183 21.17 -2.02 0.57
C TRP A 183 21.89 -1.78 -0.74
N HIS A 184 21.66 -2.71 -1.66
CA HIS A 184 22.24 -2.65 -3.00
C HIS A 184 21.71 -3.79 -3.87
N PRO A 185 20.38 -3.93 -3.97
CA PRO A 185 19.74 -4.97 -4.77
C PRO A 185 19.55 -4.57 -6.23
N SER A 186 18.34 -4.12 -6.59
CA SER A 186 18.06 -3.70 -7.97
C SER A 186 16.58 -3.77 -8.35
N GLY A 187 15.73 -4.21 -7.42
CA GLY A 187 14.31 -4.30 -7.71
C GLY A 187 13.77 -5.69 -7.47
N ASP A 188 14.58 -6.51 -6.84
CA ASP A 188 14.22 -7.87 -6.51
C ASP A 188 14.71 -8.15 -5.11
N TRP A 189 14.17 -7.41 -4.16
CA TRP A 189 14.61 -7.54 -2.79
C TRP A 189 13.45 -7.78 -1.83
N GLU A 190 13.37 -9.00 -1.31
CA GLU A 190 12.34 -9.36 -0.37
C GLU A 190 12.91 -9.29 1.05
N GLY A 191 12.53 -8.24 1.78
CA GLY A 191 13.04 -8.08 3.14
C GLY A 191 12.81 -6.69 3.67
N GLU A 192 13.63 -5.76 3.22
CA GLU A 192 13.58 -4.37 3.63
C GLU A 192 15.00 -3.81 3.60
N GLN A 193 15.65 -3.73 4.75
CA GLN A 193 17.03 -3.26 4.81
C GLN A 193 17.95 -4.45 4.58
N GLY A 194 18.95 -4.30 3.70
CA GLY A 194 19.84 -5.41 3.43
C GLY A 194 20.02 -6.29 4.64
N SER A 195 19.40 -7.45 4.60
CA SER A 195 19.47 -8.40 5.70
C SER A 195 18.35 -9.44 5.62
N PRO A 196 18.28 -10.35 6.60
CA PRO A 196 17.28 -11.41 6.64
C PRO A 196 16.01 -11.05 7.40
N ILE A 197 15.95 -9.84 7.95
CA ILE A 197 14.79 -9.42 8.71
C ILE A 197 14.78 -10.09 10.09
N ASP A 198 15.98 -10.30 10.61
CA ASP A 198 16.20 -10.94 11.91
C ASP A 198 15.94 -9.98 13.08
N ALA A 199 16.26 -8.71 12.87
CA ALA A 199 16.16 -7.70 13.92
C ALA A 199 14.76 -7.58 14.56
N LEU A 200 13.71 -7.57 13.75
CA LEU A 200 12.36 -7.44 14.31
C LEU A 200 12.02 -8.67 15.14
N ARG A 201 12.56 -9.82 14.75
CA ARG A 201 12.31 -11.07 15.46
C ARG A 201 12.74 -10.94 16.92
N GLU A 202 13.93 -10.43 17.13
CA GLU A 202 14.45 -10.23 18.47
C GLU A 202 13.72 -9.08 19.15
N ASP A 203 13.34 -8.08 18.36
CA ASP A 203 12.64 -6.93 18.91
C ASP A 203 11.35 -7.38 19.58
N LEU A 204 10.65 -8.32 18.96
CA LEU A 204 9.44 -8.83 19.57
C LEU A 204 9.79 -9.46 20.90
N GLU A 205 10.83 -10.29 20.89
CA GLU A 205 11.29 -10.94 22.10
C GLU A 205 11.80 -9.92 23.12
N SER A 206 12.17 -8.72 22.64
CA SER A 206 12.67 -7.68 23.52
C SER A 206 11.65 -6.55 23.70
N SER A 207 10.43 -6.80 23.28
CA SER A 207 9.37 -5.80 23.40
C SER A 207 9.57 -4.67 22.40
N ASP A 208 8.84 -4.72 21.28
CA ASP A 208 8.94 -3.71 20.25
C ASP A 208 8.51 -4.28 18.89
N ALA A 209 7.19 -4.24 18.64
CA ALA A 209 6.63 -4.76 17.41
C ALA A 209 6.12 -6.17 17.61
N ASN A 210 4.82 -6.28 17.75
CA ASN A 210 4.17 -7.56 17.97
C ASN A 210 2.68 -7.38 18.23
N PRO A 211 2.32 -6.55 19.24
CA PRO A 211 0.92 -6.29 19.56
C PRO A 211 0.15 -5.90 18.31
N ASP A 212 0.72 -4.97 17.57
CA ASP A 212 0.14 -4.52 16.33
C ASP A 212 1.22 -4.48 15.26
N ILE A 213 1.15 -5.40 14.34
CA ILE A 213 2.12 -5.47 13.26
C ILE A 213 1.41 -5.33 11.95
N TYR A 214 1.84 -4.39 11.15
CA TYR A 214 1.21 -4.15 9.88
C TYR A 214 2.20 -4.31 8.75
N LEU A 215 1.84 -5.14 7.79
CA LEU A 215 2.69 -5.37 6.63
C LEU A 215 1.87 -5.41 5.35
N CYS A 216 2.12 -4.46 4.47
CA CYS A 216 1.39 -4.38 3.20
C CYS A 216 2.35 -4.34 2.01
N GLY A 217 2.25 -5.32 1.13
CA GLY A 217 3.11 -5.34 -0.04
C GLY A 217 4.08 -6.51 -0.07
N PRO A 218 4.80 -6.76 1.02
CA PRO A 218 5.77 -7.85 1.09
C PRO A 218 5.14 -9.21 1.34
N PRO A 219 5.17 -10.09 0.33
CA PRO A 219 4.62 -11.45 0.45
C PRO A 219 5.45 -12.28 1.42
N GLY A 220 6.77 -12.19 1.28
CA GLY A 220 7.65 -12.93 2.15
C GLY A 220 7.58 -12.40 3.57
N MET A 221 7.47 -11.08 3.72
CA MET A 221 7.37 -10.49 5.05
C MET A 221 6.20 -11.13 5.75
N ILE A 222 5.26 -11.61 4.95
CA ILE A 222 4.09 -12.28 5.47
C ILE A 222 4.51 -13.62 6.07
N ASP A 223 5.34 -14.35 5.33
CA ASP A 223 5.82 -15.66 5.78
C ASP A 223 6.87 -15.56 6.89
N ALA A 224 7.87 -14.70 6.69
CA ALA A 224 8.96 -14.54 7.65
C ALA A 224 8.54 -13.70 8.86
N ALA A 225 7.96 -12.52 8.63
CA ALA A 225 7.55 -11.67 9.72
C ALA A 225 6.54 -12.37 10.61
N CYS A 226 5.62 -13.11 9.98
CA CYS A 226 4.63 -13.86 10.72
C CYS A 226 5.30 -15.03 11.45
N GLU A 227 6.37 -15.54 10.84
CA GLU A 227 7.12 -16.65 11.40
C GLU A 227 7.88 -16.25 12.66
N LEU A 228 8.54 -15.08 12.62
CA LEU A 228 9.29 -14.61 13.78
C LEU A 228 8.38 -14.43 14.98
N VAL A 229 7.17 -13.96 14.72
CA VAL A 229 6.19 -13.72 15.78
C VAL A 229 5.80 -15.03 16.45
N ARG A 230 5.54 -16.05 15.65
CA ARG A 230 5.14 -17.35 16.17
C ARG A 230 6.35 -18.09 16.76
N SER A 231 7.52 -17.82 16.20
CA SER A 231 8.75 -18.48 16.67
C SER A 231 9.22 -17.90 17.99
N ARG A 232 9.22 -16.57 18.07
CA ARG A 232 9.65 -15.88 19.27
C ARG A 232 8.80 -16.27 20.47
N GLY A 233 7.48 -16.20 20.30
CA GLY A 233 6.57 -16.55 21.38
C GLY A 233 5.60 -15.43 21.69
N ILE A 234 6.14 -14.24 21.92
CA ILE A 234 5.32 -13.08 22.22
C ILE A 234 4.01 -13.11 21.43
N PRO A 235 2.94 -13.62 22.06
CA PRO A 235 1.61 -13.71 21.43
C PRO A 235 1.03 -12.35 21.10
N GLY A 236 0.77 -12.12 19.82
CA GLY A 236 0.21 -10.85 19.39
C GLY A 236 -1.31 -10.88 19.37
N GLU A 237 -1.92 -9.73 19.05
CA GLU A 237 -3.37 -9.62 19.00
C GLU A 237 -3.81 -8.76 17.83
N GLN A 238 -3.09 -7.66 17.59
CA GLN A 238 -3.41 -6.75 16.51
C GLN A 238 -2.42 -6.91 15.36
N VAL A 239 -1.99 -8.14 15.13
CA VAL A 239 -1.04 -8.43 14.06
C VAL A 239 -1.76 -8.72 12.76
N PHE A 240 -1.24 -8.14 11.68
CA PHE A 240 -1.84 -8.29 10.36
C PHE A 240 -0.78 -8.33 9.25
N PHE A 241 -0.98 -9.24 8.29
CA PHE A 241 -0.03 -9.41 7.19
C PHE A 241 -0.74 -9.39 5.82
N GLU A 242 -0.20 -8.57 4.91
CA GLU A 242 -0.74 -8.45 3.56
C GLU A 242 0.38 -8.52 2.52
N LYS A 243 0.07 -9.04 1.33
CA LYS A 243 1.08 -9.16 0.27
C LYS A 243 0.60 -8.57 -1.06
N PHE A 244 1.29 -7.50 -1.51
CA PHE A 244 0.96 -6.84 -2.77
C PHE A 244 2.25 -6.49 -3.54
N LEU A 245 2.16 -6.53 -4.88
CA LEU A 245 3.29 -6.24 -5.76
C LEU A 245 4.48 -7.17 -5.48
N PRO A 246 5.55 -7.09 -6.31
CA PRO A 246 6.75 -7.93 -6.17
C PRO A 246 7.37 -7.90 -4.76
N SER A 247 8.70 -7.88 -4.70
CA SER A 247 9.41 -7.88 -3.43
C SER A 247 9.49 -6.49 -2.83
N GLY A 248 10.08 -6.42 -1.64
CA GLY A 248 10.24 -5.17 -0.93
C GLY A 248 10.54 -5.43 0.53
N ALA A 249 9.54 -5.90 1.25
CA ALA A 249 9.69 -6.23 2.66
C ALA A 249 9.67 -7.75 2.84
N ALA A 250 10.37 -8.25 3.85
CA ALA A 250 10.42 -9.68 4.10
C ALA A 250 11.15 -10.00 5.41
PA FDA B . 3.50 -4.51 -14.74
O1A FDA B . 3.20 -5.43 -15.86
O2A FDA B . 3.64 -3.22 -15.08
O5B FDA B . 4.75 -5.21 -14.25
C5B FDA B . 5.54 -4.65 -13.14
C4B FDA B . 6.89 -5.40 -12.94
O4B FDA B . 7.88 -4.32 -12.84
C3B FDA B . 7.14 -6.21 -11.65
O3B FDA B . 6.61 -7.49 -11.62
C2B FDA B . 8.65 -6.12 -11.48
O2B FDA B . 9.30 -7.21 -12.05
C1B FDA B . 9.06 -4.83 -12.14
N9A FDA B . 9.41 -3.72 -11.25
C8A FDA B . 8.54 -2.95 -10.54
N7A FDA B . 9.14 -2.01 -9.81
C5A FDA B . 10.46 -2.18 -10.05
C6A FDA B . 11.66 -1.46 -9.55
N6A FDA B . 11.61 -0.45 -8.70
N1A FDA B . 12.87 -1.93 -10.03
C2A FDA B . 12.98 -2.96 -10.91
N3A FDA B . 11.93 -3.68 -11.41
C4A FDA B . 10.70 -3.25 -10.96
N1 FDA B . 0.05 -4.12 -7.03
C2 FDA B . 0.86 -3.08 -6.95
O2 FDA B . 1.69 -2.86 -7.77
N3 FDA B . 0.79 -2.16 -5.87
C4 FDA B . -0.13 -2.30 -4.83
O4 FDA B . -0.16 -1.48 -3.94
C4X FDA B . -1.03 -3.46 -4.90
N5 FDA B . -1.94 -3.67 -3.90
C5X FDA B . -2.77 -4.79 -3.99
C6 FDA B . -3.69 -5.00 -2.91
C7 FDA B . -4.56 -6.09 -2.92
C7M FDA B . -5.50 -6.28 -1.77
C8 FDA B . -4.55 -7.05 -4.04
C8M FDA B . -5.47 -8.23 -4.09
C9 FDA B . -3.63 -6.87 -5.11
C9A FDA B . -2.74 -5.74 -5.09
N10 FDA B . -1.76 -5.46 -6.13
C10 FDA B . -0.90 -4.36 -6.05
C1' FDA B . -1.70 -6.40 -7.26
C2' FDA B . -2.40 -5.73 -8.43
O2' FDA B . -3.80 -5.91 -8.28
C3' FDA B . -1.99 -6.29 -9.74
O3' FDA B . -1.85 -7.69 -9.69
C4' FDA B . -0.69 -5.68 -10.12
O4' FDA B . -0.71 -4.24 -10.10
C5' FDA B . -0.34 -6.18 -11.46
O5' FDA B . 0.89 -5.34 -12.00
P FDA B . 1.55 -5.92 -13.18
O1P FDA B . 2.32 -7.09 -12.56
O2P FDA B . 0.63 -6.26 -14.16
O3P FDA B . 2.35 -4.80 -13.68
H51A FDA B . 4.94 -4.76 -12.20
H52A FDA B . 5.71 -3.58 -13.29
H4B FDA B . 6.95 -6.15 -13.73
H3B FDA B . 6.58 -5.79 -10.79
HO3A FDA B . 6.10 -7.67 -12.46
H2B FDA B . 8.92 -6.16 -10.41
HO2A FDA B . 9.67 -7.80 -11.33
H1B FDA B . 9.95 -5.09 -12.74
H8A FDA B . 7.45 -3.09 -10.56
H61A FDA B . 10.73 -0.13 -8.35
H62A FDA B . 12.47 -0.01 -8.41
H2A FDA B . 13.99 -3.25 -11.23
HN1 FDA B . 0.11 -4.74 -7.81
HN3 FDA B . 1.41 -1.38 -5.84
HN5 FDA B . -2.00 -3.04 -3.13
H6 FDA B . -3.71 -4.30 -2.07
HM71 FDA B . -5.13 -5.74 -0.89
HM72 FDA B . -5.57 -7.35 -1.53
HM73 FDA B . -6.50 -5.90 -2.04
HM81 FDA B . -6.41 -7.98 -3.61
HM82 FDA B . -5.00 -9.08 -3.56
HM83 FDA B . -5.66 -8.51 -5.14
H9 FDA B . -3.61 -7.58 -5.94
H1'1 FDA B . -2.27 -7.33 -6.99
H1'2 FDA B . -0.67 -6.70 -7.51
H2' FDA B . -2.13 -4.66 -8.42
HO2' FDA B . -4.26 -5.04 -8.47
H3' FDA B . -2.78 -6.07 -10.47
HO3' FDA B . -1.11 -7.97 -10.30
H4' FDA B . 0.07 -5.97 -9.38
HO4' FDA B . -0.80 -3.92 -9.16
H5'1 FDA B . -1.21 -6.00 -12.13
H5'2 FDA B . -0.13 -7.25 -11.45
N CYS A 1 -32.50 -15.21 -21.26
CA CYS A 1 -33.92 -15.28 -20.93
C CYS A 1 -34.23 -14.52 -19.65
N ARG A 2 -33.19 -13.98 -19.02
CA ARG A 2 -33.36 -13.22 -17.79
C ARG A 2 -32.40 -12.02 -17.76
N ILE A 3 -32.86 -10.92 -17.18
CA ILE A 3 -32.05 -9.72 -17.09
C ILE A 3 -32.40 -8.90 -15.85
N SER A 4 -32.50 -9.59 -14.70
CA SER A 4 -32.83 -8.92 -13.46
C SER A 4 -31.66 -8.09 -12.96
N PHE A 5 -31.89 -7.33 -11.89
CA PHE A 5 -30.85 -6.49 -11.31
C PHE A 5 -30.35 -7.06 -10.00
N GLY A 6 -29.07 -6.84 -9.71
CA GLY A 6 -28.48 -7.34 -8.48
C GLY A 6 -27.51 -6.37 -7.85
N GLU A 7 -26.74 -6.83 -6.88
CA GLU A 7 -25.77 -5.99 -6.20
C GLU A 7 -24.66 -5.57 -7.15
N VAL A 8 -24.39 -4.27 -7.21
CA VAL A 8 -23.35 -3.74 -8.07
C VAL A 8 -22.31 -2.96 -7.27
N GLY A 9 -21.19 -3.62 -7.03
CA GLY A 9 -20.11 -3.00 -6.27
C GLY A 9 -19.00 -2.47 -7.16
N SER A 10 -19.36 -2.18 -8.40
CA SER A 10 -18.40 -1.68 -9.38
C SER A 10 -18.44 -0.15 -9.44
N PHE A 11 -17.32 0.44 -9.84
CA PHE A 11 -17.22 1.90 -9.94
C PHE A 11 -16.62 2.31 -11.28
N GLU A 12 -16.90 3.55 -11.69
CA GLU A 12 -16.40 4.07 -12.95
C GLU A 12 -15.29 5.08 -12.71
N ALA A 13 -14.12 4.80 -13.26
CA ALA A 13 -12.97 5.69 -13.12
C ALA A 13 -12.39 6.05 -14.48
N GLU A 14 -12.24 7.34 -14.75
CA GLU A 14 -11.71 7.79 -16.03
C GLU A 14 -10.20 7.99 -15.95
N VAL A 15 -9.48 7.37 -16.88
CA VAL A 15 -8.02 7.48 -16.91
C VAL A 15 -7.59 8.87 -17.35
N VAL A 16 -7.11 9.65 -16.39
CA VAL A 16 -6.64 11.01 -16.65
C VAL A 16 -5.23 11.19 -16.11
N GLY A 17 -4.67 10.11 -15.56
CA GLY A 17 -3.34 10.17 -15.00
C GLY A 17 -2.40 9.19 -15.67
N LEU A 18 -1.72 8.41 -14.86
CA LEU A 18 -0.76 7.43 -15.34
C LEU A 18 0.57 8.10 -15.60
N ASN A 19 1.11 8.70 -14.57
CA ASN A 19 2.39 9.39 -14.65
C ASN A 19 3.52 8.49 -14.22
N TRP A 20 4.67 8.64 -14.85
CA TRP A 20 5.82 7.85 -14.46
C TRP A 20 6.57 8.61 -13.36
N VAL A 21 6.58 8.06 -12.16
CA VAL A 21 7.26 8.69 -11.04
C VAL A 21 8.63 8.07 -10.89
N SER A 22 8.73 6.83 -11.32
CA SER A 22 9.98 6.09 -11.24
C SER A 22 10.19 5.23 -12.48
N SER A 23 11.36 4.62 -12.57
CA SER A 23 11.68 3.76 -13.70
C SER A 23 10.61 2.71 -13.92
N ASN A 24 10.35 1.93 -12.90
CA ASN A 24 9.33 0.89 -12.97
C ASN A 24 8.22 1.16 -11.95
N THR A 25 7.78 2.41 -11.88
CA THR A 25 6.73 2.79 -10.94
C THR A 25 5.89 3.91 -11.50
N VAL A 26 4.59 3.79 -11.30
CA VAL A 26 3.68 4.79 -11.80
C VAL A 26 2.54 5.07 -10.82
N GLN A 27 2.08 6.32 -10.85
CA GLN A 27 0.97 6.75 -10.00
C GLN A 27 -0.22 7.11 -10.88
N PHE A 28 -1.21 6.22 -10.92
CA PHE A 28 -2.39 6.42 -11.73
C PHE A 28 -3.57 6.93 -10.92
N LEU A 29 -4.15 8.04 -11.38
CA LEU A 29 -5.31 8.63 -10.71
C LEU A 29 -6.52 8.49 -11.62
N LEU A 30 -7.53 7.75 -11.18
CA LEU A 30 -8.72 7.57 -11.99
C LEU A 30 -9.92 8.25 -11.36
N GLN A 31 -10.65 9.02 -12.17
CA GLN A 31 -11.82 9.74 -11.69
C GLN A 31 -12.92 9.80 -12.75
N LYS A 32 -14.01 9.08 -12.53
CA LYS A 32 -15.14 9.11 -13.45
C LYS A 32 -16.33 9.72 -12.76
N ARG A 33 -16.60 9.21 -11.57
CA ARG A 33 -17.70 9.74 -10.78
C ARG A 33 -17.40 11.20 -10.43
N PRO A 34 -18.10 11.80 -9.46
CA PRO A 34 -17.87 13.20 -9.09
C PRO A 34 -16.39 13.57 -8.97
N ASP A 35 -15.70 13.13 -7.89
CA ASP A 35 -14.29 13.45 -7.71
C ASP A 35 -13.93 13.43 -6.23
N GLU A 36 -12.71 13.92 -5.92
CA GLU A 36 -12.21 13.98 -4.55
C GLU A 36 -13.14 14.81 -3.66
N CYS A 37 -14.39 14.38 -3.57
CA CYS A 37 -15.37 15.09 -2.76
C CYS A 37 -16.81 14.65 -3.03
N GLY A 38 -17.06 13.95 -4.14
CA GLY A 38 -18.44 13.57 -4.46
C GLY A 38 -18.77 12.12 -4.19
N ASN A 39 -18.47 11.25 -5.16
CA ASN A 39 -18.79 9.82 -4.99
C ASN A 39 -17.93 8.90 -5.86
N ARG A 40 -16.78 8.50 -5.34
CA ARG A 40 -15.88 7.58 -6.03
C ARG A 40 -14.70 7.27 -5.12
N GLY A 41 -14.35 8.23 -4.27
CA GLY A 41 -13.23 8.04 -3.36
C GLY A 41 -13.36 6.83 -2.46
N VAL A 42 -12.50 6.81 -1.44
CA VAL A 42 -12.45 5.73 -0.44
C VAL A 42 -12.35 6.31 0.97
N LYS A 43 -12.55 5.44 1.98
CA LYS A 43 -12.47 5.80 3.40
C LYS A 43 -11.29 5.12 4.08
N PHE A 44 -10.13 5.75 3.95
CA PHE A 44 -8.87 5.26 4.53
C PHE A 44 -9.01 3.88 5.16
N GLU A 45 -9.36 2.90 4.33
CA GLU A 45 -9.51 1.54 4.81
C GLU A 45 -8.17 0.84 4.81
N PRO A 46 -8.04 -0.26 5.57
CA PRO A 46 -6.79 -1.02 5.66
C PRO A 46 -6.33 -1.51 4.29
N GLY A 47 -5.91 -0.58 3.44
CA GLY A 47 -5.45 -0.92 2.12
C GLY A 47 -6.51 -1.65 1.29
N GLN A 48 -7.76 -1.24 1.42
CA GLN A 48 -8.85 -1.86 0.67
C GLN A 48 -8.52 -1.86 -0.82
N PHE A 49 -9.16 -2.75 -1.58
CA PHE A 49 -8.89 -2.83 -3.02
C PHE A 49 -10.08 -3.35 -3.81
N MET A 50 -10.04 -3.13 -5.12
CA MET A 50 -11.10 -3.57 -6.03
C MET A 50 -10.54 -4.51 -7.09
N ASP A 51 -11.43 -5.05 -7.92
CA ASP A 51 -11.03 -5.98 -8.98
C ASP A 51 -11.39 -5.39 -10.34
N LEU A 52 -10.38 -4.96 -11.09
CA LEU A 52 -10.59 -4.36 -12.39
C LEU A 52 -9.42 -4.59 -13.35
N THR A 53 -9.70 -4.51 -14.65
CA THR A 53 -8.70 -4.68 -15.68
C THR A 53 -8.20 -3.32 -16.13
N ILE A 54 -6.98 -3.28 -16.64
CA ILE A 54 -6.39 -2.01 -17.08
C ILE A 54 -7.49 -1.05 -17.58
N PRO A 55 -8.17 -1.34 -18.70
CA PRO A 55 -9.23 -0.52 -19.24
C PRO A 55 -10.59 -1.20 -19.10
N GLY A 56 -10.63 -2.33 -18.42
CA GLY A 56 -11.87 -3.08 -18.27
C GLY A 56 -11.90 -4.31 -19.17
N THR A 57 -10.89 -4.44 -20.00
CA THR A 57 -10.77 -5.56 -20.94
C THR A 57 -11.52 -6.79 -20.46
N ASP A 58 -10.86 -7.63 -19.67
CA ASP A 58 -11.48 -8.85 -19.17
C ASP A 58 -10.87 -9.33 -17.85
N VAL A 59 -10.60 -8.40 -16.95
CA VAL A 59 -10.04 -8.72 -15.64
C VAL A 59 -8.51 -8.75 -15.65
N SER A 60 -7.90 -7.97 -14.75
CA SER A 60 -6.44 -7.89 -14.65
C SER A 60 -5.99 -8.38 -13.29
N ARG A 61 -6.26 -7.56 -12.29
CA ARG A 61 -5.89 -7.87 -10.92
C ARG A 61 -6.57 -6.90 -9.95
N SER A 62 -6.47 -7.20 -8.66
CA SER A 62 -7.07 -6.35 -7.64
C SER A 62 -6.03 -5.45 -6.98
N TYR A 63 -6.22 -4.14 -7.11
CA TYR A 63 -5.28 -3.18 -6.53
C TYR A 63 -5.95 -2.28 -5.49
N SER A 64 -5.35 -2.24 -4.31
CA SER A 64 -5.86 -1.41 -3.22
C SER A 64 -5.61 0.08 -3.49
N PRO A 65 -6.68 0.84 -3.78
CA PRO A 65 -6.58 2.27 -4.07
C PRO A 65 -6.60 3.13 -2.81
N ALA A 66 -6.29 4.42 -2.97
CA ALA A 66 -6.27 5.35 -1.85
C ALA A 66 -6.77 6.74 -2.25
N ASN A 67 -7.70 7.28 -1.46
CA ASN A 67 -8.26 8.58 -1.70
C ASN A 67 -8.20 9.41 -0.42
N LEU A 68 -8.78 8.86 0.63
CA LEU A 68 -8.85 9.51 1.94
C LEU A 68 -9.90 8.78 2.76
N PRO A 69 -10.39 9.33 3.88
CA PRO A 69 -11.38 8.65 4.68
C PRO A 69 -12.80 9.01 4.27
N ASN A 70 -13.16 8.68 3.03
CA ASN A 70 -14.49 8.96 2.52
C ASN A 70 -14.63 8.33 1.14
N PRO A 71 -15.45 7.28 1.00
CA PRO A 71 -15.65 6.60 -0.29
C PRO A 71 -16.52 7.41 -1.23
N GLU A 72 -16.28 8.71 -1.25
CA GLU A 72 -17.00 9.61 -2.11
C GLU A 72 -16.04 10.62 -2.72
N GLY A 73 -14.74 10.43 -2.47
CA GLY A 73 -13.75 11.34 -2.99
C GLY A 73 -13.25 10.94 -4.34
N ARG A 74 -11.97 10.63 -4.38
CA ARG A 74 -11.28 10.23 -5.61
C ARG A 74 -10.10 9.32 -5.27
N LEU A 75 -10.12 8.10 -5.79
CA LEU A 75 -9.06 7.14 -5.50
C LEU A 75 -7.98 7.09 -6.60
N GLU A 76 -6.78 6.80 -6.15
CA GLU A 76 -5.60 6.67 -7.02
C GLU A 76 -4.86 5.37 -6.70
N PHE A 77 -4.19 4.80 -7.69
CA PHE A 77 -3.44 3.56 -7.48
C PHE A 77 -1.99 3.70 -7.93
N LEU A 78 -1.08 3.12 -7.15
CA LEU A 78 0.34 3.16 -7.47
C LEU A 78 0.77 1.79 -8.00
N ILE A 79 0.70 1.63 -9.32
CA ILE A 79 1.06 0.36 -9.93
C ILE A 79 2.52 0.33 -10.35
N ARG A 80 3.29 -0.59 -9.77
CA ARG A 80 4.69 -0.71 -10.10
C ARG A 80 4.87 -1.45 -11.41
N VAL A 81 5.00 -0.70 -12.50
CA VAL A 81 5.16 -1.26 -13.82
C VAL A 81 6.62 -1.45 -14.21
N LEU A 82 6.90 -2.55 -14.89
CA LEU A 82 8.26 -2.86 -15.32
C LEU A 82 8.79 -1.77 -16.25
N PRO A 83 10.03 -1.93 -16.73
CA PRO A 83 10.65 -0.95 -17.64
C PRO A 83 9.83 -0.73 -18.90
N GLU A 84 9.14 -1.77 -19.34
CA GLU A 84 8.31 -1.70 -20.55
C GLU A 84 8.08 -3.09 -21.14
N GLY A 85 6.91 -3.66 -20.87
CA GLY A 85 6.59 -4.98 -21.38
C GLY A 85 5.56 -5.70 -20.55
N ARG A 86 5.36 -5.24 -19.32
CA ARG A 86 4.39 -5.85 -18.41
C ARG A 86 3.11 -5.03 -18.35
N PHE A 87 2.97 -4.19 -17.32
CA PHE A 87 1.78 -3.36 -17.16
C PHE A 87 2.01 -1.96 -17.70
N SER A 88 3.26 -1.50 -17.64
CA SER A 88 3.60 -0.16 -18.13
C SER A 88 3.29 -0.03 -19.61
N ASP A 89 3.33 -1.16 -20.32
CA ASP A 89 3.04 -1.17 -21.74
C ASP A 89 1.54 -1.06 -21.97
N TYR A 90 0.80 -1.62 -21.03
CA TYR A 90 -0.65 -1.62 -21.09
C TYR A 90 -1.24 -0.26 -20.77
N LEU A 91 -0.74 0.40 -19.73
CA LEU A 91 -1.26 1.71 -19.35
C LEU A 91 -0.93 2.80 -20.38
N ARG A 92 0.23 2.69 -21.03
CA ARG A 92 0.64 3.68 -22.01
C ARG A 92 0.22 3.28 -23.43
N ASN A 93 0.16 1.98 -23.68
CA ASN A 93 -0.21 1.49 -25.00
C ASN A 93 -1.69 1.17 -25.09
N ASP A 94 -2.39 1.28 -23.96
CA ASP A 94 -3.82 0.98 -23.93
C ASP A 94 -4.54 1.70 -22.79
N ALA A 95 -3.90 2.70 -22.20
CA ALA A 95 -4.52 3.43 -21.10
C ALA A 95 -3.97 4.85 -21.00
N ARG A 96 -3.58 5.41 -22.13
CA ARG A 96 -3.05 6.77 -22.16
C ARG A 96 -3.94 7.73 -21.37
N VAL A 97 -4.74 8.51 -22.08
CA VAL A 97 -5.63 9.46 -21.44
C VAL A 97 -6.91 9.63 -22.25
N GLY A 98 -7.97 9.02 -21.77
CA GLY A 98 -9.26 9.12 -22.44
C GLY A 98 -10.14 7.89 -22.24
N GLN A 99 -9.54 6.82 -21.72
CA GLN A 99 -10.28 5.59 -21.48
C GLN A 99 -10.87 5.56 -20.07
N VAL A 100 -11.84 4.68 -19.85
CA VAL A 100 -12.48 4.54 -18.55
C VAL A 100 -12.50 3.08 -18.12
N LEU A 101 -12.30 2.83 -16.83
CA LEU A 101 -12.30 1.46 -16.33
C LEU A 101 -13.40 1.25 -15.30
N SER A 102 -13.85 0.01 -15.19
CA SER A 102 -14.86 -0.35 -14.22
C SER A 102 -14.20 -1.11 -13.08
N VAL A 103 -13.90 -0.41 -11.99
CA VAL A 103 -13.25 -1.02 -10.86
C VAL A 103 -14.32 -1.52 -9.89
N LYS A 104 -14.33 -2.82 -9.67
CA LYS A 104 -15.31 -3.41 -8.79
C LYS A 104 -14.67 -4.31 -7.76
N GLY A 105 -14.92 -4.02 -6.50
CA GLY A 105 -14.37 -4.82 -5.43
C GLY A 105 -14.38 -4.14 -4.08
N PRO A 106 -15.56 -3.87 -3.52
CA PRO A 106 -15.68 -3.23 -2.20
C PRO A 106 -15.22 -4.19 -1.10
N LEU A 107 -13.98 -4.65 -1.21
CA LEU A 107 -13.41 -5.60 -0.26
C LEU A 107 -12.50 -4.89 0.75
N GLY A 108 -12.11 -5.65 1.77
CA GLY A 108 -11.22 -5.15 2.79
C GLY A 108 -9.94 -5.97 2.82
N VAL A 109 -8.95 -5.53 3.60
CA VAL A 109 -7.69 -6.26 3.68
C VAL A 109 -6.95 -5.95 4.96
N PHE A 110 -6.80 -6.97 5.79
CA PHE A 110 -6.08 -6.83 7.05
C PHE A 110 -4.61 -6.61 6.78
N GLY A 111 -4.13 -5.42 7.11
CA GLY A 111 -2.74 -5.10 6.90
C GLY A 111 -2.23 -4.17 7.98
N LEU A 112 -3.06 -3.22 8.35
CA LEU A 112 -2.71 -2.27 9.39
C LEU A 112 -3.94 -1.87 10.19
N LYS A 113 -3.91 -2.15 11.49
CA LYS A 113 -5.03 -1.83 12.37
C LYS A 113 -4.54 -1.28 13.70
N GLU A 114 -4.92 -0.03 13.98
CA GLU A 114 -4.53 0.63 15.22
C GLU A 114 -5.61 0.42 16.29
N ARG A 115 -5.19 0.20 17.52
CA ARG A 115 -6.12 -0.02 18.62
C ARG A 115 -6.49 1.31 19.29
N GLY A 116 -6.19 2.40 18.60
CA GLY A 116 -6.49 3.71 19.13
C GLY A 116 -5.22 4.43 19.57
N MET A 117 -4.71 4.06 20.72
CA MET A 117 -3.49 4.66 21.25
C MET A 117 -2.50 3.57 21.65
N ALA A 118 -1.66 3.17 20.70
CA ALA A 118 -0.66 2.14 20.96
C ALA A 118 0.42 2.15 19.87
N PRO A 119 1.65 1.76 20.24
CA PRO A 119 2.77 1.71 19.30
C PRO A 119 2.54 0.68 18.19
N ARG A 120 2.42 1.16 16.96
CA ARG A 120 2.18 0.27 15.83
C ARG A 120 3.23 0.45 14.74
N TYR A 121 3.57 -0.64 14.05
CA TYR A 121 4.56 -0.58 12.98
C TYR A 121 4.00 -1.15 11.70
N PHE A 122 4.00 -0.35 10.64
CA PHE A 122 3.50 -0.79 9.36
C PHE A 122 4.63 -0.91 8.35
N VAL A 123 4.99 -2.14 8.04
CA VAL A 123 6.07 -2.38 7.10
C VAL A 123 5.51 -2.71 5.73
N ALA A 124 5.72 -1.80 4.80
CA ALA A 124 5.25 -1.98 3.44
C ALA A 124 6.45 -2.20 2.51
N GLY A 125 6.35 -3.19 1.64
CA GLY A 125 7.41 -3.47 0.72
C GLY A 125 7.07 -3.07 -0.69
N GLY A 126 7.60 -1.94 -1.13
CA GLY A 126 7.32 -1.48 -2.49
C GLY A 126 6.63 -0.14 -2.51
N THR A 127 6.10 0.27 -3.66
CA THR A 127 5.41 1.53 -3.78
C THR A 127 3.92 1.37 -3.53
N GLY A 128 3.47 0.12 -3.54
CA GLY A 128 2.06 -0.17 -3.30
C GLY A 128 1.59 0.21 -1.90
N LEU A 129 2.43 0.93 -1.16
CA LEU A 129 2.08 1.35 0.19
C LEU A 129 1.17 2.58 0.12
N ALA A 130 0.81 2.98 -1.10
CA ALA A 130 -0.04 4.14 -1.26
C ALA A 130 -1.22 4.06 -0.31
N PRO A 131 -1.84 2.88 -0.20
CA PRO A 131 -2.96 2.66 0.72
C PRO A 131 -2.45 2.66 2.15
N VAL A 132 -1.20 2.22 2.32
CA VAL A 132 -0.56 2.19 3.62
C VAL A 132 -0.37 3.62 4.10
N VAL A 133 0.10 4.47 3.19
CA VAL A 133 0.33 5.87 3.50
C VAL A 133 -1.00 6.59 3.69
N SER A 134 -2.04 6.13 2.99
CA SER A 134 -3.35 6.74 3.11
C SER A 134 -3.89 6.58 4.52
N MET A 135 -3.89 5.34 5.01
CA MET A 135 -4.36 5.07 6.37
C MET A 135 -3.45 5.81 7.36
N VAL A 136 -2.14 5.70 7.12
CA VAL A 136 -1.16 6.36 7.97
C VAL A 136 -1.38 7.86 7.94
N ARG A 137 -1.89 8.36 6.82
CA ARG A 137 -2.18 9.78 6.66
C ARG A 137 -3.18 10.24 7.70
N GLN A 138 -4.17 9.39 7.98
CA GLN A 138 -5.18 9.71 8.97
C GLN A 138 -4.55 9.87 10.35
N MET A 139 -3.64 8.97 10.67
CA MET A 139 -2.93 9.01 11.95
C MET A 139 -1.98 10.19 12.00
N GLN A 140 -1.42 10.51 10.84
CA GLN A 140 -0.48 11.62 10.71
C GLN A 140 -1.17 12.98 10.73
N GLU A 141 -2.41 13.05 10.24
CA GLU A 141 -3.14 14.31 10.17
C GLU A 141 -3.60 14.78 11.54
N TRP A 142 -4.15 13.88 12.34
CA TRP A 142 -4.61 14.23 13.66
C TRP A 142 -3.43 14.35 14.62
N THR A 143 -2.33 13.70 14.23
CA THR A 143 -1.11 13.73 15.01
C THR A 143 -1.34 13.31 16.46
N ALA A 144 -2.36 12.49 16.68
CA ALA A 144 -2.66 12.02 18.02
C ALA A 144 -1.38 11.79 18.82
N PRO A 145 -1.49 11.74 20.15
CA PRO A 145 -0.33 11.52 21.03
C PRO A 145 0.18 10.09 21.00
N ASN A 146 -0.43 9.27 20.15
CA ASN A 146 -0.05 7.87 20.03
C ASN A 146 1.20 7.70 19.15
N GLU A 147 2.13 6.87 19.61
CA GLU A 147 3.36 6.60 18.89
C GLU A 147 3.10 5.71 17.68
N THR A 148 3.28 6.29 16.50
CA THR A 148 3.07 5.57 15.25
C THR A 148 4.38 5.34 14.53
N ARG A 149 4.75 4.08 14.38
CA ARG A 149 5.98 3.73 13.67
C ARG A 149 5.64 3.14 12.33
N ILE A 150 6.45 3.45 11.33
CA ILE A 150 6.22 2.94 10.00
C ILE A 150 7.51 2.41 9.38
N TYR A 151 7.41 1.26 8.75
CA TYR A 151 8.55 0.63 8.10
C TYR A 151 8.37 0.69 6.58
N PHE A 152 9.21 1.47 5.90
CA PHE A 152 9.10 1.60 4.44
C PHE A 152 10.32 1.01 3.74
N GLY A 153 10.10 0.16 2.73
CA GLY A 153 11.22 -0.44 2.04
C GLY A 153 10.90 -0.85 0.63
N VAL A 154 11.95 -1.02 -0.17
CA VAL A 154 11.81 -1.39 -1.56
C VAL A 154 13.13 -1.92 -2.15
N ASN A 155 13.62 -1.28 -3.22
CA ASN A 155 14.87 -1.68 -3.86
C ASN A 155 15.99 -0.71 -3.50
N THR A 156 17.16 -0.89 -4.11
CA THR A 156 18.30 -0.01 -3.86
C THR A 156 17.85 1.45 -3.83
N GLU A 157 16.75 1.71 -4.51
CA GLU A 157 16.16 3.06 -4.58
C GLU A 157 16.63 3.83 -5.82
N PRO A 158 17.09 3.16 -6.90
CA PRO A 158 17.51 3.86 -8.11
C PRO A 158 16.51 4.91 -8.52
N GLU A 159 15.26 4.73 -8.09
CA GLU A 159 14.19 5.66 -8.41
C GLU A 159 13.38 6.05 -7.17
N LEU A 160 13.32 5.15 -6.19
CA LEU A 160 12.58 5.40 -4.96
C LEU A 160 12.69 6.86 -4.55
N PHE A 161 11.73 7.32 -3.74
CA PHE A 161 11.72 8.70 -3.28
C PHE A 161 10.84 8.86 -2.03
N TYR A 162 10.39 10.08 -1.78
CA TYR A 162 9.55 10.37 -0.63
C TYR A 162 10.36 10.37 0.66
N ILE A 163 11.65 10.68 0.54
CA ILE A 163 12.53 10.72 1.70
C ILE A 163 12.18 11.91 2.59
N ASP A 164 11.85 13.03 1.95
CA ASP A 164 11.49 14.25 2.67
C ASP A 164 10.09 14.13 3.27
N GLU A 165 9.26 13.30 2.65
CA GLU A 165 7.89 13.10 3.11
C GLU A 165 7.87 12.46 4.50
N LEU A 166 8.62 11.39 4.66
CA LEU A 166 8.68 10.72 5.96
C LEU A 166 9.54 11.54 6.91
N LYS A 167 10.52 12.23 6.34
CA LYS A 167 11.38 13.08 7.15
C LYS A 167 10.54 14.16 7.82
N SER A 168 9.60 14.71 7.06
CA SER A 168 8.71 15.73 7.58
C SER A 168 7.90 15.11 8.70
N LEU A 169 7.61 13.83 8.59
CA LEU A 169 6.88 13.15 9.62
C LEU A 169 7.69 13.21 10.90
N GLU A 170 8.97 12.87 10.80
CA GLU A 170 9.85 12.92 11.95
C GLU A 170 9.86 14.32 12.54
N ARG A 171 9.69 15.32 11.67
CA ARG A 171 9.68 16.72 12.09
C ARG A 171 8.34 17.14 12.69
N SER A 172 7.23 16.68 12.10
CA SER A 172 5.90 17.09 12.58
C SER A 172 5.09 15.97 13.22
N MET A 173 5.74 14.99 13.81
CA MET A 173 5.04 13.89 14.47
C MET A 173 5.25 13.89 15.97
N ARG A 174 4.44 13.10 16.66
CA ARG A 174 4.52 12.98 18.11
C ARG A 174 5.57 11.96 18.50
N ASN A 175 5.20 10.70 18.43
CA ASN A 175 6.11 9.62 18.76
C ASN A 175 6.11 8.56 17.66
N LEU A 176 6.55 8.98 16.47
CA LEU A 176 6.60 8.09 15.33
C LEU A 176 8.05 7.79 14.92
N THR A 177 8.26 6.60 14.36
CA THR A 177 9.60 6.19 13.94
C THR A 177 9.55 5.49 12.58
N VAL A 178 10.36 5.98 11.65
CA VAL A 178 10.43 5.42 10.30
C VAL A 178 11.65 4.51 10.15
N LYS A 179 11.44 3.34 9.52
CA LYS A 179 12.52 2.39 9.30
C LYS A 179 13.07 2.49 7.88
N ALA A 180 14.40 2.45 7.76
CA ALA A 180 15.06 2.53 6.47
C ALA A 180 15.45 1.16 5.95
N CYS A 181 14.70 0.72 4.96
CA CYS A 181 14.88 -0.58 4.32
C CYS A 181 15.92 -0.49 3.19
N VAL A 182 15.94 -1.51 2.32
CA VAL A 182 16.87 -1.54 1.20
C VAL A 182 18.32 -1.35 1.63
N TRP A 183 19.18 -2.00 0.87
CA TRP A 183 20.61 -2.00 1.09
C TRP A 183 21.31 -1.84 -0.25
N HIS A 184 21.09 -2.83 -1.12
CA HIS A 184 21.64 -2.84 -2.47
C HIS A 184 20.98 -3.93 -3.32
N PRO A 185 19.63 -3.98 -3.33
CA PRO A 185 18.87 -4.98 -4.09
C PRO A 185 18.62 -4.54 -5.54
N SER A 186 17.38 -4.12 -5.85
CA SER A 186 17.02 -3.68 -7.21
C SER A 186 15.54 -3.92 -7.55
N GLY A 187 14.69 -4.04 -6.54
CA GLY A 187 13.28 -4.26 -6.79
C GLY A 187 12.87 -5.72 -6.69
N ASP A 188 13.80 -6.51 -6.20
CA ASP A 188 13.59 -7.93 -6.01
C ASP A 188 14.19 -8.30 -4.68
N TRP A 189 13.64 -7.74 -3.63
CA TRP A 189 14.18 -7.95 -2.31
C TRP A 189 13.17 -8.54 -1.34
N GLU A 190 13.50 -9.69 -0.75
CA GLU A 190 12.64 -10.34 0.23
C GLU A 190 12.87 -9.75 1.61
N GLY A 191 11.92 -8.93 2.06
CA GLY A 191 12.06 -8.29 3.35
C GLY A 191 11.88 -6.79 3.27
N GLU A 192 12.97 -6.05 3.46
CA GLU A 192 12.93 -4.61 3.41
C GLU A 192 14.35 -4.06 3.37
N GLN A 193 15.03 -4.12 4.51
CA GLN A 193 16.40 -3.64 4.62
C GLN A 193 17.39 -4.80 4.54
N GLY A 194 18.61 -4.52 4.08
CA GLY A 194 19.62 -5.55 3.97
C GLY A 194 19.43 -6.67 4.97
N SER A 195 19.02 -7.82 4.47
CA SER A 195 18.77 -9.00 5.29
C SER A 195 17.29 -9.09 5.65
N PRO A 196 16.81 -10.32 5.95
CA PRO A 196 15.41 -10.56 6.30
C PRO A 196 14.97 -9.77 7.53
N ILE A 197 15.09 -8.45 7.46
CA ILE A 197 14.71 -7.56 8.55
C ILE A 197 14.91 -8.27 9.91
N ASP A 198 16.09 -8.09 10.48
CA ASP A 198 16.45 -8.71 11.75
C ASP A 198 15.77 -8.02 12.92
N ALA A 199 15.61 -6.71 12.79
CA ALA A 199 15.03 -5.89 13.85
C ALA A 199 13.64 -6.34 14.27
N LEU A 200 12.88 -6.88 13.36
CA LEU A 200 11.52 -7.31 13.66
C LEU A 200 11.54 -8.53 14.59
N ARG A 201 12.44 -9.46 14.31
CA ARG A 201 12.56 -10.67 15.11
C ARG A 201 12.80 -10.32 16.57
N GLU A 202 13.77 -9.45 16.79
CA GLU A 202 14.11 -9.01 18.12
C GLU A 202 13.02 -8.10 18.69
N ASP A 203 12.38 -7.34 17.81
CA ASP A 203 11.31 -6.44 18.25
C ASP A 203 10.21 -7.23 18.91
N LEU A 204 9.87 -8.38 18.34
CA LEU A 204 8.85 -9.23 18.92
C LEU A 204 9.33 -9.64 20.30
N GLU A 205 10.57 -10.08 20.37
CA GLU A 205 11.18 -10.49 21.63
C GLU A 205 11.29 -9.31 22.59
N SER A 206 11.23 -8.09 22.05
CA SER A 206 11.34 -6.89 22.87
C SER A 206 9.98 -6.42 23.34
N SER A 207 9.25 -5.73 22.45
CA SER A 207 7.92 -5.21 22.78
C SER A 207 7.55 -4.00 21.91
N ASP A 208 8.52 -3.46 21.17
CA ASP A 208 8.29 -2.31 20.30
C ASP A 208 7.87 -2.78 18.91
N ALA A 209 7.04 -3.82 18.89
CA ALA A 209 6.54 -4.39 17.65
C ALA A 209 6.00 -5.77 17.91
N ASN A 210 4.69 -5.86 18.02
CA ASN A 210 4.03 -7.12 18.30
C ASN A 210 2.53 -6.92 18.54
N PRO A 211 2.17 -6.05 19.50
CA PRO A 211 0.77 -5.79 19.81
C PRO A 211 -0.04 -5.57 18.54
N ASP A 212 0.41 -4.62 17.73
CA ASP A 212 -0.21 -4.32 16.47
C ASP A 212 0.87 -4.23 15.41
N ILE A 213 0.92 -5.22 14.53
CA ILE A 213 1.92 -5.24 13.49
C ILE A 213 1.21 -5.18 12.15
N TYR A 214 1.59 -4.20 11.36
CA TYR A 214 0.99 -4.03 10.07
C TYR A 214 2.01 -4.31 9.00
N LEU A 215 1.64 -5.18 8.08
CA LEU A 215 2.54 -5.58 7.01
C LEU A 215 1.85 -5.52 5.64
N CYS A 216 2.44 -4.76 4.73
CA CYS A 216 1.90 -4.64 3.38
C CYS A 216 2.96 -5.05 2.37
N GLY A 217 2.78 -6.22 1.76
CA GLY A 217 3.75 -6.69 0.78
C GLY A 217 3.43 -8.08 0.27
N PRO A 218 4.07 -8.50 -0.82
CA PRO A 218 3.85 -9.81 -1.42
C PRO A 218 4.07 -10.95 -0.43
N PRO A 219 4.07 -12.19 -0.93
CA PRO A 219 4.25 -13.39 -0.11
C PRO A 219 5.63 -13.45 0.55
N GLY A 220 6.59 -12.70 0.01
CA GLY A 220 7.93 -12.71 0.58
C GLY A 220 8.08 -11.79 1.76
N MET A 221 7.74 -10.52 1.59
CA MET A 221 7.83 -9.57 2.69
C MET A 221 6.99 -10.10 3.83
N ILE A 222 5.90 -10.74 3.46
CA ILE A 222 4.98 -11.35 4.41
C ILE A 222 5.56 -12.65 4.96
N ASP A 223 6.29 -13.37 4.10
CA ASP A 223 6.88 -14.65 4.50
C ASP A 223 8.05 -14.47 5.45
N ALA A 224 8.95 -13.55 5.11
CA ALA A 224 10.14 -13.30 5.93
C ALA A 224 9.76 -12.81 7.33
N ALA A 225 8.86 -11.83 7.39
CA ALA A 225 8.43 -11.28 8.67
C ALA A 225 7.59 -12.28 9.46
N CYS A 226 6.79 -13.08 8.76
CA CYS A 226 5.96 -14.08 9.41
C CYS A 226 6.82 -15.19 9.98
N GLU A 227 7.94 -15.47 9.31
CA GLU A 227 8.85 -16.51 9.76
C GLU A 227 9.42 -16.18 11.12
N LEU A 228 9.83 -14.93 11.30
CA LEU A 228 10.39 -14.47 12.56
C LEU A 228 9.35 -14.60 13.69
N VAL A 229 8.11 -14.27 13.36
CA VAL A 229 7.03 -14.32 14.34
C VAL A 229 6.75 -15.75 14.78
N ARG A 230 6.68 -16.66 13.81
CA ARG A 230 6.42 -18.07 14.11
C ARG A 230 7.63 -18.73 14.75
N SER A 231 8.81 -18.23 14.40
CA SER A 231 10.06 -18.78 14.92
C SER A 231 10.21 -18.47 16.41
N ARG A 232 9.91 -17.23 16.78
CA ARG A 232 10.02 -16.80 18.17
C ARG A 232 8.81 -17.24 18.99
N GLY A 233 7.69 -16.56 18.79
CA GLY A 233 6.48 -16.89 19.51
C GLY A 233 5.62 -15.66 19.73
N ILE A 234 6.23 -14.49 19.61
CA ILE A 234 5.57 -13.22 19.77
C ILE A 234 4.06 -13.30 19.55
N PRO A 235 3.32 -13.73 20.59
CA PRO A 235 1.87 -13.85 20.53
C PRO A 235 1.17 -12.49 20.61
N GLY A 236 0.53 -12.10 19.52
CA GLY A 236 -0.15 -10.81 19.49
C GLY A 236 -1.64 -10.95 19.23
N GLU A 237 -2.32 -9.81 19.08
CA GLU A 237 -3.76 -9.80 18.82
C GLU A 237 -4.11 -8.84 17.69
N GLN A 238 -3.40 -7.72 17.61
CA GLN A 238 -3.65 -6.73 16.58
C GLN A 238 -2.61 -6.83 15.47
N VAL A 239 -2.14 -8.04 15.22
CA VAL A 239 -1.16 -8.27 14.17
C VAL A 239 -1.85 -8.66 12.88
N PHE A 240 -1.40 -8.05 11.79
CA PHE A 240 -2.00 -8.31 10.48
C PHE A 240 -0.99 -8.23 9.33
N PHE A 241 -1.24 -9.02 8.28
CA PHE A 241 -0.37 -9.07 7.10
C PHE A 241 -1.19 -8.94 5.81
N GLU A 242 -0.58 -8.34 4.77
CA GLU A 242 -1.26 -8.16 3.49
C GLU A 242 -0.36 -8.57 2.31
N LYS A 243 -0.98 -9.06 1.24
CA LYS A 243 -0.26 -9.48 0.04
C LYS A 243 -0.44 -8.49 -1.11
N PHE A 244 0.64 -7.79 -1.47
CA PHE A 244 0.60 -6.80 -2.55
C PHE A 244 1.83 -6.89 -3.47
N LEU A 245 1.61 -6.58 -4.75
CA LEU A 245 2.65 -6.61 -5.79
C LEU A 245 4.08 -6.54 -5.24
N PRO A 246 5.02 -7.23 -5.92
CA PRO A 246 6.43 -7.27 -5.54
C PRO A 246 7.03 -5.88 -5.30
N SER A 247 8.36 -5.77 -5.47
CA SER A 247 9.08 -4.52 -5.26
C SER A 247 9.58 -4.43 -3.83
N GLY A 248 8.97 -5.23 -2.99
CA GLY A 248 9.32 -5.29 -1.59
C GLY A 248 9.58 -6.73 -1.14
N ALA A 249 8.99 -7.67 -1.88
CA ALA A 249 9.15 -9.09 -1.60
C ALA A 249 10.02 -9.75 -2.67
N ALA A 250 10.75 -10.80 -2.29
CA ALA A 250 11.60 -11.51 -3.22
C ALA A 250 12.57 -10.56 -3.92
PA FDA B . 3.41 -5.23 -12.94
O1A FDA B . 3.46 -5.31 -14.41
O2A FDA B . 3.14 -4.01 -12.44
O5B FDA B . 4.80 -5.77 -12.67
C5B FDA B . 5.56 -5.34 -11.49
C4B FDA B . 6.99 -5.95 -11.45
O4B FDA B . 7.88 -4.79 -11.43
C3B FDA B . 7.45 -6.76 -10.22
O3B FDA B . 7.06 -8.09 -10.17
C2B FDA B . 8.95 -6.52 -10.20
O2B FDA B . 9.65 -7.57 -10.80
C1B FDA B . 9.18 -5.22 -10.92
N9A FDA B . 9.60 -4.08 -10.10
C8A FDA B . 8.85 -3.45 -9.16
N7A FDA B . 9.50 -2.45 -8.58
C5A FDA B . 10.70 -2.42 -9.16
C6A FDA B . 11.89 -1.55 -8.95
N6A FDA B . 11.93 -0.56 -8.08
N1A FDA B . 12.98 -1.82 -9.75
C2A FDA B . 12.99 -2.84 -10.68
N3A FDA B . 11.96 -3.68 -10.92
C4A FDA B . 10.84 -3.44 -10.14
N1 FDA B . -0.17 -3.83 -6.51
C2 FDA B . 0.58 -2.72 -6.53
O2 FDA B . 1.33 -2.47 -7.43
N3 FDA B . 0.51 -1.77 -5.47
C4 FDA B . -0.31 -1.95 -4.37
O4 FDA B . -0.33 -1.09 -3.52
C4X FDA B . -1.11 -3.15 -4.33
N5 FDA B . -1.91 -3.39 -3.26
C5X FDA B . -2.65 -4.57 -3.23
C6 FDA B . -3.44 -4.81 -2.08
C7 FDA B . -4.21 -5.96 -1.95
C7M FDA B . -5.02 -6.16 -0.70
C8 FDA B . -4.21 -6.98 -3.03
C8M FDA B . -5.01 -8.23 -2.93
C9 FDA B . -3.43 -6.76 -4.19
C9A FDA B . -2.64 -5.56 -4.30
N10 FDA B . -1.78 -5.25 -5.43
C10 FDA B . -1.01 -4.09 -5.47
C1' FDA B . -1.76 -6.22 -6.55
C2' FDA B . -2.68 -5.64 -7.62
O2' FDA B . -3.55 -6.68 -8.06
C3' FDA B . -1.92 -5.11 -8.78
O3' FDA B . -2.74 -4.25 -9.55
C4' FDA B . -1.45 -6.24 -9.65
O4' FDA B . -0.56 -7.13 -8.97
C5' FDA B . -0.80 -5.66 -10.84
O5' FDA B . 0.59 -6.38 -11.07
P FDA B . 0.95 -6.62 -12.48
O1P FDA B . 0.51 -8.10 -12.65
O2P FDA B . 0.33 -5.72 -13.33
O3P FDA B . 2.38 -6.37 -12.53
H51A FDA B . 5.01 -5.67 -10.58
H52A FDA B . 5.62 -4.23 -11.45
H4B FDA B . 7.03 -6.68 -12.27
H3B FDA B . 6.94 -6.43 -9.30
HO3A FDA B . 6.15 -8.17 -9.77
H2B FDA B . 9.32 -6.50 -9.15
HO2A FDA B . 9.75 -7.39 -11.78
H1B FDA B . 9.98 -5.44 -11.65
H8A FDA B . 7.83 -3.74 -8.91
H61A FDA B . 11.13 -0.37 -7.51
H62A FDA B . 12.76 0.00 -8.00
H2A FDA B . 13.90 -2.97 -11.27
HN1 FDA B . -0.12 -4.46 -7.28
HN3 FDA B . 1.08 -0.96 -5.53
HN5 FDA B . -1.97 -2.74 -2.51
H6 FDA B . -3.45 -4.06 -1.26
HM71 FDA B . -5.60 -7.08 -0.79
HM72 FDA B . -5.70 -5.30 -0.57
HM73 FDA B . -4.34 -6.23 0.17
HM81 FDA B . -4.35 -9.10 -3.07
HM82 FDA B . -5.77 -8.23 -3.74
HM83 FDA B . -5.51 -8.29 -1.96
H9 FDA B . -3.42 -7.50 -4.99
H1'1 FDA B . -2.17 -7.19 -6.20
H1'2 FDA B . -0.75 -6.38 -6.93
H2' FDA B . -3.24 -4.81 -7.17
HO2' FDA B . -4.25 -6.28 -8.65
H3' FDA B . -1.08 -4.51 -8.41
HO3' FDA B . -2.89 -3.40 -9.05
H4' FDA B . -2.32 -6.86 -9.93
HO4' FDA B . -1.09 -7.79 -8.43
H5'1 FDA B . -0.61 -4.58 -10.64
H5'2 FDA B . -1.44 -5.74 -11.73
#